data_8ZMT
#
_entry.id   8ZMT
#
_cell.length_a   1.00
_cell.length_b   1.00
_cell.length_c   1.00
_cell.angle_alpha   90.00
_cell.angle_beta   90.00
_cell.angle_gamma   90.00
#
_symmetry.space_group_name_H-M   'P 1'
#
loop_
_entity.id
_entity.type
_entity.pdbx_description
1 polymer 'COR1 isoform 1'
2 polymer 'Cytochrome b-c1 complex subunit 2, mitochondrial'
3 polymer 'Cytochrome b'
4 polymer 'Cytochrome c1, heme protein, mitochondrial'
5 polymer 'Cytochrome b-c1 complex subunit Rieske, mitochondrial'
6 polymer 'Cytochrome b-c1 complex subunit 6, mitochondrial'
7 polymer 'Cytochrome b-c1 complex subunit 7'
8 polymer 'Cytochrome b-c1 complex subunit 8'
9 polymer 'Cytochrome b-c1 complex subunit 9, mitochondrial'
10 polymer 'Cytochrome b-c1 complex subunit 10, mitochondrial'
11 non-polymer 1-[2-[[1-(4-chlorophenyl)pyrazol-3-yl]oxymethyl]-3-methyl-phenyl]-4-methyl-1,2,3,4-tetrazol-5-one
12 non-polymer '(2R,5S,11R,14R)-5,8,11-trihydroxy-2-(nonanoyloxy)-5,11-dioxido-16-oxo-14-[(propanoyloxy)methyl]-4,6,10,12,15-pentaoxa-5,11-diphosphanonadec-1-yl undecanoate'
13 non-polymer '(1R)-2-{[(S)-(2-aminoethoxy)(hydroxy)phosphoryl]oxy}-1-[(heptanoyloxy)methyl]ethyl octadecanoate'
14 non-polymer 'PROTOPORPHYRIN IX CONTAINING FE'
15 non-polymer '(2R)-3-{[(S)-(2-aminoethoxy)(hydroxy)phosphoryl]oxy}-2-(tetradecanoyloxy)propyl octadecanoate'
16 non-polymer 5-(3,7,11,15,19,23-HEXAMETHYL-TETRACOSA-2,6,10,14,18,22-HEXAENYL)-2,3-DIMETHOXY-6-METHYL-BENZENE-1,4-DIOL
17 non-polymer '(1R)-2-(phosphonooxy)-1-[(tridecanoyloxy)methyl]ethyl pentadecanoate'
18 non-polymer 'FE2/S2 (INORGANIC) CLUSTER'
19 non-polymer '(5S,11R)-5,8,11-trihydroxy-5,11-dioxido-17-oxo-4,6,10,12,16-pentaoxa-5,11-diphosphaoctadec-1-yl pentadecanoate'
#
loop_
_entity_poly.entity_id
_entity_poly.type
_entity_poly.pdbx_seq_one_letter_code
_entity_poly.pdbx_strand_id
1 'polypeptide(L)'
;AEVTQLSNGIVVATEHNPSAHTASVGVVFGSGAANENPYNNGVSNLWKNIFLSKENSAVAAKEGLALSSNISRDFQSYIV
SSLPGSTDKSLDFLNQSFIQQKANLLSSSNFEATKKSVLKQVQDFEENDHPNRVLEHLHSTAFQNTPLSLPTRGTLESLE
NLVVADLESFANNHFLNSNAVVVGTGNIKHEDLVNSIESKNLSLQTGTKPVLKKKAAFLGSEVRLRDDTLPKAWISLAVE
GEPVNSPNYFVAKLAAQIFGSYNAFEPASRLQGIKLLDNIQEYQLCDNFNHFSLSYKDSGLWGFSTATRNVTMIDDLIHF
TLKQWNRLTISVTDTEVERAKSLLKLQLGQLYESGNPVNDANLLGAEVLIKGSKLSLGEAFKKIDAITVKDVKAWAGKRL
WDQDIAIAGTGQIEGLLDYMRIRSDMSMMRW
;
A,L
2 'polypeptide(L)'
;LTVSARDAPTKISTLAVKVHGGSRYATKDGVAHLLNRFNFQNTNTRSALKLVRESELLGGTFKSTLDREYITLKATFLKD
DLPYYVNALADVLYKTAFKPHELTESVLPAARYDYAVAEQCPVKSAEDQLYAITFRKGLGNPLLYDGVERVSLQDIKDFA
DKVYTKENLEVSGENVVEADLKRFVDESLLSTLPAGKSLVSKSEPKFFLGEENRVRFIGDSVAAIGIPVNKASLAQYEVL
ANYLTSALSELSGLISSAKLDKFTDGGLFTLFVRDQDSAVVSSNIKKIVADLKKGKDLSPAINYTKLKNAVQNESVSSPI
ELNFDAVKDFKLGKFNYVAVGDVSNLPYLDEL
;
B,M
3 'polypeptide(L)'
;MAFRKSNVYLSLVNSYIIDSPQPSSINYWWNMGSLLGLCLVIQIVTGIFMAMHYSSNIELAFSSVEHIMRDVHNGYILRY
LHANGASFFFMVMFMHMAKGLYYGSYRSPRVTLWNVGVIIFILTIATAFLGYCCVYGQMSHWGATVITNLFSAIPFVGND
IVSWLWGGFSVSNPTIQRFFALHYLVPFIIAAMVIMHLMALHIHGSSNPLGITGNLDRIPMHSYFIFKDLVTVFLFMLIL
ALFVFYSPNTLGHPDNYIPGNPLVTPASIVPEWYLLPFYAILRSIPDKLLGVITMFAAILVLLVLPFTDRSVVRGNTFKV
LSKFFFFIFVFNFVLLGQIGACHVEVPYVLMGQIATFIYFAYFLIIVPVISTIENVLFYIGRVNK
;
C,N
4 'polypeptide(L)'
;MTAAEHGLHAPAYAWSHNGPFETFDHASIRRGYQVYREVCAACHSLDRVAWRTLVGVSHTNEEVRNMAEEFEYDDEPDEQ
GNPKKRPGKLSDYIPGPYPNEQAARAANQGALPPDLSLIVKARHGGCDYIFSLLTGYPDEPPAGVALPPGSNYNPYFPGG
SIAMARVLFDDMVEYEDGTPATTSQMAKDVTTFLNWCAEPEHDERKRLGLKTVIILSSLYLLSIWVKKFKWAGIKTRKFV
FNPPKPRK
;
D,O
5 'polypeptide(L)'
;KSTYRTPNFDDVLKENNDADKGRSYAYFMVGAMGLLSSAGAKSTVETFISSMTATADVLAMAKVEVNLAAIPLGKNVVVK
WQGKPVFIRHRTPHEIQEANSVDMSALKDPQTDADRVKDPQWLIMLGICTHLGCVPIGEAGDFGGWFCPCHGSHYDISGR
IRKGPAPLNLEIPAYEFDGDKVIVG
;
E,P
6 'polypeptide(L)' EVTDQLEDLREHFKNTEEGKALVHHYEECAERVKIQQQQPGYADLEHKEDCVEEFFHLQHYLDTATAPRLFDKLK F,Q
7 'polypeptide(L)'
;PQSFTSIARIGDYILKSPVLSKLCVPVANQFINLAGYKKLGLKFDDLIAEENPIMQTALRRLPEDESYARAYRIIRAHQT
ELTHHLLPRNEWIKAQEDVPYLLPYILEAEAAAKEKDELDNIEVSK
;
G,R
8 'polypeptide(L)'
;GPPSGKTYMGWWGHMGGPKQKGITSYAVSPYAQKPLQGIFHNAVFNSFRRFKSQFLYVLIPAGIYWYWWKNGNEYNEFLY
SKAGREELERVNV
;
H,S
9 'polypeptide(L)' SSLYKTFFKRNAVFVGTIFAGAFVFQTVFDTAITSWYENHNKGKLWKDVKARIAA I,T
10 'polypeptide(L)' KTGLHFGRLSLRSLTAYAPNLMLWGGASMLGLFVFTEGWPKFQDTLYKKIPL U,V
#
loop_
_chem_comp.id
_chem_comp.type
_chem_comp.name
_chem_comp.formula
6PH non-polymer '(1R)-2-(phosphonooxy)-1-[(tridecanoyloxy)methyl]ethyl pentadecanoate' 'C31 H61 O8 P'
8PE non-polymer '(2R)-3-{[(S)-(2-aminoethoxy)(hydroxy)phosphoryl]oxy}-2-(tetradecanoyloxy)propyl octadecanoate' 'C37 H74 N O8 P'
9PE non-polymer '(1R)-2-{[(S)-(2-aminoethoxy)(hydroxy)phosphoryl]oxy}-1-[(heptanoyloxy)methyl]ethyl octadecanoate' 'C30 H60 N O8 P'
A1D6P non-polymer 1-[2-[[1-(4-chlorophenyl)pyrazol-3-yl]oxymethyl]-3-methyl-phenyl]-4-methyl-1,2,3,4-tetrazol-5-one 'C19 H17 Cl N6 O2'
CN3 non-polymer '(2R,5S,11R,14R)-5,8,11-trihydroxy-2-(nonanoyloxy)-5,11-dioxido-16-oxo-14-[(propanoyloxy)methyl]-4,6,10,12,15-pentaoxa-5,11-diphosphanonadec-1-yl undecanoate' 'C36 H68 O17 P2'
CN5 non-polymer '(5S,11R)-5,8,11-trihydroxy-5,11-dioxido-17-oxo-4,6,10,12,16-pentaoxa-5,11-diphosphaoctadec-1-yl pentadecanoate' 'C26 H52 O13 P2'
FES non-polymer 'FE2/S2 (INORGANIC) CLUSTER' 'Fe2 S2'
HEM non-polymer 'PROTOPORPHYRIN IX CONTAINING FE' 'C34 H32 Fe N4 O4'
UQ6 non-polymer 5-(3,7,11,15,19,23-HEXAMETHYL-TETRACOSA-2,6,10,14,18,22-HEXAENYL)-2,3-DIMETHOXY-6-METHYL-BENZENE-1,4-DIOL 'C39 H60 O4'
#
# COMPACT_ATOMS: atom_id res chain seq x y z
N ALA A 1 50.22 36.47 -33.73
CA ALA A 1 49.60 37.66 -33.15
C ALA A 1 50.64 38.69 -32.76
N GLU A 2 50.53 39.89 -33.32
CA GLU A 2 51.49 40.96 -33.07
C GLU A 2 50.74 42.16 -32.50
N VAL A 3 51.22 42.68 -31.38
CA VAL A 3 50.62 43.82 -30.70
C VAL A 3 51.61 44.98 -30.74
N THR A 4 51.10 46.18 -31.04
CA THR A 4 51.95 47.35 -31.20
C THR A 4 51.17 48.60 -30.78
N GLN A 5 51.76 49.38 -29.89
CA GLN A 5 51.22 50.67 -29.49
C GLN A 5 51.87 51.78 -30.31
N LEU A 6 51.05 52.69 -30.82
CA LEU A 6 51.54 53.73 -31.71
C LEU A 6 51.98 54.96 -30.92
N SER A 7 52.36 56.01 -31.64
CA SER A 7 52.87 57.23 -31.03
C SER A 7 51.77 58.06 -30.36
N ASN A 8 50.52 57.92 -30.79
CA ASN A 8 49.41 58.64 -30.18
C ASN A 8 48.58 57.78 -29.23
N GLY A 9 49.02 56.55 -28.95
CA GLY A 9 48.40 55.74 -27.92
C GLY A 9 47.37 54.73 -28.38
N ILE A 10 47.38 54.34 -29.65
CA ILE A 10 46.45 53.36 -30.17
C ILE A 10 47.12 52.00 -30.19
N VAL A 11 46.41 50.99 -29.68
CA VAL A 11 46.90 49.61 -29.64
C VAL A 11 46.36 48.87 -30.86
N VAL A 12 47.26 48.28 -31.63
CA VAL A 12 46.92 47.55 -32.85
C VAL A 12 47.31 46.10 -32.67
N ALA A 13 46.37 45.19 -32.94
CA ALA A 13 46.62 43.76 -32.88
C ALA A 13 46.19 43.11 -34.18
N THR A 14 46.98 42.15 -34.66
CA THR A 14 46.77 41.55 -35.97
C THR A 14 47.11 40.07 -35.93
N GLU A 15 46.25 39.25 -36.55
CA GLU A 15 46.50 37.82 -36.73
C GLU A 15 46.42 37.51 -38.23
N HIS A 16 47.57 37.53 -38.90
CA HIS A 16 47.62 37.34 -40.34
C HIS A 16 47.38 35.89 -40.72
N ASN A 17 46.66 35.70 -41.82
CA ASN A 17 46.35 34.37 -42.35
C ASN A 17 46.37 34.48 -43.87
N PRO A 18 47.41 33.96 -44.53
CA PRO A 18 47.52 34.14 -45.98
C PRO A 18 46.64 33.21 -46.80
N SER A 19 45.95 32.25 -46.19
CA SER A 19 45.08 31.34 -46.92
C SER A 19 43.61 31.65 -46.71
N ALA A 20 43.28 32.92 -46.49
CA ALA A 20 41.90 33.36 -46.34
C ALA A 20 41.56 34.31 -47.48
N HIS A 21 40.28 34.33 -47.85
CA HIS A 21 39.82 35.13 -48.98
C HIS A 21 39.06 36.39 -48.55
N THR A 22 39.10 36.75 -47.27
CA THR A 22 38.45 37.93 -46.74
C THR A 22 39.36 38.57 -45.71
N ALA A 23 38.99 39.78 -45.26
CA ALA A 23 39.70 40.49 -44.21
C ALA A 23 38.69 41.25 -43.35
N SER A 24 39.00 41.38 -42.06
CA SER A 24 38.11 42.06 -41.13
C SER A 24 38.89 43.07 -40.30
N VAL A 25 38.37 44.30 -40.23
CA VAL A 25 38.96 45.39 -39.46
C VAL A 25 37.88 45.91 -38.52
N GLY A 26 38.23 46.15 -37.26
CA GLY A 26 37.24 46.65 -36.33
C GLY A 26 37.86 47.30 -35.12
N VAL A 27 36.99 47.73 -34.20
CA VAL A 27 37.36 48.36 -32.95
C VAL A 27 36.64 47.64 -31.82
N VAL A 28 37.38 47.24 -30.79
CA VAL A 28 36.82 46.58 -29.62
C VAL A 28 37.03 47.47 -28.40
N PHE A 29 35.97 47.72 -27.65
CA PHE A 29 36.01 48.54 -26.44
C PHE A 29 35.91 47.64 -25.21
N GLY A 30 36.46 48.12 -24.10
CA GLY A 30 36.52 47.33 -22.89
C GLY A 30 35.45 47.60 -21.86
N SER A 31 34.25 47.97 -22.32
CA SER A 31 33.11 48.19 -21.44
C SER A 31 31.91 47.45 -22.01
N GLY A 32 31.22 46.69 -21.17
CA GLY A 32 30.07 45.95 -21.63
C GLY A 32 28.80 46.24 -20.86
N ALA A 33 28.00 45.21 -20.62
CA ALA A 33 26.76 45.39 -19.86
C ALA A 33 27.01 45.52 -18.38
N ALA A 34 28.19 45.14 -17.89
CA ALA A 34 28.54 45.25 -16.49
C ALA A 34 29.14 46.60 -16.15
N ASN A 35 29.04 47.59 -17.04
CA ASN A 35 29.48 48.95 -16.77
C ASN A 35 28.32 49.93 -16.79
N GLU A 36 27.10 49.45 -16.61
CA GLU A 36 25.90 50.25 -16.56
C GLU A 36 25.29 50.22 -15.16
N ASN A 37 24.25 51.01 -14.96
CA ASN A 37 23.49 51.06 -13.72
C ASN A 37 22.10 50.56 -14.04
N PRO A 38 21.19 50.34 -13.07
CA PRO A 38 19.84 49.86 -13.42
C PRO A 38 18.95 50.85 -14.17
N TYR A 39 19.38 52.09 -14.42
CA TYR A 39 18.54 53.04 -15.12
C TYR A 39 18.79 53.10 -16.61
N ASN A 40 20.05 53.02 -17.05
CA ASN A 40 20.39 53.07 -18.46
C ASN A 40 20.73 51.70 -19.03
N ASN A 41 20.22 50.63 -18.42
CA ASN A 41 20.51 49.28 -18.86
C ASN A 41 19.87 49.02 -20.22
N GLY A 42 20.71 48.84 -21.23
CA GLY A 42 20.27 48.71 -22.61
C GLY A 42 20.86 49.73 -23.57
N VAL A 43 21.76 50.62 -23.13
CA VAL A 43 22.33 51.59 -24.05
C VAL A 43 23.35 50.96 -24.96
N SER A 44 23.93 49.83 -24.56
CA SER A 44 24.87 49.14 -25.44
C SER A 44 24.13 48.38 -26.54
N ASN A 45 22.95 47.84 -26.21
CA ASN A 45 22.13 47.17 -27.21
C ASN A 45 21.54 48.16 -28.20
N LEU A 46 21.37 49.41 -27.79
CA LEU A 46 20.87 50.43 -28.69
C LEU A 46 21.96 50.99 -29.59
N TRP A 47 23.20 51.01 -29.09
CA TRP A 47 24.31 51.50 -29.91
C TRP A 47 24.67 50.49 -31.00
N LYS A 48 24.42 49.21 -30.74
CA LYS A 48 24.68 48.18 -31.74
C LYS A 48 23.72 48.31 -32.92
N ASN A 49 22.44 48.54 -32.63
CA ASN A 49 21.44 48.63 -33.68
C ASN A 49 21.44 49.97 -34.39
N ILE A 50 22.08 50.99 -33.82
CA ILE A 50 22.29 52.25 -34.54
C ILE A 50 23.40 52.06 -35.57
N PHE A 51 24.43 51.28 -35.23
CA PHE A 51 25.51 50.96 -36.16
C PHE A 51 25.02 50.10 -37.31
N LEU A 52 24.09 49.19 -37.04
CA LEU A 52 23.55 48.28 -38.05
C LEU A 52 22.24 48.78 -38.65
N SER A 53 21.98 50.09 -38.60
CA SER A 53 20.75 50.63 -39.15
C SER A 53 20.83 50.67 -40.68
N LYS A 54 19.69 50.96 -41.30
CA LYS A 54 19.56 50.77 -42.74
C LYS A 54 20.30 51.85 -43.53
N GLU A 55 20.35 53.07 -43.01
CA GLU A 55 21.04 54.13 -43.74
C GLU A 55 22.55 54.02 -43.58
N ASN A 56 23.01 53.36 -42.53
CA ASN A 56 24.43 53.10 -42.37
C ASN A 56 24.85 51.90 -43.21
N SER A 57 23.99 50.88 -43.28
CA SER A 57 24.33 49.67 -44.01
C SER A 57 24.25 49.89 -45.52
N ALA A 58 23.48 50.88 -45.96
CA ALA A 58 23.37 51.13 -47.39
C ALA A 58 24.59 51.86 -47.93
N VAL A 59 25.26 52.64 -47.09
CA VAL A 59 26.48 53.31 -47.50
C VAL A 59 27.62 52.32 -47.62
N ALA A 60 27.66 51.35 -46.70
CA ALA A 60 28.73 50.35 -46.73
C ALA A 60 28.53 49.33 -47.84
N ALA A 61 27.27 49.05 -48.20
CA ALA A 61 27.01 48.02 -49.21
C ALA A 61 27.37 48.49 -50.62
N LYS A 62 27.38 49.80 -50.85
CA LYS A 62 27.82 50.33 -52.14
C LYS A 62 29.31 50.17 -52.36
N GLU A 63 30.10 49.96 -51.30
CA GLU A 63 31.52 49.74 -51.43
C GLU A 63 31.91 48.26 -51.33
N GLY A 64 30.96 47.38 -51.05
CA GLY A 64 31.27 45.97 -50.92
C GLY A 64 31.73 45.61 -49.52
N LEU A 65 31.06 46.17 -48.52
CA LEU A 65 31.44 46.03 -47.12
C LEU A 65 30.26 45.49 -46.31
N ALA A 66 30.57 44.66 -45.31
CA ALA A 66 29.55 44.12 -44.42
C ALA A 66 29.87 44.50 -42.98
N LEU A 67 28.82 44.66 -42.18
CA LEU A 67 28.94 45.15 -40.81
C LEU A 67 28.49 44.09 -39.81
N SER A 68 29.15 44.09 -38.65
CA SER A 68 28.82 43.19 -37.56
C SER A 68 29.02 43.90 -36.22
N SER A 69 28.34 43.40 -35.19
CA SER A 69 28.45 43.97 -33.86
C SER A 69 28.08 42.91 -32.82
N ASN A 70 28.68 43.01 -31.65
CA ASN A 70 28.48 42.04 -30.58
C ASN A 70 28.57 42.74 -29.23
N ILE A 71 27.56 42.54 -28.39
CA ILE A 71 27.51 43.11 -27.06
C ILE A 71 27.65 41.98 -26.04
N SER A 72 28.63 42.10 -25.14
CA SER A 72 28.83 41.11 -24.09
C SER A 72 28.86 41.78 -22.72
N ARG A 73 29.24 41.04 -21.68
CA ARG A 73 29.28 41.62 -20.34
C ARG A 73 30.56 42.40 -20.07
N ASP A 74 31.63 42.17 -20.83
CA ASP A 74 32.88 42.85 -20.61
C ASP A 74 33.40 43.64 -21.80
N PHE A 75 32.81 43.51 -22.98
CA PHE A 75 33.35 44.17 -24.16
C PHE A 75 32.25 44.37 -25.19
N GLN A 76 32.54 45.24 -26.17
CA GLN A 76 31.71 45.48 -27.33
C GLN A 76 32.61 45.58 -28.56
N SER A 77 32.07 45.24 -29.74
CA SER A 77 32.86 45.23 -30.95
C SER A 77 32.05 45.77 -32.12
N TYR A 78 32.75 46.40 -33.07
CA TYR A 78 32.16 46.99 -34.27
C TYR A 78 33.08 46.69 -35.43
N ILE A 79 32.72 45.71 -36.27
CA ILE A 79 33.64 45.08 -37.21
C ILE A 79 33.14 45.28 -38.64
N VAL A 80 34.07 45.61 -39.53
CA VAL A 80 33.79 45.78 -40.96
C VAL A 80 34.56 44.72 -41.74
N SER A 81 33.89 44.05 -42.67
CA SER A 81 34.49 43.01 -43.49
C SER A 81 34.55 43.45 -44.96
N SER A 82 35.57 42.98 -45.67
CA SER A 82 35.76 43.33 -47.07
C SER A 82 36.63 42.27 -47.73
N LEU A 83 37.02 42.55 -48.97
CA LEU A 83 37.93 41.71 -49.73
C LEU A 83 39.37 42.12 -49.45
N PRO A 84 40.34 41.19 -49.60
CA PRO A 84 41.74 41.52 -49.29
C PRO A 84 42.37 42.43 -50.34
N GLY A 85 42.24 43.73 -50.15
CA GLY A 85 42.66 44.71 -51.14
C GLY A 85 41.72 45.90 -51.12
N SER A 86 40.71 45.81 -50.28
CA SER A 86 39.81 46.93 -49.99
C SER A 86 39.90 47.34 -48.53
N THR A 87 41.04 47.09 -47.88
CA THR A 87 41.15 47.29 -46.44
C THR A 87 41.30 48.75 -46.06
N ASP A 88 41.71 49.62 -46.99
CA ASP A 88 41.75 51.03 -46.67
C ASP A 88 40.39 51.68 -46.86
N LYS A 89 39.52 51.03 -47.64
CA LYS A 89 38.14 51.51 -47.77
C LYS A 89 37.35 51.24 -46.50
N SER A 90 37.67 50.15 -45.80
CA SER A 90 36.95 49.83 -44.57
C SER A 90 37.51 50.61 -43.40
N LEU A 91 38.69 51.20 -43.55
CA LEU A 91 39.21 52.10 -42.52
C LEU A 91 38.62 53.49 -42.65
N ASP A 92 38.33 53.92 -43.88
CA ASP A 92 37.70 55.21 -44.09
C ASP A 92 36.24 55.21 -43.66
N PHE A 93 35.56 54.06 -43.79
CA PHE A 93 34.20 53.96 -43.30
C PHE A 93 34.17 53.97 -41.79
N LEU A 94 35.14 53.31 -41.16
CA LEU A 94 35.17 53.24 -39.70
C LEU A 94 35.62 54.57 -39.11
N ASN A 95 36.33 55.38 -39.90
CA ASN A 95 36.74 56.71 -39.47
C ASN A 95 35.54 57.66 -39.43
N GLN A 96 34.74 57.65 -40.49
CA GLN A 96 33.61 58.56 -40.66
C GLN A 96 32.39 58.17 -39.85
N SER A 97 32.42 57.17 -38.97
CA SER A 97 31.27 56.88 -38.12
C SER A 97 31.61 56.72 -36.65
N PHE A 98 32.89 56.84 -36.26
CA PHE A 98 33.28 56.86 -34.86
C PHE A 98 34.13 58.07 -34.47
N ILE A 99 34.75 58.75 -35.42
CA ILE A 99 35.72 59.79 -35.09
C ILE A 99 35.26 61.14 -35.62
N GLN A 100 34.95 61.21 -36.91
CA GLN A 100 34.75 62.49 -37.56
C GLN A 100 33.29 62.91 -37.67
N GLN A 101 32.34 61.97 -37.62
CA GLN A 101 30.95 62.32 -37.90
C GLN A 101 30.06 61.28 -37.25
N LYS A 102 29.41 61.65 -36.14
CA LYS A 102 28.50 60.75 -35.45
C LYS A 102 27.13 61.34 -35.18
N ALA A 103 26.87 62.59 -35.56
CA ALA A 103 25.61 63.23 -35.25
C ALA A 103 24.51 62.95 -36.27
N ASN A 104 24.85 62.37 -37.41
CA ASN A 104 23.84 62.03 -38.42
C ASN A 104 23.20 60.68 -38.19
N LEU A 105 23.80 59.83 -37.35
CA LEU A 105 23.17 58.58 -36.97
C LEU A 105 22.17 58.74 -35.85
N LEU A 106 22.29 59.80 -35.05
CA LEU A 106 21.43 60.04 -33.91
C LEU A 106 20.35 61.08 -34.21
N SER A 107 19.86 61.13 -35.44
CA SER A 107 18.74 61.98 -35.77
C SER A 107 17.45 61.40 -35.15
N SER A 108 16.43 62.26 -35.06
CA SER A 108 15.21 61.85 -34.36
C SER A 108 14.40 60.85 -35.16
N SER A 109 14.52 60.88 -36.50
CA SER A 109 13.80 59.93 -37.32
C SER A 109 14.45 58.55 -37.27
N ASN A 110 15.78 58.52 -37.15
CA ASN A 110 16.49 57.25 -37.11
C ASN A 110 16.46 56.64 -35.71
N PHE A 111 16.36 57.48 -34.68
CA PHE A 111 16.40 56.96 -33.31
C PHE A 111 15.09 56.28 -32.93
N GLU A 112 13.95 56.83 -33.36
CA GLU A 112 12.68 56.28 -32.95
C GLU A 112 12.32 55.04 -33.75
N ALA A 113 12.85 54.92 -34.97
CA ALA A 113 12.66 53.69 -35.73
C ALA A 113 13.51 52.56 -35.17
N THR A 114 14.70 52.90 -34.66
CA THR A 114 15.58 51.89 -34.08
C THR A 114 15.07 51.42 -32.72
N LYS A 115 14.53 52.35 -31.93
CA LYS A 115 14.11 52.03 -30.57
C LYS A 115 12.90 51.11 -30.55
N LYS A 116 12.01 51.23 -31.55
CA LYS A 116 10.85 50.35 -31.58
C LYS A 116 11.21 48.98 -32.17
N SER A 117 12.33 48.88 -32.87
CA SER A 117 12.79 47.59 -33.35
C SER A 117 13.43 46.78 -32.23
N VAL A 118 14.19 47.44 -31.37
CA VAL A 118 14.83 46.75 -30.24
C VAL A 118 13.79 46.35 -29.21
N LEU A 119 12.74 47.16 -29.04
CA LEU A 119 11.67 46.84 -28.09
C LEU A 119 10.87 45.62 -28.54
N LYS A 120 10.86 45.34 -29.85
CA LYS A 120 10.18 44.16 -30.35
C LYS A 120 11.03 42.92 -30.17
N GLN A 121 12.36 43.07 -30.18
CA GLN A 121 13.25 41.91 -30.04
C GLN A 121 13.28 41.42 -28.60
N VAL A 122 13.31 42.34 -27.64
CA VAL A 122 13.38 41.96 -26.24
C VAL A 122 12.05 41.37 -25.77
N GLN A 123 10.94 41.84 -26.34
CA GLN A 123 9.63 41.28 -26.02
C GLN A 123 9.48 39.88 -26.59
N ASP A 124 10.06 39.64 -27.76
CA ASP A 124 10.01 38.31 -28.36
C ASP A 124 10.95 37.34 -27.65
N PHE A 125 12.04 37.86 -27.08
CA PHE A 125 12.99 37.02 -26.34
C PHE A 125 12.39 36.54 -25.04
N GLU A 126 11.59 37.39 -24.38
CA GLU A 126 11.09 37.09 -23.05
C GLU A 126 9.93 36.10 -23.06
N GLU A 127 9.29 35.88 -24.20
CA GLU A 127 8.14 35.00 -24.26
C GLU A 127 8.39 33.73 -25.07
N ASN A 128 9.56 33.58 -25.68
CA ASN A 128 9.77 32.48 -26.62
C ASN A 128 11.07 31.73 -26.44
N ASP A 129 12.11 32.30 -25.84
CA ASP A 129 13.43 31.68 -25.79
C ASP A 129 13.70 31.25 -24.35
N HIS A 130 13.20 30.09 -23.98
CA HIS A 130 13.19 29.64 -22.60
C HIS A 130 14.52 29.09 -22.06
N PRO A 131 15.36 28.36 -22.82
CA PRO A 131 16.68 28.02 -22.25
C PRO A 131 17.60 29.22 -22.08
N ASN A 132 17.43 30.28 -22.86
CA ASN A 132 18.33 31.42 -22.76
C ASN A 132 17.88 32.45 -21.75
N ARG A 133 16.58 32.54 -21.43
CA ARG A 133 16.14 33.47 -20.41
C ARG A 133 16.24 32.88 -19.02
N VAL A 134 16.42 31.57 -18.90
CA VAL A 134 16.68 30.97 -17.59
C VAL A 134 18.15 31.17 -17.19
N LEU A 135 19.05 31.11 -18.17
CA LEU A 135 20.45 31.39 -17.91
C LEU A 135 20.70 32.86 -17.60
N GLU A 136 19.86 33.76 -18.07
CA GLU A 136 20.01 35.20 -17.74
C GLU A 136 19.44 35.47 -16.35
N HIS A 137 18.46 34.70 -15.94
CA HIS A 137 17.96 34.86 -14.58
C HIS A 137 18.90 34.26 -13.56
N LEU A 138 19.76 33.33 -13.99
CA LEU A 138 20.77 32.76 -13.10
C LEU A 138 21.86 33.78 -12.79
N HIS A 139 22.18 34.64 -13.75
CA HIS A 139 23.16 35.69 -13.50
C HIS A 139 22.60 36.77 -12.58
N SER A 140 21.29 37.01 -12.65
CA SER A 140 20.72 38.09 -11.87
C SER A 140 20.42 37.68 -10.44
N THR A 141 20.38 36.38 -10.13
CA THR A 141 20.17 35.97 -8.75
C THR A 141 21.48 35.56 -8.07
N ALA A 142 22.52 35.25 -8.83
CA ALA A 142 23.78 34.84 -8.23
C ALA A 142 24.67 36.03 -7.92
N PHE A 143 24.54 37.12 -8.69
CA PHE A 143 25.35 38.32 -8.54
C PHE A 143 24.49 39.52 -8.24
N GLN A 144 23.46 39.35 -7.43
CA GLN A 144 22.44 40.37 -7.27
C GLN A 144 22.98 41.57 -6.49
N ASN A 145 22.50 42.77 -6.86
CA ASN A 145 22.93 44.08 -6.38
C ASN A 145 24.40 44.39 -6.67
N THR A 146 24.94 43.78 -7.71
CA THR A 146 26.37 43.91 -8.07
C THR A 146 26.34 44.13 -9.57
N PRO A 147 27.31 44.80 -10.21
CA PRO A 147 27.22 45.12 -11.65
C PRO A 147 27.09 43.92 -12.58
N LEU A 148 27.44 42.71 -12.16
CA LEU A 148 27.43 41.55 -13.04
C LEU A 148 26.07 40.88 -13.15
N SER A 149 24.98 41.52 -12.69
CA SER A 149 23.66 40.92 -12.76
C SER A 149 22.74 41.55 -13.81
N LEU A 150 23.21 42.57 -14.51
CA LEU A 150 22.34 43.21 -15.49
C LEU A 150 22.33 42.42 -16.80
N PRO A 151 21.15 42.24 -17.41
CA PRO A 151 21.10 41.52 -18.69
C PRO A 151 21.67 42.33 -19.83
N THR A 152 22.27 41.63 -20.80
CA THR A 152 22.99 42.28 -21.88
C THR A 152 22.07 42.95 -22.90
N ARG A 153 20.82 42.50 -23.02
CA ARG A 153 19.88 43.12 -23.93
C ARG A 153 19.14 44.30 -23.31
N GLY A 154 19.20 44.46 -22.00
CA GLY A 154 18.35 45.39 -21.30
C GLY A 154 17.03 44.77 -20.91
N THR A 155 16.25 45.50 -20.14
CA THR A 155 14.92 45.08 -19.76
C THR A 155 13.89 45.93 -20.50
N LEU A 156 12.66 45.43 -20.52
CA LEU A 156 11.59 46.11 -21.24
C LEU A 156 11.18 47.40 -20.54
N GLU A 157 11.34 47.47 -19.21
CA GLU A 157 10.99 48.65 -18.45
C GLU A 157 12.05 49.73 -18.52
N SER A 158 13.31 49.36 -18.68
CA SER A 158 14.40 50.31 -18.75
C SER A 158 14.61 50.88 -20.14
N LEU A 159 14.20 50.14 -21.18
CA LEU A 159 14.46 50.60 -22.55
C LEU A 159 13.50 51.70 -22.98
N GLU A 160 12.31 51.76 -22.39
CA GLU A 160 11.32 52.75 -22.80
C GLU A 160 11.58 54.14 -22.22
N ASN A 161 12.55 54.29 -21.33
CA ASN A 161 12.88 55.59 -20.77
C ASN A 161 14.13 56.20 -21.40
N LEU A 162 14.76 55.53 -22.35
CA LEU A 162 16.01 56.01 -22.92
C LEU A 162 15.75 57.02 -24.01
N VAL A 163 16.52 58.11 -23.99
CA VAL A 163 16.44 59.17 -24.98
C VAL A 163 17.79 59.32 -25.65
N VAL A 164 17.92 60.27 -26.58
CA VAL A 164 19.15 60.43 -27.35
C VAL A 164 20.28 61.03 -26.52
N ALA A 165 19.96 61.67 -25.40
CA ALA A 165 20.99 62.22 -24.53
C ALA A 165 21.62 61.17 -23.63
N ASP A 166 20.98 60.01 -23.47
CA ASP A 166 21.59 58.92 -22.72
C ASP A 166 22.67 58.24 -23.53
N LEU A 167 22.49 58.17 -24.84
CA LEU A 167 23.48 57.51 -25.69
C LEU A 167 24.73 58.36 -25.86
N GLU A 168 24.58 59.68 -25.87
CA GLU A 168 25.74 60.56 -25.97
C GLU A 168 26.53 60.59 -24.68
N SER A 169 25.85 60.38 -23.54
CA SER A 169 26.54 60.37 -22.26
C SER A 169 27.35 59.10 -22.07
N PHE A 170 26.84 57.98 -22.59
CA PHE A 170 27.57 56.71 -22.48
C PHE A 170 28.76 56.69 -23.41
N ALA A 171 28.66 57.33 -24.57
CA ALA A 171 29.77 57.34 -25.52
C ALA A 171 30.91 58.24 -25.03
N ASN A 172 30.57 59.31 -24.31
CA ASN A 172 31.59 60.23 -23.83
C ASN A 172 32.39 59.66 -22.67
N ASN A 173 31.88 58.65 -21.99
CA ASN A 173 32.57 58.07 -20.85
C ASN A 173 33.28 56.77 -21.17
N HIS A 174 32.96 56.11 -22.29
CA HIS A 174 33.45 54.77 -22.53
C HIS A 174 34.08 54.56 -23.90
N PHE A 175 33.81 55.39 -24.90
CA PHE A 175 34.39 55.21 -26.23
C PHE A 175 35.65 56.08 -26.34
N LEU A 176 36.65 55.69 -25.56
CA LEU A 176 37.87 56.47 -25.40
C LEU A 176 39.06 55.71 -25.97
N ASN A 177 40.15 56.45 -26.19
CA ASN A 177 41.34 55.87 -26.80
C ASN A 177 42.04 54.91 -25.85
N SER A 178 41.98 55.16 -24.55
CA SER A 178 42.60 54.29 -23.56
C SER A 178 41.75 53.06 -23.21
N ASN A 179 40.62 52.88 -23.89
CA ASN A 179 39.72 51.76 -23.65
C ASN A 179 39.53 50.90 -24.89
N ALA A 180 40.30 51.14 -25.95
CA ALA A 180 40.02 50.58 -27.26
C ALA A 180 41.22 49.78 -27.77
N VAL A 181 40.92 48.81 -28.62
CA VAL A 181 41.92 48.03 -29.35
C VAL A 181 41.45 47.94 -30.80
N VAL A 182 42.33 48.26 -31.74
CA VAL A 182 42.07 48.13 -33.17
C VAL A 182 42.56 46.76 -33.61
N VAL A 183 41.67 45.94 -34.16
CA VAL A 183 41.98 44.57 -34.49
C VAL A 183 41.97 44.37 -36.00
N GLY A 184 42.60 43.28 -36.43
CA GLY A 184 42.59 42.88 -37.83
C GLY A 184 42.88 41.41 -38.01
N THR A 185 42.01 40.70 -38.73
CA THR A 185 42.16 39.27 -38.95
C THR A 185 41.94 38.95 -40.42
N GLY A 186 42.37 37.76 -40.81
CA GLY A 186 42.24 37.32 -42.19
C GLY A 186 43.46 37.64 -43.04
N ASN A 187 43.23 37.97 -44.31
CA ASN A 187 44.34 38.26 -45.23
C ASN A 187 44.70 39.74 -45.11
N ILE A 188 45.36 40.07 -44.02
CA ILE A 188 45.85 41.42 -43.75
C ILE A 188 47.09 41.29 -42.88
N LYS A 189 48.15 42.02 -43.26
CA LYS A 189 49.42 41.96 -42.57
C LYS A 189 49.61 43.20 -41.69
N HIS A 190 50.49 43.05 -40.69
CA HIS A 190 50.53 43.98 -39.56
C HIS A 190 51.06 45.35 -39.97
N GLU A 191 51.97 45.40 -40.94
CA GLU A 191 52.65 46.66 -41.23
C GLU A 191 51.82 47.56 -42.13
N ASP A 192 50.97 46.97 -42.99
CA ASP A 192 50.08 47.78 -43.81
C ASP A 192 48.90 48.31 -43.00
N LEU A 193 48.54 47.64 -41.90
CA LEU A 193 47.51 48.19 -41.03
C LEU A 193 48.05 49.35 -40.21
N VAL A 194 49.32 49.27 -39.79
CA VAL A 194 49.91 50.32 -38.96
C VAL A 194 50.19 51.57 -39.79
N ASN A 195 50.69 51.38 -41.01
CA ASN A 195 51.01 52.53 -41.87
C ASN A 195 49.74 53.20 -42.38
N SER A 196 48.64 52.46 -42.49
CA SER A 196 47.38 53.06 -42.94
C SER A 196 46.74 53.87 -41.82
N ILE A 197 46.92 53.43 -40.58
CA ILE A 197 46.38 54.19 -39.45
C ILE A 197 47.22 55.45 -39.21
N GLU A 198 48.54 55.33 -39.38
CA GLU A 198 49.43 56.46 -39.13
C GLU A 198 49.34 57.54 -40.20
N SER A 199 48.74 57.22 -41.36
CA SER A 199 48.60 58.22 -42.41
C SER A 199 47.53 59.25 -42.08
N LYS A 200 46.57 58.91 -41.23
CA LYS A 200 45.55 59.85 -40.77
C LYS A 200 45.92 60.17 -39.31
N ASN A 201 46.11 61.44 -38.99
CA ASN A 201 46.92 61.80 -37.83
C ASN A 201 46.18 61.57 -36.50
N LEU A 202 44.86 61.75 -36.48
CA LEU A 202 44.00 61.26 -35.38
C LEU A 202 44.31 61.80 -33.99
N SER A 203 43.90 63.04 -33.70
CA SER A 203 44.14 63.73 -32.43
C SER A 203 43.80 62.86 -31.21
N LEU A 204 42.53 62.44 -31.07
CA LEU A 204 42.12 61.38 -30.13
C LEU A 204 42.39 61.68 -28.65
N GLN A 205 41.52 62.50 -28.03
CA GLN A 205 41.60 62.99 -26.66
C GLN A 205 41.85 61.94 -25.58
N THR A 206 42.26 62.39 -24.39
CA THR A 206 42.95 61.58 -23.40
C THR A 206 42.10 61.38 -22.14
N GLY A 207 40.84 61.01 -22.31
CA GLY A 207 39.99 60.72 -21.18
C GLY A 207 40.32 59.38 -20.53
N THR A 208 39.50 59.03 -19.54
CA THR A 208 39.69 57.80 -18.78
C THR A 208 38.33 57.31 -18.30
N LYS A 209 38.12 55.99 -18.41
CA LYS A 209 36.88 55.33 -18.03
C LYS A 209 36.56 55.54 -16.54
N PRO A 210 35.28 55.70 -16.19
CA PRO A 210 34.91 55.76 -14.77
C PRO A 210 35.05 54.39 -14.10
N VAL A 211 35.51 54.41 -12.86
CA VAL A 211 35.75 53.19 -12.10
C VAL A 211 34.50 52.86 -11.28
N LEU A 212 34.25 51.56 -11.13
CA LEU A 212 33.06 51.08 -10.43
C LEU A 212 33.30 51.05 -8.93
N LYS A 213 32.22 51.23 -8.16
CA LYS A 213 32.31 51.21 -6.72
C LYS A 213 32.21 49.77 -6.18
N LYS A 214 31.31 48.98 -6.73
CA LYS A 214 30.98 47.67 -6.19
C LYS A 214 31.78 46.58 -6.92
N LYS A 215 32.27 45.62 -6.16
CA LYS A 215 32.93 44.44 -6.70
C LYS A 215 31.92 43.30 -6.75
N ALA A 216 32.06 42.44 -7.76
CA ALA A 216 31.10 41.35 -7.95
C ALA A 216 31.27 40.28 -6.89
N ALA A 217 30.16 39.80 -6.34
CA ALA A 217 30.15 38.83 -5.26
C ALA A 217 29.04 37.81 -5.49
N PHE A 218 29.30 36.57 -5.11
CA PHE A 218 28.37 35.47 -5.28
C PHE A 218 27.46 35.34 -4.06
N LEU A 219 26.20 35.00 -4.29
CA LEU A 219 25.26 34.76 -3.22
C LEU A 219 24.41 33.54 -3.52
N GLY A 220 24.31 32.62 -2.56
CA GLY A 220 23.43 31.47 -2.70
C GLY A 220 21.97 31.84 -2.55
N SER A 221 21.19 31.60 -3.60
CA SER A 221 19.81 32.10 -3.69
C SER A 221 19.11 31.32 -4.79
N GLU A 222 17.85 31.66 -5.05
CA GLU A 222 17.07 30.99 -6.09
C GLU A 222 15.96 31.91 -6.56
N VAL A 223 15.48 31.63 -7.78
CA VAL A 223 14.35 32.34 -8.35
C VAL A 223 13.54 31.35 -9.19
N ARG A 224 12.22 31.36 -9.01
CA ARG A 224 11.32 30.41 -9.66
C ARG A 224 10.27 31.18 -10.47
N LEU A 225 10.13 30.83 -11.75
CA LEU A 225 9.18 31.47 -12.66
C LEU A 225 8.21 30.38 -13.14
N ARG A 226 7.20 30.09 -12.33
CA ARG A 226 6.33 28.95 -12.64
C ARG A 226 5.29 29.32 -13.69
N ASP A 227 5.09 28.42 -14.65
CA ASP A 227 4.19 28.64 -15.78
C ASP A 227 3.64 27.27 -16.19
N ASP A 228 2.43 26.97 -15.77
CA ASP A 228 1.86 25.64 -15.98
C ASP A 228 1.31 25.43 -17.39
N THR A 229 1.29 26.45 -18.23
CA THR A 229 0.81 26.32 -19.60
C THR A 229 1.92 26.04 -20.60
N LEU A 230 3.11 25.72 -20.14
CA LEU A 230 4.28 25.38 -20.94
C LEU A 230 4.51 23.87 -20.93
N PRO A 231 5.03 23.29 -22.02
CA PRO A 231 5.15 21.82 -22.06
C PRO A 231 6.35 21.23 -21.33
N LYS A 232 7.38 22.00 -21.00
CA LYS A 232 8.58 21.43 -20.38
C LYS A 232 8.95 22.11 -19.07
N ALA A 233 10.13 21.77 -18.55
CA ALA A 233 10.75 22.46 -17.43
C ALA A 233 12.20 22.72 -17.79
N TRP A 234 12.65 23.96 -17.59
CA TRP A 234 14.00 24.40 -17.90
C TRP A 234 14.69 24.86 -16.62
N ILE A 235 15.85 24.27 -16.29
CA ILE A 235 16.52 24.49 -15.02
C ILE A 235 18.01 24.73 -15.26
N SER A 236 18.58 25.70 -14.54
CA SER A 236 20.02 25.94 -14.48
C SER A 236 20.48 26.01 -13.03
N LEU A 237 21.67 25.51 -12.75
CA LEU A 237 22.21 25.41 -11.39
C LEU A 237 23.72 25.57 -11.44
N ALA A 238 24.28 26.37 -10.53
CA ALA A 238 25.70 26.67 -10.60
C ALA A 238 26.29 27.00 -9.23
N VAL A 239 27.61 26.86 -9.13
CA VAL A 239 28.41 27.35 -8.00
C VAL A 239 29.32 28.47 -8.50
N GLU A 240 30.08 29.07 -7.60
CA GLU A 240 31.01 30.12 -7.99
C GLU A 240 32.25 29.52 -8.64
N GLY A 241 32.64 30.05 -9.79
CA GLY A 241 33.75 29.51 -10.54
C GLY A 241 34.96 30.41 -10.60
N GLU A 242 35.74 30.31 -11.68
CA GLU A 242 37.03 30.96 -11.85
C GLU A 242 36.90 32.19 -12.73
N PRO A 243 37.63 33.25 -12.43
CA PRO A 243 37.71 34.39 -13.36
C PRO A 243 38.75 34.15 -14.44
N VAL A 244 38.82 35.10 -15.37
CA VAL A 244 39.95 35.16 -16.28
C VAL A 244 41.18 35.56 -15.48
N ASN A 245 42.35 35.08 -15.90
CA ASN A 245 43.65 35.18 -15.21
C ASN A 245 43.67 34.42 -13.89
N SER A 246 42.94 33.33 -13.81
CA SER A 246 43.05 32.46 -12.66
C SER A 246 44.09 31.37 -12.92
N PRO A 247 44.78 30.90 -11.87
CA PRO A 247 45.67 29.75 -12.05
C PRO A 247 44.92 28.44 -12.28
N ASN A 248 43.66 28.34 -11.86
CA ASN A 248 42.84 27.16 -12.09
C ASN A 248 41.88 27.34 -13.25
N TYR A 249 42.29 28.09 -14.28
CA TYR A 249 41.39 28.40 -15.39
C TYR A 249 41.12 27.18 -16.25
N PHE A 250 42.14 26.39 -16.55
CA PHE A 250 41.99 25.21 -17.39
C PHE A 250 41.56 23.98 -16.60
N VAL A 251 41.76 23.96 -15.29
CA VAL A 251 41.32 22.83 -14.48
C VAL A 251 39.81 22.84 -14.33
N ALA A 252 39.20 24.04 -14.28
CA ALA A 252 37.75 24.13 -14.21
C ALA A 252 37.12 23.78 -15.56
N LYS A 253 37.83 24.05 -16.66
CA LYS A 253 37.32 23.70 -17.98
C LYS A 253 37.39 22.21 -18.23
N LEU A 254 38.38 21.53 -17.65
CA LEU A 254 38.50 20.09 -17.83
C LEU A 254 37.48 19.34 -16.98
N ALA A 255 37.08 19.93 -15.85
CA ALA A 255 36.11 19.27 -14.97
C ALA A 255 34.72 19.30 -15.57
N ALA A 256 34.41 20.33 -16.36
CA ALA A 256 33.11 20.38 -17.03
C ALA A 256 33.07 19.47 -18.25
N GLN A 257 34.22 19.17 -18.83
CA GLN A 257 34.29 18.26 -19.97
C GLN A 257 34.14 16.80 -19.54
N ILE A 258 34.32 16.49 -18.25
CA ILE A 258 34.13 15.14 -17.75
C ILE A 258 32.66 14.74 -17.83
N PHE A 259 31.75 15.67 -17.56
CA PHE A 259 30.33 15.37 -17.61
C PHE A 259 29.68 15.76 -18.94
N GLY A 260 30.11 16.85 -19.57
CA GLY A 260 29.85 17.10 -20.97
C GLY A 260 28.42 17.44 -21.35
N SER A 261 28.06 17.09 -22.59
CA SER A 261 26.77 17.39 -23.18
C SER A 261 26.02 16.11 -23.51
N TYR A 262 24.73 16.25 -23.78
CA TYR A 262 23.88 15.10 -24.04
C TYR A 262 22.68 15.51 -24.88
N ASN A 263 22.28 14.63 -25.80
CA ASN A 263 21.06 14.77 -26.57
C ASN A 263 20.41 13.40 -26.64
N ALA A 264 19.18 13.28 -26.13
CA ALA A 264 18.53 11.98 -26.01
C ALA A 264 18.05 11.43 -27.35
N PHE A 265 17.97 12.27 -28.38
CA PHE A 265 17.46 11.85 -29.68
C PHE A 265 18.57 11.59 -30.69
N GLU A 266 19.82 11.80 -30.32
CA GLU A 266 20.93 11.42 -31.19
C GLU A 266 21.48 10.09 -30.76
N PRO A 267 21.63 9.12 -31.68
CA PRO A 267 22.09 7.79 -31.28
C PRO A 267 23.54 7.73 -30.80
N ALA A 268 24.41 8.59 -31.33
CA ALA A 268 25.82 8.54 -30.94
C ALA A 268 26.10 9.28 -29.64
N SER A 269 25.22 10.18 -29.20
CA SER A 269 25.43 10.83 -27.92
C SER A 269 24.99 9.97 -26.75
N ARG A 270 24.23 8.91 -27.00
CA ARG A 270 23.87 7.95 -25.96
C ARG A 270 24.95 6.93 -25.69
N LEU A 271 26.04 6.94 -26.45
CA LEU A 271 27.11 5.97 -26.30
C LEU A 271 28.38 6.56 -25.70
N GLN A 272 28.31 7.76 -25.13
CA GLN A 272 29.49 8.43 -24.62
C GLN A 272 29.94 7.81 -23.30
N GLY A 273 31.24 7.97 -23.00
CA GLY A 273 31.82 7.43 -21.80
C GLY A 273 31.60 8.30 -20.58
N ILE A 274 30.34 8.47 -20.19
CA ILE A 274 29.95 9.29 -19.05
C ILE A 274 29.11 8.42 -18.13
N LYS A 275 29.51 8.33 -16.86
CA LYS A 275 28.83 7.47 -15.90
C LYS A 275 27.48 8.00 -15.47
N LEU A 276 27.18 9.27 -15.74
CA LEU A 276 25.85 9.82 -15.43
C LEU A 276 24.78 9.25 -16.36
N LEU A 277 25.18 8.80 -17.55
CA LEU A 277 24.21 8.33 -18.53
C LEU A 277 23.62 6.97 -18.17
N ASP A 278 24.27 6.23 -17.27
CA ASP A 278 23.70 4.97 -16.80
C ASP A 278 22.48 5.20 -15.93
N ASN A 279 22.48 6.29 -15.15
CA ASN A 279 21.38 6.55 -14.23
C ASN A 279 20.17 7.14 -14.94
N ILE A 280 20.39 8.03 -15.92
CA ILE A 280 19.29 8.82 -16.46
C ILE A 280 18.63 8.21 -17.69
N GLN A 281 19.20 7.17 -18.28
CA GLN A 281 18.62 6.58 -19.48
C GLN A 281 17.67 5.44 -19.17
N GLU A 282 17.62 4.97 -17.93
CA GLU A 282 16.74 3.86 -17.59
C GLU A 282 15.28 4.29 -17.57
N TYR A 283 14.99 5.47 -17.01
CA TYR A 283 13.64 6.00 -17.00
C TYR A 283 13.49 7.25 -17.85
N GLN A 284 14.53 7.64 -18.59
CA GLN A 284 14.56 8.78 -19.51
C GLN A 284 14.20 10.09 -18.80
N LEU A 285 15.11 10.49 -17.92
CA LEU A 285 14.88 11.61 -17.01
C LEU A 285 14.95 12.97 -17.68
N CYS A 286 15.61 13.10 -18.84
CA CYS A 286 15.72 14.41 -19.47
C CYS A 286 15.76 14.27 -20.98
N ASP A 287 15.71 15.42 -21.65
CA ASP A 287 15.87 15.54 -23.09
C ASP A 287 17.30 15.91 -23.50
N ASN A 288 17.93 16.84 -22.79
CA ASN A 288 19.29 17.27 -23.08
C ASN A 288 19.87 17.92 -21.83
N PHE A 289 21.20 17.90 -21.73
CA PHE A 289 21.90 18.74 -20.78
C PHE A 289 23.24 19.17 -21.35
N ASN A 290 23.85 20.16 -20.71
CA ASN A 290 25.21 20.61 -21.05
C ASN A 290 25.84 21.28 -19.84
N HIS A 291 27.15 21.06 -19.66
CA HIS A 291 27.91 21.63 -18.56
C HIS A 291 28.78 22.78 -19.06
N PHE A 292 28.84 23.86 -18.29
CA PHE A 292 29.56 25.06 -18.71
C PHE A 292 30.60 25.45 -17.66
N SER A 293 31.46 26.38 -18.06
CA SER A 293 32.40 27.04 -17.15
C SER A 293 32.64 28.45 -17.70
N LEU A 294 31.87 29.41 -17.19
CA LEU A 294 31.91 30.80 -17.65
C LEU A 294 32.86 31.60 -16.78
N SER A 295 33.68 32.44 -17.41
CA SER A 295 34.69 33.21 -16.71
C SER A 295 34.62 34.67 -17.13
N TYR A 296 34.65 35.56 -16.15
CA TYR A 296 34.60 37.00 -16.39
C TYR A 296 35.80 37.66 -15.73
N LYS A 297 35.78 38.99 -15.72
CA LYS A 297 36.89 39.75 -15.17
C LYS A 297 36.99 39.63 -13.66
N ASP A 298 35.86 39.46 -12.97
CA ASP A 298 35.83 39.45 -11.51
C ASP A 298 35.49 38.10 -10.90
N SER A 299 34.63 37.31 -11.52
CA SER A 299 34.16 36.06 -10.93
C SER A 299 33.76 35.12 -12.05
N GLY A 300 33.07 34.04 -11.72
CA GLY A 300 32.64 33.09 -12.73
C GLY A 300 31.57 32.15 -12.22
N LEU A 301 31.09 31.30 -13.12
CA LEU A 301 30.03 30.34 -12.82
C LEU A 301 30.41 28.97 -13.36
N TRP A 302 30.10 27.92 -12.60
CA TRP A 302 30.36 26.54 -12.98
C TRP A 302 29.12 25.71 -12.68
N GLY A 303 28.55 25.06 -13.69
CA GLY A 303 27.34 24.29 -13.47
C GLY A 303 26.77 23.59 -14.70
N PHE A 304 25.44 23.44 -14.78
CA PHE A 304 24.82 22.76 -15.90
C PHE A 304 23.42 23.33 -16.13
N SER A 305 22.89 23.11 -17.34
CA SER A 305 21.51 23.43 -17.70
C SER A 305 20.83 22.18 -18.24
N THR A 306 19.50 22.14 -18.17
CA THR A 306 18.77 20.96 -18.59
C THR A 306 17.35 21.33 -19.02
N ALA A 307 16.71 20.42 -19.75
CA ALA A 307 15.33 20.56 -20.16
C ALA A 307 14.69 19.18 -20.23
N THR A 308 13.47 19.06 -19.71
CA THR A 308 12.85 17.74 -19.60
C THR A 308 11.34 17.84 -19.72
N ARG A 309 10.72 16.71 -20.08
CA ARG A 309 9.27 16.55 -20.06
C ARG A 309 8.80 15.58 -18.99
N ASN A 310 9.72 14.88 -18.33
CA ASN A 310 9.41 13.98 -17.23
C ASN A 310 9.26 14.80 -15.96
N VAL A 311 8.11 15.47 -15.84
CA VAL A 311 7.92 16.47 -14.79
C VAL A 311 7.59 15.87 -13.43
N THR A 312 7.41 14.56 -13.34
CA THR A 312 7.17 13.89 -12.06
C THR A 312 8.42 13.25 -11.48
N MET A 313 9.55 13.33 -12.19
CA MET A 313 10.81 12.77 -11.69
C MET A 313 11.92 13.80 -11.80
N ILE A 314 11.62 15.06 -11.49
CA ILE A 314 12.64 16.12 -11.52
C ILE A 314 13.62 15.94 -10.37
N ASP A 315 13.14 15.44 -9.22
CA ASP A 315 14.00 15.31 -8.06
C ASP A 315 15.00 14.17 -8.19
N ASP A 316 14.78 13.24 -9.12
CA ASP A 316 15.76 12.19 -9.35
C ASP A 316 16.86 12.66 -10.29
N LEU A 317 16.55 13.60 -11.18
CA LEU A 317 17.55 14.11 -12.11
C LEU A 317 18.55 15.02 -11.42
N ILE A 318 18.08 15.80 -10.44
CA ILE A 318 18.98 16.68 -9.70
C ILE A 318 19.81 15.87 -8.71
N HIS A 319 19.22 14.81 -8.14
CA HIS A 319 19.92 14.01 -7.16
C HIS A 319 21.02 13.18 -7.79
N PHE A 320 20.78 12.64 -8.98
CA PHE A 320 21.79 11.81 -9.65
C PHE A 320 22.93 12.65 -10.19
N THR A 321 22.67 13.89 -10.59
CA THR A 321 23.72 14.76 -11.13
C THR A 321 24.64 15.25 -10.03
N LEU A 322 24.09 15.62 -8.88
CA LEU A 322 24.90 16.17 -7.81
C LEU A 322 25.69 15.09 -7.08
N LYS A 323 25.24 13.83 -7.16
CA LYS A 323 26.01 12.73 -6.60
C LYS A 323 27.20 12.33 -7.47
N GLN A 324 27.20 12.73 -8.74
CA GLN A 324 28.34 12.52 -9.61
C GLN A 324 29.36 13.64 -9.46
N TRP A 325 28.91 14.84 -9.06
CA TRP A 325 29.84 15.92 -8.77
C TRP A 325 30.62 15.65 -7.50
N ASN A 326 30.07 14.82 -6.60
CA ASN A 326 30.77 14.47 -5.37
C ASN A 326 32.00 13.62 -5.64
N ARG A 327 32.00 12.86 -6.73
CA ARG A 327 33.09 11.94 -7.03
C ARG A 327 34.36 12.64 -7.46
N LEU A 328 34.30 13.92 -7.83
CA LEU A 328 35.50 14.66 -8.18
C LEU A 328 36.39 14.94 -6.98
N THR A 329 35.85 14.86 -5.76
CA THR A 329 36.61 15.09 -4.55
C THR A 329 37.22 13.81 -3.98
N ILE A 330 36.58 12.66 -4.21
CA ILE A 330 36.94 11.43 -3.50
C ILE A 330 37.40 10.33 -4.46
N SER A 331 36.68 10.10 -5.55
CA SER A 331 36.89 8.87 -6.31
C SER A 331 36.86 9.09 -7.81
N VAL A 332 37.51 10.13 -8.32
CA VAL A 332 37.62 10.29 -9.77
C VAL A 332 38.79 9.44 -10.27
N THR A 333 38.59 8.78 -11.41
CA THR A 333 39.54 7.80 -11.89
C THR A 333 40.51 8.43 -12.91
N ASP A 334 41.38 7.60 -13.46
CA ASP A 334 42.42 8.04 -14.39
C ASP A 334 41.96 8.04 -15.83
N THR A 335 41.01 7.18 -16.19
CA THR A 335 40.53 7.15 -17.56
C THR A 335 39.63 8.33 -17.85
N GLU A 336 38.94 8.86 -16.83
CA GLU A 336 38.07 10.00 -17.02
C GLU A 336 38.86 11.29 -17.23
N VAL A 337 40.05 11.38 -16.66
CA VAL A 337 40.88 12.57 -16.85
C VAL A 337 41.56 12.55 -18.21
N GLU A 338 41.95 11.37 -18.68
CA GLU A 338 42.61 11.26 -19.98
C GLU A 338 41.63 11.42 -21.13
N ARG A 339 40.37 11.02 -20.93
CA ARG A 339 39.36 11.23 -21.96
C ARG A 339 39.00 12.70 -22.07
N ALA A 340 38.92 13.41 -20.95
CA ALA A 340 38.54 14.81 -20.96
C ALA A 340 39.67 15.70 -21.44
N LYS A 341 40.91 15.23 -21.42
CA LYS A 341 42.02 15.98 -21.98
C LYS A 341 41.92 16.05 -23.50
N SER A 342 41.55 14.94 -24.11
CA SER A 342 41.51 14.88 -25.57
C SER A 342 40.30 15.61 -26.12
N LEU A 343 39.19 15.60 -25.39
CA LEU A 343 37.99 16.26 -25.87
C LEU A 343 38.02 17.76 -25.62
N LEU A 344 38.83 18.21 -24.65
CA LEU A 344 38.96 19.65 -24.43
C LEU A 344 39.89 20.28 -25.47
N LYS A 345 40.91 19.53 -25.91
CA LYS A 345 41.79 20.04 -26.96
C LYS A 345 41.08 20.08 -28.31
N LEU A 346 40.09 19.21 -28.51
CA LEU A 346 39.30 19.27 -29.74
C LEU A 346 38.29 20.40 -29.69
N GLN A 347 37.79 20.72 -28.49
CA GLN A 347 36.73 21.71 -28.36
C GLN A 347 37.25 23.13 -28.59
N LEU A 348 38.34 23.50 -27.93
CA LEU A 348 38.88 24.83 -28.13
C LEU A 348 39.83 24.91 -29.33
N GLY A 349 40.08 23.80 -30.00
CA GLY A 349 40.71 23.88 -31.31
C GLY A 349 39.74 24.26 -32.39
N GLN A 350 38.46 23.92 -32.22
CA GLN A 350 37.42 24.34 -33.15
C GLN A 350 36.91 25.74 -32.86
N LEU A 351 37.17 26.26 -31.66
CA LEU A 351 36.77 27.62 -31.33
C LEU A 351 37.76 28.64 -31.87
N TYR A 352 39.05 28.36 -31.75
CA TYR A 352 40.09 29.31 -32.14
C TYR A 352 40.59 29.11 -33.56
N GLU A 353 40.07 28.13 -34.28
CA GLU A 353 40.52 27.89 -35.66
C GLU A 353 39.33 27.60 -36.56
N SER A 354 38.25 28.37 -36.41
CA SER A 354 37.21 28.37 -37.41
C SER A 354 37.65 29.22 -38.61
N GLY A 355 36.84 29.19 -39.67
CA GLY A 355 37.21 29.92 -40.86
C GLY A 355 36.57 31.29 -40.95
N ASN A 356 36.07 31.80 -39.82
CA ASN A 356 35.37 33.07 -39.82
C ASN A 356 36.27 34.13 -39.22
N PRO A 357 36.70 35.14 -39.99
CA PRO A 357 37.52 36.21 -39.40
C PRO A 357 36.75 37.15 -38.49
N VAL A 358 35.42 37.10 -38.50
CA VAL A 358 34.65 37.89 -37.54
C VAL A 358 34.69 37.25 -36.16
N ASN A 359 34.68 35.92 -36.12
CA ASN A 359 34.80 35.22 -34.84
C ASN A 359 36.19 35.37 -34.24
N ASP A 360 37.22 35.40 -35.09
CA ASP A 360 38.58 35.53 -34.59
C ASP A 360 38.88 36.95 -34.13
N ALA A 361 38.17 37.94 -34.68
CA ALA A 361 38.40 39.32 -34.29
C ALA A 361 37.79 39.61 -32.93
N ASN A 362 36.75 38.87 -32.56
CA ASN A 362 36.13 39.05 -31.25
C ASN A 362 36.96 38.40 -30.16
N LEU A 363 37.54 37.24 -30.45
CA LEU A 363 38.33 36.53 -29.45
C LEU A 363 39.68 37.18 -29.24
N LEU A 364 40.27 37.74 -30.30
CA LEU A 364 41.56 38.38 -30.19
C LEU A 364 41.48 39.70 -29.43
N GLY A 365 40.47 40.52 -29.73
CA GLY A 365 40.39 41.83 -29.12
C GLY A 365 39.98 41.79 -27.66
N ALA A 366 39.18 40.78 -27.30
CA ALA A 366 38.74 40.66 -25.91
C ALA A 366 39.87 40.21 -24.99
N GLU A 367 40.89 39.57 -25.54
CA GLU A 367 41.98 39.04 -24.73
C GLU A 367 43.09 40.07 -24.52
N VAL A 368 43.34 40.93 -25.51
CA VAL A 368 44.35 41.97 -25.36
C VAL A 368 43.89 43.06 -24.41
N LEU A 369 42.57 43.24 -24.26
CA LEU A 369 42.06 44.24 -23.33
C LEU A 369 42.31 43.85 -21.87
N ILE A 370 42.30 42.55 -21.59
CA ILE A 370 42.48 42.08 -20.22
C ILE A 370 43.95 41.80 -19.90
N LYS A 371 44.65 41.07 -20.77
CA LYS A 371 46.01 40.64 -20.47
C LYS A 371 47.10 41.45 -21.15
N GLY A 372 46.80 42.16 -22.24
CA GLY A 372 47.82 42.84 -23.00
C GLY A 372 48.47 41.99 -24.07
N SER A 373 48.16 40.70 -24.13
CA SER A 373 48.69 39.79 -25.14
C SER A 373 47.74 38.61 -25.23
N LYS A 374 47.99 37.74 -26.21
CA LYS A 374 47.17 36.56 -26.43
C LYS A 374 48.01 35.31 -26.26
N LEU A 375 47.49 34.36 -25.47
CA LEU A 375 48.15 33.08 -25.30
C LEU A 375 47.97 32.23 -26.55
N SER A 376 49.04 31.59 -26.98
CA SER A 376 49.02 30.78 -28.18
C SER A 376 48.27 29.47 -27.94
N LEU A 377 47.86 28.83 -29.03
CA LEU A 377 47.18 27.55 -28.92
C LEU A 377 48.15 26.42 -28.60
N GLY A 378 49.41 26.55 -29.01
CA GLY A 378 50.39 25.54 -28.67
C GLY A 378 50.80 25.56 -27.22
N GLU A 379 50.79 26.73 -26.59
CA GLU A 379 51.10 26.85 -25.18
C GLU A 379 49.91 26.50 -24.29
N ALA A 380 48.69 26.63 -24.80
CA ALA A 380 47.53 26.19 -24.04
C ALA A 380 47.41 24.67 -24.02
N PHE A 381 47.96 24.00 -25.03
CA PHE A 381 47.90 22.55 -25.10
C PHE A 381 48.86 21.89 -24.12
N LYS A 382 49.97 22.56 -23.81
CA LYS A 382 50.92 22.02 -22.83
C LYS A 382 50.41 22.18 -21.40
N LYS A 383 49.59 23.20 -21.15
CA LYS A 383 49.00 23.37 -19.83
C LYS A 383 47.95 22.31 -19.54
N ILE A 384 47.20 21.91 -20.57
CA ILE A 384 46.17 20.89 -20.39
C ILE A 384 46.79 19.53 -20.18
N ASP A 385 47.92 19.25 -20.83
CA ASP A 385 48.58 17.95 -20.73
C ASP A 385 49.28 17.73 -19.40
N ALA A 386 49.39 18.76 -18.54
CA ALA A 386 50.09 18.65 -17.27
C ALA A 386 49.14 18.62 -16.08
N ILE A 387 47.88 18.30 -16.30
CA ILE A 387 46.89 18.24 -15.23
C ILE A 387 46.78 16.79 -14.78
N THR A 388 46.82 16.57 -13.46
CA THR A 388 46.77 15.24 -12.89
C THR A 388 45.45 15.03 -12.15
N VAL A 389 45.28 13.83 -11.58
CA VAL A 389 44.11 13.53 -10.78
C VAL A 389 44.14 14.28 -9.45
N LYS A 390 45.34 14.57 -8.95
CA LYS A 390 45.46 15.31 -7.70
C LYS A 390 45.12 16.79 -7.89
N ASP A 391 45.31 17.31 -9.11
CA ASP A 391 44.92 18.69 -9.38
C ASP A 391 43.41 18.84 -9.42
N VAL A 392 42.70 17.80 -9.89
CA VAL A 392 41.25 17.85 -9.96
C VAL A 392 40.64 17.72 -8.58
N LYS A 393 41.21 16.85 -7.74
CA LYS A 393 40.69 16.64 -6.40
C LYS A 393 40.96 17.84 -5.50
N ALA A 394 42.05 18.56 -5.75
CA ALA A 394 42.34 19.75 -4.96
C ALA A 394 41.45 20.91 -5.35
N TRP A 395 41.08 21.01 -6.62
CA TRP A 395 40.19 22.08 -7.06
C TRP A 395 38.76 21.83 -6.59
N ALA A 396 38.30 20.58 -6.67
CA ALA A 396 36.91 20.28 -6.36
C ALA A 396 36.63 20.30 -4.87
N GLY A 397 37.64 20.02 -4.04
CA GLY A 397 37.46 20.12 -2.60
C GLY A 397 37.34 21.53 -2.10
N LYS A 398 37.81 22.50 -2.87
CA LYS A 398 37.71 23.92 -2.55
C LYS A 398 36.47 24.57 -3.15
N ARG A 399 36.07 24.19 -4.36
CA ARG A 399 35.00 24.87 -5.09
C ARG A 399 33.67 24.13 -5.05
N LEU A 400 33.65 22.81 -4.89
CA LEU A 400 32.41 22.06 -5.01
C LEU A 400 31.93 21.41 -3.73
N TRP A 401 32.82 20.93 -2.85
CA TRP A 401 32.41 20.14 -1.69
C TRP A 401 31.81 21.05 -0.63
N ASP A 402 30.52 20.87 -0.37
CA ASP A 402 29.75 21.58 0.67
C ASP A 402 29.75 23.09 0.46
N GLN A 403 29.24 23.52 -0.69
CA GLN A 403 29.26 24.92 -1.07
C GLN A 403 27.86 25.38 -1.46
N ASP A 404 27.69 26.70 -1.49
CA ASP A 404 26.41 27.32 -1.82
C ASP A 404 26.18 27.33 -3.33
N ILE A 405 24.91 27.19 -3.71
CA ILE A 405 24.51 27.09 -5.10
C ILE A 405 23.51 28.19 -5.44
N ALA A 406 23.32 28.41 -6.73
CA ALA A 406 22.29 29.31 -7.25
C ALA A 406 21.44 28.55 -8.26
N ILE A 407 20.13 28.69 -8.15
CA ILE A 407 19.17 27.94 -8.97
C ILE A 407 18.25 28.91 -9.69
N ALA A 408 17.85 28.56 -10.91
CA ALA A 408 16.83 29.28 -11.65
C ALA A 408 16.02 28.28 -12.46
N GLY A 409 14.72 28.53 -12.61
CA GLY A 409 13.86 27.59 -13.31
C GLY A 409 12.60 28.24 -13.84
N THR A 410 12.07 27.64 -14.90
CA THR A 410 10.78 28.08 -15.44
C THR A 410 10.02 26.87 -15.99
N GLY A 411 8.71 27.06 -16.19
CA GLY A 411 7.88 26.02 -16.74
C GLY A 411 7.11 25.23 -15.70
N GLN A 412 7.04 23.92 -15.89
CA GLN A 412 6.34 23.02 -14.96
C GLN A 412 7.34 22.51 -13.93
N ILE A 413 7.64 23.37 -12.96
CA ILE A 413 8.73 23.13 -12.01
C ILE A 413 8.18 22.89 -10.61
N GLU A 414 6.97 22.32 -10.53
CA GLU A 414 6.40 21.98 -9.23
C GLU A 414 7.15 20.84 -8.55
N GLY A 415 7.67 19.89 -9.31
CA GLY A 415 8.43 18.79 -8.76
C GLY A 415 9.84 19.10 -8.33
N LEU A 416 10.29 20.33 -8.53
CA LEU A 416 11.59 20.78 -8.03
C LEU A 416 11.43 21.19 -6.57
N LEU A 417 12.20 20.57 -5.69
CA LEU A 417 12.02 20.73 -4.26
C LEU A 417 12.63 22.04 -3.77
N ASP A 418 12.75 22.11 -2.46
CA ASP A 418 13.22 23.36 -1.80
C ASP A 418 14.74 23.53 -1.82
N TYR A 419 15.21 24.71 -1.46
CA TYR A 419 16.64 24.99 -1.54
C TYR A 419 17.44 24.02 -0.69
N MET A 420 16.94 23.66 0.49
CA MET A 420 17.78 23.01 1.49
C MET A 420 17.96 21.52 1.23
N ARG A 421 17.09 20.90 0.42
CA ARG A 421 17.33 19.51 0.06
C ARG A 421 18.19 19.38 -1.18
N ILE A 422 18.31 20.43 -1.97
CA ILE A 422 19.31 20.46 -3.03
C ILE A 422 20.68 20.88 -2.49
N ARG A 423 20.70 21.76 -1.48
CA ARG A 423 21.95 22.21 -0.88
C ARG A 423 22.63 21.10 -0.10
N SER A 424 21.86 20.18 0.47
CA SER A 424 22.44 19.09 1.25
C SER A 424 23.01 17.96 0.40
N ASP A 425 22.80 18.00 -0.91
CA ASP A 425 23.40 17.02 -1.81
C ASP A 425 24.79 17.43 -2.29
N MET A 426 25.35 18.52 -1.77
CA MET A 426 26.68 18.96 -2.15
C MET A 426 27.77 18.30 -1.32
N SER A 427 27.40 17.52 -0.31
CA SER A 427 28.31 16.64 0.40
C SER A 427 27.65 15.26 0.44
N MET A 428 28.35 14.28 0.97
CA MET A 428 27.92 12.90 0.81
C MET A 428 27.41 12.22 2.08
N MET A 429 27.83 12.67 3.27
CA MET A 429 27.55 12.13 4.62
C MET A 429 28.33 10.82 4.84
N ARG A 430 29.02 10.36 3.80
CA ARG A 430 29.82 9.15 3.89
C ARG A 430 31.14 9.47 4.59
N TRP A 431 31.95 10.29 3.94
CA TRP A 431 33.20 10.80 4.49
C TRP A 431 32.92 11.74 5.65
N LEU B 1 37.50 7.97 -57.96
CA LEU B 1 38.26 8.02 -56.71
C LEU B 1 39.15 9.26 -56.72
N THR B 2 38.52 10.42 -56.73
CA THR B 2 39.26 11.68 -56.69
C THR B 2 39.72 11.98 -55.27
N VAL B 3 41.00 12.29 -55.12
CA VAL B 3 41.59 12.60 -53.83
C VAL B 3 42.25 13.98 -53.93
N SER B 4 41.89 14.87 -53.00
CA SER B 4 42.42 16.23 -52.99
C SER B 4 42.56 16.69 -51.55
N ALA B 5 43.51 17.60 -51.31
CA ALA B 5 43.78 18.06 -49.95
C ALA B 5 44.48 19.40 -49.98
N ARG B 6 44.37 20.14 -48.88
CA ARG B 6 45.10 21.37 -48.64
C ARG B 6 45.80 21.29 -47.29
N ASP B 7 46.88 22.04 -47.15
CA ASP B 7 47.70 22.00 -45.94
C ASP B 7 47.74 23.36 -45.25
N ALA B 8 48.02 23.33 -43.95
CA ALA B 8 48.04 24.53 -43.12
C ALA B 8 48.85 24.22 -41.86
N PRO B 9 49.34 25.25 -41.16
CA PRO B 9 49.89 25.04 -39.79
C PRO B 9 48.82 25.15 -38.70
N THR B 10 48.04 24.08 -38.53
CA THR B 10 46.83 24.12 -37.74
C THR B 10 46.70 22.79 -36.99
N LYS B 11 46.18 22.84 -35.76
CA LYS B 11 46.07 21.68 -34.89
C LYS B 11 44.94 20.72 -35.27
N ILE B 12 43.95 21.16 -36.04
CA ILE B 12 42.74 20.37 -36.31
C ILE B 12 42.66 20.07 -37.81
N SER B 13 42.35 18.82 -38.14
CA SER B 13 42.14 18.40 -39.51
C SER B 13 40.70 17.91 -39.70
N THR B 14 40.29 17.83 -40.97
CA THR B 14 38.94 17.41 -41.34
C THR B 14 39.03 16.54 -42.58
N LEU B 15 38.29 15.43 -42.59
CA LEU B 15 38.27 14.50 -43.71
C LEU B 15 36.84 14.21 -44.10
N ALA B 16 36.54 14.31 -45.40
CA ALA B 16 35.17 14.16 -45.89
C ALA B 16 35.12 13.23 -47.08
N VAL B 17 34.08 12.40 -47.14
CA VAL B 17 33.78 11.54 -48.28
C VAL B 17 32.39 11.90 -48.78
N LYS B 18 32.31 12.36 -50.03
CA LYS B 18 31.05 12.81 -50.62
C LYS B 18 30.60 11.82 -51.68
N VAL B 19 29.39 11.30 -51.52
CA VAL B 19 28.80 10.32 -52.42
C VAL B 19 27.65 10.96 -53.17
N HIS B 20 27.53 10.67 -54.46
CA HIS B 20 26.37 11.10 -55.26
C HIS B 20 25.18 10.19 -54.96
N GLY B 21 24.63 10.36 -53.76
CA GLY B 21 23.56 9.50 -53.28
C GLY B 21 22.47 10.23 -52.53
N GLY B 22 22.20 11.47 -52.90
CA GLY B 22 21.19 12.26 -52.25
C GLY B 22 19.77 11.83 -52.64
N SER B 23 18.82 12.66 -52.25
CA SER B 23 17.41 12.30 -52.41
C SER B 23 16.92 12.35 -53.86
N ARG B 24 17.68 12.96 -54.76
CA ARG B 24 17.31 12.97 -56.18
C ARG B 24 17.65 11.67 -56.89
N TYR B 25 18.33 10.74 -56.23
CA TYR B 25 18.65 9.43 -56.79
C TYR B 25 17.91 8.31 -56.11
N ALA B 26 16.97 8.60 -55.21
CA ALA B 26 16.35 7.58 -54.38
C ALA B 26 15.39 6.73 -55.20
N THR B 27 15.39 5.43 -54.91
CA THR B 27 14.52 4.49 -55.60
C THR B 27 13.11 4.52 -55.04
N LYS B 28 12.98 4.62 -53.72
CA LYS B 28 11.70 4.78 -53.05
C LYS B 28 11.75 6.07 -52.23
N ASP B 29 10.60 6.45 -51.68
CA ASP B 29 10.49 7.71 -50.95
C ASP B 29 11.15 7.58 -49.59
N GLY B 30 12.20 8.35 -49.37
CA GLY B 30 12.87 8.36 -48.09
C GLY B 30 13.88 7.26 -47.87
N VAL B 31 14.36 6.62 -48.93
CA VAL B 31 15.32 5.54 -48.76
C VAL B 31 16.73 6.11 -48.57
N ALA B 32 16.98 7.35 -49.00
CA ALA B 32 18.27 7.96 -48.77
C ALA B 32 18.36 8.55 -47.37
N HIS B 33 17.22 8.84 -46.75
CA HIS B 33 17.21 9.32 -45.38
C HIS B 33 17.47 8.18 -44.40
N LEU B 34 17.07 6.96 -44.76
CA LEU B 34 17.27 5.83 -43.87
C LEU B 34 18.67 5.25 -44.00
N LEU B 35 19.30 5.42 -45.16
CA LEU B 35 20.71 5.04 -45.30
C LEU B 35 21.61 6.02 -44.56
N ASN B 36 21.21 7.30 -44.51
CA ASN B 36 21.99 8.30 -43.81
C ASN B 36 21.96 8.08 -42.30
N ARG B 37 20.85 7.59 -41.78
CA ARG B 37 20.75 7.28 -40.35
C ARG B 37 21.34 5.93 -39.99
N PHE B 38 21.79 5.15 -40.97
CA PHE B 38 22.41 3.86 -40.71
C PHE B 38 23.92 3.94 -40.68
N ASN B 39 24.50 5.06 -41.11
CA ASN B 39 25.95 5.24 -41.06
C ASN B 39 26.42 5.36 -39.62
N PHE B 40 27.61 4.79 -39.37
CA PHE B 40 28.26 4.71 -38.06
C PHE B 40 27.44 3.91 -37.05
N GLN B 41 26.71 2.91 -37.51
CA GLN B 41 26.18 1.84 -36.69
C GLN B 41 27.21 0.72 -36.64
N ASN B 42 26.79 -0.47 -36.21
CA ASN B 42 27.70 -1.61 -36.11
C ASN B 42 28.24 -2.02 -37.48
N THR B 43 29.53 -2.31 -37.54
CA THR B 43 30.14 -2.97 -38.68
C THR B 43 30.42 -4.42 -38.32
N ASN B 44 31.02 -5.15 -39.25
CA ASN B 44 31.26 -6.56 -39.05
C ASN B 44 32.44 -6.84 -38.13
N THR B 45 33.32 -5.86 -37.91
CA THR B 45 34.48 -6.04 -37.05
C THR B 45 34.48 -5.17 -35.81
N ARG B 46 33.67 -4.13 -35.76
CA ARG B 46 33.67 -3.20 -34.65
C ARG B 46 32.26 -2.67 -34.42
N SER B 47 31.82 -2.67 -33.16
CA SER B 47 30.50 -2.19 -32.82
C SER B 47 30.48 -0.67 -32.76
N ALA B 48 29.26 -0.11 -32.71
CA ALA B 48 29.10 1.33 -32.66
C ALA B 48 29.50 1.89 -31.30
N LEU B 49 29.40 1.09 -30.24
CA LEU B 49 29.86 1.53 -28.93
C LEU B 49 31.37 1.62 -28.88
N LYS B 50 32.07 0.69 -29.54
CA LYS B 50 33.52 0.70 -29.49
C LYS B 50 34.12 1.78 -30.36
N LEU B 51 33.40 2.24 -31.38
CA LEU B 51 33.92 3.33 -32.22
C LEU B 51 33.82 4.67 -31.50
N VAL B 52 32.80 4.85 -30.66
CA VAL B 52 32.65 6.10 -29.93
C VAL B 52 33.68 6.18 -28.81
N ARG B 53 33.91 5.07 -28.11
CA ARG B 53 34.84 5.09 -26.97
C ARG B 53 36.29 5.22 -27.43
N GLU B 54 36.63 4.65 -28.58
CA GLU B 54 38.00 4.72 -29.07
C GLU B 54 38.33 6.09 -29.65
N SER B 55 37.35 6.78 -30.22
CA SER B 55 37.61 8.08 -30.83
C SER B 55 37.66 9.19 -29.79
N GLU B 56 36.95 9.03 -28.67
CA GLU B 56 37.01 10.03 -27.61
C GLU B 56 38.38 10.06 -26.94
N LEU B 57 39.06 8.92 -26.86
CA LEU B 57 40.39 8.87 -26.30
C LEU B 57 41.46 9.37 -27.25
N LEU B 58 41.12 9.62 -28.50
CA LEU B 58 42.02 10.27 -29.44
C LEU B 58 41.61 11.70 -29.78
N GLY B 59 40.40 12.11 -29.42
CA GLY B 59 39.91 13.43 -29.76
C GLY B 59 39.35 13.54 -31.16
N GLY B 60 38.29 12.80 -31.46
CA GLY B 60 37.67 12.86 -32.77
C GLY B 60 36.20 12.51 -32.72
N THR B 61 35.46 13.02 -33.70
CA THR B 61 34.02 12.79 -33.82
C THR B 61 33.67 12.48 -35.27
N PHE B 62 32.50 11.89 -35.46
CA PHE B 62 31.97 11.52 -36.77
C PHE B 62 30.59 12.13 -36.98
N LYS B 63 30.21 12.28 -38.25
CA LYS B 63 28.97 12.96 -38.61
C LYS B 63 28.58 12.57 -40.02
N SER B 64 27.27 12.46 -40.25
CA SER B 64 26.72 12.15 -41.56
C SER B 64 25.59 13.13 -41.90
N THR B 65 25.58 13.64 -43.13
CA THR B 65 24.68 14.70 -43.53
C THR B 65 24.08 14.39 -44.90
N LEU B 66 22.77 14.63 -45.05
CA LEU B 66 22.04 14.38 -46.28
C LEU B 66 21.48 15.67 -46.86
N ASP B 67 21.59 15.83 -48.18
CA ASP B 67 20.86 16.86 -48.90
C ASP B 67 20.37 16.24 -50.22
N ARG B 68 19.91 17.08 -51.15
CA ARG B 68 19.29 16.58 -52.36
C ARG B 68 20.28 16.05 -53.38
N GLU B 69 21.56 16.26 -53.19
CA GLU B 69 22.57 15.79 -54.12
C GLU B 69 23.56 14.82 -53.51
N TYR B 70 23.96 15.03 -52.26
CA TYR B 70 25.06 14.30 -51.66
C TYR B 70 24.65 13.60 -50.38
N ILE B 71 25.39 12.54 -50.07
CA ILE B 71 25.54 12.01 -48.72
C ILE B 71 26.99 12.23 -48.33
N THR B 72 27.22 12.93 -47.22
CA THR B 72 28.56 13.31 -46.79
C THR B 72 28.88 12.70 -45.45
N LEU B 73 30.01 12.01 -45.37
CA LEU B 73 30.55 11.46 -44.13
C LEU B 73 31.78 12.25 -43.74
N LYS B 74 31.83 12.73 -42.50
CA LYS B 74 32.85 13.68 -42.07
C LYS B 74 33.47 13.23 -40.76
N ALA B 75 34.78 13.45 -40.62
CA ALA B 75 35.49 13.24 -39.38
C ALA B 75 36.34 14.47 -39.05
N THR B 76 36.25 14.94 -37.81
CA THR B 76 37.03 16.07 -37.33
C THR B 76 37.91 15.61 -36.18
N PHE B 77 39.21 15.83 -36.28
CA PHE B 77 40.15 15.16 -35.38
C PHE B 77 41.42 15.98 -35.21
N LEU B 78 42.26 15.55 -34.26
CA LEU B 78 43.58 16.12 -34.08
C LEU B 78 44.55 15.58 -35.12
N LYS B 79 45.48 16.43 -35.56
CA LYS B 79 46.11 16.32 -36.88
C LYS B 79 46.95 15.06 -37.05
N ASP B 80 47.56 14.55 -36.00
CA ASP B 80 48.57 13.50 -36.13
C ASP B 80 48.00 12.09 -36.09
N ASP B 81 46.69 11.93 -36.17
CA ASP B 81 46.05 10.60 -36.15
C ASP B 81 45.34 10.31 -37.46
N LEU B 82 45.96 10.64 -38.59
CA LEU B 82 45.31 10.52 -39.89
C LEU B 82 45.01 9.08 -40.33
N PRO B 83 45.89 8.07 -40.19
CA PRO B 83 45.50 6.74 -40.70
C PRO B 83 44.42 6.02 -39.91
N TYR B 84 44.10 6.46 -38.69
CA TYR B 84 43.00 5.83 -37.96
C TYR B 84 41.66 6.18 -38.58
N TYR B 85 41.51 7.41 -39.06
CA TYR B 85 40.21 7.90 -39.53
C TYR B 85 39.97 7.62 -41.00
N VAL B 86 41.01 7.33 -41.77
CA VAL B 86 40.82 6.82 -43.13
C VAL B 86 40.26 5.41 -43.08
N ASN B 87 40.74 4.60 -42.14
CA ASN B 87 40.29 3.22 -42.04
C ASN B 87 38.90 3.12 -41.44
N ALA B 88 38.52 4.10 -40.61
CA ALA B 88 37.21 4.06 -39.97
C ALA B 88 36.10 4.46 -40.95
N LEU B 89 36.39 5.42 -41.83
CA LEU B 89 35.40 5.80 -42.83
C LEU B 89 35.31 4.78 -43.95
N ALA B 90 36.35 3.98 -44.16
CA ALA B 90 36.32 2.99 -45.23
C ALA B 90 35.58 1.74 -44.80
N ASP B 91 35.48 1.49 -43.49
CA ASP B 91 34.74 0.33 -43.01
C ASP B 91 33.24 0.58 -43.05
N VAL B 92 32.83 1.85 -43.00
CA VAL B 92 31.41 2.18 -43.09
C VAL B 92 30.88 1.92 -44.49
N LEU B 93 31.68 2.26 -45.51
CA LEU B 93 31.22 2.08 -46.88
C LEU B 93 31.27 0.63 -47.32
N TYR B 94 32.04 -0.20 -46.63
CA TYR B 94 32.34 -1.54 -47.10
C TYR B 94 31.60 -2.64 -46.34
N LYS B 95 31.56 -2.59 -45.02
CA LYS B 95 31.14 -3.75 -44.24
C LYS B 95 30.20 -3.35 -43.10
N THR B 96 29.17 -2.56 -43.41
CA THR B 96 28.13 -2.29 -42.44
C THR B 96 27.27 -3.54 -42.24
N ALA B 97 26.84 -3.77 -41.00
CA ALA B 97 26.22 -5.03 -40.62
C ALA B 97 24.79 -5.16 -41.15
N PHE B 98 24.00 -4.11 -41.04
CA PHE B 98 22.58 -4.05 -41.46
C PHE B 98 21.74 -5.10 -40.76
N LYS B 99 21.64 -4.97 -39.45
CA LYS B 99 20.92 -5.91 -38.60
C LYS B 99 19.46 -5.50 -38.44
N PRO B 100 18.54 -6.47 -38.30
CA PRO B 100 17.12 -6.11 -38.19
C PRO B 100 16.74 -5.43 -36.89
N HIS B 101 17.51 -5.63 -35.81
CA HIS B 101 17.17 -4.95 -34.56
C HIS B 101 17.74 -3.54 -34.49
N GLU B 102 18.72 -3.22 -35.33
CA GLU B 102 19.22 -1.85 -35.36
C GLU B 102 18.24 -0.93 -36.08
N LEU B 103 17.47 -1.47 -37.02
CA LEU B 103 16.45 -0.67 -37.69
C LEU B 103 15.30 -0.34 -36.75
N THR B 104 14.90 -1.30 -35.92
CA THR B 104 13.76 -1.11 -35.04
C THR B 104 14.09 -0.22 -33.85
N GLU B 105 15.28 -0.39 -33.26
CA GLU B 105 15.58 0.24 -31.98
C GLU B 105 16.30 1.57 -32.09
N SER B 106 17.06 1.82 -33.15
CA SER B 106 17.78 3.09 -33.22
C SER B 106 17.57 3.86 -34.51
N VAL B 107 17.39 3.20 -35.65
CA VAL B 107 17.37 3.92 -36.92
C VAL B 107 15.99 4.51 -37.20
N LEU B 108 14.94 3.71 -37.06
CA LEU B 108 13.59 4.22 -37.26
C LEU B 108 13.11 5.22 -36.21
N PRO B 109 13.40 5.10 -34.89
CA PRO B 109 13.02 6.21 -33.99
C PRO B 109 13.77 7.50 -34.24
N ALA B 110 14.98 7.45 -34.80
CA ALA B 110 15.71 8.68 -35.09
C ALA B 110 15.16 9.39 -36.32
N ALA B 111 14.45 8.65 -37.18
CA ALA B 111 13.90 9.25 -38.39
C ALA B 111 12.52 9.85 -38.16
N ARG B 112 11.78 9.36 -37.15
CA ARG B 112 10.53 10.01 -36.78
C ARG B 112 10.78 11.36 -36.13
N TYR B 113 11.89 11.46 -35.40
CA TYR B 113 12.24 12.72 -34.75
C TYR B 113 12.66 13.77 -35.77
N ASP B 114 13.36 13.36 -36.83
CA ASP B 114 13.75 14.27 -37.90
C ASP B 114 12.54 14.82 -38.63
N TYR B 115 11.55 13.97 -38.87
CA TYR B 115 10.37 14.39 -39.61
C TYR B 115 9.45 15.26 -38.77
N ALA B 116 9.34 14.96 -37.48
CA ALA B 116 8.43 15.71 -36.61
C ALA B 116 8.97 17.10 -36.29
N VAL B 117 10.29 17.29 -36.37
CA VAL B 117 10.87 18.61 -36.16
C VAL B 117 10.63 19.48 -37.38
N ALA B 118 10.83 18.92 -38.58
CA ALA B 118 10.70 19.69 -39.81
C ALA B 118 9.25 19.98 -40.19
N GLU B 119 8.30 19.20 -39.70
CA GLU B 119 6.90 19.39 -40.06
C GLU B 119 6.22 20.48 -39.24
N GLN B 120 6.92 21.09 -38.29
CA GLN B 120 6.39 22.21 -37.53
C GLN B 120 6.80 23.55 -38.08
N CYS B 121 7.71 23.59 -39.06
CA CYS B 121 8.15 24.84 -39.66
C CYS B 121 7.41 25.04 -40.97
N PRO B 122 6.61 26.10 -41.11
CA PRO B 122 5.87 26.30 -42.37
C PRO B 122 6.75 26.75 -43.53
N VAL B 123 7.91 27.31 -43.25
CA VAL B 123 8.81 27.73 -44.33
C VAL B 123 9.45 26.51 -44.99
N LYS B 124 9.75 25.48 -44.19
CA LYS B 124 10.30 24.25 -44.74
C LYS B 124 9.26 23.49 -45.54
N SER B 125 7.99 23.54 -45.10
CA SER B 125 6.92 22.89 -45.85
C SER B 125 6.66 23.56 -47.18
N ALA B 126 6.83 24.88 -47.25
CA ALA B 126 6.60 25.60 -48.50
C ALA B 126 7.74 25.39 -49.49
N GLU B 127 8.91 25.00 -48.99
CA GLU B 127 10.04 24.76 -49.88
C GLU B 127 9.96 23.37 -50.50
N ASP B 128 9.38 22.41 -49.79
CA ASP B 128 9.20 21.07 -50.36
C ASP B 128 8.17 21.09 -51.48
N GLN B 129 7.16 21.97 -51.36
CA GLN B 129 6.14 22.05 -52.39
C GLN B 129 6.66 22.73 -53.65
N LEU B 130 7.61 23.64 -53.50
CA LEU B 130 8.15 24.35 -54.67
C LEU B 130 9.05 23.44 -55.48
N TYR B 131 9.73 22.50 -54.81
CA TYR B 131 10.54 21.53 -55.54
C TYR B 131 9.66 20.50 -56.24
N ALA B 132 8.52 20.16 -55.63
CA ALA B 132 7.67 19.10 -56.14
C ALA B 132 6.83 19.54 -57.33
N ILE B 133 6.58 20.84 -57.50
CA ILE B 133 5.81 21.30 -58.65
C ILE B 133 6.70 21.85 -59.76
N THR B 134 7.94 22.23 -59.48
CA THR B 134 8.85 22.67 -60.52
C THR B 134 9.47 21.49 -61.24
N PHE B 135 9.99 20.53 -60.48
CA PHE B 135 10.48 19.26 -60.98
C PHE B 135 9.57 18.18 -60.42
N ARG B 136 9.51 17.02 -61.06
CA ARG B 136 8.56 16.03 -60.59
C ARG B 136 9.22 14.75 -60.08
N LYS B 137 10.00 14.04 -60.89
CA LYS B 137 10.64 12.81 -60.48
C LYS B 137 12.16 12.98 -60.59
N GLY B 138 12.63 14.11 -60.09
CA GLY B 138 14.03 14.45 -60.11
C GLY B 138 14.43 15.03 -58.78
N LEU B 139 14.84 16.29 -58.80
CA LEU B 139 15.02 17.10 -57.60
C LEU B 139 13.76 17.28 -56.78
N GLY B 140 12.58 17.00 -57.35
CA GLY B 140 11.31 17.07 -56.66
C GLY B 140 10.95 15.88 -55.80
N ASN B 141 11.86 14.93 -55.59
CA ASN B 141 11.61 13.82 -54.68
C ASN B 141 11.54 14.32 -53.23
N PRO B 142 10.79 13.63 -52.37
CA PRO B 142 10.79 14.00 -50.94
C PRO B 142 12.15 13.77 -50.31
N LEU B 143 12.45 14.60 -49.31
CA LEU B 143 13.74 14.52 -48.65
C LEU B 143 13.75 13.55 -47.48
N LEU B 144 12.73 13.58 -46.63
CA LEU B 144 12.67 12.77 -45.43
C LEU B 144 11.67 11.63 -45.60
N TYR B 145 11.75 10.67 -44.68
CA TYR B 145 10.90 9.48 -44.69
C TYR B 145 9.72 9.69 -43.76
N ASP B 146 8.51 9.58 -44.30
CA ASP B 146 7.30 9.78 -43.51
C ASP B 146 6.40 8.55 -43.43
N GLY B 147 6.67 7.51 -44.19
CA GLY B 147 5.91 6.28 -44.10
C GLY B 147 4.81 6.10 -45.14
N VAL B 148 4.70 7.01 -46.10
CA VAL B 148 3.69 6.89 -47.15
C VAL B 148 4.02 5.70 -48.05
N GLU B 149 5.29 5.55 -48.41
CA GLU B 149 5.77 4.37 -49.11
C GLU B 149 6.55 3.50 -48.12
N ARG B 150 6.36 2.19 -48.21
CA ARG B 150 6.94 1.26 -47.27
C ARG B 150 8.35 0.87 -47.71
N VAL B 151 9.34 1.09 -46.84
CA VAL B 151 10.73 0.78 -47.13
C VAL B 151 11.19 -0.29 -46.16
N SER B 152 11.72 -1.38 -46.69
CA SER B 152 12.15 -2.52 -45.90
C SER B 152 13.67 -2.54 -45.77
N LEU B 153 14.17 -3.54 -45.03
CA LEU B 153 15.61 -3.62 -44.78
C LEU B 153 16.38 -4.05 -46.02
N GLN B 154 15.77 -4.84 -46.89
CA GLN B 154 16.41 -5.20 -48.14
C GLN B 154 16.45 -4.01 -49.11
N ASP B 155 15.53 -3.07 -48.97
CA ASP B 155 15.53 -1.88 -49.82
C ASP B 155 16.70 -0.96 -49.49
N ILE B 156 17.04 -0.86 -48.20
CA ILE B 156 18.16 -0.02 -47.80
C ILE B 156 19.48 -0.66 -48.21
N LYS B 157 19.54 -2.00 -48.20
CA LYS B 157 20.76 -2.69 -48.59
C LYS B 157 21.00 -2.63 -50.09
N ASP B 158 19.94 -2.57 -50.89
CA ASP B 158 20.12 -2.45 -52.33
C ASP B 158 20.44 -1.01 -52.75
N PHE B 159 20.03 -0.02 -51.95
CA PHE B 159 20.39 1.35 -52.27
C PHE B 159 21.85 1.62 -51.98
N ALA B 160 22.40 0.98 -50.94
CA ALA B 160 23.81 1.17 -50.60
C ALA B 160 24.72 0.46 -51.60
N ASP B 161 24.24 -0.61 -52.22
CA ASP B 161 24.99 -1.28 -53.27
C ASP B 161 25.07 -0.46 -54.54
N LYS B 162 24.15 0.48 -54.71
CA LYS B 162 24.05 1.29 -55.91
C LYS B 162 24.90 2.55 -55.87
N VAL B 163 25.08 3.15 -54.69
CA VAL B 163 25.73 4.45 -54.60
C VAL B 163 27.15 4.35 -54.07
N TYR B 164 27.46 3.32 -53.26
CA TYR B 164 28.78 3.20 -52.65
C TYR B 164 29.70 2.44 -53.60
N THR B 165 30.08 3.11 -54.69
CA THR B 165 30.97 2.55 -55.69
C THR B 165 32.12 3.52 -55.93
N LYS B 166 33.17 3.03 -56.59
CA LYS B 166 34.40 3.82 -56.70
C LYS B 166 34.26 4.97 -57.70
N GLU B 167 33.38 4.85 -58.68
CA GLU B 167 33.18 5.91 -59.65
C GLU B 167 32.20 6.97 -59.18
N ASN B 168 31.70 6.85 -57.95
CA ASN B 168 30.61 7.67 -57.47
C ASN B 168 30.98 8.53 -56.28
N LEU B 169 32.24 8.53 -55.84
CA LEU B 169 32.61 9.23 -54.62
C LEU B 169 33.86 10.07 -54.84
N GLU B 170 34.09 10.98 -53.89
CA GLU B 170 35.28 11.81 -53.84
C GLU B 170 35.78 11.87 -52.39
N VAL B 171 37.08 12.03 -52.23
CA VAL B 171 37.70 12.20 -50.92
C VAL B 171 38.40 13.55 -50.88
N SER B 172 38.08 14.36 -49.89
CA SER B 172 38.70 15.68 -49.76
C SER B 172 39.11 15.91 -48.31
N GLY B 173 40.17 16.68 -48.12
CA GLY B 173 40.68 16.95 -46.80
C GLY B 173 41.07 18.39 -46.56
N GLU B 174 40.75 18.90 -45.37
CA GLU B 174 41.20 20.19 -44.88
C GLU B 174 42.31 19.97 -43.87
N ASN B 175 43.41 20.74 -44.00
CA ASN B 175 44.60 20.66 -43.13
C ASN B 175 45.20 19.25 -43.14
N VAL B 176 45.49 18.75 -44.35
CA VAL B 176 45.93 17.38 -44.55
C VAL B 176 47.02 17.40 -45.63
N VAL B 177 48.13 16.71 -45.37
CA VAL B 177 49.16 16.54 -46.38
C VAL B 177 48.65 15.63 -47.48
N GLU B 178 48.76 16.08 -48.74
CA GLU B 178 48.12 15.36 -49.84
C GLU B 178 48.89 14.10 -50.22
N ALA B 179 50.21 14.10 -50.02
CA ALA B 179 51.00 12.92 -50.38
C ALA B 179 50.71 11.75 -49.45
N ASP B 180 50.44 12.05 -48.18
CA ASP B 180 50.12 11.00 -47.21
C ASP B 180 48.70 10.49 -47.38
N LEU B 181 47.79 11.35 -47.88
CA LEU B 181 46.39 10.96 -48.02
C LEU B 181 46.20 10.00 -49.19
N LYS B 182 46.95 10.20 -50.27
CA LYS B 182 46.83 9.30 -51.43
C LYS B 182 47.42 7.94 -51.12
N ARG B 183 48.40 7.88 -50.22
CA ARG B 183 49.01 6.60 -49.87
C ARG B 183 48.11 5.80 -48.94
N PHE B 184 47.42 6.46 -48.00
CA PHE B 184 46.58 5.74 -47.06
C PHE B 184 45.27 5.27 -47.70
N VAL B 185 44.79 5.99 -48.71
CA VAL B 185 43.56 5.59 -49.39
C VAL B 185 43.81 4.36 -50.24
N ASP B 186 44.96 4.31 -50.92
CA ASP B 186 45.28 3.19 -51.79
C ASP B 186 45.58 1.90 -51.04
N GLU B 187 45.89 1.98 -49.75
CA GLU B 187 46.15 0.79 -48.93
C GLU B 187 44.96 0.44 -48.05
N SER B 188 43.76 0.86 -48.42
CA SER B 188 42.59 0.73 -47.57
C SER B 188 41.52 -0.10 -48.28
N LEU B 189 40.40 -0.30 -47.58
CA LEU B 189 39.24 -0.96 -48.15
C LEU B 189 38.49 -0.08 -49.14
N LEU B 190 38.83 1.21 -49.23
CA LEU B 190 38.23 2.12 -50.19
C LEU B 190 38.68 1.82 -51.61
N SER B 191 39.77 1.09 -51.80
CA SER B 191 40.27 0.72 -53.11
C SER B 191 39.84 -0.67 -53.55
N THR B 192 39.13 -1.40 -52.69
CA THR B 192 38.56 -2.68 -53.05
C THR B 192 37.04 -2.63 -53.14
N LEU B 193 36.46 -1.44 -53.24
CA LEU B 193 35.05 -1.29 -53.53
C LEU B 193 34.78 -1.71 -54.98
N PRO B 194 33.56 -2.14 -55.29
CA PRO B 194 33.22 -2.40 -56.70
C PRO B 194 33.18 -1.12 -57.50
N ALA B 195 33.86 -1.12 -58.65
CA ALA B 195 33.91 0.05 -59.52
C ALA B 195 32.66 0.04 -60.40
N GLY B 196 31.63 0.77 -59.98
CA GLY B 196 30.41 0.81 -60.74
C GLY B 196 30.43 1.90 -61.79
N LYS B 197 29.47 2.82 -61.70
CA LYS B 197 29.44 3.97 -62.59
C LYS B 197 28.88 5.15 -61.82
N SER B 198 29.12 6.35 -62.34
CA SER B 198 28.61 7.56 -61.72
C SER B 198 27.16 7.81 -62.13
N LEU B 199 26.38 8.32 -61.19
CA LEU B 199 24.97 8.58 -61.42
C LEU B 199 24.70 9.98 -61.94
N VAL B 200 25.73 10.79 -62.13
CA VAL B 200 25.53 12.17 -62.59
C VAL B 200 25.26 12.16 -64.09
N SER B 201 24.17 12.82 -64.49
CA SER B 201 23.85 13.03 -65.89
C SER B 201 24.16 14.46 -66.28
N LYS B 202 24.73 14.65 -67.47
CA LYS B 202 25.18 15.96 -67.90
C LYS B 202 24.06 16.79 -68.54
N SER B 203 22.86 16.24 -68.68
CA SER B 203 21.76 16.98 -69.27
C SER B 203 21.12 17.92 -68.24
N GLU B 204 20.48 18.95 -68.74
CA GLU B 204 19.76 19.82 -67.82
C GLU B 204 18.35 19.30 -67.60
N PRO B 205 17.81 19.38 -66.39
CA PRO B 205 16.54 18.73 -66.09
C PRO B 205 15.35 19.44 -66.71
N LYS B 206 14.26 18.71 -66.84
CA LYS B 206 13.01 19.24 -67.35
C LYS B 206 12.28 19.95 -66.21
N PHE B 207 11.68 21.10 -66.52
CA PHE B 207 11.03 21.92 -65.52
C PHE B 207 9.66 22.35 -66.02
N PHE B 208 8.88 22.95 -65.12
CA PHE B 208 7.51 23.34 -65.38
C PHE B 208 7.27 24.72 -64.82
N LEU B 209 6.45 25.51 -65.52
CA LEU B 209 6.21 26.90 -65.15
C LEU B 209 4.72 27.17 -65.04
N GLY B 210 4.36 28.01 -64.08
CA GLY B 210 2.97 28.41 -63.90
C GLY B 210 2.12 27.51 -63.03
N GLU B 211 2.73 26.76 -62.12
CA GLU B 211 2.00 25.83 -61.27
C GLU B 211 1.65 26.46 -59.93
N GLU B 212 0.84 25.76 -59.15
CA GLU B 212 0.29 26.32 -57.92
C GLU B 212 -0.10 25.17 -56.99
N ASN B 213 -0.04 25.45 -55.68
CA ASN B 213 -0.46 24.49 -54.66
C ASN B 213 -0.81 25.25 -53.39
N ARG B 214 -1.74 24.68 -52.61
CA ARG B 214 -2.22 25.28 -51.38
C ARG B 214 -2.35 24.22 -50.29
N VAL B 215 -1.99 24.59 -49.06
CA VAL B 215 -1.96 23.66 -47.93
C VAL B 215 -2.49 24.38 -46.69
N ARG B 216 -3.47 23.77 -46.01
CA ARG B 216 -3.98 24.31 -44.75
C ARG B 216 -3.05 23.95 -43.59
N PHE B 217 -2.91 24.87 -42.64
CA PHE B 217 -1.92 24.72 -41.58
C PHE B 217 -2.31 25.62 -40.41
N ILE B 218 -2.09 25.12 -39.19
CA ILE B 218 -2.35 25.87 -37.97
C ILE B 218 -1.06 26.51 -37.50
N GLY B 219 -0.98 27.83 -37.58
CA GLY B 219 0.21 28.54 -37.18
C GLY B 219 0.42 29.83 -37.95
N ASP B 220 1.59 30.00 -38.55
CA ASP B 220 1.88 31.17 -39.36
C ASP B 220 1.49 30.95 -40.81
N SER B 221 1.46 32.02 -41.58
CA SER B 221 1.14 31.98 -42.99
C SER B 221 2.37 32.32 -43.81
N VAL B 222 2.60 31.54 -44.86
CA VAL B 222 3.77 31.69 -45.74
C VAL B 222 3.28 31.77 -47.17
N ALA B 223 3.80 32.74 -47.93
CA ALA B 223 3.61 32.81 -49.38
C ALA B 223 4.97 32.81 -50.05
N ALA B 224 5.14 31.95 -51.04
CA ALA B 224 6.45 31.71 -51.63
C ALA B 224 6.36 31.58 -53.14
N ILE B 225 7.40 32.07 -53.83
CA ILE B 225 7.50 31.92 -55.28
C ILE B 225 8.83 31.24 -55.61
N GLY B 226 8.90 30.65 -56.80
CA GLY B 226 10.08 29.90 -57.21
C GLY B 226 10.33 29.87 -58.70
N ILE B 227 11.57 30.14 -59.11
CA ILE B 227 11.93 30.21 -60.52
C ILE B 227 13.05 29.22 -60.83
N PRO B 228 12.92 28.40 -61.87
CA PRO B 228 14.05 27.54 -62.28
C PRO B 228 15.07 28.28 -63.12
N VAL B 229 16.35 28.01 -62.86
CA VAL B 229 17.46 28.71 -63.49
C VAL B 229 18.32 27.69 -64.23
N ASN B 230 18.81 28.08 -65.40
CA ASN B 230 19.76 27.26 -66.15
C ASN B 230 21.19 27.70 -65.84
N LYS B 231 22.17 27.04 -66.46
CA LYS B 231 23.57 27.25 -66.11
C LYS B 231 24.13 28.56 -66.61
N ALA B 232 23.57 29.13 -67.68
CA ALA B 232 24.06 30.38 -68.24
C ALA B 232 23.40 31.60 -67.61
N SER B 233 22.66 31.41 -66.53
CA SER B 233 22.01 32.51 -65.84
C SER B 233 22.22 32.50 -64.34
N LEU B 234 23.16 31.71 -63.82
CA LEU B 234 23.33 31.58 -62.38
C LEU B 234 23.94 32.84 -61.77
N ALA B 235 24.70 33.60 -62.56
CA ALA B 235 25.34 34.81 -62.04
C ALA B 235 24.32 35.92 -61.83
N GLN B 236 23.32 36.01 -62.71
CA GLN B 236 22.32 37.05 -62.60
C GLN B 236 21.40 36.82 -61.42
N TYR B 237 21.04 35.57 -61.15
CA TYR B 237 20.12 35.29 -60.05
C TYR B 237 20.84 35.26 -58.70
N GLU B 238 22.17 35.19 -58.71
CA GLU B 238 22.92 35.28 -57.46
C GLU B 238 23.00 36.73 -57.00
N VAL B 239 23.10 37.67 -57.93
CA VAL B 239 23.10 39.09 -57.59
C VAL B 239 21.73 39.52 -57.07
N LEU B 240 20.66 38.97 -57.65
CA LEU B 240 19.31 39.35 -57.26
C LEU B 240 18.97 38.87 -55.86
N ALA B 241 19.47 37.70 -55.47
CA ALA B 241 19.19 37.18 -54.14
C ALA B 241 19.90 37.97 -53.05
N ASN B 242 21.09 38.49 -53.36
CA ASN B 242 21.80 39.32 -52.39
C ASN B 242 21.28 40.74 -52.38
N TYR B 243 20.78 41.23 -53.51
CA TYR B 243 20.22 42.58 -53.58
C TYR B 243 18.92 42.69 -52.79
N LEU B 244 18.09 41.65 -52.81
CA LEU B 244 16.77 41.73 -52.20
C LEU B 244 16.80 41.64 -50.69
N THR B 245 17.90 41.18 -50.09
CA THR B 245 18.02 41.06 -48.65
C THR B 245 18.99 42.07 -48.05
N SER B 246 19.61 42.92 -48.86
CA SER B 246 20.52 43.94 -48.37
C SER B 246 19.78 45.25 -48.17
N ALA B 247 20.51 46.25 -47.67
CA ALA B 247 19.93 47.57 -47.43
C ALA B 247 19.84 48.42 -48.69
N LEU B 248 20.25 47.90 -49.84
CA LEU B 248 20.13 48.63 -51.10
C LEU B 248 18.72 48.58 -51.68
N SER B 249 17.89 47.67 -51.21
CA SER B 249 16.55 47.47 -51.74
C SER B 249 15.51 47.99 -50.75
N GLU B 250 14.44 48.58 -51.28
CA GLU B 250 13.33 49.04 -50.45
C GLU B 250 12.35 47.92 -50.13
N LEU B 251 12.47 46.78 -50.79
CA LEU B 251 11.63 45.62 -50.53
C LEU B 251 12.21 44.71 -49.46
N SER B 252 13.29 45.13 -48.79
CA SER B 252 14.00 44.24 -47.88
C SER B 252 13.26 44.05 -46.56
N GLY B 253 12.41 45.01 -46.17
CA GLY B 253 11.65 44.87 -44.95
C GLY B 253 10.45 43.95 -45.06
N LEU B 254 9.99 43.68 -46.28
CA LEU B 254 8.84 42.81 -46.50
C LEU B 254 9.23 41.36 -46.72
N ILE B 255 10.43 41.11 -47.21
CA ILE B 255 10.89 39.76 -47.55
C ILE B 255 11.45 39.08 -46.31
N SER B 256 10.99 37.86 -46.06
CA SER B 256 11.53 37.09 -44.95
C SER B 256 12.92 36.53 -45.27
N SER B 257 13.08 35.90 -46.43
CA SER B 257 14.35 35.33 -46.87
C SER B 257 14.29 35.08 -48.36
N ALA B 258 15.47 34.99 -48.98
CA ALA B 258 15.60 34.74 -50.41
C ALA B 258 16.99 34.15 -50.66
N LYS B 259 17.06 33.13 -51.50
CA LYS B 259 18.31 32.45 -51.76
C LYS B 259 18.26 31.79 -53.13
N LEU B 260 19.39 31.18 -53.52
CA LEU B 260 19.51 30.43 -54.77
C LEU B 260 20.27 29.15 -54.48
N ASP B 261 19.63 28.02 -54.71
CA ASP B 261 20.26 26.72 -54.49
C ASP B 261 20.93 26.27 -55.78
N LYS B 262 22.22 25.97 -55.71
CA LYS B 262 23.03 25.72 -56.90
C LYS B 262 23.34 24.24 -57.04
N PHE B 263 23.25 23.76 -58.28
CA PHE B 263 23.66 22.41 -58.64
C PHE B 263 24.56 22.51 -59.87
N THR B 264 25.07 21.36 -60.32
CA THR B 264 25.97 21.35 -61.46
C THR B 264 25.24 21.42 -62.79
N ASP B 265 23.93 21.58 -62.79
CA ASP B 265 23.14 21.57 -64.05
C ASP B 265 22.12 22.71 -64.05
N GLY B 266 22.07 23.54 -63.02
CA GLY B 266 21.06 24.58 -62.94
C GLY B 266 20.84 24.99 -61.51
N GLY B 267 19.68 25.59 -61.24
CA GLY B 267 19.39 26.03 -59.90
C GLY B 267 17.93 26.40 -59.73
N LEU B 268 17.58 26.72 -58.49
CA LEU B 268 16.24 27.16 -58.13
C LEU B 268 16.32 28.39 -57.25
N PHE B 269 15.71 29.49 -57.70
CA PHE B 269 15.60 30.70 -56.91
C PHE B 269 14.32 30.65 -56.08
N THR B 270 14.41 31.00 -54.80
CA THR B 270 13.26 30.99 -53.91
C THR B 270 13.16 32.31 -53.16
N LEU B 271 11.94 32.62 -52.71
CA LEU B 271 11.64 33.84 -51.98
C LEU B 271 10.47 33.56 -51.05
N PHE B 272 10.51 34.08 -49.82
CA PHE B 272 9.53 33.74 -48.80
C PHE B 272 9.03 34.99 -48.08
N VAL B 273 7.74 35.00 -47.77
CA VAL B 273 7.10 36.05 -46.97
C VAL B 273 6.34 35.35 -45.85
N ARG B 274 6.60 35.76 -44.60
CA ARG B 274 6.06 35.06 -43.44
C ARG B 274 5.63 36.05 -42.38
N ASP B 275 4.44 35.82 -41.80
CA ASP B 275 3.89 36.64 -40.73
C ASP B 275 2.79 35.83 -40.07
N GLN B 276 2.36 36.27 -38.88
CA GLN B 276 1.25 35.61 -38.20
C GLN B 276 -0.10 36.05 -38.72
N ASP B 277 -0.17 37.23 -39.35
CA ASP B 277 -1.41 37.78 -39.87
C ASP B 277 -1.45 37.61 -41.38
N SER B 278 -2.52 36.99 -41.88
CA SER B 278 -2.61 36.71 -43.30
C SER B 278 -2.98 37.93 -44.13
N ALA B 279 -3.42 39.03 -43.49
CA ALA B 279 -3.65 40.26 -44.22
C ALA B 279 -2.35 41.01 -44.45
N VAL B 280 -1.34 40.73 -43.65
CA VAL B 280 -0.01 41.31 -43.85
C VAL B 280 0.74 40.53 -44.93
N VAL B 281 0.55 39.22 -44.97
CA VAL B 281 1.21 38.37 -45.97
C VAL B 281 0.65 38.67 -47.36
N SER B 282 -0.64 38.94 -47.46
CA SER B 282 -1.27 39.12 -48.76
C SER B 282 -0.93 40.48 -49.37
N SER B 283 -0.80 41.51 -48.54
CA SER B 283 -0.46 42.83 -49.08
C SER B 283 1.03 42.95 -49.35
N ASN B 284 1.83 42.10 -48.73
CA ASN B 284 3.28 42.14 -48.96
C ASN B 284 3.65 41.43 -50.26
N ILE B 285 3.09 40.24 -50.49
CA ILE B 285 3.46 39.46 -51.67
C ILE B 285 2.90 40.08 -52.94
N LYS B 286 1.88 40.93 -52.83
CA LYS B 286 1.37 41.63 -54.01
C LYS B 286 2.30 42.77 -54.40
N LYS B 287 3.02 43.33 -53.43
CA LYS B 287 3.91 44.45 -53.72
C LYS B 287 5.25 43.96 -54.26
N ILE B 288 5.69 42.78 -53.83
CA ILE B 288 6.95 42.21 -54.31
C ILE B 288 6.84 41.86 -55.80
N VAL B 289 5.73 41.21 -56.17
CA VAL B 289 5.55 40.73 -57.54
C VAL B 289 5.32 41.90 -58.50
N ALA B 290 4.60 42.93 -58.06
CA ALA B 290 4.31 44.06 -58.94
C ALA B 290 5.56 44.90 -59.19
N ASP B 291 6.50 44.93 -58.25
CA ASP B 291 7.72 45.70 -58.43
C ASP B 291 8.75 44.95 -59.26
N LEU B 292 8.82 43.63 -59.15
CA LEU B 292 9.77 42.86 -59.95
C LEU B 292 9.35 42.75 -61.41
N LYS B 293 8.08 42.99 -61.71
CA LYS B 293 7.58 42.88 -63.08
C LYS B 293 7.82 44.13 -63.91
N LYS B 294 8.24 45.23 -63.31
CA LYS B 294 8.57 46.42 -64.08
C LYS B 294 10.07 46.68 -64.18
N GLY B 295 10.90 45.86 -63.56
CA GLY B 295 12.32 45.92 -63.80
C GLY B 295 13.10 46.47 -62.61
N LYS B 296 14.33 46.00 -62.47
CA LYS B 296 15.24 46.46 -61.43
C LYS B 296 16.65 46.55 -62.01
N ASP B 297 17.43 47.50 -61.51
CA ASP B 297 18.83 47.65 -61.89
C ASP B 297 19.70 46.97 -60.83
N LEU B 298 20.51 46.01 -61.25
CA LEU B 298 21.26 45.17 -60.33
C LEU B 298 22.72 45.55 -60.21
N SER B 299 23.22 46.44 -61.07
CA SER B 299 24.64 46.80 -61.05
C SER B 299 25.18 47.50 -59.79
N PRO B 300 24.40 48.21 -58.96
CA PRO B 300 24.96 48.65 -57.67
C PRO B 300 25.25 47.54 -56.67
N ALA B 301 24.87 46.28 -56.91
CA ALA B 301 25.07 45.22 -55.94
C ALA B 301 26.08 44.17 -56.41
N ILE B 302 26.96 44.52 -57.35
CA ILE B 302 27.91 43.53 -57.86
C ILE B 302 29.05 43.31 -56.87
N ASN B 303 29.61 44.39 -56.33
CA ASN B 303 30.74 44.28 -55.41
C ASN B 303 30.31 43.70 -54.06
N TYR B 304 29.05 43.93 -53.67
CA TYR B 304 28.54 43.34 -52.44
C TYR B 304 28.31 41.84 -52.60
N THR B 305 28.04 41.40 -53.83
CA THR B 305 27.82 39.98 -54.09
C THR B 305 29.13 39.22 -54.10
N LYS B 306 30.23 39.88 -54.51
CA LYS B 306 31.53 39.22 -54.55
C LYS B 306 32.06 38.93 -53.16
N LEU B 307 31.74 39.80 -52.20
CA LEU B 307 32.14 39.55 -50.82
C LEU B 307 31.30 38.44 -50.19
N LYS B 308 29.99 38.43 -50.47
CA LYS B 308 29.11 37.43 -49.89
C LYS B 308 29.35 36.06 -50.52
N ASN B 309 29.83 36.03 -51.76
CA ASN B 309 30.15 34.77 -52.40
C ASN B 309 31.42 34.17 -51.83
N ALA B 310 32.42 35.01 -51.54
CA ALA B 310 33.69 34.51 -51.01
C ALA B 310 33.56 34.06 -49.56
N VAL B 311 32.60 34.60 -48.82
CA VAL B 311 32.40 34.17 -47.45
C VAL B 311 31.77 32.79 -47.40
N GLN B 312 30.73 32.56 -48.21
CA GLN B 312 30.07 31.26 -48.20
C GLN B 312 30.89 30.19 -48.91
N ASN B 313 31.90 30.57 -49.69
CA ASN B 313 32.69 29.59 -50.41
C ASN B 313 33.93 29.13 -49.64
N GLU B 314 33.97 29.34 -48.33
CA GLU B 314 35.10 28.86 -47.55
C GLU B 314 34.91 27.43 -47.08
N SER B 315 33.71 26.86 -47.23
CA SER B 315 33.49 25.42 -47.02
C SER B 315 32.70 24.90 -48.23
N VAL B 316 33.40 24.66 -49.32
CA VAL B 316 32.79 24.17 -50.57
C VAL B 316 33.92 23.67 -51.46
N SER B 317 33.58 22.86 -52.46
CA SER B 317 34.53 22.47 -53.49
C SER B 317 34.57 23.43 -54.67
N SER B 318 34.13 24.68 -54.48
CA SER B 318 34.23 25.84 -55.38
C SER B 318 33.60 25.68 -56.76
N PRO B 319 32.26 25.69 -56.88
CA PRO B 319 31.67 25.89 -58.21
C PRO B 319 31.70 27.35 -58.61
N ILE B 320 32.60 27.72 -59.53
CA ILE B 320 32.84 29.12 -59.85
C ILE B 320 31.75 29.66 -60.76
N GLU B 321 30.79 30.38 -60.16
CA GLU B 321 29.71 31.03 -60.88
C GLU B 321 30.02 32.51 -61.08
N LEU B 322 31.30 32.81 -61.17
CA LEU B 322 31.77 34.19 -61.20
C LEU B 322 31.61 34.77 -62.61
N ASN B 323 32.32 35.87 -62.86
CA ASN B 323 32.02 36.87 -63.88
C ASN B 323 30.62 37.42 -63.64
N PHE B 324 30.49 38.11 -62.50
CA PHE B 324 29.33 38.94 -62.19
C PHE B 324 29.34 40.27 -62.94
N ASP B 325 30.36 40.53 -63.76
CA ASP B 325 30.55 41.84 -64.35
C ASP B 325 29.60 42.13 -65.50
N ALA B 326 28.98 41.11 -66.08
CA ALA B 326 28.02 41.30 -67.16
C ALA B 326 26.57 41.22 -66.69
N VAL B 327 26.29 41.65 -65.47
CA VAL B 327 24.94 41.61 -64.92
C VAL B 327 24.43 43.03 -64.77
N LYS B 328 23.37 43.37 -65.52
CA LYS B 328 22.80 44.71 -65.42
C LYS B 328 21.34 44.72 -64.99
N ASP B 329 20.47 43.99 -65.68
CA ASP B 329 19.03 44.16 -65.54
C ASP B 329 18.35 42.86 -65.13
N PHE B 330 17.09 42.99 -64.73
CA PHE B 330 16.24 41.85 -64.42
C PHE B 330 14.79 42.23 -64.60
N LYS B 331 13.99 41.31 -65.14
CA LYS B 331 12.55 41.50 -65.25
C LYS B 331 11.88 40.15 -65.03
N LEU B 332 10.85 40.14 -64.18
CA LEU B 332 10.19 38.91 -63.78
C LEU B 332 9.27 38.40 -64.89
N GLY B 333 9.39 37.11 -65.20
CA GLY B 333 8.53 36.48 -66.18
C GLY B 333 7.50 35.55 -65.57
N LYS B 334 7.63 34.25 -65.82
CA LYS B 334 6.73 33.25 -65.25
C LYS B 334 7.39 32.56 -64.07
N PHE B 335 6.55 32.04 -63.17
CA PHE B 335 7.01 31.52 -61.89
C PHE B 335 5.96 30.58 -61.33
N ASN B 336 6.35 29.83 -60.30
CA ASN B 336 5.46 28.97 -59.54
C ASN B 336 5.16 29.62 -58.19
N TYR B 337 4.11 29.14 -57.53
CA TYR B 337 3.59 29.83 -56.35
C TYR B 337 2.99 28.81 -55.39
N VAL B 338 3.23 28.99 -54.09
CA VAL B 338 2.75 28.08 -53.05
C VAL B 338 2.27 28.91 -51.86
N ALA B 339 1.08 28.61 -51.35
CA ALA B 339 0.54 29.25 -50.16
C ALA B 339 0.32 28.21 -49.07
N VAL B 340 0.80 28.49 -47.86
CA VAL B 340 0.70 27.58 -46.72
C VAL B 340 0.15 28.35 -45.53
N GLY B 341 -0.94 27.86 -44.95
CA GLY B 341 -1.48 28.44 -43.73
C GLY B 341 -2.97 28.71 -43.77
N ASP B 342 -3.36 29.96 -43.53
CA ASP B 342 -4.76 30.38 -43.60
C ASP B 342 -5.10 30.71 -45.05
N VAL B 343 -5.33 29.65 -45.84
CA VAL B 343 -5.37 29.77 -47.28
C VAL B 343 -6.65 30.39 -47.82
N SER B 344 -7.65 30.62 -46.98
CA SER B 344 -8.84 31.32 -47.42
C SER B 344 -8.63 32.82 -47.54
N ASN B 345 -7.59 33.36 -46.90
CA ASN B 345 -7.32 34.79 -46.91
C ASN B 345 -6.00 35.11 -47.60
N LEU B 346 -5.47 34.17 -48.38
CA LEU B 346 -4.25 34.35 -49.15
C LEU B 346 -4.58 34.36 -50.64
N PRO B 347 -3.88 35.16 -51.44
CA PRO B 347 -4.28 35.33 -52.84
C PRO B 347 -3.96 34.13 -53.71
N TYR B 348 -4.48 34.18 -54.94
CA TYR B 348 -4.29 33.15 -55.94
C TYR B 348 -3.29 33.64 -56.98
N LEU B 349 -2.90 32.72 -57.89
CA LEU B 349 -1.84 33.02 -58.83
C LEU B 349 -2.27 34.05 -59.89
N ASP B 350 -3.53 34.02 -60.30
CA ASP B 350 -4.02 34.97 -61.29
C ASP B 350 -4.39 36.32 -60.70
N GLU B 351 -4.29 36.48 -59.38
CA GLU B 351 -4.44 37.79 -58.75
C GLU B 351 -3.11 38.49 -58.55
N LEU B 352 -1.99 37.79 -58.70
CA LEU B 352 -0.67 38.38 -58.59
C LEU B 352 -0.25 38.94 -59.94
N MET C 1 15.64 5.36 -10.50
CA MET C 1 15.25 6.10 -9.30
C MET C 1 16.11 5.71 -8.10
N ALA C 2 15.91 6.42 -7.00
CA ALA C 2 16.66 6.15 -5.78
C ALA C 2 16.21 4.84 -5.14
N PHE C 3 17.09 4.27 -4.31
CA PHE C 3 16.82 2.98 -3.69
C PHE C 3 15.71 3.09 -2.65
N ARG C 4 15.56 4.25 -2.02
CA ARG C 4 14.47 4.46 -1.06
C ARG C 4 13.10 4.56 -1.73
N LYS C 5 13.04 4.69 -3.05
CA LYS C 5 11.78 4.72 -3.77
C LYS C 5 11.44 3.41 -4.46
N SER C 6 12.40 2.54 -4.70
CA SER C 6 12.16 1.31 -5.44
C SER C 6 12.06 0.08 -4.56
N ASN C 7 12.67 0.09 -3.38
CA ASN C 7 12.56 -1.03 -2.45
C ASN C 7 11.15 -1.08 -1.87
N VAL C 8 10.67 -2.30 -1.62
CA VAL C 8 9.28 -2.49 -1.20
C VAL C 8 9.05 -1.99 0.22
N TYR C 9 10.04 -2.15 1.10
CA TYR C 9 9.88 -1.74 2.49
C TYR C 9 10.31 -0.30 2.72
N LEU C 10 11.32 0.17 2.00
CA LEU C 10 11.78 1.54 2.16
C LEU C 10 10.85 2.55 1.49
N SER C 11 10.00 2.10 0.55
CA SER C 11 9.05 3.02 -0.08
C SER C 11 7.96 3.44 0.88
N LEU C 12 7.60 2.59 1.83
CA LEU C 12 6.61 2.95 2.84
C LEU C 12 7.18 3.98 3.80
N VAL C 13 8.47 3.89 4.11
CA VAL C 13 9.10 4.88 4.97
C VAL C 13 9.27 6.20 4.23
N ASN C 14 9.61 6.14 2.94
CA ASN C 14 9.83 7.35 2.14
C ASN C 14 8.52 8.10 1.91
N SER C 15 7.42 7.37 1.73
CA SER C 15 6.15 8.00 1.41
C SER C 15 5.44 8.55 2.63
N TYR C 16 5.93 8.27 3.84
CA TYR C 16 5.27 8.72 5.05
C TYR C 16 6.06 9.74 5.86
N ILE C 17 7.38 9.59 6.00
CA ILE C 17 8.15 10.47 6.87
C ILE C 17 9.30 11.18 6.15
N ILE C 18 9.44 11.02 4.83
CA ILE C 18 10.54 11.69 4.15
C ILE C 18 10.02 12.62 3.07
N ASP C 19 9.27 12.10 2.11
CA ASP C 19 8.84 12.85 0.95
C ASP C 19 7.38 13.28 1.02
N SER C 20 6.75 13.15 2.16
CA SER C 20 5.32 13.43 2.31
C SER C 20 5.05 14.93 2.19
N PRO C 21 4.17 15.36 1.28
CA PRO C 21 3.92 16.80 1.09
C PRO C 21 3.04 17.35 2.20
N GLN C 22 3.54 18.38 2.88
CA GLN C 22 2.86 18.97 4.02
C GLN C 22 2.47 20.41 3.72
N PRO C 23 1.37 20.91 4.29
CA PRO C 23 1.05 22.33 4.13
C PRO C 23 2.06 23.20 4.86
N SER C 24 2.35 24.36 4.27
CA SER C 24 3.45 25.19 4.74
C SER C 24 3.14 25.88 6.06
N SER C 25 1.87 26.10 6.37
CA SER C 25 1.48 27.02 7.43
C SER C 25 0.93 26.33 8.67
N ILE C 26 1.17 25.03 8.85
CA ILE C 26 0.68 24.35 10.05
C ILE C 26 1.54 24.75 11.25
N ASN C 27 0.90 24.90 12.41
CA ASN C 27 1.57 25.38 13.60
C ASN C 27 1.89 24.22 14.55
N TYR C 28 2.27 24.55 15.79
CA TYR C 28 2.71 23.56 16.76
C TYR C 28 1.58 22.69 17.31
N TRP C 29 0.32 23.00 17.02
CA TRP C 29 -0.77 22.11 17.39
C TRP C 29 -0.79 20.85 16.55
N TRP C 30 -0.13 20.85 15.39
CA TRP C 30 -0.04 19.70 14.52
C TRP C 30 1.10 18.77 14.90
N ASN C 31 1.69 18.97 16.06
CA ASN C 31 2.80 18.14 16.54
C ASN C 31 2.31 17.15 17.62
N MET C 32 1.02 17.11 17.94
CA MET C 32 0.53 16.25 19.01
C MET C 32 0.37 14.81 18.58
N GLY C 33 0.17 14.56 17.28
CA GLY C 33 0.05 13.19 16.83
C GLY C 33 1.37 12.45 16.82
N SER C 34 2.47 13.18 16.68
CA SER C 34 3.79 12.58 16.76
C SER C 34 4.15 12.24 18.21
N LEU C 35 3.66 13.04 19.17
CA LEU C 35 3.92 12.75 20.57
C LEU C 35 3.12 11.56 21.07
N LEU C 36 1.98 11.27 20.44
CA LEU C 36 1.16 10.14 20.86
C LEU C 36 1.79 8.82 20.44
N GLY C 37 2.56 8.82 19.36
CA GLY C 37 3.26 7.61 18.97
C GLY C 37 4.46 7.33 19.86
N LEU C 38 5.05 8.37 20.42
CA LEU C 38 6.13 8.19 21.37
C LEU C 38 5.60 7.70 22.72
N CYS C 39 4.40 8.16 23.10
CA CYS C 39 3.78 7.73 24.35
C CYS C 39 3.43 6.25 24.33
N LEU C 40 3.01 5.75 23.18
CA LEU C 40 2.61 4.35 23.07
C LEU C 40 3.83 3.43 23.11
N VAL C 41 4.98 3.92 22.65
CA VAL C 41 6.20 3.12 22.69
C VAL C 41 6.74 3.03 24.11
N ILE C 42 6.64 4.12 24.86
CA ILE C 42 7.12 4.15 26.26
C ILE C 42 6.28 3.21 27.13
N GLN C 43 4.97 3.15 26.87
CA GLN C 43 4.09 2.32 27.68
C GLN C 43 4.30 0.84 27.39
N ILE C 44 4.59 0.48 26.14
CA ILE C 44 4.76 -0.92 25.81
C ILE C 44 6.12 -1.44 26.30
N VAL C 45 7.15 -0.60 26.23
CA VAL C 45 8.49 -1.03 26.60
C VAL C 45 8.65 -1.12 28.12
N THR C 46 8.13 -0.12 28.84
CA THR C 46 8.24 -0.15 30.30
C THR C 46 7.33 -1.20 30.92
N GLY C 47 6.29 -1.60 30.21
CA GLY C 47 5.36 -2.58 30.75
C GLY C 47 5.84 -4.01 30.56
N ILE C 48 6.59 -4.27 29.49
CA ILE C 48 7.12 -5.61 29.24
C ILE C 48 8.24 -5.93 30.22
N PHE C 49 9.07 -4.95 30.54
CA PHE C 49 10.16 -5.15 31.49
C PHE C 49 9.65 -5.27 32.91
N MET C 50 8.51 -4.66 33.23
CA MET C 50 7.92 -4.83 34.56
C MET C 50 7.17 -6.15 34.67
N ALA C 51 6.69 -6.70 33.56
CA ALA C 51 5.93 -7.95 33.57
C ALA C 51 6.78 -9.17 33.83
N MET C 52 8.11 -9.05 33.79
CA MET C 52 9.00 -10.15 34.14
C MET C 52 9.12 -10.37 35.64
N HIS C 53 8.58 -9.45 36.46
CA HIS C 53 8.69 -9.54 37.90
C HIS C 53 7.32 -9.51 38.60
N TYR C 54 6.23 -9.61 37.86
CA TYR C 54 4.89 -9.40 38.40
C TYR C 54 4.16 -10.72 38.58
N SER C 55 3.40 -10.84 39.67
CA SER C 55 2.55 -11.99 39.96
C SER C 55 1.12 -11.51 40.10
N SER C 56 0.19 -12.19 39.43
CA SER C 56 -1.18 -11.70 39.33
C SER C 56 -2.16 -12.43 40.25
N ASN C 57 -1.69 -13.23 41.19
CA ASN C 57 -2.58 -13.84 42.17
C ASN C 57 -3.09 -12.80 43.16
N ILE C 58 -4.21 -13.13 43.81
CA ILE C 58 -4.89 -12.15 44.67
C ILE C 58 -4.10 -11.92 45.96
N GLU C 59 -3.30 -12.87 46.40
CA GLU C 59 -2.47 -12.66 47.58
C GLU C 59 -1.02 -12.36 47.25
N LEU C 60 -0.69 -12.21 45.97
CA LEU C 60 0.68 -11.89 45.57
C LEU C 60 0.79 -10.62 44.74
N ALA C 61 -0.32 -9.99 44.38
CA ALA C 61 -0.28 -8.89 43.43
C ALA C 61 0.27 -7.60 44.04
N PHE C 62 -0.19 -7.25 45.24
CA PHE C 62 0.26 -6.02 45.89
C PHE C 62 1.72 -6.11 46.31
N SER C 63 2.17 -7.30 46.75
CA SER C 63 3.53 -7.44 47.24
C SER C 63 4.54 -7.56 46.11
N SER C 64 4.11 -7.90 44.89
CA SER C 64 5.04 -7.96 43.78
C SER C 64 5.29 -6.59 43.18
N VAL C 65 4.36 -5.65 43.34
CA VAL C 65 4.62 -4.27 42.96
C VAL C 65 5.57 -3.62 43.97
N GLU C 66 5.47 -4.01 45.24
CA GLU C 66 6.43 -3.54 46.24
C GLU C 66 7.80 -4.19 46.03
N HIS C 67 7.83 -5.38 45.44
CA HIS C 67 9.10 -6.04 45.15
C HIS C 67 9.82 -5.36 44.00
N ILE C 68 9.07 -4.81 43.05
CA ILE C 68 9.64 -4.06 41.94
C ILE C 68 10.25 -2.75 42.44
N MET C 69 9.59 -2.11 43.40
CA MET C 69 10.03 -0.81 43.88
C MET C 69 11.27 -0.90 44.78
N ARG C 70 11.51 -2.07 45.38
CA ARG C 70 12.58 -2.21 46.37
C ARG C 70 13.74 -3.07 45.92
N ASP C 71 13.48 -4.18 45.21
CA ASP C 71 14.52 -5.18 44.94
C ASP C 71 15.08 -5.12 43.52
N VAL C 72 14.24 -4.78 42.54
CA VAL C 72 14.69 -4.73 41.15
C VAL C 72 15.57 -3.50 40.96
N HIS C 73 16.70 -3.68 40.28
CA HIS C 73 17.60 -2.57 39.99
C HIS C 73 16.94 -1.62 39.01
N ASN C 74 16.88 -0.33 39.40
CA ASN C 74 16.16 0.74 38.70
C ASN C 74 14.67 0.40 38.52
N GLY C 75 14.09 -0.34 39.47
CA GLY C 75 12.70 -0.72 39.35
C GLY C 75 11.74 0.39 39.70
N TYR C 76 12.16 1.33 40.55
CA TYR C 76 11.35 2.50 40.82
C TYR C 76 11.28 3.44 39.62
N ILE C 77 12.30 3.40 38.76
CA ILE C 77 12.27 4.20 37.52
C ILE C 77 11.26 3.60 36.55
N LEU C 78 11.18 2.26 36.50
CA LEU C 78 10.25 1.59 35.59
C LEU C 78 8.79 1.88 35.95
N ARG C 79 8.48 1.89 37.25
CA ARG C 79 7.10 2.07 37.68
C ARG C 79 6.66 3.52 37.56
N TYR C 80 7.50 4.45 38.00
CA TYR C 80 7.13 5.86 37.99
C TYR C 80 7.02 6.40 36.57
N LEU C 81 7.83 5.88 35.65
CA LEU C 81 7.71 6.25 34.25
C LEU C 81 6.43 5.67 33.65
N HIS C 82 5.99 4.53 34.18
CA HIS C 82 4.80 3.88 33.66
C HIS C 82 3.53 4.51 34.22
N ALA C 83 3.53 4.86 35.50
CA ALA C 83 2.34 5.44 36.13
C ALA C 83 2.14 6.90 35.74
N ASN C 84 3.21 7.67 35.61
CA ASN C 84 3.10 9.05 35.17
C ASN C 84 3.00 9.17 33.67
N GLY C 85 3.52 8.19 32.93
CA GLY C 85 3.39 8.18 31.49
C GLY C 85 1.98 7.94 31.00
N ALA C 86 1.13 7.35 31.83
CA ALA C 86 -0.28 7.16 31.46
C ALA C 86 -1.06 8.46 31.59
N SER C 87 -0.69 9.33 32.53
CA SER C 87 -1.35 10.62 32.64
C SER C 87 -0.90 11.56 31.53
N PHE C 88 0.33 11.41 31.06
CA PHE C 88 0.82 12.22 29.95
C PHE C 88 0.25 11.75 28.62
N PHE C 89 -0.14 10.47 28.54
CA PHE C 89 -0.77 9.94 27.34
C PHE C 89 -2.18 10.49 27.18
N PHE C 90 -2.86 10.76 28.29
CA PHE C 90 -4.24 11.25 28.21
C PHE C 90 -4.28 12.76 28.04
N MET C 91 -3.25 13.47 28.49
CA MET C 91 -3.24 14.92 28.36
C MET C 91 -2.97 15.34 26.92
N VAL C 92 -2.09 14.61 26.23
CA VAL C 92 -1.80 14.90 24.83
C VAL C 92 -2.95 14.45 23.94
N MET C 93 -3.68 13.41 24.34
CA MET C 93 -4.82 12.96 23.54
C MET C 93 -6.00 13.92 23.66
N PHE C 94 -6.17 14.57 24.81
CA PHE C 94 -7.21 15.59 24.95
C PHE C 94 -6.89 16.82 24.10
N MET C 95 -5.61 17.16 23.99
CA MET C 95 -5.21 18.31 23.18
C MET C 95 -5.27 17.98 21.70
N HIS C 96 -5.08 16.71 21.35
CA HIS C 96 -5.16 16.29 19.95
C HIS C 96 -6.59 16.29 19.45
N MET C 97 -7.53 15.90 20.32
CA MET C 97 -8.94 15.88 19.93
C MET C 97 -9.52 17.29 19.90
N ALA C 98 -9.04 18.19 20.75
CA ALA C 98 -9.56 19.54 20.78
C ALA C 98 -9.03 20.38 19.62
N LYS C 99 -7.88 20.00 19.05
CA LYS C 99 -7.40 20.63 17.83
C LYS C 99 -8.31 20.31 16.66
N GLY C 100 -8.84 19.09 16.61
CA GLY C 100 -9.74 18.73 15.53
C GLY C 100 -11.11 19.36 15.67
N LEU C 101 -11.51 19.68 16.89
CA LEU C 101 -12.77 20.39 17.10
C LEU C 101 -12.67 21.84 16.63
N TYR C 102 -11.53 22.47 16.89
CA TYR C 102 -11.37 23.89 16.60
C TYR C 102 -11.18 24.13 15.10
N TYR C 103 -10.45 23.27 14.41
CA TYR C 103 -10.08 23.51 13.03
C TYR C 103 -10.96 22.76 12.04
N GLY C 104 -12.00 22.07 12.50
CA GLY C 104 -12.91 21.39 11.61
C GLY C 104 -12.34 20.17 10.93
N SER C 105 -11.46 19.43 11.62
CA SER C 105 -10.80 18.29 11.02
C SER C 105 -11.71 17.08 10.84
N TYR C 106 -12.86 17.07 11.51
CA TYR C 106 -13.82 15.98 11.39
C TYR C 106 -14.59 16.01 10.08
N ARG C 107 -14.58 17.14 9.37
CA ARG C 107 -15.42 17.34 8.21
C ARG C 107 -14.96 16.51 7.03
N SER C 108 -15.85 16.40 6.04
CA SER C 108 -15.55 15.69 4.81
C SER C 108 -14.44 16.42 4.05
N PRO C 109 -13.48 15.69 3.47
CA PRO C 109 -13.37 14.24 3.24
C PRO C 109 -12.67 13.41 4.30
N ARG C 110 -12.62 13.87 5.55
CA ARG C 110 -11.86 13.20 6.60
C ARG C 110 -12.77 12.64 7.68
N VAL C 111 -13.90 12.05 7.28
CA VAL C 111 -14.85 11.50 8.23
C VAL C 111 -14.40 10.12 8.71
N THR C 112 -13.83 9.31 7.82
CA THR C 112 -13.31 8.00 8.19
C THR C 112 -12.11 8.11 9.13
N LEU C 113 -11.33 9.18 8.97
CA LEU C 113 -10.20 9.43 9.86
C LEU C 113 -10.69 9.82 11.26
N TRP C 114 -11.84 10.49 11.35
CA TRP C 114 -12.38 10.86 12.65
C TRP C 114 -13.02 9.68 13.34
N ASN C 115 -13.63 8.77 12.59
CA ASN C 115 -14.34 7.64 13.18
C ASN C 115 -13.40 6.60 13.74
N VAL C 116 -12.23 6.41 13.13
CA VAL C 116 -11.25 5.46 13.64
C VAL C 116 -10.60 6.01 14.91
N GLY C 117 -10.48 7.33 15.02
CA GLY C 117 -9.91 7.92 16.22
C GLY C 117 -10.82 7.81 17.43
N VAL C 118 -12.13 7.70 17.21
CA VAL C 118 -13.05 7.51 18.32
C VAL C 118 -12.93 6.10 18.89
N ILE C 119 -12.65 5.12 18.03
CA ILE C 119 -12.43 3.73 18.47
C ILE C 119 -11.15 3.62 19.29
N ILE C 120 -10.13 4.39 18.92
CA ILE C 120 -8.85 4.39 19.66
C ILE C 120 -9.04 4.96 21.06
N PHE C 121 -9.93 5.95 21.20
CA PHE C 121 -10.15 6.59 22.49
C PHE C 121 -10.88 5.67 23.46
N ILE C 122 -11.77 4.82 22.94
CA ILE C 122 -12.51 3.89 23.80
C ILE C 122 -11.60 2.77 24.29
N LEU C 123 -10.70 2.31 23.41
CA LEU C 123 -9.79 1.23 23.78
C LEU C 123 -8.71 1.68 24.75
N THR C 124 -8.43 2.98 24.80
CA THR C 124 -7.41 3.50 25.70
C THR C 124 -7.98 3.67 27.11
N ILE C 125 -9.27 4.02 27.21
CA ILE C 125 -9.94 4.12 28.50
C ILE C 125 -10.06 2.74 29.13
N ALA C 126 -10.31 1.72 28.31
CA ALA C 126 -10.43 0.35 28.82
C ALA C 126 -9.08 -0.20 29.27
N THR C 127 -8.00 0.20 28.60
CA THR C 127 -6.67 -0.28 28.95
C THR C 127 -6.22 0.26 30.30
N ALA C 128 -6.49 1.54 30.56
CA ALA C 128 -6.04 2.15 31.81
C ALA C 128 -6.87 1.66 32.99
N PHE C 129 -8.10 1.22 32.75
CA PHE C 129 -8.91 0.64 33.81
C PHE C 129 -8.38 -0.73 34.22
N LEU C 130 -7.96 -1.53 33.24
CA LEU C 130 -7.56 -2.90 33.51
C LEU C 130 -6.22 -2.95 34.22
N GLY C 131 -5.33 -2.00 33.93
CA GLY C 131 -4.02 -2.01 34.56
C GLY C 131 -4.06 -1.43 35.96
N TYR C 132 -5.02 -0.55 36.22
CA TYR C 132 -5.16 0.02 37.55
C TYR C 132 -5.67 -1.01 38.55
N CYS C 133 -6.47 -1.97 38.10
CA CYS C 133 -6.95 -3.03 38.96
C CYS C 133 -5.88 -4.08 39.26
N CYS C 134 -4.78 -4.10 38.52
CA CYS C 134 -3.72 -5.07 38.72
C CYS C 134 -2.80 -4.74 39.88
N VAL C 135 -2.85 -3.51 40.40
CA VAL C 135 -2.11 -3.17 41.61
C VAL C 135 -2.74 -3.83 42.82
N TYR C 136 -4.07 -3.95 42.82
CA TYR C 136 -4.88 -4.41 43.95
C TYR C 136 -4.59 -3.64 45.23
N GLY C 137 -4.68 -2.32 45.14
CA GLY C 137 -4.74 -1.48 46.31
C GLY C 137 -6.17 -1.36 46.79
N GLN C 138 -6.37 -0.43 47.72
CA GLN C 138 -7.72 -0.21 48.23
C GLN C 138 -8.57 0.57 47.24
N MET C 139 -7.96 1.41 46.42
CA MET C 139 -8.69 2.09 45.35
C MET C 139 -8.95 1.16 44.17
N SER C 140 -8.16 0.12 44.01
CA SER C 140 -8.32 -0.78 42.87
C SER C 140 -9.49 -1.73 43.07
N HIS C 141 -9.72 -2.14 44.32
CA HIS C 141 -10.79 -3.10 44.59
C HIS C 141 -12.16 -2.44 44.50
N TRP C 142 -12.30 -1.24 45.04
CA TRP C 142 -13.60 -0.59 45.08
C TRP C 142 -13.92 0.15 43.80
N GLY C 143 -12.91 0.43 42.96
CA GLY C 143 -13.18 0.96 41.64
C GLY C 143 -13.62 -0.10 40.66
N ALA C 144 -13.14 -1.34 40.84
CA ALA C 144 -13.61 -2.43 40.01
C ALA C 144 -14.99 -2.92 40.45
N THR C 145 -15.32 -2.71 41.73
CA THR C 145 -16.63 -3.14 42.23
C THR C 145 -17.73 -2.22 41.73
N VAL C 146 -17.44 -0.93 41.61
CA VAL C 146 -18.44 0.05 41.19
C VAL C 146 -18.74 -0.11 39.71
N ILE C 147 -17.71 -0.33 38.89
CA ILE C 147 -17.88 -0.37 37.45
C ILE C 147 -18.55 -1.68 37.00
N THR C 148 -18.17 -2.81 37.60
CA THR C 148 -18.72 -4.09 37.19
C THR C 148 -20.17 -4.28 37.64
N ASN C 149 -20.58 -3.63 38.73
CA ASN C 149 -21.97 -3.71 39.15
C ASN C 149 -22.91 -2.86 38.30
N LEU C 150 -22.38 -2.06 37.38
CA LEU C 150 -23.24 -1.25 36.53
C LEU C 150 -23.96 -2.10 35.48
N PHE C 151 -23.38 -3.24 35.12
CA PHE C 151 -23.94 -4.10 34.08
C PHE C 151 -25.02 -5.04 34.59
N SER C 152 -25.36 -4.98 35.87
CA SER C 152 -26.45 -5.78 36.41
C SER C 152 -27.81 -5.12 36.23
N ALA C 153 -27.86 -3.94 35.61
CA ALA C 153 -29.10 -3.23 35.36
C ALA C 153 -29.65 -3.47 33.96
N ILE C 154 -28.90 -4.14 33.10
CA ILE C 154 -29.37 -4.48 31.75
C ILE C 154 -30.49 -5.51 31.87
N PRO C 155 -31.64 -5.33 31.21
CA PRO C 155 -32.77 -6.23 31.46
C PRO C 155 -32.57 -7.61 30.86
N PHE C 156 -32.86 -8.63 31.68
CA PHE C 156 -32.89 -10.07 31.41
C PHE C 156 -31.50 -10.70 31.24
N VAL C 157 -30.46 -9.90 31.12
CA VAL C 157 -29.10 -10.43 30.97
C VAL C 157 -28.15 -9.68 31.89
N GLY C 158 -28.70 -9.10 32.96
CA GLY C 158 -27.87 -8.36 33.89
C GLY C 158 -27.01 -9.25 34.75
N ASN C 159 -27.62 -10.24 35.39
CA ASN C 159 -26.92 -11.10 36.33
C ASN C 159 -26.05 -12.16 35.65
N ASP C 160 -26.19 -12.34 34.33
CA ASP C 160 -25.37 -13.30 33.62
C ASP C 160 -24.10 -12.67 33.07
N ILE C 161 -24.13 -11.38 32.75
CA ILE C 161 -22.93 -10.71 32.27
C ILE C 161 -21.97 -10.45 33.42
N VAL C 162 -22.51 -10.10 34.59
CA VAL C 162 -21.65 -9.69 35.70
C VAL C 162 -21.00 -10.91 36.35
N SER C 163 -21.66 -12.06 36.33
CA SER C 163 -21.05 -13.27 36.87
C SER C 163 -20.01 -13.84 35.93
N TRP C 164 -20.19 -13.63 34.63
CA TRP C 164 -19.21 -14.04 33.65
C TRP C 164 -18.02 -13.09 33.61
N LEU C 165 -18.21 -11.85 34.04
CA LEU C 165 -17.13 -10.87 34.10
C LEU C 165 -16.29 -11.02 35.36
N TRP C 166 -16.87 -11.61 36.41
CA TRP C 166 -16.17 -11.85 37.67
C TRP C 166 -15.47 -13.18 37.70
N GLY C 167 -16.03 -14.21 37.05
CA GLY C 167 -15.57 -15.55 37.25
C GLY C 167 -15.99 -16.14 38.58
N GLY C 168 -17.01 -15.58 39.21
CA GLY C 168 -17.41 -15.99 40.54
C GLY C 168 -18.56 -15.15 41.06
N PHE C 169 -18.53 -14.81 42.34
CA PHE C 169 -19.61 -14.08 42.99
C PHE C 169 -19.24 -12.65 43.39
N SER C 170 -17.97 -12.28 43.26
CA SER C 170 -17.50 -10.94 43.59
C SER C 170 -16.18 -10.73 42.87
N VAL C 171 -15.53 -9.59 43.13
CA VAL C 171 -14.18 -9.37 42.65
C VAL C 171 -13.22 -10.21 43.48
N SER C 172 -12.59 -11.20 42.84
CA SER C 172 -11.85 -12.23 43.55
C SER C 172 -10.58 -12.53 42.77
N ASN C 173 -9.96 -13.66 43.09
CA ASN C 173 -8.79 -14.15 42.34
C ASN C 173 -9.01 -14.37 40.84
N PRO C 174 -10.13 -14.94 40.35
CA PRO C 174 -10.26 -15.03 38.89
C PRO C 174 -10.45 -13.69 38.19
N THR C 175 -10.87 -12.66 38.90
CA THR C 175 -11.09 -11.37 38.28
C THR C 175 -9.76 -10.68 37.98
N ILE C 176 -8.79 -10.81 38.88
CA ILE C 176 -7.51 -10.13 38.71
C ILE C 176 -6.63 -10.87 37.71
N GLN C 177 -6.71 -12.20 37.70
CA GLN C 177 -5.89 -12.98 36.79
C GLN C 177 -6.34 -12.83 35.35
N ARG C 178 -7.62 -12.58 35.10
CA ARG C 178 -8.09 -12.33 33.74
C ARG C 178 -7.98 -10.87 33.33
N PHE C 179 -7.90 -9.95 34.31
CA PHE C 179 -7.72 -8.54 33.98
C PHE C 179 -6.29 -8.26 33.55
N PHE C 180 -5.32 -9.04 34.04
CA PHE C 180 -3.94 -8.82 33.63
C PHE C 180 -3.67 -9.40 32.25
N ALA C 181 -4.31 -10.51 31.90
CA ALA C 181 -4.11 -11.09 30.57
C ALA C 181 -4.78 -10.25 29.48
N LEU C 182 -5.87 -9.57 29.81
CA LEU C 182 -6.50 -8.67 28.86
C LEU C 182 -5.78 -7.34 28.77
N HIS C 183 -5.02 -6.98 29.80
CA HIS C 183 -4.23 -5.77 29.79
C HIS C 183 -2.99 -5.90 28.94
N TYR C 184 -2.47 -7.10 28.77
CA TYR C 184 -1.33 -7.33 27.89
C TYR C 184 -1.72 -7.24 26.42
N LEU C 185 -2.98 -7.47 26.08
CA LEU C 185 -3.41 -7.70 24.70
C LEU C 185 -3.93 -6.44 24.00
N VAL C 186 -4.74 -5.65 24.68
CA VAL C 186 -5.38 -4.47 24.12
C VAL C 186 -4.41 -3.37 23.65
N PRO C 187 -3.23 -3.15 24.28
CA PRO C 187 -2.24 -2.27 23.62
C PRO C 187 -1.74 -2.74 22.24
N PHE C 188 -1.81 -4.02 21.93
CA PHE C 188 -1.47 -4.49 20.59
C PHE C 188 -2.62 -4.32 19.61
N ILE C 189 -3.85 -4.21 20.10
CA ILE C 189 -4.98 -3.88 19.24
C ILE C 189 -5.01 -2.39 18.94
N ILE C 190 -4.55 -1.56 19.89
CA ILE C 190 -4.43 -0.13 19.67
C ILE C 190 -3.36 0.15 18.62
N ALA C 191 -2.28 -0.63 18.62
CA ALA C 191 -1.21 -0.44 17.64
C ALA C 191 -1.65 -0.82 16.23
N ALA C 192 -2.61 -1.74 16.10
CA ALA C 192 -3.14 -2.07 14.78
C ALA C 192 -4.15 -1.04 14.28
N MET C 193 -4.84 -0.35 15.19
CA MET C 193 -5.76 0.71 14.80
C MET C 193 -5.03 2.00 14.50
N VAL C 194 -3.81 2.17 14.99
CA VAL C 194 -3.02 3.35 14.66
C VAL C 194 -2.51 3.25 13.22
N ILE C 195 -2.24 2.04 12.74
CA ILE C 195 -1.82 1.85 11.35
C ILE C 195 -2.98 2.12 10.40
N MET C 196 -4.19 1.68 10.76
CA MET C 196 -5.39 2.01 9.99
C MET C 196 -5.73 3.49 10.08
N HIS C 197 -5.29 4.17 11.13
CA HIS C 197 -5.48 5.60 11.26
C HIS C 197 -4.58 6.36 10.28
N LEU C 198 -3.35 5.88 10.10
CA LEU C 198 -2.39 6.56 9.22
C LEU C 198 -2.66 6.27 7.76
N MET C 199 -3.37 5.18 7.45
CA MET C 199 -3.71 4.87 6.07
C MET C 199 -4.80 5.81 5.56
N ALA C 200 -5.73 6.19 6.43
CA ALA C 200 -6.77 7.13 6.04
C ALA C 200 -6.26 8.56 5.95
N LEU C 201 -5.20 8.87 6.69
CA LEU C 201 -4.59 10.19 6.61
C LEU C 201 -3.83 10.38 5.31
N HIS C 202 -3.31 9.30 4.75
CA HIS C 202 -2.40 9.40 3.61
C HIS C 202 -3.11 9.76 2.32
N ILE C 203 -4.39 9.44 2.18
CA ILE C 203 -5.07 9.65 0.92
C ILE C 203 -5.52 11.09 0.72
N HIS C 204 -5.69 11.86 1.78
CA HIS C 204 -6.09 13.25 1.65
C HIS C 204 -5.11 14.25 2.25
N GLY C 205 -4.20 13.82 3.12
CA GLY C 205 -3.27 14.72 3.76
C GLY C 205 -3.85 15.43 4.95
N SER C 206 -3.10 16.40 5.45
CA SER C 206 -3.48 17.19 6.60
C SER C 206 -4.24 18.45 6.18
N SER C 207 -4.93 19.03 7.14
CA SER C 207 -5.55 20.34 6.99
C SER C 207 -4.55 21.41 7.41
N ASN C 208 -4.99 22.66 7.40
CA ASN C 208 -4.15 23.80 7.75
C ASN C 208 -5.00 24.76 8.57
N PRO C 209 -4.39 25.65 9.36
CA PRO C 209 -5.17 26.55 10.21
C PRO C 209 -5.99 27.61 9.48
N LEU C 210 -5.91 27.74 8.16
CA LEU C 210 -6.77 28.68 7.45
C LEU C 210 -8.06 28.03 6.96
N GLY C 211 -8.12 26.71 6.87
CA GLY C 211 -9.31 26.02 6.44
C GLY C 211 -9.51 25.94 4.95
N ILE C 212 -8.55 26.38 4.16
CA ILE C 212 -8.66 26.41 2.70
C ILE C 212 -7.69 25.40 2.13
N THR C 213 -7.64 25.30 0.80
CA THR C 213 -6.84 24.26 0.17
C THR C 213 -5.34 24.50 0.36
N GLY C 214 -4.59 23.40 0.43
CA GLY C 214 -3.15 23.46 0.59
C GLY C 214 -2.36 22.92 -0.58
N ASN C 215 -3.01 22.67 -1.72
CA ASN C 215 -2.35 22.08 -2.88
C ASN C 215 -1.51 23.07 -3.68
N LEU C 216 -1.46 24.33 -3.25
CA LEU C 216 -0.72 25.36 -3.97
C LEU C 216 0.67 25.61 -3.41
N ASP C 217 0.96 25.14 -2.20
CA ASP C 217 2.22 25.46 -1.54
C ASP C 217 2.52 24.35 -0.54
N ARG C 218 3.41 23.44 -0.91
CA ARG C 218 3.79 22.30 -0.07
C ARG C 218 5.29 22.26 0.12
N ILE C 219 5.72 21.71 1.25
CA ILE C 219 7.13 21.43 1.51
C ILE C 219 7.25 20.00 1.99
N PRO C 220 8.35 19.29 1.74
CA PRO C 220 8.45 17.90 2.17
C PRO C 220 8.66 17.77 3.68
N MET C 221 8.49 16.53 4.15
CA MET C 221 8.55 16.28 5.59
C MET C 221 9.96 16.34 6.13
N HIS C 222 10.93 15.81 5.39
CA HIS C 222 12.29 15.68 5.92
C HIS C 222 13.02 17.02 5.89
N SER C 223 13.60 17.35 7.06
CA SER C 223 14.41 18.51 7.47
C SER C 223 13.60 19.76 7.78
N TYR C 224 12.28 19.74 7.68
CA TYR C 224 11.49 20.83 8.23
C TYR C 224 10.66 20.38 9.42
N PHE C 225 9.86 19.35 9.23
CA PHE C 225 9.00 18.84 10.28
C PHE C 225 9.62 17.68 11.01
N ILE C 226 10.78 17.19 10.55
CA ILE C 226 11.56 16.27 11.37
C ILE C 226 12.24 17.03 12.49
N PHE C 227 12.79 18.21 12.19
CA PHE C 227 13.45 19.02 13.19
C PHE C 227 12.51 19.93 13.96
N LYS C 228 11.30 20.16 13.46
CA LYS C 228 10.27 20.78 14.28
C LYS C 228 9.61 19.79 15.22
N ASP C 229 9.62 18.50 14.89
CA ASP C 229 9.17 17.47 15.82
C ASP C 229 10.12 17.30 16.99
N LEU C 230 11.40 17.57 16.78
CA LEU C 230 12.39 17.37 17.84
C LEU C 230 12.25 18.37 18.96
N VAL C 231 11.67 19.54 18.67
CA VAL C 231 11.52 20.58 19.68
C VAL C 231 10.51 20.16 20.74
N THR C 232 9.39 19.59 20.30
CA THR C 232 8.35 19.18 21.25
C THR C 232 8.65 17.82 21.86
N VAL C 233 9.54 17.04 21.27
CA VAL C 233 9.93 15.76 21.87
C VAL C 233 10.84 16.00 23.08
N PHE C 234 11.74 16.98 22.98
CA PHE C 234 12.65 17.26 24.09
C PHE C 234 11.95 18.03 25.20
N LEU C 235 10.90 18.78 24.88
CA LEU C 235 10.13 19.45 25.91
C LEU C 235 9.21 18.47 26.63
N PHE C 236 8.75 17.44 25.92
CA PHE C 236 7.91 16.41 26.52
C PHE C 236 8.72 15.57 27.51
N MET C 237 9.94 15.21 27.15
CA MET C 237 10.77 14.38 28.02
C MET C 237 11.26 15.15 29.24
N LEU C 238 11.38 16.47 29.13
CA LEU C 238 11.88 17.27 30.24
C LEU C 238 10.82 17.48 31.31
N ILE C 239 9.56 17.69 30.89
CA ILE C 239 8.48 17.85 31.85
C ILE C 239 8.14 16.49 32.48
N LEU C 240 8.28 15.40 31.74
CA LEU C 240 7.99 14.09 32.28
C LEU C 240 9.07 13.65 33.26
N ALA C 241 10.32 14.06 33.04
CA ALA C 241 11.40 13.71 33.96
C ALA C 241 11.30 14.49 35.26
N LEU C 242 10.70 15.68 35.21
CA LEU C 242 10.51 16.44 36.44
C LEU C 242 9.43 15.83 37.32
N PHE C 243 8.51 15.09 36.73
CA PHE C 243 7.49 14.39 37.52
C PHE C 243 7.98 13.06 38.02
N VAL C 244 8.80 12.35 37.22
CA VAL C 244 9.25 11.01 37.60
C VAL C 244 10.30 11.08 38.72
N PHE C 245 11.18 12.08 38.69
CA PHE C 245 12.28 12.12 39.63
C PHE C 245 12.07 13.05 40.82
N TYR C 246 11.21 14.06 40.70
CA TYR C 246 11.07 15.07 41.75
C TYR C 246 9.71 15.13 42.41
N SER C 247 8.67 14.60 41.78
CA SER C 247 7.36 14.56 42.40
C SER C 247 6.57 13.35 41.92
N PRO C 248 6.98 12.12 42.28
CA PRO C 248 6.43 10.94 41.61
C PRO C 248 5.05 10.49 42.07
N ASN C 249 4.46 11.11 43.09
CA ASN C 249 3.18 10.65 43.61
C ASN C 249 2.14 11.76 43.67
N THR C 250 2.30 12.81 42.87
CA THR C 250 1.34 13.90 42.87
C THR C 250 0.05 13.53 42.16
N LEU C 251 0.13 12.76 41.08
CA LEU C 251 -1.02 12.43 40.26
C LEU C 251 -1.66 11.10 40.66
N GLY C 252 -1.55 10.70 41.94
CA GLY C 252 -2.14 9.47 42.42
C GLY C 252 -2.89 9.69 43.72
N HIS C 253 -3.46 8.60 44.21
CA HIS C 253 -4.21 8.60 45.47
C HIS C 253 -3.43 7.86 46.55
N PRO C 254 -3.41 8.39 47.78
CA PRO C 254 -2.68 7.69 48.86
C PRO C 254 -3.33 6.40 49.30
N ASP C 255 -4.62 6.21 49.06
CA ASP C 255 -5.30 4.98 49.46
C ASP C 255 -4.91 3.78 48.62
N ASN C 256 -4.18 3.96 47.54
CA ASN C 256 -3.77 2.84 46.72
C ASN C 256 -2.46 2.21 47.22
N TYR C 257 -1.91 2.74 48.32
CA TYR C 257 -0.80 2.12 49.04
C TYR C 257 -1.27 1.35 50.25
N ILE C 258 -2.57 1.12 50.38
CA ILE C 258 -3.15 0.20 51.35
C ILE C 258 -3.60 -1.03 50.59
N PRO C 259 -3.29 -2.25 51.07
CA PRO C 259 -3.72 -3.45 50.35
C PRO C 259 -5.24 -3.60 50.37
N GLY C 260 -5.77 -4.18 49.29
CA GLY C 260 -7.20 -4.18 49.09
C GLY C 260 -7.92 -5.09 50.06
N ASN C 261 -9.06 -4.61 50.55
CA ASN C 261 -9.82 -5.28 51.59
C ASN C 261 -11.30 -5.27 51.26
N PRO C 262 -11.93 -6.43 51.06
CA PRO C 262 -13.37 -6.45 50.73
C PRO C 262 -14.28 -6.17 51.91
N LEU C 263 -13.76 -5.98 53.13
CA LEU C 263 -14.57 -5.79 54.31
C LEU C 263 -14.45 -4.40 54.92
N VAL C 264 -13.67 -3.50 54.34
CA VAL C 264 -13.52 -2.13 54.83
C VAL C 264 -13.75 -1.17 53.68
N THR C 265 -14.66 -0.23 53.85
CA THR C 265 -15.01 0.75 52.83
C THR C 265 -14.20 2.02 53.05
N PRO C 266 -13.57 2.57 52.00
CA PRO C 266 -12.88 3.86 52.15
C PRO C 266 -13.87 5.01 52.31
N ALA C 267 -13.33 6.13 52.79
CA ALA C 267 -14.16 7.30 53.06
C ALA C 267 -14.60 7.99 51.77
N SER C 268 -13.72 8.03 50.77
CA SER C 268 -14.05 8.61 49.47
C SER C 268 -13.53 7.69 48.39
N ILE C 269 -14.35 7.47 47.36
CA ILE C 269 -13.98 6.65 46.22
C ILE C 269 -13.94 7.56 45.01
N VAL C 270 -12.73 7.89 44.54
CA VAL C 270 -12.56 8.82 43.43
C VAL C 270 -11.61 8.25 42.40
N PRO C 271 -11.88 8.41 41.11
CA PRO C 271 -10.97 7.92 40.06
C PRO C 271 -9.76 8.84 39.89
N GLU C 272 -8.94 8.50 38.90
CA GLU C 272 -7.88 9.38 38.45
C GLU C 272 -8.46 10.60 37.75
N TRP C 273 -7.61 11.61 37.51
CA TRP C 273 -8.10 12.91 37.07
C TRP C 273 -8.69 12.86 35.66
N TYR C 274 -8.22 11.94 34.82
CA TYR C 274 -8.68 11.89 33.45
C TYR C 274 -9.97 11.11 33.28
N LEU C 275 -10.47 10.46 34.32
CA LEU C 275 -11.77 9.79 34.28
C LEU C 275 -12.83 10.53 35.08
N LEU C 276 -12.46 11.60 35.77
CA LEU C 276 -13.36 12.41 36.59
C LEU C 276 -14.50 13.11 35.85
N PRO C 277 -14.34 13.65 34.62
CA PRO C 277 -15.54 14.23 33.96
C PRO C 277 -16.58 13.21 33.55
N PHE C 278 -16.17 11.99 33.21
CA PHE C 278 -17.13 10.95 32.85
C PHE C 278 -17.74 10.29 34.07
N TYR C 279 -17.12 10.44 35.24
CA TYR C 279 -17.70 9.93 36.48
C TYR C 279 -18.78 10.86 37.02
N ALA C 280 -18.71 12.15 36.69
CA ALA C 280 -19.73 13.08 37.14
C ALA C 280 -20.98 13.03 36.27
N ILE C 281 -20.84 12.60 35.02
CA ILE C 281 -21.99 12.40 34.15
C ILE C 281 -22.79 11.18 34.61
N LEU C 282 -22.09 10.15 35.08
CA LEU C 282 -22.74 8.93 35.54
C LEU C 282 -23.53 9.14 36.83
N ARG C 283 -23.02 9.95 37.74
CA ARG C 283 -23.67 10.19 39.02
C ARG C 283 -24.78 11.22 38.97
N SER C 284 -25.04 11.82 37.82
CA SER C 284 -26.06 12.86 37.71
C SER C 284 -27.43 12.31 37.31
N ILE C 285 -27.48 11.10 36.78
CA ILE C 285 -28.75 10.44 36.44
C ILE C 285 -29.16 9.58 37.63
N PRO C 286 -30.36 9.78 38.19
CA PRO C 286 -30.74 8.99 39.37
C PRO C 286 -31.09 7.54 39.06
N ASP C 287 -31.55 7.25 37.85
CA ASP C 287 -31.83 5.88 37.47
C ASP C 287 -30.52 5.13 37.19
N LYS C 288 -30.53 3.84 37.49
CA LYS C 288 -29.31 3.05 37.40
C LYS C 288 -29.00 2.56 35.99
N LEU C 289 -30.01 2.19 35.19
CA LEU C 289 -29.76 1.79 33.81
C LEU C 289 -29.53 2.99 32.90
N LEU C 290 -30.21 4.12 33.19
CA LEU C 290 -30.05 5.29 32.34
C LEU C 290 -28.71 5.98 32.58
N GLY C 291 -28.06 5.72 33.71
CA GLY C 291 -26.75 6.30 33.96
C GLY C 291 -25.66 5.63 33.16
N VAL C 292 -25.78 4.33 32.90
CA VAL C 292 -24.76 3.60 32.15
C VAL C 292 -24.84 3.93 30.68
N ILE C 293 -26.06 4.13 30.17
CA ILE C 293 -26.24 4.50 28.76
C ILE C 293 -25.72 5.92 28.52
N THR C 294 -25.97 6.82 29.47
CA THR C 294 -25.57 8.21 29.32
C THR C 294 -24.05 8.38 29.40
N MET C 295 -23.37 7.55 30.20
CA MET C 295 -21.92 7.65 30.30
C MET C 295 -21.24 7.13 29.04
N PHE C 296 -21.82 6.14 28.37
CA PHE C 296 -21.25 5.66 27.12
C PHE C 296 -21.68 6.52 25.94
N ALA C 297 -22.81 7.22 26.05
CA ALA C 297 -23.22 8.14 25.00
C ALA C 297 -22.44 9.45 25.01
N ALA C 298 -21.69 9.71 26.08
CA ALA C 298 -20.84 10.90 26.13
C ALA C 298 -19.61 10.75 25.25
N ILE C 299 -19.27 9.52 24.87
CA ILE C 299 -18.18 9.29 23.93
C ILE C 299 -18.71 9.16 22.51
N LEU C 300 -19.85 8.49 22.34
CA LEU C 300 -20.40 8.25 21.01
C LEU C 300 -21.08 9.46 20.40
N VAL C 301 -21.24 10.56 21.14
CA VAL C 301 -21.83 11.76 20.59
C VAL C 301 -20.84 12.53 19.72
N LEU C 302 -19.56 12.16 19.74
CA LEU C 302 -18.60 12.76 18.81
C LEU C 302 -18.80 12.30 17.38
N LEU C 303 -19.53 11.21 17.16
CA LEU C 303 -19.79 10.71 15.82
C LEU C 303 -20.86 11.49 15.09
N VAL C 304 -21.72 12.24 15.79
CA VAL C 304 -22.79 12.98 15.13
C VAL C 304 -22.33 14.34 14.62
N LEU C 305 -21.12 14.74 14.95
CA LEU C 305 -20.55 16.04 14.63
C LEU C 305 -20.31 16.35 13.14
N PRO C 306 -19.98 15.39 12.26
CA PRO C 306 -20.00 15.73 10.82
C PRO C 306 -21.36 16.12 10.26
N PHE C 307 -22.46 15.78 10.92
CA PHE C 307 -23.78 16.04 10.38
C PHE C 307 -24.45 17.27 10.98
N THR C 308 -24.06 17.71 12.17
CA THR C 308 -24.69 18.87 12.78
C THR C 308 -23.96 20.17 12.52
N ASP C 309 -22.79 20.13 11.87
CA ASP C 309 -22.10 21.36 11.47
C ASP C 309 -22.66 21.80 10.12
N ARG C 310 -23.33 22.95 10.10
CA ARG C 310 -24.05 23.44 8.93
C ARG C 310 -23.33 24.58 8.23
N SER C 311 -22.03 24.74 8.47
CA SER C 311 -21.30 25.87 7.94
C SER C 311 -20.66 25.53 6.61
N VAL C 312 -20.47 26.56 5.77
CA VAL C 312 -19.79 26.39 4.48
C VAL C 312 -18.30 26.66 4.56
N VAL C 313 -17.81 27.11 5.72
CA VAL C 313 -16.40 27.38 5.96
C VAL C 313 -15.89 26.40 7.02
N ARG C 314 -14.72 25.84 6.78
CA ARG C 314 -14.12 24.85 7.68
C ARG C 314 -13.24 25.54 8.70
N GLY C 315 -13.54 25.35 9.98
CA GLY C 315 -12.71 25.83 11.07
C GLY C 315 -13.30 27.03 11.78
N ASN C 316 -12.65 27.42 12.89
CA ASN C 316 -13.12 28.50 13.75
C ASN C 316 -12.27 29.75 13.64
N THR C 317 -11.39 29.86 12.64
CA THR C 317 -10.42 30.95 12.59
C THR C 317 -11.07 32.29 12.32
N PHE C 318 -12.11 32.33 11.48
CA PHE C 318 -12.74 33.59 11.09
C PHE C 318 -14.16 33.71 11.62
N LYS C 319 -14.52 32.96 12.67
CA LYS C 319 -15.88 32.93 13.20
C LYS C 319 -15.87 33.43 14.62
N VAL C 320 -16.64 34.48 14.89
CA VAL C 320 -16.63 35.13 16.20
C VAL C 320 -17.45 34.33 17.22
N LEU C 321 -18.67 33.93 16.85
CA LEU C 321 -19.55 33.25 17.80
C LEU C 321 -19.14 31.79 18.00
N SER C 322 -18.50 31.18 17.00
CA SER C 322 -18.05 29.80 17.17
C SER C 322 -16.82 29.73 18.06
N LYS C 323 -16.06 30.83 18.14
CA LYS C 323 -14.89 30.87 19.01
C LYS C 323 -15.30 31.03 20.47
N PHE C 324 -16.37 31.79 20.71
CA PHE C 324 -16.83 32.03 22.08
C PHE C 324 -17.42 30.76 22.69
N PHE C 325 -18.20 30.01 21.92
CA PHE C 325 -18.84 28.82 22.44
C PHE C 325 -17.91 27.61 22.45
N PHE C 326 -16.75 27.69 21.81
CA PHE C 326 -15.77 26.61 21.93
C PHE C 326 -15.14 26.61 23.33
N PHE C 327 -14.87 27.79 23.87
CA PHE C 327 -14.25 27.88 25.17
C PHE C 327 -15.25 27.74 26.31
N ILE C 328 -16.54 27.86 26.02
CA ILE C 328 -17.56 27.47 26.99
C ILE C 328 -17.56 25.95 27.15
N PHE C 329 -17.39 25.22 26.05
CA PHE C 329 -17.35 23.76 26.12
C PHE C 329 -16.08 23.28 26.81
N VAL C 330 -15.00 24.05 26.74
CA VAL C 330 -13.73 23.61 27.32
C VAL C 330 -13.75 23.76 28.84
N PHE C 331 -14.23 24.90 29.33
CA PHE C 331 -14.24 25.13 30.77
C PHE C 331 -15.41 24.43 31.45
N ASN C 332 -16.40 23.97 30.67
CA ASN C 332 -17.44 23.10 31.22
C ASN C 332 -16.90 21.70 31.46
N PHE C 333 -15.90 21.29 30.68
CA PHE C 333 -15.29 19.98 30.85
C PHE C 333 -14.37 19.95 32.07
N VAL C 334 -13.82 21.11 32.45
CA VAL C 334 -12.98 21.18 33.64
C VAL C 334 -13.84 21.22 34.90
N LEU C 335 -15.00 21.88 34.83
CA LEU C 335 -15.91 21.91 35.96
C LEU C 335 -16.54 20.55 36.22
N LEU C 336 -16.74 19.74 35.18
CA LEU C 336 -17.25 18.39 35.36
C LEU C 336 -16.24 17.50 36.06
N GLY C 337 -14.94 17.76 35.86
CA GLY C 337 -13.93 17.00 36.56
C GLY C 337 -13.82 17.39 38.02
N GLN C 338 -14.06 18.66 38.34
CA GLN C 338 -14.00 19.10 39.72
C GLN C 338 -15.22 18.64 40.51
N ILE C 339 -16.38 18.56 39.85
CA ILE C 339 -17.59 18.08 40.52
C ILE C 339 -17.47 16.59 40.81
N GLY C 340 -16.86 15.83 39.92
CA GLY C 340 -16.68 14.40 40.11
C GLY C 340 -15.70 14.01 41.20
N ALA C 341 -14.99 14.96 41.79
CA ALA C 341 -14.07 14.73 42.89
C ALA C 341 -14.62 15.24 44.21
N CYS C 342 -15.87 15.68 44.26
CA CYS C 342 -16.51 16.17 45.46
C CYS C 342 -17.45 15.11 46.02
N HIS C 343 -18.05 15.43 47.16
CA HIS C 343 -19.07 14.57 47.75
C HIS C 343 -20.42 14.87 47.15
N VAL C 344 -21.34 13.92 47.29
CA VAL C 344 -22.70 14.09 46.79
C VAL C 344 -23.43 14.97 47.81
N GLU C 345 -23.44 16.27 47.56
CA GLU C 345 -23.95 17.24 48.53
C GLU C 345 -24.55 18.43 47.80
N VAL C 346 -25.32 19.21 48.54
CA VAL C 346 -25.83 20.50 48.06
C VAL C 346 -24.70 21.51 48.08
N PRO C 347 -24.46 22.30 47.01
CA PRO C 347 -25.17 22.40 45.74
C PRO C 347 -24.49 21.66 44.59
N TYR C 348 -23.65 20.68 44.89
CA TYR C 348 -22.89 20.02 43.84
C TYR C 348 -23.74 19.07 43.01
N VAL C 349 -24.92 18.68 43.49
CA VAL C 349 -25.77 17.78 42.74
C VAL C 349 -26.45 18.53 41.59
N LEU C 350 -26.95 19.74 41.86
CA LEU C 350 -27.58 20.52 40.80
C LEU C 350 -26.55 21.08 39.82
N MET C 351 -25.35 21.40 40.30
CA MET C 351 -24.31 21.94 39.43
C MET C 351 -23.83 20.88 38.43
N GLY C 352 -23.83 19.62 38.84
CA GLY C 352 -23.40 18.56 37.93
C GLY C 352 -24.49 18.16 36.95
N GLN C 353 -25.74 18.50 37.26
CA GLN C 353 -26.84 18.18 36.36
C GLN C 353 -26.97 19.21 35.25
N ILE C 354 -26.74 20.48 35.57
CA ILE C 354 -26.77 21.53 34.56
C ILE C 354 -25.56 21.41 33.64
N ALA C 355 -24.41 21.02 34.20
CA ALA C 355 -23.20 20.89 33.39
C ALA C 355 -23.25 19.67 32.48
N THR C 356 -24.01 18.64 32.85
CA THR C 356 -24.22 17.51 31.96
C THR C 356 -25.13 17.88 30.80
N PHE C 357 -26.05 18.82 31.01
CA PHE C 357 -26.91 19.28 29.94
C PHE C 357 -26.14 20.10 28.92
N ILE C 358 -25.21 20.95 29.39
CA ILE C 358 -24.42 21.81 28.52
C ILE C 358 -23.44 20.98 27.68
N TYR C 359 -23.03 19.82 28.18
CA TYR C 359 -22.15 18.94 27.41
C TYR C 359 -22.85 18.39 26.18
N PHE C 360 -24.09 17.93 26.33
CA PHE C 360 -24.81 17.33 25.22
C PHE C 360 -25.47 18.38 24.33
N ALA C 361 -25.81 19.55 24.87
CA ALA C 361 -26.47 20.58 24.06
C ALA C 361 -25.50 21.27 23.13
N TYR C 362 -24.19 21.13 23.35
CA TYR C 362 -23.21 21.71 22.45
C TYR C 362 -23.21 20.99 21.11
N PHE C 363 -23.19 19.65 21.14
CA PHE C 363 -23.13 18.88 19.90
C PHE C 363 -24.45 18.89 19.15
N LEU C 364 -25.58 19.02 19.84
CA LEU C 364 -26.87 18.77 19.24
C LEU C 364 -27.73 20.00 19.04
N ILE C 365 -27.48 21.09 19.76
CA ILE C 365 -28.33 22.28 19.66
C ILE C 365 -27.49 23.50 19.28
N ILE C 366 -26.37 23.71 19.99
CA ILE C 366 -25.64 24.96 19.88
C ILE C 366 -24.90 25.05 18.55
N VAL C 367 -24.24 23.95 18.15
CA VAL C 367 -23.47 23.96 16.90
C VAL C 367 -24.34 24.09 15.64
N PRO C 368 -25.47 23.36 15.48
CA PRO C 368 -26.28 23.62 14.27
C PRO C 368 -27.01 24.95 14.26
N VAL C 369 -27.27 25.58 15.40
CA VAL C 369 -28.01 26.85 15.38
C VAL C 369 -27.08 28.00 15.02
N ILE C 370 -25.89 28.07 15.63
CA ILE C 370 -25.03 29.22 15.37
C ILE C 370 -24.25 29.05 14.08
N SER C 371 -24.20 27.85 13.49
CA SER C 371 -23.61 27.69 12.17
C SER C 371 -24.49 28.30 11.10
N THR C 372 -25.81 28.20 11.29
CA THR C 372 -26.76 28.75 10.32
C THR C 372 -26.81 30.27 10.40
N ILE C 373 -26.67 30.83 11.61
CA ILE C 373 -26.71 32.27 11.79
C ILE C 373 -25.48 32.92 11.16
N GLU C 374 -24.33 32.26 11.26
CA GLU C 374 -23.11 32.81 10.69
C GLU C 374 -23.10 32.72 9.17
N ASN C 375 -23.84 31.78 8.59
CA ASN C 375 -23.96 31.70 7.13
C ASN C 375 -24.72 32.89 6.58
N VAL C 376 -25.76 33.34 7.28
CA VAL C 376 -26.58 34.45 6.80
C VAL C 376 -25.90 35.79 7.06
N LEU C 377 -25.11 35.91 8.13
CA LEU C 377 -24.42 37.17 8.41
C LEU C 377 -23.30 37.43 7.40
N PHE C 378 -22.66 36.37 6.91
CA PHE C 378 -21.66 36.52 5.86
C PHE C 378 -22.30 36.94 4.54
N TYR C 379 -23.56 36.55 4.31
CA TYR C 379 -24.25 36.87 3.07
C TYR C 379 -24.68 38.33 3.04
N ILE C 380 -25.48 38.75 4.03
CA ILE C 380 -26.08 40.08 4.01
C ILE C 380 -25.09 41.19 4.34
N GLY C 381 -23.89 40.85 4.82
CA GLY C 381 -22.87 41.85 5.02
C GLY C 381 -22.11 42.25 3.77
N ARG C 382 -22.32 41.55 2.67
CA ARG C 382 -21.68 41.86 1.40
C ARG C 382 -22.68 42.19 0.30
N VAL C 383 -23.78 41.45 0.21
CA VAL C 383 -24.75 41.67 -0.85
C VAL C 383 -25.61 42.88 -0.54
N ASN C 384 -25.75 43.77 -1.52
CA ASN C 384 -26.54 44.99 -1.40
C ASN C 384 -27.84 44.86 -2.20
N LYS C 385 -28.93 44.62 -1.49
CA LYS C 385 -30.24 44.51 -2.12
C LYS C 385 -31.28 45.30 -1.34
N MET D 1 -18.55 17.91 54.09
CA MET D 1 -18.88 17.43 55.42
C MET D 1 -18.42 18.43 56.46
N THR D 2 -18.65 18.10 57.73
CA THR D 2 -18.22 18.92 58.84
C THR D 2 -16.70 18.89 58.93
N ALA D 3 -16.11 19.93 59.53
CA ALA D 3 -14.66 19.98 59.66
C ALA D 3 -14.15 18.97 60.68
N ALA D 4 -14.99 18.55 61.63
CA ALA D 4 -14.59 17.50 62.55
C ALA D 4 -14.51 16.15 61.86
N GLU D 5 -15.36 15.92 60.87
CA GLU D 5 -15.33 14.66 60.12
C GLU D 5 -14.17 14.62 59.15
N HIS D 6 -13.62 15.77 58.75
CA HIS D 6 -12.46 15.78 57.87
C HIS D 6 -11.17 15.59 58.66
N GLY D 7 -11.08 16.18 59.84
CA GLY D 7 -9.84 16.25 60.58
C GLY D 7 -9.20 17.61 60.41
N LEU D 8 -8.40 18.00 61.40
CA LEU D 8 -7.69 19.26 61.32
C LEU D 8 -6.57 19.17 60.29
N HIS D 9 -6.26 20.31 59.67
CA HIS D 9 -5.24 20.36 58.64
C HIS D 9 -3.86 20.46 59.28
N ALA D 10 -2.94 19.63 58.81
CA ALA D 10 -1.60 19.60 59.39
C ALA D 10 -0.74 20.71 58.80
N PRO D 11 -0.01 21.46 59.62
CA PRO D 11 0.82 22.56 59.10
C PRO D 11 2.08 22.08 58.40
N ALA D 12 2.89 23.02 57.91
CA ALA D 12 4.07 22.69 57.11
C ALA D 12 5.32 23.00 57.93
N TYR D 13 6.01 21.96 58.35
CA TYR D 13 7.27 22.10 59.05
C TYR D 13 8.43 22.03 58.07
N ALA D 14 9.61 22.49 58.51
CA ALA D 14 10.77 22.63 57.64
C ALA D 14 11.66 21.40 57.77
N TRP D 15 11.24 20.32 57.12
CA TRP D 15 12.04 19.09 57.10
C TRP D 15 13.28 19.30 56.26
N SER D 16 14.39 18.70 56.69
CA SER D 16 15.66 18.93 56.02
C SER D 16 15.83 18.07 54.77
N HIS D 17 14.85 17.24 54.42
CA HIS D 17 14.86 16.52 53.15
C HIS D 17 13.87 17.12 52.16
N ASN D 18 13.23 18.23 52.50
CA ASN D 18 12.42 18.97 51.55
C ASN D 18 13.31 19.83 50.67
N GLY D 19 13.12 19.73 49.36
CA GLY D 19 13.97 20.42 48.42
C GLY D 19 14.56 19.47 47.41
N PRO D 20 14.81 19.96 46.20
CA PRO D 20 15.26 19.06 45.12
C PRO D 20 16.72 18.62 45.24
N PHE D 21 17.53 19.21 46.12
CA PHE D 21 18.94 18.86 46.22
C PHE D 21 19.30 18.30 47.60
N GLU D 22 18.33 17.78 48.35
CA GLU D 22 18.53 17.43 49.74
C GLU D 22 18.38 15.93 49.97
N THR D 23 19.21 15.39 50.85
CA THR D 23 19.15 14.00 51.27
C THR D 23 18.52 13.88 52.64
N PHE D 24 18.37 12.64 53.11
CA PHE D 24 17.98 12.40 54.49
C PHE D 24 19.12 12.77 55.43
N ASP D 25 18.76 13.09 56.67
CA ASP D 25 19.74 13.26 57.74
C ASP D 25 19.92 11.89 58.40
N HIS D 26 21.07 11.26 58.17
CA HIS D 26 21.27 9.87 58.57
C HIS D 26 21.56 9.71 60.05
N ALA D 27 21.86 10.79 60.77
CA ALA D 27 21.95 10.72 62.22
C ALA D 27 20.56 10.73 62.86
N SER D 28 19.55 11.15 62.11
CA SER D 28 18.18 11.15 62.63
C SER D 28 17.45 9.86 62.28
N ILE D 29 17.92 9.14 61.25
CA ILE D 29 17.40 7.81 60.98
C ILE D 29 17.90 6.82 62.02
N ARG D 30 19.16 6.97 62.45
CA ARG D 30 19.72 6.11 63.48
C ARG D 30 19.06 6.34 64.82
N ARG D 31 18.76 7.60 65.14
CA ARG D 31 18.07 7.91 66.39
C ARG D 31 16.61 7.48 66.34
N GLY D 32 16.03 7.39 65.14
CA GLY D 32 14.63 7.03 65.02
C GLY D 32 14.37 5.54 65.10
N TYR D 33 15.38 4.71 64.81
CA TYR D 33 15.23 3.28 64.99
C TYR D 33 15.20 2.92 66.47
N GLN D 34 15.91 3.69 67.30
CA GLN D 34 15.94 3.42 68.73
C GLN D 34 14.60 3.73 69.37
N VAL D 35 13.89 4.74 68.86
CA VAL D 35 12.56 5.03 69.36
C VAL D 35 11.56 4.00 68.82
N TYR D 36 11.87 3.38 67.68
CA TYR D 36 11.00 2.32 67.17
C TYR D 36 11.08 1.08 68.05
N ARG D 37 12.30 0.66 68.39
CA ARG D 37 12.51 -0.61 69.09
C ARG D 37 12.01 -0.52 70.53
N GLU D 38 12.15 0.63 71.16
CA GLU D 38 11.82 0.76 72.58
C GLU D 38 10.39 1.22 72.83
N VAL D 39 9.71 1.78 71.83
CA VAL D 39 8.37 2.33 72.04
C VAL D 39 7.36 1.72 71.06
N CYS D 40 7.63 1.81 69.76
CA CYS D 40 6.60 1.47 68.77
C CYS D 40 6.39 -0.03 68.62
N ALA D 41 7.45 -0.83 68.79
CA ALA D 41 7.47 -2.22 68.36
C ALA D 41 6.68 -3.14 69.27
N ALA D 42 6.10 -2.60 70.34
CA ALA D 42 5.23 -3.39 71.20
C ALA D 42 3.94 -3.77 70.50
N CYS D 43 3.48 -2.95 69.54
CA CYS D 43 2.22 -3.18 68.87
C CYS D 43 2.25 -3.06 67.36
N HIS D 44 3.37 -2.65 66.77
CA HIS D 44 3.45 -2.44 65.33
C HIS D 44 4.50 -3.33 64.70
N SER D 45 4.18 -3.87 63.53
CA SER D 45 5.10 -4.65 62.72
C SER D 45 5.70 -3.77 61.64
N LEU D 46 6.86 -4.19 61.15
CA LEU D 46 7.57 -3.50 60.08
C LEU D 46 7.99 -4.59 59.09
N ASP D 47 7.07 -4.99 58.22
CA ASP D 47 7.19 -6.28 57.54
C ASP D 47 7.88 -6.23 56.19
N ARG D 48 8.01 -5.04 55.61
CA ARG D 48 8.60 -4.88 54.28
C ARG D 48 10.08 -4.61 54.33
N VAL D 49 10.67 -4.51 55.51
CA VAL D 49 12.05 -4.07 55.71
C VAL D 49 12.88 -5.27 56.12
N ALA D 50 13.94 -5.54 55.38
CA ALA D 50 14.88 -6.61 55.70
C ALA D 50 16.03 -6.05 56.52
N TRP D 51 16.76 -6.96 57.19
CA TRP D 51 17.85 -6.53 58.06
C TRP D 51 19.01 -5.97 57.25
N ARG D 52 19.23 -6.50 56.04
CA ARG D 52 20.39 -6.13 55.25
C ARG D 52 20.31 -4.72 54.70
N THR D 53 19.13 -4.12 54.63
CA THR D 53 18.99 -2.79 54.07
C THR D 53 19.39 -1.70 55.06
N LEU D 54 19.62 -2.04 56.32
CA LEU D 54 20.06 -1.09 57.32
C LEU D 54 21.58 -0.89 57.31
N VAL D 55 22.32 -1.81 56.71
CA VAL D 55 23.79 -1.74 56.72
C VAL D 55 24.23 -0.67 55.74
N GLY D 56 24.99 0.31 56.23
CA GLY D 56 25.44 1.41 55.41
C GLY D 56 24.49 2.59 55.36
N VAL D 57 23.36 2.51 56.06
CA VAL D 57 22.41 3.61 56.15
C VAL D 57 22.35 4.18 57.56
N SER D 58 22.21 3.32 58.56
CA SER D 58 22.17 3.78 59.93
C SER D 58 23.05 2.98 60.89
N HIS D 59 23.51 1.79 60.52
CA HIS D 59 24.33 0.96 61.39
C HIS D 59 25.41 0.30 60.55
N THR D 60 26.40 -0.30 61.22
CA THR D 60 27.45 -1.03 60.55
C THR D 60 27.04 -2.49 60.34
N ASN D 61 27.89 -3.23 59.63
CA ASN D 61 27.61 -4.65 59.37
C ASN D 61 27.71 -5.46 60.65
N GLU D 62 28.58 -5.06 61.58
CA GLU D 62 28.74 -5.81 62.82
C GLU D 62 27.60 -5.53 63.78
N GLU D 63 26.96 -4.36 63.68
CA GLU D 63 25.89 -4.00 64.59
C GLU D 63 24.59 -4.70 64.22
N VAL D 64 24.30 -4.81 62.92
CA VAL D 64 23.03 -5.39 62.48
C VAL D 64 23.03 -6.90 62.70
N ARG D 65 24.22 -7.52 62.65
CA ARG D 65 24.32 -8.96 62.91
C ARG D 65 23.98 -9.29 64.35
N ASN D 66 24.27 -8.40 65.28
CA ASN D 66 23.92 -8.63 66.68
C ASN D 66 22.46 -8.29 66.96
N MET D 67 21.86 -7.39 66.18
CA MET D 67 20.45 -7.08 66.36
C MET D 67 19.56 -8.18 65.81
N ALA D 68 19.98 -8.81 64.71
CA ALA D 68 19.17 -9.87 64.12
C ALA D 68 19.25 -11.17 64.91
N GLU D 69 20.34 -11.38 65.65
CA GLU D 69 20.54 -12.62 66.39
C GLU D 69 19.86 -12.64 67.75
N GLU D 70 18.96 -11.70 68.03
CA GLU D 70 18.18 -11.70 69.25
C GLU D 70 16.76 -12.20 69.02
N PHE D 71 16.43 -12.62 67.80
CA PHE D 71 15.12 -13.14 67.46
C PHE D 71 15.28 -14.55 66.90
N GLU D 72 14.19 -15.31 66.95
CA GLU D 72 14.19 -16.70 66.55
C GLU D 72 13.31 -16.91 65.34
N TYR D 73 13.77 -17.72 64.40
CA TYR D 73 13.08 -17.93 63.13
C TYR D 73 12.91 -19.43 62.90
N ASP D 74 11.99 -19.76 61.99
CA ASP D 74 11.73 -21.15 61.64
C ASP D 74 12.82 -21.67 60.72
N ASP D 75 13.28 -22.88 60.99
CA ASP D 75 14.31 -23.55 60.22
C ASP D 75 13.68 -24.67 59.38
N GLU D 76 14.51 -25.29 58.54
CA GLU D 76 14.11 -26.51 57.87
C GLU D 76 13.98 -27.64 58.91
N PRO D 77 13.05 -28.57 58.70
CA PRO D 77 12.78 -29.58 59.72
C PRO D 77 13.93 -30.57 59.88
N ASP D 78 13.83 -31.37 60.94
CA ASP D 78 14.88 -32.32 61.32
C ASP D 78 14.91 -33.49 60.35
N GLU D 79 15.85 -34.41 60.60
CA GLU D 79 15.91 -35.64 59.82
C GLU D 79 14.76 -36.58 60.14
N GLN D 80 14.21 -36.49 61.35
CA GLN D 80 13.02 -37.24 61.72
C GLN D 80 11.73 -36.56 61.29
N GLY D 81 11.80 -35.32 60.81
CA GLY D 81 10.63 -34.59 60.39
C GLY D 81 10.05 -33.64 61.41
N ASN D 82 10.75 -33.37 62.50
CA ASN D 82 10.32 -32.50 63.58
C ASN D 82 10.73 -31.06 63.30
N PRO D 83 9.96 -30.07 63.77
CA PRO D 83 10.32 -28.68 63.52
C PRO D 83 11.52 -28.24 64.34
N LYS D 84 12.08 -27.10 63.93
CA LYS D 84 13.30 -26.57 64.53
C LYS D 84 13.27 -25.05 64.51
N LYS D 85 14.20 -24.45 65.25
CA LYS D 85 14.33 -23.00 65.34
C LYS D 85 15.79 -22.62 65.12
N ARG D 86 16.01 -21.35 64.80
CA ARG D 86 17.34 -20.84 64.52
C ARG D 86 17.35 -19.34 64.79
N PRO D 87 18.51 -18.76 65.09
CA PRO D 87 18.60 -17.29 65.19
C PRO D 87 18.56 -16.63 63.82
N GLY D 88 18.49 -15.30 63.83
CA GLY D 88 18.30 -14.55 62.62
C GLY D 88 19.59 -14.22 61.89
N LYS D 89 19.45 -13.95 60.60
CA LYS D 89 20.56 -13.56 59.74
C LYS D 89 20.15 -12.31 58.96
N LEU D 90 21.06 -11.85 58.09
CA LEU D 90 20.86 -10.57 57.42
C LEU D 90 19.80 -10.60 56.33
N SER D 91 19.45 -11.78 55.82
CA SER D 91 18.47 -11.89 54.77
C SER D 91 17.05 -12.01 55.30
N ASP D 92 16.86 -12.01 56.62
CA ASP D 92 15.55 -12.11 57.21
C ASP D 92 14.87 -10.74 57.25
N TYR D 93 13.57 -10.75 57.53
CA TYR D 93 12.80 -9.53 57.69
C TYR D 93 12.57 -9.27 59.16
N ILE D 94 12.30 -8.01 59.49
CA ILE D 94 12.12 -7.61 60.89
C ILE D 94 10.79 -8.17 61.41
N PRO D 95 10.78 -8.91 62.52
CA PRO D 95 9.56 -9.59 62.94
C PRO D 95 8.60 -8.69 63.72
N GLY D 96 7.33 -9.10 63.73
CA GLY D 96 6.28 -8.37 64.39
C GLY D 96 5.90 -9.00 65.72
N PRO D 97 5.10 -8.28 66.52
CA PRO D 97 4.80 -8.75 67.87
C PRO D 97 3.67 -9.77 67.96
N TYR D 98 2.84 -9.92 66.94
CA TYR D 98 1.69 -10.80 67.06
C TYR D 98 1.71 -11.91 66.03
N PRO D 99 1.22 -13.10 66.37
CA PRO D 99 1.20 -14.19 65.40
C PRO D 99 0.13 -14.03 64.32
N ASN D 100 -1.03 -13.48 64.65
CA ASN D 100 -2.07 -13.23 63.66
C ASN D 100 -2.87 -12.01 64.08
N GLU D 101 -3.88 -11.66 63.28
CA GLU D 101 -4.62 -10.43 63.54
C GLU D 101 -5.76 -10.64 64.53
N GLN D 102 -6.13 -11.89 64.81
CA GLN D 102 -7.06 -12.15 65.91
C GLN D 102 -6.41 -11.87 67.26
N ALA D 103 -5.11 -12.19 67.37
CA ALA D 103 -4.38 -11.93 68.61
C ALA D 103 -4.03 -10.45 68.75
N ALA D 104 -3.98 -9.73 67.63
CA ALA D 104 -3.68 -8.30 67.68
C ALA D 104 -4.87 -7.49 68.17
N ARG D 105 -6.08 -7.88 67.76
CA ARG D 105 -7.27 -7.18 68.20
C ARG D 105 -7.60 -7.48 69.65
N ALA D 106 -7.21 -8.66 70.14
CA ALA D 106 -7.52 -9.04 71.51
C ALA D 106 -6.69 -8.26 72.51
N ALA D 107 -5.51 -7.80 72.11
CA ALA D 107 -4.64 -7.03 72.99
C ALA D 107 -4.87 -5.54 72.88
N ASN D 108 -5.75 -5.09 71.98
CA ASN D 108 -5.95 -3.67 71.72
C ASN D 108 -7.42 -3.30 71.73
N GLN D 109 -8.24 -4.08 72.45
CA GLN D 109 -9.67 -3.84 72.66
C GLN D 109 -10.45 -3.82 71.34
N GLY D 110 -10.10 -4.71 70.42
CA GLY D 110 -10.81 -4.85 69.17
C GLY D 110 -10.23 -4.09 68.01
N ALA D 111 -9.33 -3.14 68.25
CA ALA D 111 -8.74 -2.36 67.18
C ALA D 111 -7.47 -3.02 66.66
N LEU D 112 -7.16 -2.77 65.40
CA LEU D 112 -6.00 -3.39 64.74
C LEU D 112 -5.00 -2.31 64.37
N PRO D 113 -3.82 -2.25 65.02
CA PRO D 113 -2.80 -1.30 64.60
C PRO D 113 -2.16 -1.71 63.29
N PRO D 114 -2.00 -0.77 62.36
CA PRO D 114 -1.55 -1.14 61.01
C PRO D 114 -0.04 -1.34 60.91
N ASP D 115 0.36 -1.91 59.78
CA ASP D 115 1.77 -2.02 59.45
C ASP D 115 2.33 -0.66 59.05
N LEU D 116 3.52 -0.34 59.56
CA LEU D 116 4.09 0.99 59.41
C LEU D 116 5.13 1.08 58.31
N SER D 117 5.20 0.12 57.40
CA SER D 117 6.24 0.14 56.37
C SER D 117 5.94 1.15 55.27
N LEU D 118 4.67 1.48 55.05
CA LEU D 118 4.27 2.39 53.98
C LEU D 118 3.36 3.50 54.48
N ILE D 119 3.38 3.79 55.77
CA ILE D 119 2.37 4.66 56.36
C ILE D 119 2.58 6.13 55.98
N VAL D 120 3.76 6.50 55.48
CA VAL D 120 3.99 7.88 55.10
C VAL D 120 3.39 8.16 53.73
N LYS D 121 3.50 7.23 52.79
CA LYS D 121 2.90 7.37 51.47
C LYS D 121 1.41 7.10 51.46
N ALA D 122 0.87 6.45 52.49
CA ALA D 122 -0.52 6.02 52.50
C ALA D 122 -1.44 6.95 53.25
N ARG D 123 -0.97 8.12 53.65
CA ARG D 123 -1.80 9.12 54.33
C ARG D 123 -1.65 10.44 53.62
N HIS D 124 -2.76 11.17 53.50
CA HIS D 124 -2.72 12.52 52.95
C HIS D 124 -2.12 13.46 53.98
N GLY D 125 -0.98 14.07 53.65
CA GLY D 125 -0.26 14.90 54.58
C GLY D 125 1.20 14.53 54.67
N GLY D 126 1.50 13.25 54.60
CA GLY D 126 2.90 12.82 54.52
C GLY D 126 3.57 12.83 55.88
N CYS D 127 4.78 13.41 55.93
CA CYS D 127 5.50 13.50 57.19
C CYS D 127 4.86 14.49 58.14
N ASP D 128 4.13 15.48 57.62
CA ASP D 128 3.53 16.50 58.48
C ASP D 128 2.33 15.95 59.24
N TYR D 129 1.69 14.92 58.70
CA TYR D 129 0.52 14.35 59.37
C TYR D 129 0.95 13.46 60.54
N ILE D 130 2.03 12.69 60.36
CA ILE D 130 2.48 11.77 61.41
C ILE D 130 3.06 12.54 62.58
N PHE D 131 3.75 13.66 62.32
CA PHE D 131 4.30 14.47 63.39
C PHE D 131 3.21 15.18 64.17
N SER D 132 2.18 15.66 63.47
CA SER D 132 1.11 16.40 64.13
C SER D 132 0.22 15.48 64.95
N LEU D 133 0.14 14.20 64.57
CA LEU D 133 -0.68 13.26 65.30
C LEU D 133 -0.05 12.90 66.64
N LEU D 134 1.26 12.65 66.65
CA LEU D 134 1.93 12.20 67.86
C LEU D 134 2.11 13.30 68.89
N THR D 135 2.09 14.56 68.48
CA THR D 135 2.26 15.69 69.38
C THR D 135 0.98 16.50 69.58
N GLY D 136 -0.15 15.98 69.11
CA GLY D 136 -1.38 16.75 69.12
C GLY D 136 -2.47 16.21 70.02
N TYR D 137 -2.11 15.38 70.99
CA TYR D 137 -3.08 14.92 71.97
C TYR D 137 -3.32 16.00 73.01
N PRO D 138 -4.54 16.52 73.17
CA PRO D 138 -4.79 17.50 74.21
C PRO D 138 -4.90 16.83 75.58
N ASP D 139 -4.78 17.65 76.62
CA ASP D 139 -4.90 17.13 77.97
C ASP D 139 -6.35 16.83 78.32
N GLU D 140 -7.30 17.48 77.66
CA GLU D 140 -8.71 17.23 77.84
C GLU D 140 -9.42 17.41 76.50
N PRO D 141 -10.50 16.68 76.25
CA PRO D 141 -11.30 16.93 75.06
C PRO D 141 -12.07 18.23 75.19
N PRO D 142 -12.49 18.85 74.07
CA PRO D 142 -13.30 20.06 74.18
C PRO D 142 -14.68 19.77 74.73
N ALA D 143 -15.33 20.82 75.22
CA ALA D 143 -16.58 20.67 75.95
C ALA D 143 -17.72 20.27 75.01
N GLY D 144 -18.38 19.16 75.33
CA GLY D 144 -19.50 18.67 74.57
C GLY D 144 -19.26 17.36 73.87
N VAL D 145 -18.01 16.98 73.66
CA VAL D 145 -17.68 15.74 72.94
C VAL D 145 -17.83 14.57 73.89
N ALA D 146 -18.53 13.53 73.44
CA ALA D 146 -18.76 12.32 74.22
C ALA D 146 -17.94 11.19 73.60
N LEU D 147 -16.90 10.77 74.30
CA LEU D 147 -16.03 9.72 73.79
C LEU D 147 -16.53 8.36 74.26
N PRO D 148 -16.51 7.34 73.41
CA PRO D 148 -16.76 5.97 73.86
C PRO D 148 -15.66 5.51 74.80
N PRO D 149 -15.97 4.60 75.73
CA PRO D 149 -14.94 4.14 76.67
C PRO D 149 -13.88 3.29 75.96
N GLY D 150 -12.63 3.73 76.06
CA GLY D 150 -11.55 3.13 75.31
C GLY D 150 -11.07 3.93 74.12
N SER D 151 -11.52 5.18 73.99
CA SER D 151 -11.10 6.05 72.91
C SER D 151 -10.50 7.33 73.48
N ASN D 152 -9.66 7.96 72.67
CA ASN D 152 -8.99 9.19 73.05
C ASN D 152 -9.27 10.25 71.99
N TYR D 153 -9.05 11.51 72.36
CA TYR D 153 -9.30 12.62 71.47
C TYR D 153 -8.02 13.10 70.81
N ASN D 154 -8.06 13.27 69.50
CA ASN D 154 -6.99 13.86 68.70
C ASN D 154 -7.64 14.59 67.54
N PRO D 155 -7.44 15.89 67.39
CA PRO D 155 -8.14 16.65 66.35
C PRO D 155 -7.63 16.43 64.94
N TYR D 156 -6.49 15.79 64.77
CA TYR D 156 -5.96 15.52 63.44
C TYR D 156 -6.47 14.21 62.86
N PHE D 157 -7.10 13.39 63.65
CA PHE D 157 -7.70 12.14 63.19
C PHE D 157 -9.11 12.41 62.67
N PRO D 158 -9.49 11.84 61.52
CA PRO D 158 -10.86 12.06 61.00
C PRO D 158 -11.93 11.49 61.91
N GLY D 159 -12.80 12.37 62.39
CA GLY D 159 -13.78 12.03 63.39
C GLY D 159 -13.40 12.44 64.80
N GLY D 160 -12.10 12.57 65.07
CA GLY D 160 -11.62 13.02 66.36
C GLY D 160 -11.49 11.96 67.43
N SER D 161 -11.75 10.69 67.10
CA SER D 161 -11.77 9.61 68.08
C SER D 161 -10.85 8.51 67.61
N ILE D 162 -9.76 8.29 68.34
CA ILE D 162 -8.71 7.35 67.94
C ILE D 162 -8.54 6.31 69.05
N ALA D 163 -8.14 5.10 68.65
CA ALA D 163 -7.97 3.99 69.59
C ALA D 163 -6.54 3.87 70.12
N MET D 164 -5.67 4.81 69.80
CA MET D 164 -4.31 4.87 70.32
C MET D 164 -4.20 6.00 71.34
N ALA D 165 -3.67 5.67 72.52
CA ALA D 165 -3.46 6.66 73.57
C ALA D 165 -2.17 7.44 73.31
N ARG D 166 -1.90 8.44 74.15
CA ARG D 166 -0.65 9.16 74.03
C ARG D 166 0.50 8.29 74.56
N VAL D 167 1.58 8.21 73.80
CA VAL D 167 2.65 7.26 74.10
C VAL D 167 3.94 7.99 74.45
N LEU D 168 4.17 9.15 73.83
CA LEU D 168 5.44 9.84 73.94
C LEU D 168 5.45 10.79 75.13
N PHE D 169 6.40 10.59 76.04
CA PHE D 169 6.60 11.45 77.19
C PHE D 169 8.08 11.77 77.30
N ASP D 170 8.40 12.82 78.05
CA ASP D 170 9.76 13.34 78.07
C ASP D 170 10.71 12.41 78.80
N ASP D 171 11.89 12.19 78.19
CA ASP D 171 13.00 11.41 78.74
C ASP D 171 12.63 9.96 79.02
N MET D 172 11.87 9.36 78.11
CA MET D 172 11.61 7.93 78.19
C MET D 172 12.63 7.10 77.43
N VAL D 173 13.50 7.76 76.66
CA VAL D 173 14.57 7.12 75.88
C VAL D 173 15.86 7.85 76.20
N GLU D 174 16.94 7.11 76.46
CA GLU D 174 18.26 7.69 76.67
C GLU D 174 19.05 7.51 75.37
N TYR D 175 19.29 8.62 74.67
CA TYR D 175 19.96 8.58 73.38
C TYR D 175 21.45 8.30 73.54
N GLU D 176 22.05 7.72 72.51
CA GLU D 176 23.45 7.31 72.57
C GLU D 176 24.38 8.50 72.38
N ASP D 177 24.07 9.39 71.43
CA ASP D 177 24.95 10.49 71.12
C ASP D 177 24.79 11.68 72.07
N GLY D 178 23.82 11.63 72.98
CA GLY D 178 23.68 12.68 73.98
C GLY D 178 22.64 13.75 73.68
N THR D 179 21.75 13.51 72.73
CA THR D 179 20.72 14.48 72.41
C THR D 179 19.64 14.45 73.49
N PRO D 180 19.13 15.61 73.93
CA PRO D 180 18.01 15.60 74.88
C PRO D 180 16.74 15.07 74.24
N ALA D 181 16.14 14.07 74.88
CA ALA D 181 15.01 13.34 74.30
C ALA D 181 13.71 13.90 74.86
N THR D 182 13.26 14.99 74.27
CA THR D 182 11.96 15.57 74.58
C THR D 182 10.90 14.91 73.72
N THR D 183 9.66 15.39 73.85
CA THR D 183 8.55 14.83 73.07
C THR D 183 8.68 15.18 71.60
N SER D 184 9.03 16.43 71.30
CA SER D 184 9.13 16.87 69.92
C SER D 184 10.37 16.33 69.24
N GLN D 185 11.42 16.05 70.01
CA GLN D 185 12.64 15.50 69.45
C GLN D 185 12.44 14.04 69.04
N MET D 186 11.73 13.27 69.86
CA MET D 186 11.53 11.86 69.56
C MET D 186 10.48 11.69 68.45
N ALA D 187 9.54 12.62 68.35
CA ALA D 187 8.53 12.53 67.30
C ALA D 187 9.09 12.91 65.95
N LYS D 188 10.14 13.74 65.92
CA LYS D 188 10.80 14.10 64.67
C LYS D 188 11.67 12.96 64.17
N ASP D 189 12.21 12.15 65.07
CA ASP D 189 13.15 11.11 64.67
C ASP D 189 12.44 9.89 64.10
N VAL D 190 11.26 9.53 64.63
CA VAL D 190 10.52 8.39 64.09
C VAL D 190 9.98 8.71 62.70
N THR D 191 9.62 9.97 62.46
CA THR D 191 9.04 10.32 61.18
C THR D 191 10.09 10.34 60.08
N THR D 192 11.34 10.67 60.43
CA THR D 192 12.42 10.58 59.46
C THR D 192 12.79 9.12 59.18
N PHE D 193 12.77 8.29 60.22
CA PHE D 193 13.05 6.87 60.05
C PHE D 193 11.94 6.17 59.28
N LEU D 194 10.69 6.58 59.49
CA LEU D 194 9.57 5.93 58.79
C LEU D 194 9.48 6.39 57.35
N ASN D 195 9.98 7.56 57.00
CA ASN D 195 10.02 8.02 55.58
C ASN D 195 11.10 7.26 54.84
N TRP D 196 12.17 6.86 55.53
CA TRP D 196 13.16 6.02 54.86
C TRP D 196 12.61 4.62 54.61
N CYS D 197 11.76 4.12 55.52
CA CYS D 197 11.17 2.80 55.34
C CYS D 197 10.22 2.75 54.16
N ALA D 198 9.55 3.85 53.85
CA ALA D 198 8.65 3.90 52.71
C ALA D 198 9.39 4.19 51.40
N GLU D 199 10.43 5.01 51.45
CA GLU D 199 11.19 5.42 50.26
C GLU D 199 12.68 5.24 50.47
N PRO D 200 13.21 4.01 50.39
CA PRO D 200 14.66 3.82 50.56
C PRO D 200 15.49 4.24 49.36
N GLU D 201 14.88 4.61 48.24
CA GLU D 201 15.58 5.02 47.03
C GLU D 201 15.79 6.53 46.95
N HIS D 202 15.39 7.26 47.99
CA HIS D 202 15.16 8.70 47.92
C HIS D 202 16.42 9.51 47.65
N ASP D 203 17.55 9.09 48.23
CA ASP D 203 18.79 9.83 48.03
C ASP D 203 19.37 9.58 46.64
N GLU D 204 19.20 8.37 46.11
CA GLU D 204 19.73 8.04 44.80
C GLU D 204 18.86 8.61 43.69
N ARG D 205 17.55 8.71 43.92
CA ARG D 205 16.62 9.21 42.91
C ARG D 205 16.85 10.68 42.63
N LYS D 206 17.16 11.46 43.67
CA LYS D 206 17.38 12.90 43.50
C LYS D 206 18.73 13.22 42.87
N ARG D 207 19.67 12.28 42.84
CA ARG D 207 20.94 12.50 42.17
C ARG D 207 20.89 12.10 40.70
N LEU D 208 20.12 11.07 40.35
CA LEU D 208 19.90 10.75 38.94
C LEU D 208 18.96 11.73 38.28
N GLY D 209 18.15 12.44 39.07
CA GLY D 209 17.29 13.47 38.50
C GLY D 209 18.04 14.74 38.16
N LEU D 210 19.18 14.96 38.82
CA LEU D 210 20.00 16.13 38.51
C LEU D 210 20.74 15.94 37.19
N LYS D 211 21.12 14.71 36.88
CA LYS D 211 21.81 14.45 35.61
C LYS D 211 20.84 14.49 34.45
N THR D 212 19.60 14.05 34.67
CA THR D 212 18.63 13.95 33.58
C THR D 212 18.09 15.32 33.18
N VAL D 213 17.91 16.22 34.15
CA VAL D 213 17.31 17.51 33.86
C VAL D 213 18.32 18.44 33.18
N ILE D 214 19.59 18.32 33.51
CA ILE D 214 20.63 19.14 32.88
C ILE D 214 20.83 18.74 31.43
N ILE D 215 20.82 17.43 31.15
CA ILE D 215 21.02 16.95 29.78
C ILE D 215 19.79 17.25 28.91
N LEU D 216 18.59 17.08 29.47
CA LEU D 216 17.38 17.27 28.66
C LEU D 216 17.06 18.74 28.44
N SER D 217 17.52 19.63 29.31
CA SER D 217 17.30 21.05 29.06
C SER D 217 18.36 21.65 28.18
N SER D 218 19.50 20.96 28.00
CA SER D 218 20.47 21.40 27.01
C SER D 218 20.08 20.94 25.61
N LEU D 219 19.46 19.76 25.50
CA LEU D 219 18.98 19.28 24.22
C LEU D 219 17.78 20.09 23.74
N TYR D 220 17.02 20.68 24.67
CA TYR D 220 15.86 21.47 24.28
C TYR D 220 16.29 22.83 23.73
N LEU D 221 17.34 23.41 24.28
CA LEU D 221 17.80 24.70 23.80
C LEU D 221 18.58 24.58 22.49
N LEU D 222 19.27 23.45 22.29
CA LEU D 222 20.01 23.26 21.05
C LEU D 222 19.08 22.97 19.88
N SER D 223 17.91 22.39 20.14
CA SER D 223 16.99 22.05 19.06
C SER D 223 16.18 23.26 18.60
N ILE D 224 16.06 24.29 19.43
CA ILE D 224 15.41 25.52 19.00
C ILE D 224 16.31 26.29 18.05
N TRP D 225 17.63 26.25 18.29
CA TRP D 225 18.59 26.91 17.42
C TRP D 225 18.67 26.24 16.05
N VAL D 226 18.67 24.91 16.03
CA VAL D 226 18.82 24.17 14.79
C VAL D 226 17.57 24.32 13.93
N LYS D 227 16.40 24.38 14.57
CA LYS D 227 15.15 24.54 13.84
C LYS D 227 15.05 25.93 13.20
N LYS D 228 15.56 26.95 13.86
CA LYS D 228 15.50 28.30 13.30
C LYS D 228 16.53 28.49 12.19
N PHE D 229 17.58 27.68 12.16
CA PHE D 229 18.54 27.75 11.07
C PHE D 229 17.98 27.13 9.80
N LYS D 230 17.39 25.94 9.92
CA LYS D 230 16.89 25.21 8.76
C LYS D 230 15.62 25.81 8.18
N TRP D 231 14.93 26.66 8.92
CA TRP D 231 13.69 27.28 8.46
C TRP D 231 13.89 28.70 7.96
N ALA D 232 15.14 29.17 7.88
CA ALA D 232 15.38 30.58 7.58
C ALA D 232 15.11 30.91 6.12
N GLY D 233 15.22 29.93 5.22
CA GLY D 233 14.92 30.19 3.83
C GLY D 233 13.44 30.28 3.52
N ILE D 234 12.62 29.53 4.26
CA ILE D 234 11.18 29.60 4.08
C ILE D 234 10.59 30.87 4.69
N LYS D 235 11.12 31.32 5.82
CA LYS D 235 10.51 32.42 6.56
C LYS D 235 10.72 33.78 5.91
N THR D 236 11.72 33.94 5.04
CA THR D 236 12.00 35.21 4.40
C THR D 236 11.74 35.18 2.90
N ARG D 237 10.98 34.19 2.44
CA ARG D 237 10.61 34.06 1.04
C ARG D 237 9.67 35.19 0.60
N LYS D 238 9.82 35.61 -0.66
CA LYS D 238 9.07 36.74 -1.20
C LYS D 238 8.37 36.34 -2.49
N PHE D 239 7.18 36.91 -2.72
CA PHE D 239 6.35 36.59 -3.89
C PHE D 239 5.92 37.88 -4.59
N VAL D 240 5.97 37.85 -5.93
CA VAL D 240 5.56 38.96 -6.77
C VAL D 240 4.56 38.43 -7.79
N PHE D 241 3.52 39.22 -8.07
CA PHE D 241 2.49 38.83 -9.04
C PHE D 241 2.39 39.87 -10.14
N ASN D 242 2.65 39.45 -11.37
CA ASN D 242 2.36 40.25 -12.56
C ASN D 242 1.25 39.54 -13.32
N PRO D 243 0.09 40.15 -13.50
CA PRO D 243 -1.05 39.45 -14.13
C PRO D 243 -0.79 39.19 -15.60
N PRO D 244 -1.05 37.96 -16.06
CA PRO D 244 -0.71 37.59 -17.45
C PRO D 244 -1.57 38.31 -18.47
N LYS D 245 -1.04 38.41 -19.68
CA LYS D 245 -1.73 39.10 -20.75
C LYS D 245 -2.91 38.26 -21.24
N PRO D 246 -4.00 38.90 -21.70
CA PRO D 246 -5.23 38.14 -22.02
C PRO D 246 -5.22 37.42 -23.36
N ARG D 247 -4.04 37.16 -23.93
CA ARG D 247 -3.92 36.34 -25.14
C ARG D 247 -4.57 34.98 -24.94
N LYS D 248 -3.92 34.15 -24.11
CA LYS D 248 -4.44 32.89 -23.55
C LYS D 248 -5.06 31.89 -24.54
N LYS E 1 6.71 45.86 -12.67
CA LYS E 1 8.14 45.91 -12.38
C LYS E 1 8.82 44.72 -13.04
N SER E 2 10.08 44.91 -13.44
CA SER E 2 10.83 43.86 -14.10
C SER E 2 11.15 42.72 -13.14
N THR E 3 11.17 41.50 -13.68
CA THR E 3 11.54 40.34 -12.86
C THR E 3 13.04 40.21 -12.67
N TYR E 4 13.84 41.05 -13.31
CA TYR E 4 15.27 41.09 -13.08
C TYR E 4 15.65 41.95 -11.89
N ARG E 5 14.70 42.68 -11.31
CA ARG E 5 14.94 43.45 -10.10
C ARG E 5 14.58 42.60 -8.88
N THR E 6 15.60 42.15 -8.16
CA THR E 6 15.41 41.36 -6.95
C THR E 6 14.97 42.28 -5.80
N PRO E 7 14.01 41.86 -4.96
CA PRO E 7 13.61 42.70 -3.84
C PRO E 7 14.65 42.84 -2.74
N ASN E 8 14.27 43.56 -1.70
CA ASN E 8 15.18 44.00 -0.65
C ASN E 8 15.32 42.91 0.41
N PHE E 9 16.54 42.40 0.56
CA PHE E 9 16.86 41.40 1.59
C PHE E 9 17.86 41.93 2.61
N ASP E 10 18.00 43.26 2.72
CA ASP E 10 19.14 43.83 3.45
C ASP E 10 19.00 43.71 4.96
N ASP E 11 17.78 43.59 5.47
CA ASP E 11 17.59 43.51 6.91
C ASP E 11 17.91 42.14 7.49
N VAL E 12 18.17 41.13 6.65
CA VAL E 12 18.49 39.79 7.12
C VAL E 12 19.85 39.33 6.64
N LEU E 13 20.53 40.06 5.77
CA LEU E 13 21.83 39.66 5.27
C LEU E 13 22.93 40.07 6.24
N LYS E 14 24.07 39.41 6.11
CA LYS E 14 25.17 39.60 7.04
C LYS E 14 25.88 40.93 6.78
N GLU E 15 26.83 41.23 7.67
CA GLU E 15 27.68 42.41 7.63
C GLU E 15 28.53 42.45 6.37
N ASN E 16 29.45 41.50 6.21
CA ASN E 16 29.82 40.97 4.90
C ASN E 16 29.64 39.47 5.02
N ASN E 17 29.58 38.78 3.86
CA ASN E 17 29.05 37.42 3.82
C ASN E 17 29.89 36.43 4.62
N ASP E 18 31.15 36.21 4.22
CA ASP E 18 32.20 35.57 5.02
C ASP E 18 31.81 34.16 5.47
N ALA E 19 31.75 33.28 4.47
CA ALA E 19 31.11 31.95 4.48
C ALA E 19 31.35 31.09 5.74
N ASP E 20 32.50 31.23 6.37
CA ASP E 20 32.79 30.51 7.62
C ASP E 20 32.43 31.36 8.84
N LYS E 21 31.19 31.84 8.86
CA LYS E 21 30.66 32.53 10.03
C LYS E 21 29.31 31.93 10.42
N GLY E 22 28.51 31.57 9.42
CA GLY E 22 27.27 30.89 9.66
C GLY E 22 27.44 29.40 9.50
N ARG E 23 28.56 28.99 8.90
CA ARG E 23 28.87 27.58 8.75
C ARG E 23 29.59 26.99 9.95
N SER E 24 30.51 27.73 10.56
CA SER E 24 31.19 27.25 11.76
C SER E 24 30.27 27.28 12.97
N TYR E 25 29.31 28.18 12.95
CA TYR E 25 28.43 28.34 14.11
C TYR E 25 27.27 27.37 14.06
N ALA E 26 26.96 26.84 12.87
CA ALA E 26 25.86 25.89 12.75
C ALA E 26 26.35 24.46 12.87
N TYR E 27 27.61 24.21 12.49
CA TYR E 27 28.14 22.86 12.57
C TYR E 27 28.52 22.51 14.01
N PHE E 28 28.73 23.52 14.85
CA PHE E 28 28.97 23.27 16.27
C PHE E 28 27.69 22.86 16.97
N MET E 29 26.56 23.44 16.58
CA MET E 29 25.29 23.18 17.26
C MET E 29 24.71 21.83 16.85
N VAL E 30 24.91 21.43 15.60
CA VAL E 30 24.47 20.12 15.14
C VAL E 30 25.36 19.03 15.72
N GLY E 31 26.65 19.33 15.89
CA GLY E 31 27.54 18.36 16.50
C GLY E 31 27.31 18.20 17.99
N ALA E 32 26.93 19.29 18.67
CA ALA E 32 26.66 19.20 20.10
C ALA E 32 25.33 18.50 20.37
N MET E 33 24.39 18.60 19.44
CA MET E 33 23.10 17.92 19.61
C MET E 33 23.24 16.42 19.35
N GLY E 34 24.19 16.03 18.51
CA GLY E 34 24.40 14.62 18.25
C GLY E 34 25.24 13.94 19.32
N LEU E 35 26.06 14.71 20.03
CA LEU E 35 26.88 14.15 21.10
C LEU E 35 26.04 13.89 22.35
N LEU E 36 25.13 14.81 22.68
CA LEU E 36 24.30 14.63 23.86
C LEU E 36 23.22 13.59 23.63
N SER E 37 22.83 13.37 22.37
CA SER E 37 21.79 12.39 22.09
C SER E 37 22.34 10.97 22.11
N SER E 38 23.60 10.79 21.71
CA SER E 38 24.19 9.46 21.76
C SER E 38 24.52 9.06 23.20
N ALA E 39 24.85 10.04 24.04
CA ALA E 39 25.11 9.74 25.45
C ALA E 39 23.80 9.45 26.20
N GLY E 40 22.71 10.10 25.79
CA GLY E 40 21.44 9.87 26.43
C GLY E 40 20.77 8.59 25.99
N ALA E 41 20.97 8.21 24.73
CA ALA E 41 20.42 6.95 24.23
C ALA E 41 21.20 5.76 24.76
N LYS E 42 22.46 5.90 25.12
CA LYS E 42 23.21 4.76 25.72
C LYS E 42 22.91 4.63 27.22
N SER E 43 22.55 5.70 27.93
CA SER E 43 22.15 5.54 29.31
C SER E 43 20.74 4.95 29.41
N THR E 44 19.92 5.18 28.39
CA THR E 44 18.57 4.66 28.40
C THR E 44 18.55 3.16 28.12
N VAL E 45 19.41 2.70 27.20
CA VAL E 45 19.45 1.27 26.89
C VAL E 45 20.06 0.48 28.04
N GLU E 46 21.07 1.05 28.71
CA GLU E 46 21.69 0.35 29.83
C GLU E 46 20.81 0.36 31.09
N THR E 47 19.83 1.25 31.15
CA THR E 47 18.91 1.25 32.28
C THR E 47 17.92 0.10 32.17
N PHE E 48 17.43 -0.17 30.97
CA PHE E 48 16.48 -1.26 30.78
C PHE E 48 17.16 -2.63 30.86
N ILE E 49 18.42 -2.70 30.42
CA ILE E 49 19.12 -3.99 30.35
C ILE E 49 19.52 -4.45 31.74
N SER E 50 19.93 -3.54 32.62
CA SER E 50 20.35 -3.89 33.97
C SER E 50 19.18 -4.24 34.88
N SER E 51 17.94 -4.01 34.44
CA SER E 51 16.77 -4.49 35.18
C SER E 51 16.66 -6.02 35.14
N MET E 52 17.24 -6.67 34.14
CA MET E 52 17.15 -8.10 33.99
C MET E 52 18.28 -8.85 34.68
N THR E 53 19.12 -8.16 35.44
CA THR E 53 20.13 -8.80 36.26
C THR E 53 19.50 -9.27 37.58
N ALA E 54 20.31 -9.91 38.41
CA ALA E 54 19.81 -10.51 39.65
C ALA E 54 19.37 -9.44 40.64
N THR E 55 18.22 -9.67 41.28
CA THR E 55 17.65 -8.70 42.19
C THR E 55 18.36 -8.76 43.54
N ALA E 56 17.97 -7.85 44.43
CA ALA E 56 18.67 -7.68 45.69
C ALA E 56 18.41 -8.85 46.64
N ASP E 57 17.25 -9.49 46.53
CA ASP E 57 16.94 -10.63 47.37
C ASP E 57 17.48 -11.93 46.82
N VAL E 58 17.89 -11.96 45.56
CA VAL E 58 18.47 -13.17 44.98
C VAL E 58 19.95 -13.28 45.33
N LEU E 59 20.69 -12.18 45.18
CA LEU E 59 22.11 -12.19 45.51
C LEU E 59 22.38 -12.03 47.00
N ALA E 60 21.34 -11.94 47.83
CA ALA E 60 21.53 -12.01 49.27
C ALA E 60 21.62 -13.46 49.75
N MET E 61 21.13 -14.41 48.95
CA MET E 61 21.23 -15.83 49.25
C MET E 61 22.37 -16.50 48.50
N ALA E 62 23.40 -15.73 48.13
CA ALA E 62 24.47 -16.27 47.30
C ALA E 62 25.49 -17.08 48.10
N LYS E 63 25.75 -16.69 49.35
CA LYS E 63 26.77 -17.36 50.16
C LYS E 63 26.17 -17.70 51.52
N VAL E 64 26.22 -18.99 51.88
CA VAL E 64 25.77 -19.43 53.20
C VAL E 64 26.97 -19.46 54.14
N GLU E 65 26.73 -19.23 55.43
CA GLU E 65 27.79 -19.10 56.43
C GLU E 65 27.54 -20.12 57.54
N VAL E 66 28.46 -21.08 57.67
CA VAL E 66 28.39 -22.09 58.73
C VAL E 66 29.64 -22.00 59.60
N ASN E 67 29.54 -22.58 60.79
CA ASN E 67 30.62 -22.54 61.78
C ASN E 67 31.44 -23.83 61.70
N LEU E 68 32.33 -24.04 62.66
CA LEU E 68 33.24 -25.19 62.62
C LEU E 68 32.52 -26.49 62.94
N ALA E 69 32.00 -26.62 64.17
CA ALA E 69 31.38 -27.85 64.64
C ALA E 69 29.90 -27.92 64.32
N ALA E 70 29.40 -26.97 63.52
CA ALA E 70 28.01 -26.93 63.12
C ALA E 70 27.75 -27.63 61.78
N ILE E 71 28.67 -28.46 61.35
CA ILE E 71 28.52 -29.16 60.07
C ILE E 71 27.78 -30.47 60.32
N PRO E 72 26.97 -30.97 59.38
CA PRO E 72 26.43 -32.32 59.58
C PRO E 72 27.50 -33.36 59.29
N LEU E 73 28.02 -33.99 60.33
CA LEU E 73 29.29 -34.68 60.25
C LEU E 73 29.20 -36.07 59.60
N GLY E 74 28.26 -36.91 60.04
CA GLY E 74 28.23 -38.29 59.55
C GLY E 74 27.28 -38.50 58.41
N LYS E 75 27.23 -37.55 57.48
CA LYS E 75 26.21 -37.52 56.44
C LYS E 75 26.86 -37.24 55.09
N ASN E 76 26.04 -37.18 54.05
CA ASN E 76 26.35 -36.52 52.78
C ASN E 76 25.16 -35.62 52.44
N VAL E 77 25.17 -34.41 52.99
CA VAL E 77 24.02 -33.50 52.88
C VAL E 77 24.11 -32.81 51.53
N VAL E 78 23.06 -32.93 50.73
CA VAL E 78 23.04 -32.30 49.43
C VAL E 78 22.25 -30.99 49.56
N VAL E 79 22.97 -29.93 49.90
CA VAL E 79 22.40 -28.62 50.04
C VAL E 79 22.16 -28.08 48.63
N LYS E 80 21.13 -27.24 48.49
CA LYS E 80 20.82 -26.58 47.23
C LYS E 80 21.34 -25.14 47.28
N TRP E 81 22.57 -24.99 47.79
CA TRP E 81 23.30 -23.73 47.77
C TRP E 81 23.43 -23.21 46.34
N GLN E 82 22.95 -21.98 46.11
CA GLN E 82 22.92 -21.32 44.80
C GLN E 82 22.20 -22.15 43.74
N GLY E 83 21.18 -22.91 44.15
CA GLY E 83 20.49 -23.80 43.24
C GLY E 83 21.32 -24.96 42.75
N LYS E 84 22.43 -25.27 43.44
CA LYS E 84 23.37 -26.27 42.98
C LYS E 84 23.50 -27.37 44.02
N PRO E 85 23.46 -28.64 43.60
CA PRO E 85 23.79 -29.73 44.53
C PRO E 85 25.26 -29.69 44.91
N VAL E 86 25.54 -29.98 46.18
CA VAL E 86 26.89 -29.93 46.72
C VAL E 86 27.01 -30.99 47.82
N PHE E 87 28.17 -31.65 47.89
CA PHE E 87 28.38 -32.82 48.75
C PHE E 87 29.38 -32.45 49.84
N ILE E 88 29.02 -32.73 51.11
CA ILE E 88 29.76 -32.29 52.29
C ILE E 88 30.03 -33.49 53.18
N ARG E 89 31.27 -33.59 53.67
CA ARG E 89 31.66 -34.70 54.53
C ARG E 89 32.64 -34.22 55.59
N HIS E 90 32.42 -34.68 56.82
CA HIS E 90 33.42 -34.60 57.88
C HIS E 90 34.58 -35.54 57.59
N ARG E 91 35.78 -34.97 57.52
CA ARG E 91 37.01 -35.75 57.34
C ARG E 91 37.66 -35.95 58.70
N THR E 92 37.71 -37.18 59.14
CA THR E 92 38.46 -37.55 60.33
C THR E 92 39.95 -37.54 59.98
N PRO E 93 40.83 -37.10 60.91
CA PRO E 93 42.27 -37.08 60.60
C PRO E 93 42.97 -38.44 60.46
N HIS E 94 42.22 -39.55 60.44
CA HIS E 94 42.82 -40.86 60.27
C HIS E 94 42.94 -41.29 58.81
N GLU E 95 42.22 -40.68 57.87
CA GLU E 95 42.32 -41.11 56.48
C GLU E 95 43.27 -40.22 55.65
N ILE E 96 44.27 -39.59 56.27
CA ILE E 96 45.38 -39.09 55.46
C ILE E 96 46.27 -40.26 55.06
N GLN E 97 46.35 -41.29 55.90
CA GLN E 97 46.95 -42.56 55.50
C GLN E 97 46.13 -43.22 54.40
N GLU E 98 44.81 -42.97 54.36
CA GLU E 98 43.91 -43.82 53.59
C GLU E 98 43.32 -43.15 52.35
N ALA E 99 43.33 -41.83 52.23
CA ALA E 99 42.75 -41.22 51.04
C ALA E 99 43.61 -41.44 49.80
N ASN E 100 44.92 -41.27 49.94
CA ASN E 100 45.83 -41.23 48.79
C ASN E 100 46.63 -42.50 48.61
N SER E 101 46.15 -43.62 49.16
CA SER E 101 46.73 -44.90 48.82
C SER E 101 46.34 -45.29 47.39
N VAL E 102 45.27 -44.69 46.88
CA VAL E 102 44.90 -44.85 45.47
C VAL E 102 45.94 -44.16 44.61
N ASP E 103 46.42 -44.88 43.59
CA ASP E 103 47.28 -44.26 42.59
C ASP E 103 46.43 -43.47 41.60
N MET E 104 46.87 -42.24 41.32
CA MET E 104 46.13 -41.40 40.39
C MET E 104 46.57 -41.62 38.94
N SER E 105 47.42 -42.60 38.69
CA SER E 105 47.70 -43.05 37.33
C SER E 105 46.66 -44.02 36.81
N ALA E 106 45.83 -44.56 37.71
CA ALA E 106 44.62 -45.25 37.27
C ALA E 106 43.52 -44.28 36.91
N LEU E 107 43.66 -43.02 37.28
CA LEU E 107 42.85 -41.93 36.77
C LEU E 107 43.42 -41.41 35.44
N LYS E 108 42.71 -40.46 34.84
CA LYS E 108 43.15 -39.90 33.57
C LYS E 108 43.93 -38.60 33.76
N ASP E 109 43.58 -37.79 34.76
CA ASP E 109 44.47 -36.68 35.07
C ASP E 109 44.64 -36.55 36.58
N PRO E 110 45.89 -36.51 37.06
CA PRO E 110 46.13 -36.43 38.51
C PRO E 110 46.23 -35.01 39.04
N GLN E 111 45.85 -34.76 40.31
CA GLN E 111 46.25 -33.48 40.87
C GLN E 111 47.20 -33.59 42.05
N THR E 112 46.65 -33.93 43.23
CA THR E 112 47.26 -34.27 44.53
C THR E 112 46.00 -34.38 45.41
N ASP E 113 46.13 -34.76 46.69
CA ASP E 113 45.12 -34.35 47.68
C ASP E 113 45.26 -32.89 48.07
N ALA E 114 46.46 -32.31 47.90
CA ALA E 114 46.75 -30.99 48.46
C ALA E 114 46.11 -29.88 47.63
N ASP E 115 46.26 -29.94 46.30
CA ASP E 115 45.67 -28.93 45.44
C ASP E 115 44.15 -29.04 45.40
N ARG E 116 43.62 -30.27 45.51
CA ARG E 116 42.18 -30.44 45.60
C ARG E 116 41.67 -30.00 46.97
N VAL E 117 42.06 -30.72 48.02
CA VAL E 117 41.55 -30.48 49.36
C VAL E 117 42.59 -29.68 50.12
N LYS E 118 42.34 -28.39 50.28
CA LYS E 118 43.16 -27.53 51.14
C LYS E 118 42.68 -27.53 52.58
N ASP E 119 41.83 -28.48 52.95
CA ASP E 119 41.25 -28.56 54.27
C ASP E 119 41.75 -29.82 54.98
N PRO E 120 42.20 -29.71 56.23
CA PRO E 120 42.65 -30.90 56.96
C PRO E 120 41.51 -31.79 57.44
N GLN E 121 40.44 -31.22 58.00
CA GLN E 121 39.41 -32.04 58.65
C GLN E 121 38.00 -31.82 58.10
N TRP E 122 37.85 -31.10 56.98
CA TRP E 122 36.55 -31.00 56.33
C TRP E 122 36.71 -31.30 54.85
N LEU E 123 35.59 -31.55 54.18
CA LEU E 123 35.59 -32.03 52.81
C LEU E 123 34.31 -31.59 52.08
N ILE E 124 34.48 -30.80 51.02
CA ILE E 124 33.36 -30.23 50.25
C ILE E 124 33.70 -30.35 48.77
N MET E 125 32.72 -30.77 47.95
CA MET E 125 32.83 -30.64 46.50
C MET E 125 31.43 -30.59 45.90
N LEU E 126 31.23 -29.73 44.90
CA LEU E 126 29.90 -29.58 44.33
C LEU E 126 29.70 -30.54 43.16
N GLY E 127 28.44 -30.68 42.75
CA GLY E 127 28.05 -31.66 41.76
C GLY E 127 27.27 -31.17 40.56
N ILE E 128 27.61 -30.01 40.00
CA ILE E 128 27.09 -29.59 38.71
C ILE E 128 27.90 -30.35 37.67
N CYS E 129 27.45 -31.57 37.37
CA CYS E 129 28.29 -32.50 36.64
C CYS E 129 28.26 -32.21 35.14
N THR E 130 29.40 -32.47 34.49
CA THR E 130 29.50 -32.22 33.05
C THR E 130 28.86 -33.33 32.22
N HIS E 131 28.50 -34.46 32.83
CA HIS E 131 27.76 -35.49 32.12
C HIS E 131 26.37 -34.95 31.77
N LEU E 132 25.48 -34.87 32.75
CA LEU E 132 24.24 -34.09 32.63
C LEU E 132 23.87 -33.43 33.96
N GLY E 133 24.63 -33.70 35.02
CA GLY E 133 24.28 -33.24 36.36
C GLY E 133 23.73 -34.30 37.30
N CYS E 134 24.43 -35.43 37.33
CA CYS E 134 24.01 -36.60 38.13
C CYS E 134 24.14 -36.37 39.63
N VAL E 135 23.85 -37.40 40.41
CA VAL E 135 23.97 -37.33 41.87
C VAL E 135 24.27 -38.73 42.39
N PRO E 136 25.14 -38.89 43.41
CA PRO E 136 25.44 -40.23 43.94
C PRO E 136 24.53 -40.67 45.08
N ILE E 137 24.76 -41.89 45.59
CA ILE E 137 24.16 -42.40 46.83
C ILE E 137 25.27 -42.35 47.87
N GLY E 138 24.92 -42.17 49.16
CA GLY E 138 25.87 -42.14 50.28
C GLY E 138 26.77 -43.34 50.46
N GLU E 139 27.64 -43.30 51.49
CA GLU E 139 28.89 -44.08 51.47
C GLU E 139 28.67 -45.59 51.67
N ALA E 140 28.29 -46.22 50.57
CA ALA E 140 28.44 -47.65 50.37
C ALA E 140 29.25 -47.86 49.09
N GLY E 141 29.49 -49.11 48.74
CA GLY E 141 30.21 -49.38 47.51
C GLY E 141 31.57 -50.04 47.72
N ASP E 142 32.64 -49.27 47.50
CA ASP E 142 33.98 -49.83 47.37
C ASP E 142 34.97 -49.43 48.45
N PHE E 143 35.04 -48.15 48.82
CA PHE E 143 36.11 -47.69 49.70
C PHE E 143 35.59 -46.82 50.83
N GLY E 144 34.31 -46.48 50.82
CA GLY E 144 33.81 -45.35 51.57
C GLY E 144 33.53 -44.15 50.70
N GLY E 145 33.53 -44.31 49.39
CA GLY E 145 33.25 -43.24 48.47
C GLY E 145 31.77 -43.03 48.25
N TRP E 146 31.33 -42.92 47.00
CA TRP E 146 29.93 -42.68 46.71
C TRP E 146 29.56 -43.38 45.40
N PHE E 147 28.81 -44.47 45.50
CA PHE E 147 28.28 -45.20 44.35
C PHE E 147 26.98 -44.53 43.93
N CYS E 148 26.96 -44.01 42.70
CA CYS E 148 26.05 -43.31 41.80
C CYS E 148 25.20 -44.28 40.99
N PRO E 149 23.88 -44.08 40.91
CA PRO E 149 23.03 -45.01 40.15
C PRO E 149 22.73 -44.59 38.71
N CYS E 150 23.39 -43.57 38.19
CA CYS E 150 23.02 -43.10 36.82
C CYS E 150 23.67 -44.01 35.76
N HIS E 151 25.00 -44.10 35.74
CA HIS E 151 25.72 -44.97 34.81
C HIS E 151 26.68 -45.91 35.53
N GLY E 152 26.53 -46.09 36.84
CA GLY E 152 27.40 -47.02 37.56
C GLY E 152 28.74 -46.46 37.99
N SER E 153 28.82 -45.15 38.23
CA SER E 153 30.07 -44.56 38.69
C SER E 153 30.24 -44.69 40.20
N HIS E 154 31.48 -44.89 40.63
CA HIS E 154 31.85 -44.79 42.04
C HIS E 154 33.34 -44.48 42.12
N TYR E 155 33.73 -43.80 43.19
CA TYR E 155 35.07 -43.22 43.29
C TYR E 155 35.48 -43.18 44.76
N ASP E 156 36.57 -42.45 45.02
CA ASP E 156 37.32 -42.54 46.28
C ASP E 156 36.58 -41.77 47.38
N ILE E 157 37.20 -41.69 48.57
CA ILE E 157 36.57 -40.99 49.68
C ILE E 157 36.68 -39.47 49.49
N SER E 158 37.58 -39.03 48.61
CA SER E 158 37.82 -37.59 48.49
C SER E 158 37.06 -36.97 47.32
N GLY E 159 36.81 -37.73 46.25
CA GLY E 159 36.01 -37.22 45.15
C GLY E 159 36.66 -37.24 43.77
N ARG E 160 37.56 -38.17 43.43
CA ARG E 160 38.19 -38.17 42.11
C ARG E 160 37.90 -39.46 41.36
N ILE E 161 37.39 -39.32 40.13
CA ILE E 161 36.71 -40.39 39.41
C ILE E 161 37.70 -41.10 38.52
N ARG E 162 37.72 -42.44 38.60
CA ARG E 162 38.21 -43.22 37.47
C ARG E 162 37.39 -44.48 37.23
N LYS E 163 36.68 -44.96 38.24
CA LYS E 163 35.96 -46.22 38.12
C LYS E 163 34.55 -45.96 37.60
N GLY E 164 34.34 -46.19 36.31
CA GLY E 164 33.18 -45.72 35.61
C GLY E 164 33.58 -44.62 34.64
N PRO E 165 32.77 -44.39 33.61
CA PRO E 165 33.18 -43.46 32.53
C PRO E 165 32.94 -41.99 32.88
N ALA E 166 33.87 -41.41 33.64
CA ALA E 166 33.85 -39.97 33.92
C ALA E 166 35.28 -39.45 34.04
N PRO E 167 35.85 -38.86 32.97
CA PRO E 167 37.30 -38.59 32.95
C PRO E 167 37.74 -37.37 33.75
N LEU E 168 36.92 -36.33 33.79
CA LEU E 168 37.28 -35.09 34.45
C LEU E 168 37.03 -35.20 35.95
N ASN E 169 37.06 -34.06 36.63
CA ASN E 169 36.51 -33.96 37.97
C ASN E 169 35.92 -32.56 38.18
N LEU E 170 35.15 -32.43 39.25
CA LEU E 170 34.23 -31.32 39.41
C LEU E 170 34.92 -30.08 39.96
N GLU E 171 34.24 -28.95 39.83
CA GLU E 171 34.66 -27.72 40.47
C GLU E 171 34.48 -27.84 41.98
N ILE E 172 35.47 -27.42 42.74
CA ILE E 172 35.34 -27.36 44.19
C ILE E 172 34.80 -25.98 44.53
N PRO E 173 33.90 -25.85 45.50
CA PRO E 173 33.38 -24.52 45.83
C PRO E 173 34.43 -23.66 46.51
N ALA E 174 34.39 -22.36 46.23
CA ALA E 174 35.34 -21.43 46.82
C ALA E 174 34.95 -21.07 48.24
N TYR E 175 35.05 -22.02 49.16
CA TYR E 175 34.82 -21.72 50.55
C TYR E 175 36.03 -21.00 51.13
N GLU E 176 35.84 -20.32 52.25
CA GLU E 176 36.82 -19.35 52.72
C GLU E 176 36.70 -19.22 54.22
N PHE E 177 37.86 -19.22 54.89
CA PHE E 177 37.95 -19.20 56.34
C PHE E 177 38.42 -17.83 56.79
N ASP E 178 37.72 -17.26 57.77
CA ASP E 178 38.17 -16.01 58.41
C ASP E 178 37.67 -15.97 59.85
N GLY E 179 38.51 -16.43 60.79
CA GLY E 179 38.22 -16.23 62.19
C GLY E 179 37.01 -16.99 62.74
N ASP E 180 37.13 -18.31 62.86
CA ASP E 180 36.11 -19.21 63.39
C ASP E 180 34.84 -19.19 62.54
N LYS E 181 35.00 -19.06 61.23
CA LYS E 181 33.92 -19.05 60.27
C LYS E 181 34.38 -19.73 58.99
N VAL E 182 33.43 -20.23 58.22
CA VAL E 182 33.67 -20.68 56.85
C VAL E 182 32.43 -20.34 56.02
N ILE E 183 32.64 -19.70 54.87
CA ILE E 183 31.56 -19.19 54.04
C ILE E 183 31.62 -19.96 52.72
N VAL E 184 30.64 -20.84 52.50
CA VAL E 184 30.57 -21.60 51.25
C VAL E 184 30.06 -20.67 50.16
N GLY E 185 30.98 -20.17 49.34
CA GLY E 185 30.61 -19.23 48.29
C GLY E 185 31.75 -18.32 47.86
N VAL F 2 15.71 20.68 80.56
CA VAL F 2 15.21 20.77 79.19
C VAL F 2 13.83 20.15 79.09
N THR F 3 12.84 20.95 78.72
CA THR F 3 11.48 20.49 78.52
C THR F 3 11.12 20.63 77.04
N ASP F 4 9.86 20.34 76.73
CA ASP F 4 9.42 20.26 75.34
C ASP F 4 9.39 21.63 74.68
N GLN F 5 10.00 21.71 73.49
CA GLN F 5 10.12 22.99 72.81
C GLN F 5 8.81 23.41 72.15
N LEU F 6 7.97 22.45 71.78
CA LEU F 6 6.68 22.78 71.19
C LEU F 6 5.70 23.30 72.23
N GLU F 7 5.81 22.81 73.48
CA GLU F 7 4.94 23.29 74.54
C GLU F 7 5.30 24.69 75.00
N ASP F 8 6.55 25.11 74.80
CA ASP F 8 6.94 26.46 75.19
C ASP F 8 6.53 27.48 74.14
N LEU F 9 6.54 27.08 72.87
CA LEU F 9 6.15 28.00 71.80
C LEU F 9 4.64 28.16 71.74
N ARG F 10 3.90 27.10 72.08
CA ARG F 10 2.44 27.20 72.13
C ARG F 10 1.99 28.04 73.31
N GLU F 11 2.77 28.03 74.40
CA GLU F 11 2.48 28.86 75.56
C GLU F 11 2.77 30.33 75.27
N HIS F 12 3.80 30.60 74.47
CA HIS F 12 4.21 31.97 74.21
C HIS F 12 3.21 32.69 73.32
N PHE F 13 2.75 32.03 72.26
CA PHE F 13 1.84 32.64 71.31
C PHE F 13 0.39 32.65 71.79
N LYS F 14 0.11 31.99 72.91
CA LYS F 14 -1.21 32.05 73.52
C LYS F 14 -1.42 33.33 74.31
N ASN F 15 -0.34 34.10 74.56
CA ASN F 15 -0.41 35.33 75.33
C ASN F 15 -0.21 36.57 74.48
N THR F 16 -0.39 36.48 73.17
CA THR F 16 -0.38 37.66 72.32
C THR F 16 -1.81 38.21 72.23
N GLU F 17 -2.05 39.15 71.33
CA GLU F 17 -3.35 39.79 71.29
C GLU F 17 -4.40 38.95 70.57
N GLU F 18 -4.02 38.32 69.46
CA GLU F 18 -4.95 37.41 68.80
C GLU F 18 -5.09 36.12 69.59
N GLY F 19 -4.06 35.72 70.33
CA GLY F 19 -4.14 34.51 71.12
C GLY F 19 -5.07 34.65 72.32
N LYS F 20 -5.07 35.83 72.96
CA LYS F 20 -5.97 36.04 74.09
C LYS F 20 -7.41 36.20 73.63
N ALA F 21 -7.62 36.64 72.40
CA ALA F 21 -8.98 36.79 71.89
C ALA F 21 -9.60 35.45 71.54
N LEU F 22 -8.81 34.54 70.96
CA LEU F 22 -9.33 33.24 70.57
C LEU F 22 -9.50 32.32 71.77
N VAL F 23 -8.70 32.50 72.83
CA VAL F 23 -8.89 31.73 74.04
C VAL F 23 -10.18 32.14 74.74
N HIS F 24 -10.47 33.45 74.74
CA HIS F 24 -11.66 33.96 75.42
C HIS F 24 -12.94 33.53 74.71
N HIS F 25 -12.88 33.36 73.38
CA HIS F 25 -14.05 32.91 72.64
C HIS F 25 -14.35 31.45 72.93
N TYR F 26 -13.32 30.65 73.17
CA TYR F 26 -13.51 29.23 73.45
C TYR F 26 -14.05 29.02 74.85
N GLU F 27 -13.66 29.89 75.80
CA GLU F 27 -14.09 29.69 77.17
C GLU F 27 -15.53 30.13 77.39
N GLU F 28 -16.02 31.13 76.66
CA GLU F 28 -17.41 31.52 76.80
C GLU F 28 -18.32 30.53 76.08
N CYS F 29 -17.77 29.77 75.13
CA CYS F 29 -18.51 28.63 74.59
C CYS F 29 -18.62 27.53 75.63
N ALA F 30 -17.55 27.29 76.38
CA ALA F 30 -17.49 26.12 77.25
C ALA F 30 -18.37 26.29 78.48
N GLU F 31 -18.64 27.53 78.87
CA GLU F 31 -19.47 27.74 80.05
C GLU F 31 -20.95 27.60 79.72
N ARG F 32 -21.36 27.96 78.50
CA ARG F 32 -22.76 27.82 78.12
C ARG F 32 -23.11 26.36 77.85
N VAL F 33 -22.13 25.53 77.55
CA VAL F 33 -22.36 24.09 77.51
C VAL F 33 -22.30 23.53 78.93
N LYS F 34 -21.62 24.23 79.84
CA LYS F 34 -21.54 23.76 81.22
C LYS F 34 -22.79 24.13 82.02
N ILE F 35 -23.49 25.21 81.65
CA ILE F 35 -24.71 25.56 82.38
C ILE F 35 -25.93 24.89 81.79
N GLN F 36 -25.84 24.34 80.58
CA GLN F 36 -26.71 23.24 80.21
C GLN F 36 -25.98 21.97 80.60
N GLN F 37 -26.56 20.80 80.29
CA GLN F 37 -26.28 19.46 80.84
C GLN F 37 -26.55 19.35 82.34
N GLN F 38 -27.06 20.41 82.98
CA GLN F 38 -27.55 20.38 84.35
C GLN F 38 -29.04 20.65 84.39
N GLN F 39 -29.64 20.94 83.25
CA GLN F 39 -31.07 21.11 83.08
C GLN F 39 -31.71 19.77 82.77
N PRO F 40 -32.89 19.49 83.32
CA PRO F 40 -33.60 18.24 82.97
C PRO F 40 -34.09 18.29 81.54
N GLY F 41 -33.61 17.34 80.74
CA GLY F 41 -33.89 17.34 79.31
C GLY F 41 -32.72 16.86 78.48
N TYR F 42 -31.59 16.61 79.13
CA TYR F 42 -30.37 16.17 78.47
C TYR F 42 -30.36 14.67 78.15
N ALA F 43 -31.51 13.98 78.26
CA ALA F 43 -31.57 12.56 77.92
C ALA F 43 -31.33 12.35 76.42
N ASP F 44 -32.21 12.89 75.59
CA ASP F 44 -31.99 12.91 74.15
C ASP F 44 -32.58 14.18 73.57
N LEU F 45 -31.77 14.90 72.78
CA LEU F 45 -32.20 16.14 72.17
C LEU F 45 -31.96 16.21 70.67
N GLU F 46 -30.95 15.51 70.15
CA GLU F 46 -30.45 15.52 68.77
C GLU F 46 -29.97 16.90 68.31
N HIS F 47 -29.92 17.84 69.26
CA HIS F 47 -29.41 19.20 69.00
C HIS F 47 -28.54 19.58 70.19
N LYS F 48 -27.55 18.74 70.51
CA LYS F 48 -26.62 19.00 71.61
C LYS F 48 -25.38 19.68 71.07
N GLU F 49 -25.04 20.82 71.67
CA GLU F 49 -23.98 21.69 71.17
C GLU F 49 -22.66 21.40 71.85
N ASP F 50 -21.60 21.33 71.05
CA ASP F 50 -20.22 21.23 71.54
C ASP F 50 -19.44 22.46 71.10
N CYS F 51 -18.16 22.48 71.43
CA CYS F 51 -17.28 23.60 71.09
C CYS F 51 -16.07 23.11 70.29
N VAL F 52 -16.31 22.26 69.30
CA VAL F 52 -15.23 21.81 68.43
C VAL F 52 -14.78 22.93 67.50
N GLU F 53 -15.73 23.71 67.00
CA GLU F 53 -15.43 24.73 66.00
C GLU F 53 -14.64 25.89 66.58
N GLU F 54 -14.90 26.24 67.84
CA GLU F 54 -14.10 27.26 68.50
C GLU F 54 -12.74 26.73 68.93
N PHE F 55 -12.62 25.42 69.12
CA PHE F 55 -11.33 24.79 69.41
C PHE F 55 -10.47 24.71 68.15
N PHE F 56 -11.11 24.51 66.98
CA PHE F 56 -10.37 24.43 65.73
C PHE F 56 -9.84 25.81 65.32
N HIS F 57 -10.52 26.87 65.73
CA HIS F 57 -10.07 28.23 65.38
C HIS F 57 -8.81 28.60 66.13
N LEU F 58 -8.71 28.18 67.39
CA LEU F 58 -7.52 28.50 68.20
C LEU F 58 -6.33 27.67 67.77
N GLN F 59 -6.56 26.41 67.37
CA GLN F 59 -5.46 25.53 67.01
C GLN F 59 -4.87 25.90 65.66
N HIS F 60 -5.69 26.48 64.77
CA HIS F 60 -5.19 26.85 63.45
C HIS F 60 -4.30 28.08 63.52
N TYR F 61 -4.57 28.99 64.46
CA TYR F 61 -3.69 30.13 64.65
C TYR F 61 -2.39 29.72 65.29
N LEU F 62 -2.44 28.75 66.21
CA LEU F 62 -1.24 28.29 66.89
C LEU F 62 -0.30 27.54 65.95
N ASP F 63 -0.86 26.85 64.96
CA ASP F 63 -0.03 26.07 64.05
C ASP F 63 0.64 26.95 63.02
N THR F 64 -0.02 28.04 62.62
CA THR F 64 0.56 28.95 61.65
C THR F 64 1.73 29.72 62.24
N ALA F 65 1.68 30.01 63.54
CA ALA F 65 2.75 30.74 64.18
C ALA F 65 3.92 29.85 64.58
N THR F 66 3.68 28.57 64.85
CA THR F 66 4.70 27.71 65.45
C THR F 66 5.47 26.89 64.43
N ALA F 67 4.79 26.42 63.37
CA ALA F 67 5.44 25.55 62.38
C ALA F 67 6.61 26.16 61.60
N PRO F 68 6.67 27.45 61.25
CA PRO F 68 7.90 27.95 60.59
C PRO F 68 9.11 28.10 61.50
N ARG F 69 8.99 27.87 62.82
CA ARG F 69 10.11 28.17 63.69
C ARG F 69 10.36 27.11 64.74
N LEU F 70 9.81 25.90 64.57
CA LEU F 70 10.01 24.84 65.54
C LEU F 70 11.30 24.06 65.30
N PHE F 71 11.60 23.73 64.05
CA PHE F 71 12.71 22.83 63.75
C PHE F 71 14.08 23.50 63.88
N ASP F 72 14.13 24.80 64.14
CA ASP F 72 15.39 25.47 64.46
C ASP F 72 15.84 25.18 65.88
N LYS F 73 14.94 24.77 66.76
CA LYS F 73 15.27 24.46 68.14
C LYS F 73 15.48 22.97 68.39
N LEU F 74 15.22 22.12 67.40
CA LEU F 74 15.40 20.69 67.53
C LEU F 74 16.70 20.27 66.85
N LYS F 75 17.42 19.34 67.48
CA LYS F 75 18.69 18.88 66.95
C LYS F 75 18.48 17.94 65.76
N PRO G 1 -22.59 22.30 5.54
CA PRO G 1 -23.28 22.19 4.26
C PRO G 1 -24.76 22.51 4.34
N GLN G 2 -25.14 23.78 4.41
CA GLN G 2 -26.56 24.08 4.45
C GLN G 2 -27.17 23.98 3.05
N SER G 3 -26.94 25.01 2.22
CA SER G 3 -27.14 25.12 0.78
C SER G 3 -26.80 26.57 0.46
N PHE G 4 -26.36 26.89 -0.76
CA PHE G 4 -26.27 28.29 -1.09
C PHE G 4 -27.58 28.85 -1.61
N THR G 5 -28.53 27.97 -1.94
CA THR G 5 -29.87 28.41 -2.31
C THR G 5 -30.68 28.78 -1.07
N SER G 6 -30.44 28.09 0.05
CA SER G 6 -31.14 28.40 1.29
C SER G 6 -30.58 29.65 1.95
N ILE G 7 -29.28 29.90 1.82
CA ILE G 7 -28.68 31.11 2.39
C ILE G 7 -29.21 32.34 1.68
N ALA G 8 -29.35 32.26 0.36
CA ALA G 8 -29.82 33.40 -0.42
C ALA G 8 -31.32 33.61 -0.24
N ARG G 9 -32.06 32.56 0.11
CA ARG G 9 -33.50 32.68 0.32
C ARG G 9 -33.80 33.43 1.61
N ILE G 10 -33.06 33.12 2.68
CA ILE G 10 -33.23 33.82 3.95
C ILE G 10 -32.65 35.23 3.87
N GLY G 11 -31.54 35.38 3.16
CA GLY G 11 -30.87 36.67 3.12
C GLY G 11 -31.58 37.70 2.28
N ASP G 12 -32.30 37.26 1.25
CA ASP G 12 -33.04 38.21 0.42
C ASP G 12 -34.32 38.66 1.10
N TYR G 13 -34.88 37.82 1.97
CA TYR G 13 -36.06 38.21 2.73
C TYR G 13 -35.72 39.27 3.77
N ILE G 14 -34.50 39.22 4.31
CA ILE G 14 -34.09 40.22 5.30
C ILE G 14 -33.82 41.56 4.62
N LEU G 15 -33.14 41.54 3.47
CA LEU G 15 -32.76 42.78 2.82
C LEU G 15 -33.93 43.50 2.17
N LYS G 16 -35.03 42.80 1.87
CA LYS G 16 -36.20 43.46 1.33
C LYS G 16 -37.14 43.98 2.40
N SER G 17 -37.03 43.47 3.62
CA SER G 17 -37.86 44.01 4.70
C SER G 17 -37.23 45.29 5.23
N PRO G 18 -38.02 46.36 5.41
CA PRO G 18 -37.43 47.65 5.82
C PRO G 18 -37.03 47.70 7.29
N VAL G 19 -37.72 46.95 8.15
CA VAL G 19 -37.42 47.02 9.57
C VAL G 19 -36.42 45.94 9.96
N LEU G 20 -36.32 44.86 9.18
CA LEU G 20 -35.34 43.83 9.49
C LEU G 20 -33.97 44.20 8.93
N SER G 21 -33.93 45.12 7.97
CA SER G 21 -32.65 45.50 7.37
C SER G 21 -31.92 46.51 8.24
N LYS G 22 -32.67 47.32 9.01
CA LYS G 22 -32.02 48.31 9.87
C LYS G 22 -31.46 47.67 11.12
N LEU G 23 -31.91 46.46 11.45
CA LEU G 23 -31.52 45.81 12.69
C LEU G 23 -30.46 44.74 12.51
N CYS G 24 -30.41 44.06 11.36
CA CYS G 24 -29.51 42.93 11.15
C CYS G 24 -28.26 43.28 10.36
N VAL G 25 -28.30 44.30 9.52
CA VAL G 25 -27.17 44.66 8.64
C VAL G 25 -26.04 45.36 9.40
N PRO G 26 -26.29 46.29 10.36
CA PRO G 26 -25.14 46.78 11.16
C PRO G 26 -24.49 45.72 12.04
N VAL G 27 -25.23 44.68 12.43
CA VAL G 27 -24.62 43.57 13.16
C VAL G 27 -23.74 42.74 12.24
N ALA G 28 -24.13 42.63 10.97
CA ALA G 28 -23.36 41.84 10.02
C ALA G 28 -22.09 42.57 9.58
N ASN G 29 -22.07 43.90 9.69
CA ASN G 29 -20.88 44.65 9.31
C ASN G 29 -19.80 44.53 10.38
N GLN G 30 -20.18 44.48 11.65
CA GLN G 30 -19.20 44.30 12.70
C GLN G 30 -18.73 42.85 12.79
N PHE G 31 -19.55 41.91 12.31
CA PHE G 31 -19.16 40.51 12.31
C PHE G 31 -18.06 40.24 11.29
N ILE G 32 -18.08 40.97 10.17
CA ILE G 32 -17.08 40.77 9.13
C ILE G 32 -15.77 41.46 9.48
N ASN G 33 -15.83 42.63 10.11
CA ASN G 33 -14.61 43.32 10.50
C ASN G 33 -13.91 42.62 11.66
N LEU G 34 -14.65 41.92 12.51
CA LEU G 34 -14.03 41.13 13.57
C LEU G 34 -13.52 39.79 13.09
N ALA G 35 -13.89 39.38 11.88
CA ALA G 35 -13.41 38.11 11.35
C ALA G 35 -11.95 38.19 10.95
N GLY G 36 -11.58 39.25 10.24
CA GLY G 36 -10.19 39.54 9.97
C GLY G 36 -9.58 38.87 8.76
N TYR G 37 -10.39 38.36 7.83
CA TYR G 37 -9.83 37.74 6.64
C TYR G 37 -9.33 38.77 5.64
N LYS G 38 -9.86 39.99 5.67
CA LYS G 38 -9.40 41.05 4.76
C LYS G 38 -8.03 41.57 5.13
N LYS G 39 -7.59 41.37 6.37
CA LYS G 39 -6.24 41.74 6.78
C LYS G 39 -5.19 40.76 6.29
N LEU G 40 -5.59 39.57 5.85
CA LEU G 40 -4.69 38.63 5.20
C LEU G 40 -4.76 38.73 3.69
N GLY G 41 -5.51 39.69 3.16
CA GLY G 41 -5.63 39.86 1.73
C GLY G 41 -6.55 38.87 1.05
N LEU G 42 -7.66 38.50 1.69
CA LEU G 42 -8.58 37.51 1.16
C LEU G 42 -9.97 38.11 1.00
N LYS G 43 -10.72 37.55 0.06
CA LYS G 43 -12.15 37.79 -0.07
C LYS G 43 -12.89 36.61 0.55
N PHE G 44 -14.21 36.76 0.71
CA PHE G 44 -14.96 35.69 1.36
C PHE G 44 -15.09 34.46 0.48
N ASP G 45 -15.16 34.63 -0.83
CA ASP G 45 -15.34 33.49 -1.71
C ASP G 45 -14.08 32.64 -1.83
N ASP G 46 -12.94 33.12 -1.33
CA ASP G 46 -11.75 32.29 -1.20
C ASP G 46 -11.84 31.31 -0.03
N LEU G 47 -12.75 31.56 0.91
CA LEU G 47 -12.84 30.81 2.15
C LEU G 47 -13.74 29.59 2.07
N ILE G 48 -14.51 29.44 0.99
CA ILE G 48 -15.48 28.36 0.88
C ILE G 48 -14.75 27.05 0.65
N ALA G 49 -15.15 26.01 1.39
CA ALA G 49 -14.54 24.70 1.25
C ALA G 49 -14.91 24.07 -0.09
N GLU G 50 -13.94 23.41 -0.72
CA GLU G 50 -14.02 23.11 -2.14
C GLU G 50 -13.99 21.63 -2.48
N GLU G 51 -14.00 20.72 -1.50
CA GLU G 51 -13.88 19.29 -1.78
C GLU G 51 -15.26 18.63 -1.89
N ASN G 52 -16.03 19.12 -2.85
CA ASN G 52 -17.41 18.65 -3.10
C ASN G 52 -17.63 18.81 -4.61
N PRO G 53 -18.48 18.03 -5.31
CA PRO G 53 -18.63 18.16 -6.78
C PRO G 53 -19.33 19.43 -7.24
N ILE G 54 -20.11 20.09 -6.39
CA ILE G 54 -20.72 21.36 -6.79
C ILE G 54 -19.66 22.44 -6.90
N MET G 55 -18.73 22.46 -5.95
CA MET G 55 -17.70 23.49 -5.93
C MET G 55 -16.62 23.23 -6.96
N GLN G 56 -16.40 21.98 -7.34
CA GLN G 56 -15.42 21.68 -8.38
C GLN G 56 -15.95 22.06 -9.75
N THR G 57 -17.27 22.03 -9.94
CA THR G 57 -17.87 22.48 -11.19
C THR G 57 -17.74 23.99 -11.36
N ALA G 58 -17.98 24.75 -10.29
CA ALA G 58 -17.96 26.20 -10.37
C ALA G 58 -16.54 26.75 -10.54
N LEU G 59 -15.53 26.02 -10.10
CA LEU G 59 -14.15 26.47 -10.27
C LEU G 59 -13.62 26.19 -11.67
N ARG G 60 -14.19 25.21 -12.37
CA ARG G 60 -13.80 24.98 -13.76
C ARG G 60 -14.33 26.06 -14.68
N ARG G 61 -15.52 26.58 -14.40
CA ARG G 61 -16.19 27.53 -15.27
C ARG G 61 -15.79 28.97 -15.02
N LEU G 62 -14.92 29.21 -14.08
CA LEU G 62 -14.41 30.54 -13.78
C LEU G 62 -13.47 31.00 -14.90
N PRO G 63 -13.53 32.27 -15.30
CA PRO G 63 -12.62 32.78 -16.33
C PRO G 63 -11.17 32.77 -15.87
N GLU G 64 -10.27 32.78 -16.85
CA GLU G 64 -8.87 32.44 -16.59
C GLU G 64 -8.13 33.54 -15.84
N ASP G 65 -8.47 34.80 -16.08
CA ASP G 65 -7.76 35.87 -15.41
C ASP G 65 -8.16 35.99 -13.95
N GLU G 66 -9.36 35.52 -13.61
CA GLU G 66 -9.79 35.52 -12.22
C GLU G 66 -9.28 34.31 -11.46
N SER G 67 -8.95 33.23 -12.17
CA SER G 67 -8.37 32.07 -11.51
C SER G 67 -6.91 32.31 -11.17
N TYR G 68 -6.21 33.12 -11.97
CA TYR G 68 -4.83 33.45 -11.69
C TYR G 68 -4.73 34.38 -10.49
N ALA G 69 -5.69 35.30 -10.36
CA ALA G 69 -5.68 36.24 -9.25
C ALA G 69 -6.07 35.56 -7.95
N ARG G 70 -6.96 34.57 -8.03
CA ARG G 70 -7.39 33.84 -6.84
C ARG G 70 -6.25 32.97 -6.29
N ALA G 71 -5.45 32.38 -7.18
CA ALA G 71 -4.35 31.53 -6.75
C ALA G 71 -3.24 32.33 -6.09
N TYR G 72 -3.08 33.60 -6.47
CA TYR G 72 -2.06 34.43 -5.83
C TYR G 72 -2.48 34.87 -4.44
N ARG G 73 -3.78 35.12 -4.23
CA ARG G 73 -4.25 35.56 -2.92
C ARG G 73 -4.18 34.43 -1.90
N ILE G 74 -4.30 33.19 -2.34
CA ILE G 74 -4.23 32.05 -1.44
C ILE G 74 -2.80 31.77 -1.04
N ILE G 75 -1.87 31.90 -1.99
CA ILE G 75 -0.45 31.65 -1.72
C ILE G 75 0.12 32.74 -0.83
N ARG G 76 -0.31 33.98 -1.03
CA ARG G 76 0.16 35.10 -0.21
C ARG G 76 -0.35 35.00 1.22
N ALA G 77 -1.51 34.36 1.42
CA ALA G 77 -2.07 34.23 2.76
C ALA G 77 -1.40 33.11 3.54
N HIS G 78 -0.91 32.08 2.85
CA HIS G 78 -0.20 31.00 3.52
C HIS G 78 1.18 31.45 3.99
N GLN G 79 1.82 32.35 3.24
CA GLN G 79 3.14 32.85 3.63
C GLN G 79 3.02 33.86 4.76
N THR G 80 1.95 34.65 4.78
CA THR G 80 1.74 35.63 5.83
C THR G 80 1.46 34.97 7.18
N GLU G 81 0.86 33.78 7.17
CA GLU G 81 0.47 33.17 8.43
C GLU G 81 1.65 32.49 9.12
N LEU G 82 2.54 31.85 8.34
CA LEU G 82 3.66 31.15 8.95
C LEU G 82 4.70 32.10 9.52
N THR G 83 4.70 33.36 9.12
CA THR G 83 5.56 34.37 9.74
C THR G 83 4.89 35.07 10.90
N HIS G 84 3.62 34.73 11.17
CA HIS G 84 2.83 35.25 12.30
C HIS G 84 2.69 36.77 12.26
N HIS G 85 2.50 37.31 11.07
CA HIS G 85 2.30 38.74 10.87
C HIS G 85 0.98 38.97 10.13
N LEU G 86 0.68 40.24 9.91
CA LEU G 86 -0.38 40.65 9.00
C LEU G 86 0.23 41.41 7.83
N LEU G 87 -0.59 41.65 6.82
CA LEU G 87 -0.16 42.41 5.66
C LEU G 87 -0.03 43.88 6.02
N PRO G 88 0.72 44.66 5.23
CA PRO G 88 0.66 46.12 5.37
C PRO G 88 -0.74 46.65 5.08
N ARG G 89 -1.07 47.79 5.68
CA ARG G 89 -2.42 48.32 5.64
C ARG G 89 -2.84 48.82 4.27
N ASN G 90 -1.91 49.06 3.36
CA ASN G 90 -2.25 49.44 1.99
C ASN G 90 -2.53 48.24 1.10
N GLU G 91 -2.39 47.02 1.61
CA GLU G 91 -2.68 45.81 0.85
C GLU G 91 -3.90 45.08 1.38
N TRP G 92 -4.64 45.66 2.32
CA TRP G 92 -5.84 45.04 2.83
C TRP G 92 -6.95 45.13 1.78
N ILE G 93 -7.80 44.11 1.75
CA ILE G 93 -8.95 44.13 0.85
C ILE G 93 -9.95 45.16 1.37
N LYS G 94 -10.38 46.05 0.48
CA LYS G 94 -11.36 47.07 0.84
C LYS G 94 -12.77 46.48 0.78
N ALA G 95 -13.73 47.27 1.26
CA ALA G 95 -15.11 46.79 1.34
C ALA G 95 -15.78 46.72 -0.03
N GLN G 96 -15.39 47.61 -0.94
CA GLN G 96 -15.96 47.58 -2.29
C GLN G 96 -15.25 46.63 -3.23
N GLU G 97 -14.24 45.90 -2.76
CA GLU G 97 -13.61 44.84 -3.53
C GLU G 97 -14.05 43.46 -3.09
N ASP G 98 -14.67 43.33 -1.92
CA ASP G 98 -15.15 42.05 -1.41
C ASP G 98 -16.51 41.74 -2.04
N VAL G 99 -16.47 41.34 -3.30
CA VAL G 99 -17.67 41.06 -4.08
C VAL G 99 -17.83 39.55 -4.23
N PRO G 100 -19.04 39.04 -4.34
CA PRO G 100 -19.22 37.60 -4.60
C PRO G 100 -19.00 37.24 -6.06
N TYR G 101 -17.74 37.04 -6.45
CA TYR G 101 -17.42 36.69 -7.83
C TYR G 101 -17.78 35.25 -8.18
N LEU G 102 -17.87 34.37 -7.19
CA LEU G 102 -18.07 32.94 -7.41
C LEU G 102 -19.50 32.49 -7.19
N LEU G 103 -20.32 33.29 -6.55
CA LEU G 103 -21.72 32.98 -6.24
C LEU G 103 -22.64 32.74 -7.46
N PRO G 104 -22.55 33.48 -8.58
CA PRO G 104 -23.41 33.11 -9.72
C PRO G 104 -23.06 31.78 -10.38
N TYR G 105 -21.82 31.31 -10.26
CA TYR G 105 -21.47 29.99 -10.79
C TYR G 105 -21.96 28.89 -9.86
N ILE G 106 -22.07 29.19 -8.57
CA ILE G 106 -22.53 28.19 -7.60
C ILE G 106 -24.04 27.99 -7.72
N LEU G 107 -24.78 29.08 -7.93
CA LEU G 107 -26.23 29.02 -7.91
C LEU G 107 -26.78 28.33 -9.16
N GLU G 108 -26.04 28.35 -10.26
CA GLU G 108 -26.52 27.69 -11.47
C GLU G 108 -26.08 26.23 -11.53
N ALA G 109 -25.04 25.86 -10.79
CA ALA G 109 -24.66 24.46 -10.70
C ALA G 109 -25.54 23.71 -9.72
N GLU G 110 -26.13 24.44 -8.76
CA GLU G 110 -27.02 23.81 -7.78
C GLU G 110 -28.42 23.65 -8.33
N ALA G 111 -28.86 24.58 -9.18
CA ALA G 111 -30.20 24.48 -9.76
C ALA G 111 -30.26 23.37 -10.80
N ALA G 112 -29.14 23.05 -11.42
CA ALA G 112 -29.11 21.95 -12.38
C ALA G 112 -29.04 20.60 -11.69
N ALA G 113 -28.44 20.54 -10.50
CA ALA G 113 -28.36 19.30 -9.77
C ALA G 113 -29.69 18.96 -9.11
N LYS G 114 -30.48 19.97 -8.75
CA LYS G 114 -31.80 19.72 -8.18
C LYS G 114 -32.77 19.27 -9.24
N GLU G 115 -32.66 19.81 -10.45
CA GLU G 115 -33.53 19.41 -11.56
C GLU G 115 -33.24 18.00 -12.02
N LYS G 116 -32.00 17.53 -11.85
CA LYS G 116 -31.68 16.15 -12.21
C LYS G 116 -32.22 15.17 -11.18
N ASP G 117 -32.41 15.61 -9.93
CA ASP G 117 -32.95 14.73 -8.90
C ASP G 117 -34.45 14.59 -9.00
N GLU G 118 -35.15 15.66 -9.38
CA GLU G 118 -36.60 15.58 -9.52
C GLU G 118 -37.03 14.82 -10.76
N LEU G 119 -36.16 14.71 -11.77
CA LEU G 119 -36.48 13.94 -12.96
C LEU G 119 -36.10 12.47 -12.84
N ASP G 120 -35.16 12.12 -11.96
CA ASP G 120 -34.77 10.74 -11.74
C ASP G 120 -35.62 10.05 -10.69
N ASN G 121 -36.49 10.76 -10.00
CA ASN G 121 -37.37 10.21 -8.98
C ASN G 121 -38.80 10.69 -9.21
N ILE G 122 -39.22 10.72 -10.47
CA ILE G 122 -40.51 11.28 -10.85
C ILE G 122 -41.53 10.16 -10.93
N GLU G 123 -42.80 10.50 -10.73
CA GLU G 123 -43.90 9.55 -10.80
C GLU G 123 -44.81 9.91 -11.96
N VAL G 124 -45.28 8.89 -12.69
CA VAL G 124 -46.23 9.13 -13.77
C VAL G 124 -47.61 9.42 -13.21
N SER G 125 -48.40 10.14 -13.99
CA SER G 125 -49.69 10.66 -13.55
C SER G 125 -50.78 10.34 -14.57
N LYS G 126 -50.86 9.07 -14.96
CA LYS G 126 -51.84 8.59 -15.93
C LYS G 126 -53.28 8.76 -15.44
N GLY H 1 -0.85 -3.58 -9.58
CA GLY H 1 -2.01 -3.30 -8.76
C GLY H 1 -3.06 -2.47 -9.48
N PRO H 2 -4.29 -2.47 -8.96
CA PRO H 2 -5.34 -1.67 -9.57
C PRO H 2 -5.39 -0.28 -8.97
N PRO H 3 -5.98 0.69 -9.65
CA PRO H 3 -6.19 2.01 -9.03
C PRO H 3 -7.40 2.02 -8.12
N SER H 4 -7.48 3.07 -7.31
CA SER H 4 -8.49 3.20 -6.28
C SER H 4 -9.35 4.43 -6.56
N GLY H 5 -10.17 4.80 -5.58
CA GLY H 5 -11.07 5.93 -5.72
C GLY H 5 -10.34 7.26 -5.82
N LYS H 6 -11.08 8.27 -6.27
CA LYS H 6 -10.50 9.58 -6.49
C LYS H 6 -10.26 10.31 -5.17
N THR H 7 -9.26 11.18 -5.18
CA THR H 7 -8.84 11.92 -4.01
C THR H 7 -8.82 13.40 -4.33
N TYR H 8 -8.37 14.20 -3.36
CA TYR H 8 -8.21 15.64 -3.55
C TYR H 8 -6.76 16.10 -3.41
N MET H 9 -5.85 15.19 -3.09
CA MET H 9 -4.43 15.46 -3.09
C MET H 9 -3.73 14.53 -4.07
N GLY H 10 -2.67 15.02 -4.70
CA GLY H 10 -1.85 14.20 -5.57
C GLY H 10 -0.46 13.98 -5.03
N TRP H 11 0.54 14.05 -5.90
CA TRP H 11 1.94 13.94 -5.49
C TRP H 11 2.72 15.04 -6.21
N TRP H 12 4.04 14.98 -6.09
CA TRP H 12 4.91 16.02 -6.66
C TRP H 12 4.87 15.99 -8.18
N GLY H 13 4.40 17.09 -8.78
CA GLY H 13 4.21 17.20 -10.20
C GLY H 13 2.76 17.23 -10.63
N HIS H 14 1.89 16.55 -9.89
CA HIS H 14 0.47 16.47 -10.20
C HIS H 14 -0.37 16.62 -8.93
N MET H 15 -0.10 17.67 -8.15
CA MET H 15 -0.67 17.79 -6.81
C MET H 15 -2.18 18.05 -6.84
N GLY H 16 -2.66 18.76 -7.84
CA GLY H 16 -4.09 18.88 -8.06
C GLY H 16 -4.73 20.23 -7.78
N GLY H 17 -3.97 21.33 -7.84
CA GLY H 17 -4.54 22.63 -7.68
C GLY H 17 -4.90 23.26 -9.01
N PRO H 18 -5.19 24.56 -9.01
CA PRO H 18 -5.38 25.27 -10.28
C PRO H 18 -4.04 25.53 -10.96
N LYS H 19 -4.13 25.93 -12.22
CA LYS H 19 -2.93 26.28 -12.98
C LYS H 19 -2.40 27.63 -12.54
N GLN H 20 -1.08 27.73 -12.41
CA GLN H 20 -0.42 28.93 -11.96
C GLN H 20 0.33 29.60 -13.10
N LYS H 21 0.21 30.92 -13.17
CA LYS H 21 0.88 31.70 -14.20
C LYS H 21 0.99 33.14 -13.71
N GLY H 22 2.20 33.69 -13.73
CA GLY H 22 2.42 35.07 -13.40
C GLY H 22 3.01 35.36 -12.04
N ILE H 23 3.24 34.35 -11.22
CA ILE H 23 3.80 34.52 -9.88
C ILE H 23 5.27 34.10 -9.91
N THR H 24 6.12 34.94 -9.34
CA THR H 24 7.55 34.64 -9.22
C THR H 24 7.97 34.74 -7.76
N SER H 25 8.88 33.87 -7.35
CA SER H 25 9.33 33.82 -5.96
C SER H 25 10.84 33.90 -5.86
N TYR H 26 11.31 34.40 -4.72
CA TYR H 26 12.73 34.63 -4.45
C TYR H 26 13.06 34.15 -3.05
N ALA H 27 14.27 33.61 -2.89
CA ALA H 27 14.73 33.15 -1.58
C ALA H 27 16.24 33.38 -1.49
N VAL H 28 16.77 33.19 -0.28
CA VAL H 28 18.18 33.40 0.04
C VAL H 28 18.59 32.26 0.97
N SER H 29 19.81 31.74 0.77
CA SER H 29 20.32 30.60 1.52
C SER H 29 20.40 30.90 3.02
N PRO H 30 20.14 29.90 3.88
CA PRO H 30 20.30 30.11 5.33
C PRO H 30 21.73 30.30 5.77
N TYR H 31 22.71 29.84 4.98
CA TYR H 31 24.11 30.07 5.29
C TYR H 31 24.56 31.50 5.06
N ALA H 32 23.75 32.32 4.38
CA ALA H 32 24.09 33.69 4.07
C ALA H 32 23.35 34.70 4.95
N GLN H 33 22.67 34.24 5.99
CA GLN H 33 21.87 35.09 6.85
C GLN H 33 22.46 35.14 8.26
N LYS H 34 22.19 36.24 8.96
CA LYS H 34 22.69 36.41 10.32
C LYS H 34 21.83 35.62 11.29
N PRO H 35 22.42 34.89 12.24
CA PRO H 35 21.65 33.92 13.01
C PRO H 35 20.84 34.56 14.14
N LEU H 36 19.56 34.20 14.20
CA LEU H 36 18.62 34.54 15.28
C LEU H 36 18.46 36.04 15.47
N GLN H 37 17.88 36.68 14.45
CA GLN H 37 17.56 38.09 14.51
C GLN H 37 16.08 38.35 14.79
N GLY H 38 15.43 37.44 15.51
CA GLY H 38 14.06 37.63 15.92
C GLY H 38 13.87 37.23 17.37
N ILE H 39 14.96 37.33 18.14
CA ILE H 39 14.92 36.89 19.53
C ILE H 39 14.43 38.01 20.44
N PHE H 40 14.35 39.25 19.93
CA PHE H 40 14.00 40.38 20.78
C PHE H 40 12.65 41.01 20.39
N HIS H 41 12.51 41.41 19.13
CA HIS H 41 11.32 42.17 18.74
C HIS H 41 10.12 41.26 18.54
N ASN H 42 10.35 40.03 18.11
CA ASN H 42 9.25 39.08 17.95
C ASN H 42 8.73 38.62 19.31
N ALA H 43 9.63 38.49 20.28
CA ALA H 43 9.25 37.98 21.60
C ALA H 43 8.51 39.01 22.44
N VAL H 44 8.65 40.31 22.13
CA VAL H 44 8.01 41.33 22.95
C VAL H 44 6.85 41.97 22.20
N PHE H 45 7.11 42.49 21.00
CA PHE H 45 6.09 43.25 20.30
C PHE H 45 5.09 42.34 19.58
N ASN H 46 5.58 41.31 18.88
CA ASN H 46 4.68 40.49 18.06
C ASN H 46 3.85 39.54 18.90
N SER H 47 4.41 39.00 19.98
CA SER H 47 3.65 38.09 20.83
C SER H 47 2.60 38.84 21.64
N PHE H 48 2.84 40.12 21.90
CA PHE H 48 1.82 40.94 22.54
C PHE H 48 0.69 41.25 21.57
N ARG H 49 1.00 41.33 20.28
CA ARG H 49 -0.04 41.59 19.28
C ARG H 49 -0.92 40.37 19.07
N ARG H 50 -0.34 39.17 19.23
CA ARG H 50 -1.13 37.96 19.06
C ARG H 50 -1.93 37.63 20.32
N PHE H 51 -1.44 38.07 21.47
CA PHE H 51 -2.11 37.75 22.74
C PHE H 51 -3.41 38.53 22.89
N LYS H 52 -3.35 39.85 22.73
CA LYS H 52 -4.51 40.68 23.04
C LYS H 52 -5.58 40.65 21.97
N SER H 53 -5.34 40.00 20.84
CA SER H 53 -6.41 39.83 19.85
C SER H 53 -7.34 38.70 20.23
N GLN H 54 -6.85 37.70 20.97
CA GLN H 54 -7.57 36.47 21.23
C GLN H 54 -7.87 36.25 22.71
N PHE H 55 -7.71 37.27 23.55
CA PHE H 55 -7.81 37.04 24.98
C PHE H 55 -9.22 37.28 25.54
N LEU H 56 -10.13 37.89 24.78
CA LEU H 56 -11.49 38.03 25.27
C LEU H 56 -12.37 36.85 24.92
N TYR H 57 -11.98 36.02 23.95
CA TYR H 57 -12.72 34.80 23.68
C TYR H 57 -12.43 33.72 24.71
N VAL H 58 -11.36 33.86 25.48
CA VAL H 58 -10.96 32.86 26.45
C VAL H 58 -11.28 33.29 27.88
N LEU H 59 -11.11 34.56 28.23
CA LEU H 59 -11.21 34.99 29.62
C LEU H 59 -12.62 35.40 30.04
N ILE H 60 -13.53 35.62 29.11
CA ILE H 60 -14.94 35.82 29.48
C ILE H 60 -15.61 34.47 29.75
N PRO H 61 -15.42 33.39 28.98
CA PRO H 61 -15.89 32.09 29.47
C PRO H 61 -15.16 31.58 30.70
N ALA H 62 -13.90 31.95 30.91
CA ALA H 62 -13.18 31.48 32.10
C ALA H 62 -13.66 32.18 33.36
N GLY H 63 -14.07 33.43 33.26
CA GLY H 63 -14.57 34.14 34.43
C GLY H 63 -15.99 33.77 34.81
N ILE H 64 -16.77 33.26 33.87
CA ILE H 64 -18.12 32.78 34.18
C ILE H 64 -18.05 31.49 34.99
N TYR H 65 -17.19 30.56 34.57
CA TYR H 65 -17.12 29.27 35.23
C TYR H 65 -16.32 29.32 36.52
N TRP H 66 -15.56 30.38 36.75
CA TRP H 66 -14.84 30.51 38.01
C TRP H 66 -15.69 31.21 39.06
N TYR H 67 -16.57 32.11 38.63
CA TYR H 67 -17.50 32.74 39.55
C TYR H 67 -18.55 31.74 40.03
N TRP H 68 -18.93 30.80 39.15
CA TRP H 68 -19.95 29.83 39.49
C TRP H 68 -19.43 28.81 40.51
N TRP H 69 -18.17 28.39 40.34
CA TRP H 69 -17.58 27.42 41.25
C TRP H 69 -17.29 28.04 42.61
N LYS H 70 -16.99 29.33 42.65
CA LYS H 70 -16.60 29.97 43.90
C LYS H 70 -17.79 30.22 44.81
N ASN H 71 -18.98 30.46 44.24
CA ASN H 71 -20.16 30.66 45.06
C ASN H 71 -20.74 29.33 45.53
N GLY H 72 -20.59 28.28 44.73
CA GLY H 72 -21.04 26.97 45.15
C GLY H 72 -20.15 26.37 46.23
N ASN H 73 -18.88 26.75 46.23
CA ASN H 73 -17.94 26.25 47.24
C ASN H 73 -18.14 26.99 48.56
N GLU H 74 -18.54 28.26 48.50
CA GLU H 74 -18.73 29.03 49.72
C GLU H 74 -20.08 28.75 50.36
N TYR H 75 -21.05 28.29 49.58
CA TYR H 75 -22.36 27.96 50.13
C TYR H 75 -22.35 26.58 50.78
N ASN H 76 -21.52 25.67 50.27
CA ASN H 76 -21.38 24.36 50.89
C ASN H 76 -20.64 24.45 52.21
N GLU H 77 -19.72 25.42 52.34
CA GLU H 77 -19.01 25.63 53.58
C GLU H 77 -19.91 26.23 54.65
N PHE H 78 -20.93 26.99 54.25
CA PHE H 78 -21.87 27.56 55.20
C PHE H 78 -22.86 26.51 55.70
N LEU H 79 -23.22 25.55 54.85
CA LEU H 79 -24.24 24.58 55.20
C LEU H 79 -23.76 23.58 56.24
N TYR H 80 -22.46 23.33 56.29
CA TYR H 80 -21.90 22.35 57.22
C TYR H 80 -21.18 22.99 58.39
N SER H 81 -21.33 24.30 58.57
CA SER H 81 -20.82 24.96 59.76
C SER H 81 -21.89 24.91 60.85
N LYS H 82 -21.67 25.61 61.94
CA LYS H 82 -22.64 25.60 63.04
C LYS H 82 -23.80 26.54 62.76
N ALA H 83 -23.53 27.68 62.11
CA ALA H 83 -24.57 28.66 61.84
C ALA H 83 -25.53 28.22 60.75
N GLY H 84 -25.15 27.25 59.93
CA GLY H 84 -26.00 26.82 58.83
C GLY H 84 -26.67 25.49 59.05
N ARG H 85 -27.14 25.23 60.26
CA ARG H 85 -27.69 23.92 60.60
C ARG H 85 -29.18 23.79 60.32
N GLU H 86 -29.96 24.85 60.49
CA GLU H 86 -31.38 24.78 60.14
C GLU H 86 -31.64 25.02 58.67
N GLU H 87 -30.66 25.51 57.91
CA GLU H 87 -30.85 25.52 56.47
C GLU H 87 -30.50 24.17 55.88
N LEU H 88 -29.62 23.42 56.53
CA LEU H 88 -29.23 22.10 56.03
C LEU H 88 -30.37 21.09 56.13
N GLU H 89 -31.24 21.24 57.11
CA GLU H 89 -32.34 20.28 57.27
C GLU H 89 -33.44 20.50 56.24
N ARG H 90 -33.57 21.71 55.70
CA ARG H 90 -34.68 21.99 54.80
C ARG H 90 -34.29 21.90 53.33
N VAL H 91 -33.00 21.85 53.02
CA VAL H 91 -32.54 21.67 51.65
C VAL H 91 -32.19 20.20 51.43
N ASN H 92 -32.37 19.39 52.45
CA ASN H 92 -32.14 17.95 52.36
C ASN H 92 -33.42 17.14 52.35
N VAL H 93 -34.57 17.80 52.27
CA VAL H 93 -35.85 17.10 52.21
C VAL H 93 -36.37 17.11 50.78
N SER I 2 39.33 31.98 14.36
CA SER I 2 38.28 31.05 14.75
C SER I 2 38.85 29.86 15.53
N LEU I 3 38.10 29.41 16.53
CA LEU I 3 38.47 28.24 17.31
C LEU I 3 37.93 26.94 16.72
N TYR I 4 36.80 27.01 16.02
CA TYR I 4 36.25 25.82 15.37
C TYR I 4 37.11 25.37 14.19
N LYS I 5 37.84 26.28 13.56
CA LYS I 5 38.67 25.91 12.41
C LYS I 5 39.91 25.12 12.82
N THR I 6 40.31 25.19 14.08
CA THR I 6 41.52 24.50 14.51
C THR I 6 41.33 22.98 14.53
N PHE I 7 40.10 22.51 14.75
CA PHE I 7 39.83 21.09 14.89
C PHE I 7 39.17 20.45 13.69
N PHE I 8 38.34 21.20 12.94
CA PHE I 8 37.54 20.62 11.86
C PHE I 8 37.68 21.37 10.53
N LYS I 9 38.04 22.65 10.57
CA LYS I 9 38.48 23.55 9.51
C LYS I 9 37.41 24.03 8.53
N ARG I 10 36.43 23.18 8.21
CA ARG I 10 35.18 23.61 7.58
C ARG I 10 34.03 22.66 7.82
N ASN I 11 34.31 21.41 8.20
CA ASN I 11 33.37 20.31 8.06
C ASN I 11 32.49 20.20 9.29
N ALA I 12 31.52 19.29 9.20
CA ALA I 12 30.79 18.85 10.37
C ALA I 12 31.61 17.84 11.14
N VAL I 13 31.19 17.56 12.37
CA VAL I 13 31.85 16.53 13.18
C VAL I 13 31.42 15.17 12.66
N PHE I 14 32.38 14.28 12.46
CA PHE I 14 32.07 12.97 11.92
C PHE I 14 31.49 12.08 13.01
N VAL I 15 30.86 10.98 12.58
CA VAL I 15 30.11 10.12 13.50
C VAL I 15 31.07 9.32 14.38
N GLY I 16 32.32 9.16 13.98
CA GLY I 16 33.29 8.48 14.82
C GLY I 16 33.72 9.32 16.00
N THR I 17 33.84 10.63 15.79
CA THR I 17 34.21 11.53 16.87
C THR I 17 33.03 11.77 17.81
N ILE I 18 31.81 11.64 17.29
CA ILE I 18 30.61 11.81 18.10
C ILE I 18 30.49 10.68 19.12
N PHE I 19 30.76 9.44 18.68
CA PHE I 19 30.65 8.30 19.59
C PHE I 19 31.84 8.23 20.53
N ALA I 20 33.02 8.67 20.09
CA ALA I 20 34.20 8.61 20.94
C ALA I 20 34.14 9.66 22.04
N GLY I 21 33.62 10.85 21.73
CA GLY I 21 33.52 11.90 22.73
C GLY I 21 32.36 11.74 23.67
N ALA I 22 31.39 10.88 23.33
CA ALA I 22 30.25 10.67 24.20
C ALA I 22 30.62 9.82 25.41
N PHE I 23 31.60 8.93 25.24
CA PHE I 23 32.05 8.11 26.37
C PHE I 23 32.99 8.88 27.28
N VAL I 24 33.77 9.82 26.72
CA VAL I 24 34.58 10.70 27.54
C VAL I 24 33.68 11.63 28.35
N PHE I 25 32.53 12.00 27.79
CA PHE I 25 31.60 12.90 28.47
C PHE I 25 30.96 12.25 29.68
N GLN I 26 30.69 10.95 29.62
CA GLN I 26 29.90 10.29 30.65
C GLN I 26 30.66 10.12 31.96
N THR I 27 31.98 9.92 31.89
CA THR I 27 32.75 9.75 33.11
C THR I 27 33.04 11.08 33.78
N VAL I 28 33.24 12.14 32.98
CA VAL I 28 33.52 13.46 33.55
C VAL I 28 32.26 14.06 34.15
N PHE I 29 31.11 13.82 33.49
CA PHE I 29 29.85 14.39 33.99
C PHE I 29 29.37 13.67 35.24
N ASP I 30 29.63 12.36 35.35
CA ASP I 30 29.18 11.61 36.51
C ASP I 30 29.99 11.97 37.75
N THR I 31 31.26 12.32 37.56
CA THR I 31 32.12 12.62 38.70
C THR I 31 31.89 14.05 39.20
N ALA I 32 31.59 14.98 38.28
CA ALA I 32 31.37 16.36 38.67
C ALA I 32 30.02 16.54 39.37
N ILE I 33 29.03 15.73 39.00
CA ILE I 33 27.71 15.85 39.61
C ILE I 33 27.71 15.22 41.00
N THR I 34 28.38 14.06 41.14
CA THR I 34 28.46 13.38 42.43
C THR I 34 29.28 14.19 43.44
N SER I 35 30.29 14.92 42.96
CA SER I 35 31.12 15.70 43.87
C SER I 35 30.40 16.94 44.37
N TRP I 36 29.58 17.56 43.52
CA TRP I 36 28.82 18.73 43.95
C TRP I 36 27.69 18.33 44.88
N TYR I 37 27.11 17.15 44.66
CA TYR I 37 25.94 16.72 45.42
C TYR I 37 26.32 16.36 46.85
N GLU I 38 27.48 15.74 47.03
CA GLU I 38 27.89 15.32 48.37
C GLU I 38 28.49 16.46 49.16
N ASN I 39 28.99 17.50 48.50
CA ASN I 39 29.48 18.67 49.21
C ASN I 39 28.34 19.55 49.67
N HIS I 40 27.24 19.58 48.92
CA HIS I 40 26.05 20.33 49.30
C HIS I 40 25.36 19.73 50.52
N ASN I 41 25.51 18.44 50.75
CA ASN I 41 24.85 17.72 51.83
C ASN I 41 25.84 17.21 52.86
N LYS I 42 26.85 18.01 53.16
CA LYS I 42 27.94 17.55 54.03
C LYS I 42 27.52 17.60 55.50
N GLY I 43 27.80 16.53 56.22
CA GLY I 43 27.40 16.39 57.59
C GLY I 43 26.16 15.52 57.79
N LYS I 44 25.44 15.21 56.72
CA LYS I 44 24.22 14.43 56.79
C LYS I 44 24.38 13.01 56.25
N LEU I 45 25.42 12.74 55.47
CA LEU I 45 25.60 11.42 54.89
C LEU I 45 26.07 10.42 55.95
N TRP I 46 26.07 9.15 55.58
CA TRP I 46 26.45 8.11 56.53
C TRP I 46 27.96 8.11 56.81
N LYS I 47 28.77 8.50 55.82
CA LYS I 47 30.21 8.54 56.02
C LYS I 47 30.66 9.67 56.93
N ASP I 48 29.79 10.65 57.20
CA ASP I 48 30.07 11.69 58.18
C ASP I 48 29.59 11.30 59.56
N VAL I 49 28.49 10.55 59.65
CA VAL I 49 27.98 10.09 60.93
C VAL I 49 28.83 8.93 61.47
N LYS I 50 29.33 8.09 60.57
CA LYS I 50 30.18 6.96 60.97
C LYS I 50 31.50 7.41 61.57
N ALA I 51 32.01 8.55 61.13
CA ALA I 51 33.24 9.12 61.64
C ALA I 51 33.06 9.88 62.96
N ARG I 52 31.88 9.82 63.56
CA ARG I 52 31.63 10.43 64.87
C ARG I 52 31.21 9.42 65.92
N ILE I 53 30.78 8.23 65.53
CA ILE I 53 30.50 7.17 66.49
C ILE I 53 31.78 6.40 66.76
N ALA I 54 32.82 6.67 65.97
CA ALA I 54 34.11 6.05 66.14
C ALA I 54 35.22 7.05 66.48
N ALA I 55 34.89 8.34 66.50
CA ALA I 55 35.89 9.37 66.82
C ALA I 55 35.23 10.57 67.49
N ALA J 1 -53.45 -4.97 -46.07
CA ALA J 1 -52.82 -6.21 -46.51
C ALA J 1 -53.86 -7.25 -46.85
N GLU J 2 -53.82 -7.74 -48.09
CA GLU J 2 -54.78 -8.72 -48.58
C GLU J 2 -54.03 -9.97 -49.04
N VAL J 3 -54.45 -11.13 -48.53
CA VAL J 3 -53.84 -12.41 -48.86
C VAL J 3 -54.85 -13.24 -49.62
N THR J 4 -54.40 -13.90 -50.69
CA THR J 4 -55.29 -14.67 -51.56
C THR J 4 -54.52 -15.84 -52.15
N GLN J 5 -55.06 -17.06 -51.99
CA GLN J 5 -54.53 -18.25 -52.63
C GLN J 5 -55.27 -18.51 -53.94
N LEU J 6 -54.52 -18.80 -54.99
CA LEU J 6 -55.08 -18.97 -56.31
C LEU J 6 -55.50 -20.42 -56.55
N SER J 7 -55.97 -20.70 -57.77
CA SER J 7 -56.46 -22.02 -58.13
C SER J 7 -55.35 -23.06 -58.27
N ASN J 8 -54.12 -22.62 -58.57
CA ASN J 8 -52.99 -23.53 -58.69
C ASN J 8 -52.09 -23.54 -57.47
N GLY J 9 -52.46 -22.84 -56.41
CA GLY J 9 -51.75 -22.94 -55.14
C GLY J 9 -50.73 -21.86 -54.86
N ILE J 10 -50.83 -20.71 -55.51
CA ILE J 10 -49.90 -19.62 -55.28
C ILE J 10 -50.53 -18.63 -54.32
N VAL J 11 -49.76 -18.23 -53.30
CA VAL J 11 -50.21 -17.26 -52.30
C VAL J 11 -49.73 -15.87 -52.72
N VAL J 12 -50.67 -14.93 -52.82
CA VAL J 12 -50.39 -13.56 -53.24
C VAL J 12 -50.73 -12.63 -52.08
N ALA J 13 -49.79 -11.76 -51.72
CA ALA J 13 -49.99 -10.76 -50.68
C ALA J 13 -49.63 -9.39 -51.21
N THR J 14 -50.43 -8.39 -50.84
CA THR J 14 -50.29 -7.05 -51.41
C THR J 14 -50.58 -6.00 -50.35
N GLU J 15 -49.75 -4.96 -50.29
CA GLU J 15 -49.97 -3.79 -49.42
C GLU J 15 -49.99 -2.55 -50.31
N HIS J 16 -51.18 -2.14 -50.73
CA HIS J 16 -51.31 -1.02 -51.65
C HIS J 16 -51.06 0.31 -50.95
N ASN J 17 -50.40 1.23 -51.67
CA ASN J 17 -50.11 2.57 -51.17
C ASN J 17 -50.23 3.53 -52.34
N PRO J 18 -51.29 4.33 -52.40
CA PRO J 18 -51.51 5.18 -53.57
C PRO J 18 -50.66 6.44 -53.59
N SER J 19 -49.90 6.74 -52.53
CA SER J 19 -49.06 7.94 -52.50
C SER J 19 -47.58 7.61 -52.66
N ALA J 20 -47.27 6.54 -53.40
CA ALA J 20 -45.91 6.14 -53.68
C ALA J 20 -45.66 6.23 -55.18
N HIS J 21 -44.42 6.50 -55.55
CA HIS J 21 -44.06 6.71 -56.95
C HIS J 21 -43.31 5.53 -57.54
N THR J 22 -43.27 4.39 -56.85
CA THR J 22 -42.62 3.17 -57.33
C THR J 22 -43.47 1.97 -56.95
N ALA J 23 -43.10 0.80 -57.47
CA ALA J 23 -43.75 -0.46 -57.15
C ALA J 23 -42.71 -1.57 -57.12
N SER J 24 -42.94 -2.56 -56.26
CA SER J 24 -42.01 -3.67 -56.09
C SER J 24 -42.76 -4.99 -56.12
N VAL J 25 -42.27 -5.91 -56.94
CA VAL J 25 -42.83 -7.25 -57.08
C VAL J 25 -41.71 -8.25 -56.85
N GLY J 26 -41.98 -9.30 -56.07
CA GLY J 26 -40.94 -10.27 -55.80
C GLY J 26 -41.50 -11.59 -55.32
N VAL J 27 -40.58 -12.50 -55.01
CA VAL J 27 -40.88 -13.83 -54.50
C VAL J 27 -40.07 -14.06 -53.23
N VAL J 28 -40.73 -14.49 -52.15
CA VAL J 28 -40.07 -14.79 -50.89
C VAL J 28 -40.22 -16.27 -50.61
N PHE J 29 -39.12 -16.95 -50.30
CA PHE J 29 -39.10 -18.37 -49.97
C PHE J 29 -38.90 -18.56 -48.48
N GLY J 30 -39.38 -19.68 -47.96
CA GLY J 30 -39.35 -19.93 -46.53
C GLY J 30 -38.21 -20.79 -46.05
N SER J 31 -37.06 -20.73 -46.70
CA SER J 31 -35.87 -21.46 -46.29
C SER J 31 -34.69 -20.50 -46.29
N GLY J 32 -33.93 -20.50 -45.21
CA GLY J 32 -32.79 -19.62 -45.11
C GLY J 32 -31.48 -20.32 -44.84
N ALA J 33 -30.62 -19.72 -44.01
CA ALA J 33 -29.35 -20.33 -43.67
C ALA J 33 -29.51 -21.45 -42.65
N ALA J 34 -30.64 -21.53 -41.97
CA ALA J 34 -30.90 -22.58 -41.00
C ALA J 34 -31.51 -23.82 -41.63
N ASN J 35 -31.49 -23.92 -42.96
CA ASN J 35 -31.95 -25.11 -43.67
C ASN J 35 -30.82 -25.78 -44.43
N GLU J 36 -29.58 -25.52 -44.04
CA GLU J 36 -28.40 -26.11 -44.65
C GLU J 36 -27.71 -27.02 -43.63
N ASN J 37 -26.68 -27.70 -44.11
CA ASN J 37 -25.85 -28.58 -43.29
C ASN J 37 -24.45 -27.96 -43.28
N PRO J 38 -23.47 -28.44 -42.49
CA PRO J 38 -22.14 -27.81 -42.51
C PRO J 38 -21.34 -28.00 -43.77
N TYR J 39 -21.80 -28.74 -44.77
CA TYR J 39 -21.04 -28.94 -46.00
C TYR J 39 -21.40 -27.97 -47.11
N ASN J 40 -22.67 -27.64 -47.27
CA ASN J 40 -23.11 -26.72 -48.31
C ASN J 40 -23.45 -25.34 -47.77
N ASN J 41 -22.87 -24.97 -46.63
CA ASN J 41 -23.16 -23.68 -46.01
C ASN J 41 -22.61 -22.55 -46.88
N GLY J 42 -23.51 -21.75 -47.43
CA GLY J 42 -23.15 -20.70 -48.36
C GLY J 42 -23.84 -20.81 -49.71
N VAL J 43 -24.72 -21.78 -49.94
CA VAL J 43 -25.37 -21.88 -51.25
C VAL J 43 -26.45 -20.82 -51.41
N SER J 44 -26.97 -20.29 -50.31
CA SER J 44 -27.94 -19.20 -50.41
C SER J 44 -27.26 -17.88 -50.74
N ASN J 45 -26.05 -17.68 -50.21
CA ASN J 45 -25.27 -16.48 -50.53
C ASN J 45 -24.78 -16.51 -51.97
N LEU J 46 -24.62 -17.71 -52.53
CA LEU J 46 -24.19 -17.82 -53.93
C LEU J 46 -25.37 -17.64 -54.88
N TRP J 47 -26.58 -18.03 -54.46
CA TRP J 47 -27.75 -17.85 -55.31
C TRP J 47 -28.15 -16.39 -55.39
N LYS J 48 -27.86 -15.62 -54.34
CA LYS J 48 -28.15 -14.19 -54.35
C LYS J 48 -27.27 -13.46 -55.36
N ASN J 49 -25.99 -13.78 -55.39
CA ASN J 49 -25.06 -13.10 -56.28
C ASN J 49 -25.14 -13.60 -57.72
N ILE J 50 -25.76 -14.76 -57.95
CA ILE J 50 -26.07 -15.19 -59.31
C ILE J 50 -27.23 -14.37 -59.87
N PHE J 51 -28.22 -14.07 -59.01
CA PHE J 51 -29.35 -13.23 -59.41
C PHE J 51 -28.91 -11.80 -59.69
N LEU J 52 -27.94 -11.29 -58.93
CA LEU J 52 -27.44 -9.93 -59.08
C LEU J 52 -26.20 -9.84 -59.95
N SER J 53 -25.97 -10.83 -60.81
CA SER J 53 -24.80 -10.82 -61.67
C SER J 53 -24.98 -9.80 -62.80
N LYS J 54 -23.89 -9.56 -63.53
CA LYS J 54 -23.86 -8.44 -64.46
C LYS J 54 -24.67 -8.70 -65.71
N GLU J 55 -24.72 -9.94 -66.18
CA GLU J 55 -25.48 -10.25 -67.38
C GLU J 55 -26.97 -10.29 -67.09
N ASN J 56 -27.34 -10.56 -65.84
CA ASN J 56 -28.75 -10.51 -65.46
C ASN J 56 -29.19 -9.08 -65.21
N SER J 57 -28.31 -8.26 -64.62
CA SER J 57 -28.66 -6.88 -64.31
C SER J 57 -28.68 -6.01 -65.56
N ALA J 58 -27.97 -6.41 -66.61
CA ALA J 58 -27.96 -5.62 -67.83
C ALA J 58 -29.25 -5.81 -68.63
N VAL J 59 -29.87 -6.98 -68.51
CA VAL J 59 -31.14 -7.22 -69.19
C VAL J 59 -32.26 -6.44 -68.51
N ALA J 60 -32.21 -6.35 -67.18
CA ALA J 60 -33.26 -5.64 -66.45
C ALA J 60 -33.09 -4.13 -66.58
N ALA J 61 -31.86 -3.64 -66.74
CA ALA J 61 -31.63 -2.21 -66.78
C ALA J 61 -32.10 -1.59 -68.10
N LYS J 62 -32.16 -2.39 -69.17
CA LYS J 62 -32.70 -1.90 -70.44
C LYS J 62 -34.20 -1.67 -70.39
N GLU J 63 -34.91 -2.27 -69.43
CA GLU J 63 -36.33 -2.05 -69.26
C GLU J 63 -36.67 -1.06 -68.17
N GLY J 64 -35.68 -0.58 -67.42
CA GLY J 64 -35.94 0.34 -66.34
C GLY J 64 -36.30 -0.36 -65.05
N LEU J 65 -35.57 -1.43 -64.74
CA LEU J 65 -35.86 -2.29 -63.60
C LEU J 65 -34.63 -2.42 -62.73
N ALA J 66 -34.83 -2.50 -61.42
CA ALA J 66 -33.76 -2.69 -60.47
C ALA J 66 -33.98 -3.97 -59.66
N LEU J 67 -32.88 -4.60 -59.25
CA LEU J 67 -32.92 -5.89 -58.59
C LEU J 67 -32.39 -5.79 -57.16
N SER J 68 -32.96 -6.60 -56.28
CA SER J 68 -32.54 -6.68 -54.88
C SER J 68 -32.66 -8.12 -54.39
N SER J 69 -31.91 -8.44 -53.34
CA SER J 69 -31.94 -9.77 -52.76
C SER J 69 -31.47 -9.69 -51.32
N ASN J 70 -32.00 -10.60 -50.48
CA ASN J 70 -31.69 -10.60 -49.06
C ASN J 70 -31.72 -12.03 -48.54
N ILE J 71 -30.65 -12.44 -47.86
CA ILE J 71 -30.53 -13.77 -47.28
C ILE J 71 -30.57 -13.64 -45.77
N SER J 72 -31.48 -14.37 -45.13
CA SER J 72 -31.58 -14.37 -43.68
C SER J 72 -31.54 -15.80 -43.14
N ARG J 73 -31.83 -15.98 -41.85
CA ARG J 73 -31.80 -17.32 -41.26
C ARG J 73 -33.08 -18.10 -41.51
N ASP J 74 -34.18 -17.44 -41.84
CA ASP J 74 -35.44 -18.13 -42.06
C ASP J 74 -36.06 -17.91 -43.43
N PHE J 75 -35.55 -16.99 -44.24
CA PHE J 75 -36.18 -16.67 -45.51
C PHE J 75 -35.16 -16.09 -46.48
N GLN J 76 -35.54 -16.07 -47.76
CA GLN J 76 -34.79 -15.41 -48.83
C GLN J 76 -35.78 -14.67 -49.72
N SER J 77 -35.31 -13.61 -50.38
CA SER J 77 -36.18 -12.79 -51.20
C SER J 77 -35.46 -12.37 -52.49
N TYR J 78 -36.24 -12.19 -53.55
CA TYR J 78 -35.74 -11.80 -54.86
C TYR J 78 -36.74 -10.80 -55.45
N ILE J 79 -36.40 -9.51 -55.41
CA ILE J 79 -37.36 -8.42 -55.60
C ILE J 79 -36.97 -7.58 -56.81
N VAL J 80 -37.96 -7.24 -57.63
CA VAL J 80 -37.79 -6.38 -58.80
C VAL J 80 -38.58 -5.10 -58.58
N SER J 81 -37.95 -3.95 -58.85
CA SER J 81 -38.59 -2.64 -58.71
C SER J 81 -38.75 -1.97 -60.06
N SER J 82 -39.80 -1.16 -60.18
CA SER J 82 -40.10 -0.47 -61.43
C SER J 82 -40.98 0.74 -61.13
N LEU J 83 -41.46 1.37 -62.20
CA LEU J 83 -42.40 2.48 -62.11
C LEU J 83 -43.83 1.95 -62.09
N PRO J 84 -44.77 2.70 -61.50
CA PRO J 84 -46.16 2.21 -61.41
C PRO J 84 -46.89 2.25 -62.75
N GLY J 85 -46.77 1.17 -63.51
CA GLY J 85 -47.29 1.12 -64.87
C GLY J 85 -46.39 0.27 -65.74
N SER J 86 -45.31 -0.22 -65.13
CA SER J 86 -44.43 -1.21 -65.74
C SER J 86 -44.43 -2.52 -64.95
N THR J 87 -45.52 -2.80 -64.23
CA THR J 87 -45.54 -3.93 -63.32
C THR J 87 -45.70 -5.26 -64.03
N ASP J 88 -46.20 -5.27 -65.27
CA ASP J 88 -46.26 -6.51 -66.01
C ASP J 88 -44.93 -6.82 -66.68
N LYS J 89 -44.08 -5.80 -66.87
CA LYS J 89 -42.75 -6.03 -67.38
C LYS J 89 -41.86 -6.68 -66.32
N SER J 90 -42.09 -6.36 -65.04
CA SER J 90 -41.29 -6.94 -63.98
C SER J 90 -41.79 -8.33 -63.61
N LEU J 91 -43.00 -8.70 -64.06
CA LEU J 91 -43.47 -10.06 -63.88
C LEU J 91 -42.92 -10.98 -64.98
N ASP J 92 -42.73 -10.44 -66.18
CA ASP J 92 -42.15 -11.24 -67.26
C ASP J 92 -40.67 -11.49 -67.03
N PHE J 93 -39.97 -10.54 -66.40
CA PHE J 93 -38.57 -10.76 -66.06
C PHE J 93 -38.44 -11.81 -64.96
N LEU J 94 -39.34 -11.77 -63.99
CA LEU J 94 -39.29 -12.72 -62.89
C LEU J 94 -39.73 -14.11 -63.34
N ASN J 95 -40.51 -14.18 -64.41
CA ASN J 95 -40.92 -15.46 -64.98
C ASN J 95 -39.75 -16.14 -65.69
N GLN J 96 -39.03 -15.39 -66.51
CA GLN J 96 -37.94 -15.90 -67.32
C GLN J 96 -36.65 -16.14 -66.54
N SER J 97 -36.59 -16.02 -65.23
CA SER J 97 -35.38 -16.35 -64.49
C SER J 97 -35.62 -17.25 -63.29
N PHE J 98 -36.87 -17.64 -63.00
CA PHE J 98 -37.17 -18.62 -61.97
C PHE J 98 -38.02 -19.79 -62.45
N ILE J 99 -38.72 -19.65 -63.57
CA ILE J 99 -39.69 -20.66 -63.97
C ILE J 99 -39.30 -21.27 -65.30
N GLN J 100 -39.09 -20.44 -66.32
CA GLN J 100 -38.96 -20.93 -67.68
C GLN J 100 -37.52 -21.12 -68.14
N GLN J 101 -36.56 -20.44 -67.53
CA GLN J 101 -35.19 -20.47 -68.06
C GLN J 101 -34.24 -20.13 -66.94
N LYS J 102 -33.52 -21.14 -66.43
CA LYS J 102 -32.54 -20.93 -65.38
C LYS J 102 -31.17 -21.51 -65.67
N ALA J 103 -30.97 -22.14 -66.82
CA ALA J 103 -29.71 -22.80 -67.12
C ALA J 103 -28.68 -21.87 -67.74
N ASN J 104 -29.08 -20.68 -68.16
CA ASN J 104 -28.13 -19.71 -68.73
C ASN J 104 -27.44 -18.87 -67.68
N LEU J 105 -27.96 -18.83 -66.45
CA LEU J 105 -27.28 -18.16 -65.36
C LEU J 105 -26.20 -19.03 -64.72
N LEU J 106 -26.30 -20.35 -64.86
CA LEU J 106 -25.37 -21.28 -64.25
C LEU J 106 -24.34 -21.82 -65.24
N SER J 107 -23.94 -20.99 -66.21
CA SER J 107 -22.85 -21.35 -67.11
C SER J 107 -21.52 -21.32 -66.35
N SER J 108 -20.52 -21.97 -66.93
CA SER J 108 -19.24 -22.13 -66.23
C SER J 108 -18.46 -20.83 -66.19
N SER J 109 -18.68 -19.95 -67.17
CA SER J 109 -17.99 -18.66 -67.17
C SER J 109 -18.60 -17.72 -66.15
N ASN J 110 -19.91 -17.81 -65.94
CA ASN J 110 -20.59 -16.93 -65.00
C ASN J 110 -20.44 -17.43 -63.57
N PHE J 111 -20.30 -18.74 -63.40
CA PHE J 111 -20.23 -19.31 -62.05
C PHE J 111 -18.88 -19.03 -61.39
N GLU J 112 -17.79 -19.12 -62.16
CA GLU J 112 -16.47 -18.96 -61.57
C GLU J 112 -16.14 -17.49 -61.33
N ALA J 113 -16.75 -16.59 -62.09
CA ALA J 113 -16.58 -15.16 -61.83
C ALA J 113 -17.36 -14.76 -60.58
N THR J 114 -18.52 -15.37 -60.36
CA THR J 114 -19.33 -15.05 -59.19
C THR J 114 -18.72 -15.63 -57.92
N LYS J 115 -18.15 -16.84 -58.02
CA LYS J 115 -17.63 -17.53 -56.83
C LYS J 115 -16.39 -16.83 -56.27
N LYS J 116 -15.58 -16.21 -57.14
CA LYS J 116 -14.41 -15.52 -56.64
C LYS J 116 -14.76 -14.14 -56.11
N SER J 117 -15.93 -13.61 -56.48
CA SER J 117 -16.38 -12.34 -55.91
C SER J 117 -16.92 -12.53 -54.50
N VAL J 118 -17.65 -13.63 -54.27
CA VAL J 118 -18.18 -13.92 -52.94
C VAL J 118 -17.06 -14.30 -51.99
N LEU J 119 -16.03 -14.98 -52.49
CA LEU J 119 -14.89 -15.36 -51.65
C LEU J 119 -14.10 -14.14 -51.20
N LYS J 120 -14.16 -13.05 -51.96
CA LYS J 120 -13.49 -11.82 -51.57
C LYS J 120 -14.29 -11.06 -50.51
N GLN J 121 -15.62 -11.20 -50.55
CA GLN J 121 -16.46 -10.48 -49.60
C GLN J 121 -16.39 -11.10 -48.21
N VAL J 122 -16.38 -12.43 -48.14
CA VAL J 122 -16.34 -13.12 -46.86
C VAL J 122 -14.97 -12.97 -46.20
N GLN J 123 -13.92 -12.90 -47.01
CA GLN J 123 -12.58 -12.67 -46.48
C GLN J 123 -12.42 -11.26 -45.95
N ASP J 124 -13.08 -10.29 -46.60
CA ASP J 124 -13.02 -8.91 -46.13
C ASP J 124 -13.89 -8.72 -44.89
N PHE J 125 -14.96 -9.51 -44.75
CA PHE J 125 -15.83 -9.43 -43.59
C PHE J 125 -15.13 -9.96 -42.34
N GLU J 126 -14.31 -11.00 -42.50
CA GLU J 126 -13.71 -11.68 -41.37
C GLU J 126 -12.54 -10.92 -40.77
N GLU J 127 -11.96 -9.97 -41.50
CA GLU J 127 -10.79 -9.24 -41.02
C GLU J 127 -11.06 -7.78 -40.72
N ASN J 128 -12.28 -7.28 -40.98
CA ASN J 128 -12.51 -5.84 -40.89
C ASN J 128 -13.79 -5.45 -40.16
N ASP J 129 -14.79 -6.31 -40.05
CA ASP J 129 -16.09 -5.93 -39.50
C ASP J 129 -16.25 -6.61 -38.14
N HIS J 130 -15.69 -5.98 -37.12
CA HIS J 130 -15.57 -6.60 -35.80
C HIS J 130 -16.85 -6.60 -34.95
N PRO J 131 -17.72 -5.58 -34.93
CA PRO J 131 -18.99 -5.76 -34.21
C PRO J 131 -19.94 -6.77 -34.83
N ASN J 132 -19.84 -7.01 -36.14
CA ASN J 132 -20.76 -7.94 -36.79
C ASN J 132 -20.27 -9.37 -36.79
N ARG J 133 -18.96 -9.61 -36.71
CA ARG J 133 -18.47 -10.98 -36.63
C ARG J 133 -18.48 -11.51 -35.20
N VAL J 134 -18.60 -10.64 -34.21
CA VAL J 134 -18.77 -11.09 -32.83
C VAL J 134 -20.19 -11.55 -32.59
N LEU J 135 -21.17 -10.85 -33.19
CA LEU J 135 -22.56 -11.28 -33.11
C LEU J 135 -22.82 -12.57 -33.87
N GLU J 136 -22.04 -12.89 -34.88
CA GLU J 136 -22.20 -14.17 -35.60
C GLU J 136 -21.56 -15.30 -34.83
N HIS J 137 -20.52 -15.00 -34.07
CA HIS J 137 -19.93 -16.03 -33.22
C HIS J 137 -20.80 -16.30 -32.00
N LEU J 138 -21.66 -15.35 -31.62
CA LEU J 138 -22.59 -15.58 -30.52
C LEU J 138 -23.69 -16.56 -30.92
N HIS J 139 -24.09 -16.54 -32.18
CA HIS J 139 -25.08 -17.50 -32.65
C HIS J 139 -24.48 -18.90 -32.76
N SER J 140 -23.19 -19.00 -33.06
CA SER J 140 -22.60 -20.30 -33.27
C SER J 140 -22.19 -20.98 -31.97
N THR J 141 -22.09 -20.24 -30.86
CA THR J 141 -21.78 -20.87 -29.60
C THR J 141 -23.03 -21.07 -28.72
N ALA J 142 -24.11 -20.35 -29.00
CA ALA J 142 -25.33 -20.50 -28.20
C ALA J 142 -26.22 -21.61 -28.74
N PHE J 143 -26.17 -21.87 -30.04
CA PHE J 143 -27.00 -22.86 -30.69
C PHE J 143 -26.15 -23.92 -31.37
N GLN J 144 -25.06 -24.32 -30.72
CA GLN J 144 -24.07 -25.16 -31.38
C GLN J 144 -24.59 -26.58 -31.58
N ASN J 145 -24.16 -27.18 -32.71
CA ASN J 145 -24.60 -28.48 -33.23
C ASN J 145 -26.09 -28.54 -33.55
N THR J 146 -26.69 -27.40 -33.85
CA THR J 146 -28.13 -27.30 -34.11
C THR J 146 -28.22 -26.43 -35.34
N PRO J 147 -29.24 -26.51 -36.20
CA PRO J 147 -29.25 -25.75 -37.48
C PRO J 147 -29.15 -24.23 -37.34
N LEU J 148 -29.45 -23.65 -36.18
CA LEU J 148 -29.47 -22.21 -36.03
C LEU J 148 -28.09 -21.61 -35.75
N SER J 149 -27.00 -22.34 -35.93
CA SER J 149 -25.66 -21.84 -35.66
C SER J 149 -24.85 -21.56 -36.91
N LEU J 150 -25.37 -21.82 -38.09
CA LEU J 150 -24.59 -21.61 -39.29
C LEU J 150 -24.65 -20.14 -39.70
N PRO J 151 -23.51 -19.56 -40.10
CA PRO J 151 -23.52 -18.16 -40.54
C PRO J 151 -24.19 -17.98 -41.90
N THR J 152 -24.82 -16.83 -42.07
CA THR J 152 -25.65 -16.58 -43.26
C THR J 152 -24.81 -16.34 -44.52
N ARG J 153 -23.57 -15.90 -44.38
CA ARG J 153 -22.70 -15.71 -45.54
C ARG J 153 -21.96 -16.97 -45.93
N GLY J 154 -21.93 -17.99 -45.09
CA GLY J 154 -21.06 -19.13 -45.27
C GLY J 154 -19.70 -18.90 -44.65
N THR J 155 -18.89 -19.94 -44.65
CA THR J 155 -17.53 -19.85 -44.18
C THR J 155 -16.58 -19.94 -45.36
N LEU J 156 -15.33 -19.53 -45.12
CA LEU J 156 -14.34 -19.52 -46.18
C LEU J 156 -13.91 -20.92 -46.58
N GLU J 157 -13.99 -21.87 -45.65
CA GLU J 157 -13.60 -23.25 -45.93
C GLU J 157 -14.70 -24.03 -46.64
N SER J 158 -15.97 -23.67 -46.42
CA SER J 158 -17.09 -24.35 -47.05
C SER J 158 -17.40 -23.82 -48.43
N LEU J 159 -17.05 -22.57 -48.72
CA LEU J 159 -17.41 -21.97 -50.00
C LEU J 159 -16.51 -22.45 -51.13
N GLU J 160 -15.29 -22.87 -50.82
CA GLU J 160 -14.35 -23.28 -51.86
C GLU J 160 -14.61 -24.70 -52.37
N ASN J 161 -15.52 -25.45 -51.77
CA ASN J 161 -15.85 -26.78 -52.23
C ASN J 161 -17.15 -26.84 -53.01
N LEU J 162 -17.83 -25.71 -53.21
CA LEU J 162 -19.12 -25.71 -53.86
C LEU J 162 -18.96 -25.69 -55.37
N VAL J 163 -19.76 -26.53 -56.04
CA VAL J 163 -19.77 -26.61 -57.50
C VAL J 163 -21.18 -26.29 -57.99
N VAL J 164 -21.38 -26.36 -59.31
CA VAL J 164 -22.67 -25.98 -59.89
C VAL J 164 -23.75 -27.02 -59.63
N ALA J 165 -23.38 -28.25 -59.27
CA ALA J 165 -24.37 -29.27 -58.94
C ALA J 165 -24.91 -29.13 -57.53
N ASP J 166 -24.22 -28.37 -56.67
CA ASP J 166 -24.75 -28.12 -55.33
C ASP J 166 -25.87 -27.08 -55.38
N LEU J 167 -25.77 -26.13 -56.30
CA LEU J 167 -26.80 -25.09 -56.40
C LEU J 167 -28.08 -25.64 -57.02
N GLU J 168 -27.96 -26.59 -57.94
CA GLU J 168 -29.15 -27.19 -58.54
C GLU J 168 -29.85 -28.13 -57.57
N SER J 169 -29.10 -28.72 -56.64
CA SER J 169 -29.70 -29.62 -55.66
C SER J 169 -30.45 -28.83 -54.59
N PHE J 170 -29.95 -27.64 -54.24
CA PHE J 170 -30.64 -26.82 -53.26
C PHE J 170 -31.89 -26.20 -53.83
N ALA J 171 -31.89 -25.87 -55.12
CA ALA J 171 -33.06 -25.26 -55.74
C ALA J 171 -34.18 -26.28 -55.93
N ASN J 172 -33.82 -27.54 -56.15
CA ASN J 172 -34.83 -28.57 -56.37
C ASN J 172 -35.55 -28.98 -55.08
N ASN J 173 -34.96 -28.68 -53.93
CA ASN J 173 -35.55 -29.05 -52.66
C ASN J 173 -36.25 -27.91 -51.95
N HIS J 174 -35.98 -26.66 -52.34
CA HIS J 174 -36.46 -25.52 -51.57
C HIS J 174 -37.17 -24.45 -52.38
N PHE J 175 -36.99 -24.38 -53.69
CA PHE J 175 -37.65 -23.34 -54.49
C PHE J 175 -38.94 -23.93 -55.08
N LEU J 176 -39.88 -24.21 -54.18
CA LEU J 176 -41.10 -24.92 -54.52
C LEU J 176 -42.30 -24.01 -54.34
N ASN J 177 -43.43 -24.43 -54.92
CA ASN J 177 -44.65 -23.63 -54.89
C ASN J 177 -45.25 -23.58 -53.49
N SER J 178 -45.10 -24.65 -52.72
CA SER J 178 -45.64 -24.71 -51.36
C SER J 178 -44.74 -24.02 -50.34
N ASN J 179 -43.64 -23.40 -50.77
CA ASN J 179 -42.70 -22.73 -49.90
C ASN J 179 -42.57 -21.24 -50.23
N ALA J 180 -43.42 -20.72 -51.11
CA ALA J 180 -43.22 -19.42 -51.69
C ALA J 180 -44.43 -18.51 -51.44
N VAL J 181 -44.15 -17.21 -51.41
CA VAL J 181 -45.18 -16.16 -51.35
C VAL J 181 -44.80 -15.09 -52.37
N VAL J 182 -45.76 -14.72 -53.22
CA VAL J 182 -45.59 -13.64 -54.18
C VAL J 182 -46.07 -12.35 -53.54
N VAL J 183 -45.20 -11.36 -53.44
CA VAL J 183 -45.49 -10.13 -52.70
C VAL J 183 -45.58 -8.96 -53.67
N GLY J 184 -46.21 -7.88 -53.21
CA GLY J 184 -46.28 -6.64 -53.95
C GLY J 184 -46.53 -5.45 -53.05
N THR J 185 -45.71 -4.41 -53.16
CA THR J 185 -45.83 -3.23 -52.32
C THR J 185 -45.70 -1.98 -53.19
N GLY J 186 -46.12 -0.85 -52.64
CA GLY J 186 -46.07 0.40 -53.35
C GLY J 186 -47.35 0.73 -54.10
N ASN J 187 -47.23 1.35 -55.26
CA ASN J 187 -48.39 1.75 -56.05
C ASN J 187 -48.79 0.58 -56.96
N ILE J 188 -49.38 -0.43 -56.34
CA ILE J 188 -49.88 -1.61 -57.03
C ILE J 188 -51.07 -2.14 -56.24
N LYS J 189 -52.16 -2.44 -56.94
CA LYS J 189 -53.38 -2.90 -56.30
C LYS J 189 -53.54 -4.41 -56.49
N HIS J 190 -54.35 -5.01 -55.62
CA HIS J 190 -54.34 -6.46 -55.42
C HIS J 190 -54.94 -7.21 -56.62
N GLU J 191 -55.90 -6.61 -57.30
CA GLU J 191 -56.64 -7.33 -58.33
C GLU J 191 -55.89 -7.35 -59.66
N ASP J 192 -55.09 -6.32 -59.93
CA ASP J 192 -54.27 -6.32 -61.14
C ASP J 192 -53.06 -7.23 -61.00
N LEU J 193 -52.62 -7.49 -59.77
CA LEU J 193 -51.55 -8.46 -59.58
C LEU J 193 -52.06 -9.88 -59.74
N VAL J 194 -53.28 -10.14 -59.29
CA VAL J 194 -53.85 -11.48 -59.36
C VAL J 194 -54.22 -11.84 -60.80
N ASN J 195 -54.80 -10.87 -61.53
CA ASN J 195 -55.19 -11.14 -62.92
C ASN J 195 -53.99 -11.24 -63.83
N SER J 196 -52.88 -10.59 -63.48
CA SER J 196 -51.68 -10.70 -64.30
C SER J 196 -50.98 -12.04 -64.08
N ILE J 197 -51.06 -12.57 -62.87
CA ILE J 197 -50.47 -13.89 -62.60
C ILE J 197 -51.33 -14.98 -63.23
N GLU J 198 -52.65 -14.81 -63.19
CA GLU J 198 -53.56 -15.84 -63.71
C GLU J 198 -53.56 -15.89 -65.23
N SER J 199 -53.04 -14.86 -65.90
CA SER J 199 -52.99 -14.85 -67.36
C SER J 199 -51.93 -15.82 -67.90
N LYS J 200 -50.91 -16.12 -67.11
CA LYS J 200 -49.88 -17.08 -67.48
C LYS J 200 -50.16 -18.32 -66.62
N ASN J 201 -50.37 -19.48 -67.25
CA ASN J 201 -51.10 -20.55 -66.58
C ASN J 201 -50.28 -21.28 -65.52
N LEU J 202 -48.96 -21.38 -65.70
CA LEU J 202 -48.01 -21.74 -64.63
C LEU J 202 -48.24 -23.10 -63.97
N SER J 203 -47.84 -24.19 -64.64
CA SER J 203 -48.01 -25.57 -64.16
C SER J 203 -47.57 -25.78 -62.71
N LEU J 204 -46.28 -25.52 -62.40
CA LEU J 204 -45.78 -25.38 -61.03
C LEU J 204 -45.96 -26.61 -60.13
N GLN J 205 -45.09 -27.61 -60.31
CA GLN J 205 -45.08 -28.92 -59.63
C GLN J 205 -45.23 -28.90 -58.11
N THR J 206 -45.56 -30.04 -57.53
CA THR J 206 -46.17 -30.15 -56.20
C THR J 206 -45.23 -30.84 -55.21
N GLY J 207 -43.98 -30.42 -55.17
CA GLY J 207 -43.05 -30.96 -54.21
C GLY J 207 -43.29 -30.43 -52.80
N THR J 208 -42.40 -30.84 -51.89
CA THR J 208 -42.51 -30.46 -50.49
C THR J 208 -41.11 -30.40 -49.89
N LYS J 209 -40.86 -29.35 -49.09
CA LYS J 209 -39.58 -29.10 -48.44
C LYS J 209 -39.17 -30.26 -47.52
N PRO J 210 -37.88 -30.57 -47.46
CA PRO J 210 -37.42 -31.58 -46.49
C PRO J 210 -37.48 -31.06 -45.07
N VAL J 211 -37.85 -31.93 -44.15
CA VAL J 211 -38.00 -31.56 -42.75
C VAL J 211 -36.70 -31.84 -42.01
N LEU J 212 -36.40 -31.00 -41.03
CA LEU J 212 -35.15 -31.09 -40.27
C LEU J 212 -35.29 -32.10 -39.14
N LYS J 213 -34.17 -32.73 -38.78
CA LYS J 213 -34.17 -33.69 -37.70
C LYS J 213 -33.99 -33.02 -36.35
N LYS J 214 -33.10 -32.04 -36.26
CA LYS J 214 -32.71 -31.44 -35.00
C LYS J 214 -33.52 -30.17 -34.73
N LYS J 215 -33.94 -30.01 -33.49
CA LYS J 215 -34.60 -28.79 -33.03
C LYS J 215 -33.56 -27.89 -32.35
N ALA J 216 -33.75 -26.58 -32.49
CA ALA J 216 -32.78 -25.63 -31.96
C ALA J 216 -32.84 -25.58 -30.43
N ALA J 217 -31.69 -25.59 -29.78
CA ALA J 217 -31.58 -25.61 -28.33
C ALA J 217 -30.47 -24.67 -27.89
N PHE J 218 -30.67 -24.04 -26.74
CA PHE J 218 -29.71 -23.10 -26.18
C PHE J 218 -28.73 -23.81 -25.26
N LEU J 219 -27.48 -23.37 -25.27
CA LEU J 219 -26.45 -23.91 -24.40
C LEU J 219 -25.59 -22.78 -23.84
N GLY J 220 -25.40 -22.77 -22.54
CA GLY J 220 -24.51 -21.81 -21.90
C GLY J 220 -23.05 -22.14 -22.14
N SER J 221 -22.34 -21.24 -22.79
CA SER J 221 -20.99 -21.50 -23.29
C SER J 221 -20.34 -20.16 -23.61
N GLU J 222 -19.11 -20.19 -24.11
CA GLU J 222 -18.39 -18.98 -24.46
C GLU J 222 -17.33 -19.29 -25.51
N VAL J 223 -16.93 -18.25 -26.23
CA VAL J 223 -15.85 -18.34 -27.21
C VAL J 223 -15.08 -17.02 -27.20
N ARG J 224 -13.74 -17.13 -27.16
CA ARG J 224 -12.86 -15.96 -27.06
C ARG J 224 -11.90 -15.94 -28.23
N LEU J 225 -11.83 -14.81 -28.92
CA LEU J 225 -10.97 -14.63 -30.09
C LEU J 225 -10.00 -13.48 -29.76
N ARG J 226 -8.93 -13.79 -29.05
CA ARG J 226 -8.06 -12.73 -28.56
C ARG J 226 -7.09 -12.26 -29.64
N ASP J 227 -6.93 -10.93 -29.73
CA ASP J 227 -6.12 -10.30 -30.76
C ASP J 227 -5.57 -9.01 -30.17
N ASP J 228 -4.31 -9.04 -29.73
CA ASP J 228 -3.72 -7.91 -29.02
C ASP J 228 -3.26 -6.78 -29.93
N THR J 229 -3.34 -6.95 -31.25
CA THR J 229 -2.95 -5.91 -32.19
C THR J 229 -4.11 -5.04 -32.65
N LEU J 230 -5.27 -5.16 -32.01
CA LEU J 230 -6.46 -4.39 -32.29
C LEU J 230 -6.66 -3.31 -31.23
N PRO J 231 -7.24 -2.16 -31.59
CA PRO J 231 -7.31 -1.05 -30.61
C PRO J 231 -8.45 -1.15 -29.59
N LYS J 232 -9.47 -1.97 -29.82
CA LYS J 232 -10.61 -2.01 -28.89
C LYS J 232 -10.91 -3.40 -28.39
N ALA J 233 -12.04 -3.55 -27.69
CA ALA J 233 -12.61 -4.84 -27.31
C ALA J 233 -14.09 -4.82 -27.65
N TRP J 234 -14.55 -5.88 -28.32
CA TRP J 234 -15.94 -6.02 -28.76
C TRP J 234 -16.54 -7.24 -28.09
N ILE J 235 -17.66 -7.07 -27.38
CA ILE J 235 -18.26 -8.11 -26.54
C ILE J 235 -19.76 -8.16 -26.78
N SER J 236 -20.31 -9.38 -26.90
CA SER J 236 -21.75 -9.63 -26.91
C SER J 236 -22.10 -10.69 -25.87
N LEU J 237 -23.27 -10.54 -25.25
CA LEU J 237 -23.70 -11.41 -24.16
C LEU J 237 -25.23 -11.54 -24.21
N ALA J 238 -25.75 -12.76 -24.05
CA ALA J 238 -27.18 -12.97 -24.21
C ALA J 238 -27.68 -14.17 -23.40
N VAL J 239 -28.99 -14.16 -23.15
CA VAL J 239 -29.72 -15.31 -22.60
C VAL J 239 -30.69 -15.80 -23.66
N GLU J 240 -31.41 -16.89 -23.38
CA GLU J 240 -32.39 -17.41 -24.31
C GLU J 240 -33.65 -16.55 -24.29
N GLY J 241 -34.13 -16.17 -25.47
CA GLY J 241 -35.28 -15.29 -25.57
C GLY J 241 -36.51 -15.93 -26.15
N GLU J 242 -37.36 -15.14 -26.80
CA GLU J 242 -38.67 -15.54 -27.29
C GLU J 242 -38.64 -15.83 -28.78
N PRO J 243 -39.38 -16.83 -29.24
CA PRO J 243 -39.55 -17.03 -30.68
C PRO J 243 -40.65 -16.14 -31.24
N VAL J 244 -40.81 -16.21 -32.55
CA VAL J 244 -42.00 -15.65 -33.19
C VAL J 244 -43.18 -16.53 -32.78
N ASN J 245 -44.36 -15.92 -32.69
CA ASN J 245 -45.62 -16.50 -32.17
C ASN J 245 -45.52 -16.84 -30.70
N SER J 246 -44.77 -16.09 -29.93
CA SER J 246 -44.77 -16.24 -28.50
C SER J 246 -45.79 -15.30 -27.87
N PRO J 247 -46.40 -15.69 -26.75
CA PRO J 247 -47.27 -14.75 -26.02
C PRO J 247 -46.51 -13.62 -25.35
N ASN J 248 -45.22 -13.80 -25.06
CA ASN J 248 -44.39 -12.76 -24.48
C ASN J 248 -43.51 -12.07 -25.51
N TYR J 249 -44.00 -11.93 -26.73
CA TYR J 249 -43.19 -11.37 -27.82
C TYR J 249 -42.94 -9.89 -27.63
N PHE J 250 -43.96 -9.13 -27.24
CA PHE J 250 -43.84 -7.69 -27.06
C PHE J 250 -43.32 -7.32 -25.67
N VAL J 251 -43.44 -8.21 -24.69
CA VAL J 251 -42.91 -7.93 -23.36
C VAL J 251 -41.39 -8.00 -23.36
N ALA J 252 -40.82 -8.89 -24.17
CA ALA J 252 -39.37 -8.96 -24.29
C ALA J 252 -38.82 -7.78 -25.08
N LYS J 253 -39.61 -7.24 -26.00
CA LYS J 253 -39.17 -6.07 -26.76
C LYS J 253 -39.22 -4.81 -25.92
N LEU J 254 -40.15 -4.74 -24.97
CA LEU J 254 -40.25 -3.56 -24.11
C LEU J 254 -39.15 -3.58 -23.04
N ALA J 255 -38.69 -4.76 -22.66
CA ALA J 255 -37.66 -4.85 -21.64
C ALA J 255 -36.30 -4.44 -22.18
N ALA J 256 -36.07 -4.63 -23.48
CA ALA J 256 -34.82 -4.19 -24.09
C ALA J 256 -34.84 -2.68 -24.35
N GLN J 257 -36.02 -2.10 -24.50
CA GLN J 257 -36.15 -0.66 -24.69
C GLN J 257 -35.94 0.12 -23.39
N ILE J 258 -36.01 -0.55 -22.25
CA ILE J 258 -35.76 0.11 -20.96
C ILE J 258 -34.29 0.50 -20.85
N PHE J 259 -33.39 -0.35 -21.34
CA PHE J 259 -31.96 -0.05 -21.28
C PHE J 259 -31.41 0.59 -22.55
N GLY J 260 -31.90 0.21 -23.72
CA GLY J 260 -31.76 0.99 -24.93
C GLY J 260 -30.35 1.04 -25.53
N SER J 261 -30.08 2.15 -26.22
CA SER J 261 -28.84 2.36 -26.96
C SER J 261 -28.08 3.55 -26.36
N TYR J 262 -26.81 3.66 -26.74
CA TYR J 262 -25.95 4.71 -26.20
C TYR J 262 -24.81 5.01 -27.17
N ASN J 263 -24.46 6.29 -27.27
CA ASN J 263 -23.29 6.75 -28.00
C ASN J 263 -22.61 7.82 -27.15
N ALA J 264 -21.36 7.58 -26.79
CA ALA J 264 -20.66 8.47 -25.86
C ALA J 264 -20.26 9.79 -26.50
N PHE J 265 -20.27 9.89 -27.81
CA PHE J 265 -19.85 11.10 -28.50
C PHE J 265 -21.01 11.95 -28.99
N GLU J 266 -22.23 11.51 -28.78
CA GLU J 266 -23.38 12.35 -29.09
C GLU J 266 -23.87 13.02 -27.82
N PRO J 267 -24.05 14.34 -27.82
CA PRO J 267 -24.46 15.03 -26.58
C PRO J 267 -25.87 14.71 -26.11
N ALA J 268 -26.80 14.43 -27.01
CA ALA J 268 -28.17 14.15 -26.60
C ALA J 268 -28.38 12.72 -26.14
N SER J 269 -27.50 11.79 -26.50
CA SER J 269 -27.64 10.43 -26.00
C SER J 269 -27.10 10.27 -24.59
N ARG J 270 -26.33 11.24 -24.10
CA ARG J 270 -25.86 11.24 -22.72
C ARG J 270 -26.91 11.77 -21.75
N LEU J 271 -28.05 12.25 -22.23
CA LEU J 271 -29.09 12.84 -21.39
C LEU J 271 -30.32 11.95 -21.26
N GLN J 272 -30.24 10.69 -21.68
CA GLN J 272 -31.40 9.82 -21.67
C GLN J 272 -31.75 9.36 -20.27
N GLY J 273 -33.03 9.01 -20.08
CA GLY J 273 -33.51 8.56 -18.80
C GLY J 273 -33.24 7.10 -18.51
N ILE J 274 -31.96 6.75 -18.43
CA ILE J 274 -31.52 5.38 -18.19
C ILE J 274 -30.59 5.41 -16.98
N LYS J 275 -30.91 4.60 -15.97
CA LYS J 275 -30.13 4.58 -14.73
C LYS J 275 -28.77 3.93 -14.87
N LEU J 276 -28.52 3.19 -15.96
CA LEU J 276 -27.20 2.63 -16.20
C LEU J 276 -26.19 3.70 -16.56
N LEU J 277 -26.64 4.84 -17.09
CA LEU J 277 -25.72 5.88 -17.55
C LEU J 277 -25.09 6.63 -16.39
N ASP J 278 -25.65 6.53 -15.19
CA ASP J 278 -25.01 7.16 -14.03
C ASP J 278 -23.74 6.42 -13.63
N ASN J 279 -23.73 5.11 -13.80
CA ASN J 279 -22.58 4.31 -13.39
C ASN J 279 -21.43 4.39 -14.39
N ILE J 280 -21.73 4.41 -15.69
CA ILE J 280 -20.69 4.23 -16.70
C ILE J 280 -20.10 5.53 -17.22
N GLN J 281 -20.70 6.68 -16.91
CA GLN J 281 -20.17 7.95 -17.41
C GLN J 281 -19.17 8.59 -16.48
N GLU J 282 -19.02 8.09 -15.25
CA GLU J 282 -18.10 8.68 -14.30
C GLU J 282 -16.65 8.40 -14.68
N TYR J 283 -16.36 7.17 -15.11
CA TYR J 283 -15.02 6.80 -15.54
C TYR J 283 -14.96 6.49 -17.04
N GLN J 284 -16.06 6.67 -17.76
CA GLN J 284 -16.18 6.47 -19.21
C GLN J 284 -15.82 5.04 -19.61
N LEU J 285 -16.68 4.12 -19.18
CA LEU J 285 -16.41 2.69 -19.30
C LEU J 285 -16.56 2.15 -20.72
N CYS J 286 -17.29 2.82 -21.60
CA CYS J 286 -17.48 2.29 -22.95
C CYS J 286 -17.63 3.43 -23.95
N ASP J 287 -17.65 3.05 -25.23
CA ASP J 287 -17.92 3.95 -26.35
C ASP J 287 -19.37 3.91 -26.80
N ASN J 288 -19.97 2.73 -26.89
CA ASN J 288 -21.36 2.59 -27.29
C ASN J 288 -21.89 1.25 -26.79
N PHE J 289 -23.21 1.16 -26.61
CA PHE J 289 -23.85 -0.13 -26.45
C PHE J 289 -25.25 -0.08 -27.08
N ASN J 290 -25.83 -1.27 -27.25
CA ASN J 290 -27.21 -1.39 -27.70
C ASN J 290 -27.79 -2.72 -27.22
N HIS J 291 -29.07 -2.72 -26.87
CA HIS J 291 -29.78 -3.91 -26.41
C HIS J 291 -30.70 -4.43 -27.50
N PHE J 292 -30.75 -5.74 -27.68
CA PHE J 292 -31.53 -6.35 -28.75
C PHE J 292 -32.49 -7.38 -28.18
N SER J 293 -33.42 -7.82 -29.05
CA SER J 293 -34.32 -8.94 -28.78
C SER J 293 -34.61 -9.61 -30.13
N LEU J 294 -33.84 -10.63 -30.46
CA LEU J 294 -33.95 -11.32 -31.74
C LEU J 294 -34.86 -12.53 -31.59
N SER J 295 -35.74 -12.74 -32.56
CA SER J 295 -36.73 -13.81 -32.52
C SER J 295 -36.71 -14.58 -33.82
N TYR J 296 -36.71 -15.90 -33.72
CA TYR J 296 -36.71 -16.78 -34.88
C TYR J 296 -37.88 -17.75 -34.77
N LYS J 297 -37.90 -18.73 -35.67
CA LYS J 297 -38.99 -19.69 -35.72
C LYS J 297 -38.98 -20.63 -34.53
N ASP J 298 -37.81 -20.95 -33.99
CA ASP J 298 -37.68 -21.93 -32.93
C ASP J 298 -37.27 -21.36 -31.58
N SER J 299 -36.43 -20.33 -31.55
CA SER J 299 -35.89 -19.83 -30.29
C SER J 299 -35.54 -18.35 -30.51
N GLY J 300 -34.79 -17.77 -29.56
CA GLY J 300 -34.42 -16.38 -29.69
C GLY J 300 -33.29 -16.02 -28.74
N LEU J 301 -32.84 -14.76 -28.84
CA LEU J 301 -31.74 -14.24 -28.04
C LEU J 301 -32.11 -12.88 -27.47
N TRP J 302 -31.72 -12.63 -26.22
CA TRP J 302 -31.98 -11.37 -25.54
C TRP J 302 -30.70 -10.93 -24.84
N GLY J 303 -30.17 -9.76 -25.17
CA GLY J 303 -28.94 -9.30 -24.56
C GLY J 303 -28.43 -7.94 -25.01
N PHE J 304 -27.11 -7.76 -25.05
CA PHE J 304 -26.54 -6.47 -25.45
C PHE J 304 -25.17 -6.69 -26.10
N SER J 305 -24.72 -5.69 -26.87
CA SER J 305 -23.38 -5.65 -27.43
C SER J 305 -22.71 -4.35 -27.02
N THR J 306 -21.38 -4.34 -27.04
CA THR J 306 -20.64 -3.16 -26.58
C THR J 306 -19.28 -3.10 -27.25
N ALA J 307 -18.66 -1.91 -27.20
CA ALA J 307 -17.30 -1.70 -27.68
C ALA J 307 -16.63 -0.63 -26.83
N THR J 308 -15.39 -0.86 -26.45
CA THR J 308 -14.72 0.03 -25.51
C THR J 308 -13.22 0.08 -25.78
N ARG J 309 -12.60 1.17 -25.31
CA ARG J 309 -11.16 1.31 -25.28
C ARG J 309 -10.59 1.31 -23.87
N ASN J 310 -11.43 1.33 -22.85
CA ASN J 310 -11.02 1.25 -21.44
C ASN J 310 -10.82 -0.22 -21.11
N VAL J 311 -9.68 -0.76 -21.54
CA VAL J 311 -9.44 -2.20 -21.48
C VAL J 311 -9.01 -2.68 -20.11
N THR J 312 -8.79 -1.78 -19.16
CA THR J 312 -8.45 -2.16 -17.79
C THR J 312 -9.64 -2.12 -16.85
N MET J 313 -10.82 -1.72 -17.33
CA MET J 313 -12.02 -1.69 -16.51
C MET J 313 -13.17 -2.39 -17.22
N ILE J 314 -12.89 -3.52 -17.87
CA ILE J 314 -13.93 -4.30 -18.54
C ILE J 314 -14.82 -4.98 -17.52
N ASP J 315 -14.26 -5.38 -16.38
CA ASP J 315 -15.03 -6.11 -15.38
C ASP J 315 -16.00 -5.22 -14.64
N ASP J 316 -15.83 -3.89 -14.69
CA ASP J 316 -16.79 -3.00 -14.07
C ASP J 316 -17.96 -2.72 -15.01
N LEU J 317 -17.73 -2.79 -16.31
CA LEU J 317 -18.80 -2.55 -17.27
C LEU J 317 -19.78 -3.72 -17.32
N ILE J 318 -19.27 -4.95 -17.19
CA ILE J 318 -20.14 -6.12 -17.18
C ILE J 318 -20.88 -6.23 -15.86
N HIS J 319 -20.22 -5.83 -14.76
CA HIS J 319 -20.83 -5.93 -13.44
C HIS J 319 -21.96 -4.92 -13.26
N PHE J 320 -21.78 -3.70 -13.78
CA PHE J 320 -22.82 -2.68 -13.63
C PHE J 320 -24.02 -2.95 -14.52
N THR J 321 -23.81 -3.57 -15.68
CA THR J 321 -24.91 -3.85 -16.59
C THR J 321 -25.78 -4.99 -16.07
N LEU J 322 -25.15 -6.04 -15.52
CA LEU J 322 -25.90 -7.19 -15.05
C LEU J 322 -26.62 -6.92 -13.74
N LYS J 323 -26.15 -5.94 -12.97
CA LYS J 323 -26.84 -5.54 -11.75
C LYS J 323 -28.07 -4.68 -12.04
N GLN J 324 -28.16 -4.11 -13.23
CA GLN J 324 -29.37 -3.39 -13.64
C GLN J 324 -30.39 -4.34 -14.24
N TRP J 325 -29.95 -5.47 -14.79
CA TRP J 325 -30.89 -6.49 -15.26
C TRP J 325 -31.59 -7.17 -14.09
N ASN J 326 -30.96 -7.17 -12.91
CA ASN J 326 -31.55 -7.77 -11.73
C ASN J 326 -32.77 -7.00 -11.26
N ARG J 327 -32.83 -5.69 -11.54
CA ARG J 327 -33.91 -4.86 -11.05
C ARG J 327 -35.23 -5.10 -11.77
N LEU J 328 -35.22 -5.79 -12.90
CA LEU J 328 -36.47 -6.12 -13.59
C LEU J 328 -37.28 -7.16 -12.83
N THR J 329 -36.66 -7.92 -11.94
CA THR J 329 -37.34 -8.93 -11.17
C THR J 329 -37.87 -8.41 -9.84
N ILE J 330 -37.23 -7.40 -9.25
CA ILE J 330 -37.50 -6.99 -7.89
C ILE J 330 -38.00 -5.55 -7.79
N SER J 331 -37.33 -4.62 -8.48
CA SER J 331 -37.58 -3.21 -8.17
C SER J 331 -37.64 -2.33 -9.43
N VAL J 332 -38.35 -2.77 -10.45
CA VAL J 332 -38.57 -1.91 -11.61
C VAL J 332 -39.74 -0.97 -11.31
N THR J 333 -39.60 0.30 -11.71
CA THR J 333 -40.57 1.32 -11.33
C THR J 333 -41.60 1.53 -12.42
N ASP J 334 -42.49 2.50 -12.20
CA ASP J 334 -43.61 2.77 -13.11
C ASP J 334 -43.25 3.77 -14.19
N THR J 335 -42.30 4.66 -13.93
CA THR J 335 -41.90 5.64 -14.93
C THR J 335 -41.05 5.00 -16.02
N GLU J 336 -40.32 3.94 -15.68
CA GLU J 336 -39.49 3.26 -16.66
C GLU J 336 -40.32 2.44 -17.64
N VAL J 337 -41.49 1.95 -17.21
CA VAL J 337 -42.35 1.19 -18.10
C VAL J 337 -43.13 2.12 -19.02
N GLU J 338 -43.52 3.29 -18.53
CA GLU J 338 -44.26 4.24 -19.37
C GLU J 338 -43.36 4.94 -20.37
N ARG J 339 -42.08 5.12 -20.05
CA ARG J 339 -41.15 5.70 -21.00
C ARG J 339 -40.83 4.71 -22.12
N ALA J 340 -40.70 3.43 -21.78
CA ALA J 340 -40.35 2.43 -22.77
C ALA J 340 -41.54 2.07 -23.66
N LYS J 341 -42.76 2.38 -23.23
CA LYS J 341 -43.92 2.17 -24.08
C LYS J 341 -43.93 3.16 -25.24
N SER J 342 -43.57 4.41 -24.96
CA SER J 342 -43.63 5.45 -25.98
C SER J 342 -42.47 5.32 -26.96
N LEU J 343 -41.32 4.87 -26.49
CA LEU J 343 -40.17 4.74 -27.37
C LEU J 343 -40.23 3.47 -28.21
N LEU J 344 -40.98 2.47 -27.77
CA LEU J 344 -41.15 1.26 -28.58
C LEU J 344 -42.15 1.48 -29.69
N LYS J 345 -43.18 2.31 -29.45
CA LYS J 345 -44.13 2.63 -30.50
C LYS J 345 -43.52 3.53 -31.55
N LEU J 346 -42.54 4.33 -31.18
CA LEU J 346 -41.82 5.15 -32.16
C LEU J 346 -40.84 4.31 -32.96
N GLN J 347 -40.27 3.27 -32.34
CA GLN J 347 -39.23 2.49 -32.99
C GLN J 347 -39.80 1.61 -34.09
N LEU J 348 -40.85 0.86 -33.80
CA LEU J 348 -41.45 0.00 -34.82
C LEU J 348 -42.47 0.73 -35.67
N GLY J 349 -42.74 2.00 -35.39
CA GLY J 349 -43.45 2.82 -36.34
C GLY J 349 -42.56 3.31 -37.47
N GLN J 350 -41.28 3.48 -37.19
CA GLN J 350 -40.31 3.84 -38.22
C GLN J 350 -39.82 2.62 -39.00
N LEU J 351 -40.01 1.42 -38.46
CA LEU J 351 -39.63 0.22 -39.18
C LEU J 351 -40.68 -0.19 -40.20
N TYR J 352 -41.95 -0.11 -39.84
CA TYR J 352 -43.04 -0.56 -40.70
C TYR J 352 -43.62 0.55 -41.57
N GLU J 353 -43.14 1.78 -41.46
CA GLU J 353 -43.66 2.87 -42.26
C GLU J 353 -42.53 3.73 -42.81
N SER J 354 -41.48 3.09 -43.30
CA SER J 354 -40.49 3.81 -44.10
C SER J 354 -41.03 3.99 -45.51
N GLY J 355 -40.31 4.76 -46.31
CA GLY J 355 -40.76 5.03 -47.66
C GLY J 355 -40.17 4.11 -48.70
N ASN J 356 -39.61 2.99 -48.27
CA ASN J 356 -38.95 2.07 -49.17
C ASN J 356 -39.83 0.86 -49.41
N PRO J 357 -40.35 0.64 -50.63
CA PRO J 357 -41.14 -0.56 -50.88
C PRO J 357 -40.35 -1.85 -50.90
N VAL J 358 -39.01 -1.78 -50.97
CA VAL J 358 -38.21 -3.00 -50.87
C VAL J 358 -38.14 -3.46 -49.42
N ASN J 359 -38.10 -2.52 -48.48
CA ASN J 359 -38.10 -2.88 -47.06
C ASN J 359 -39.46 -3.44 -46.64
N ASP J 360 -40.53 -2.91 -47.20
CA ASP J 360 -41.87 -3.38 -46.84
C ASP J 360 -42.17 -4.74 -47.45
N ALA J 361 -41.53 -5.06 -48.58
CA ALA J 361 -41.76 -6.34 -49.22
C ALA J 361 -41.07 -7.48 -48.47
N ASN J 362 -39.99 -7.16 -47.76
CA ASN J 362 -39.30 -8.17 -46.99
C ASN J 362 -40.03 -8.46 -45.69
N LEU J 363 -40.60 -7.42 -45.07
CA LEU J 363 -41.30 -7.61 -43.80
C LEU J 363 -42.65 -8.27 -44.00
N LEU J 364 -43.31 -7.97 -45.13
CA LEU J 364 -44.62 -8.54 -45.39
C LEU J 364 -44.51 -10.02 -45.74
N GLY J 365 -43.56 -10.38 -46.60
CA GLY J 365 -43.47 -11.76 -47.06
C GLY J 365 -42.96 -12.71 -45.99
N ALA J 366 -42.12 -12.21 -45.08
CA ALA J 366 -41.58 -13.06 -44.03
C ALA J 366 -42.64 -13.39 -42.98
N GLU J 367 -43.67 -12.57 -42.87
CA GLU J 367 -44.68 -12.78 -41.84
C GLU J 367 -45.81 -13.69 -42.32
N VAL J 368 -46.15 -13.65 -43.61
CA VAL J 368 -47.18 -14.53 -44.15
C VAL J 368 -46.68 -15.97 -44.23
N LEU J 369 -45.36 -16.17 -44.33
CA LEU J 369 -44.81 -17.53 -44.37
C LEU J 369 -44.95 -18.23 -43.03
N ILE J 370 -44.89 -17.49 -41.93
CA ILE J 370 -44.97 -18.08 -40.60
C ILE J 370 -46.40 -18.14 -40.08
N LYS J 371 -47.14 -17.03 -40.18
CA LYS J 371 -48.46 -16.95 -39.57
C LYS J 371 -49.62 -17.11 -40.55
N GLY J 372 -49.41 -16.87 -41.83
CA GLY J 372 -50.50 -16.87 -42.79
C GLY J 372 -51.20 -15.54 -42.94
N SER J 373 -50.86 -14.55 -42.13
CA SER J 373 -51.43 -13.21 -42.20
C SER J 373 -50.46 -12.26 -41.52
N LYS J 374 -50.75 -10.97 -41.62
CA LYS J 374 -49.91 -9.93 -41.04
C LYS J 374 -50.71 -9.16 -39.99
N LEU J 375 -50.11 -9.00 -38.81
CA LEU J 375 -50.71 -8.20 -37.77
C LEU J 375 -50.60 -6.71 -38.11
N SER J 376 -51.69 -5.98 -37.91
CA SER J 376 -51.73 -4.57 -38.23
C SER J 376 -50.92 -3.76 -37.22
N LEU J 377 -50.58 -2.53 -37.60
CA LEU J 377 -49.85 -1.66 -36.68
C LEU J 377 -50.77 -1.07 -35.62
N GLY J 378 -52.06 -0.92 -35.92
CA GLY J 378 -52.98 -0.44 -34.92
C GLY J 378 -53.30 -1.46 -33.85
N GLU J 379 -53.27 -2.75 -34.20
CA GLU J 379 -53.49 -3.81 -33.23
C GLU J 379 -52.24 -4.13 -32.42
N ALA J 380 -51.05 -3.84 -32.96
CA ALA J 380 -49.83 -4.01 -32.19
C ALA J 380 -49.68 -2.91 -31.15
N PHE J 381 -50.27 -1.74 -31.38
CA PHE J 381 -50.17 -0.63 -30.44
C PHE J 381 -51.06 -0.86 -29.22
N LYS J 382 -52.16 -1.58 -29.37
CA LYS J 382 -53.02 -1.88 -28.23
C LYS J 382 -52.42 -2.96 -27.34
N LYS J 383 -51.62 -3.86 -27.91
CA LYS J 383 -50.95 -4.87 -27.10
C LYS J 383 -49.85 -4.26 -26.24
N ILE J 384 -49.16 -3.25 -26.76
CA ILE J 384 -48.08 -2.60 -26.01
C ILE J 384 -48.66 -1.77 -24.87
N ASP J 385 -49.82 -1.15 -25.09
CA ASP J 385 -50.44 -0.29 -24.08
C ASP J 385 -51.04 -1.06 -22.92
N ALA J 386 -51.13 -2.39 -22.99
CA ALA J 386 -51.74 -3.20 -21.94
C ALA J 386 -50.71 -3.97 -21.11
N ILE J 387 -49.46 -3.55 -21.15
CA ILE J 387 -48.40 -4.21 -20.39
C ILE J 387 -48.22 -3.46 -19.07
N THR J 388 -48.15 -4.20 -17.98
CA THR J 388 -48.03 -3.61 -16.64
C THR J 388 -46.66 -3.93 -16.06
N VAL J 389 -46.43 -3.45 -14.84
CA VAL J 389 -45.19 -3.74 -14.12
C VAL J 389 -45.16 -5.19 -13.68
N LYS J 390 -46.33 -5.79 -13.41
CA LYS J 390 -46.38 -7.19 -13.02
C LYS J 390 -46.10 -8.12 -14.18
N ASP J 391 -46.37 -7.68 -15.41
CA ASP J 391 -46.05 -8.48 -16.58
C ASP J 391 -44.55 -8.52 -16.81
N VAL J 392 -43.85 -7.43 -16.50
CA VAL J 392 -42.40 -7.37 -16.68
C VAL J 392 -41.70 -8.21 -15.63
N LYS J 393 -42.19 -8.16 -14.38
CA LYS J 393 -41.56 -8.92 -13.30
C LYS J 393 -41.81 -10.41 -13.45
N ALA J 394 -42.93 -10.79 -14.05
CA ALA J 394 -43.21 -12.20 -14.26
C ALA J 394 -42.37 -12.77 -15.40
N TRP J 395 -42.10 -11.96 -16.42
CA TRP J 395 -41.27 -12.42 -17.53
C TRP J 395 -39.81 -12.51 -17.11
N ALA J 396 -39.32 -11.54 -16.35
CA ALA J 396 -37.90 -11.50 -16.01
C ALA J 396 -37.52 -12.53 -14.96
N GLY J 397 -38.46 -12.92 -14.10
CA GLY J 397 -38.19 -13.95 -13.13
C GLY J 397 -38.07 -15.34 -13.73
N LYS J 398 -38.62 -15.52 -14.93
CA LYS J 398 -38.54 -16.77 -15.67
C LYS J 398 -37.36 -16.81 -16.64
N ARG J 399 -37.03 -15.69 -17.28
CA ARG J 399 -36.03 -15.66 -18.34
C ARG J 399 -34.68 -15.12 -17.90
N LEU J 400 -34.62 -14.26 -16.89
CA LEU J 400 -33.36 -13.61 -16.55
C LEU J 400 -32.79 -13.99 -15.19
N TRP J 401 -33.60 -14.26 -14.17
CA TRP J 401 -33.10 -14.47 -12.82
C TRP J 401 -32.45 -15.85 -12.71
N ASP J 402 -31.13 -15.86 -12.49
CA ASP J 402 -30.32 -17.06 -12.26
C ASP J 402 -30.38 -18.02 -13.45
N GLN J 403 -29.96 -17.53 -14.61
CA GLN J 403 -30.04 -18.29 -15.85
C GLN J 403 -28.68 -18.33 -16.54
N ASP J 404 -28.55 -19.27 -17.48
CA ASP J 404 -27.32 -19.46 -18.23
C ASP J 404 -27.18 -18.43 -19.34
N ILE J 405 -25.93 -18.04 -19.61
CA ILE J 405 -25.62 -16.99 -20.58
C ILE J 405 -24.67 -17.55 -21.64
N ALA J 406 -24.59 -16.83 -22.75
CA ALA J 406 -23.62 -17.10 -23.81
C ALA J 406 -22.83 -15.83 -24.08
N ILE J 407 -21.50 -15.96 -24.18
CA ILE J 407 -20.59 -14.83 -24.33
C ILE J 407 -19.74 -15.03 -25.58
N ALA J 408 -19.42 -13.93 -26.24
CA ALA J 408 -18.47 -13.92 -27.35
C ALA J 408 -17.69 -12.62 -27.31
N GLY J 409 -16.41 -12.67 -27.68
CA GLY J 409 -15.57 -11.48 -27.60
C GLY J 409 -14.37 -11.56 -28.51
N THR J 410 -13.89 -10.38 -28.92
CA THR J 410 -12.65 -10.30 -29.69
C THR J 410 -11.90 -9.03 -29.31
N GLY J 411 -10.62 -8.99 -29.68
CA GLY J 411 -9.79 -7.84 -29.43
C GLY J 411 -8.94 -7.94 -28.18
N GLN J 412 -8.84 -6.85 -27.43
CA GLN J 412 -8.07 -6.82 -26.19
C GLN J 412 -8.97 -7.18 -25.03
N ILE J 413 -9.24 -8.47 -24.88
CA ILE J 413 -10.25 -8.97 -23.95
C ILE J 413 -9.60 -9.74 -22.81
N GLU J 414 -8.38 -9.34 -22.44
CA GLU J 414 -7.71 -9.97 -21.31
C GLU J 414 -8.38 -9.63 -19.98
N GLY J 415 -8.93 -8.43 -19.85
CA GLY J 415 -9.61 -8.02 -18.64
C GLY J 415 -11.00 -8.57 -18.45
N LEU J 416 -11.49 -9.36 -19.41
CA LEU J 416 -12.76 -10.06 -19.27
C LEU J 416 -12.52 -11.34 -18.50
N LEU J 417 -13.22 -11.51 -17.37
CA LEU J 417 -12.94 -12.60 -16.46
C LEU J 417 -13.56 -13.91 -16.96
N ASP J 418 -13.61 -14.89 -16.06
CA ASP J 418 -14.05 -16.25 -16.40
C ASP J 418 -15.56 -16.30 -16.65
N TYR J 419 -16.05 -17.51 -16.93
CA TYR J 419 -17.47 -17.69 -17.08
C TYR J 419 -18.20 -17.59 -15.74
N MET J 420 -17.61 -18.13 -14.68
CA MET J 420 -18.37 -18.34 -13.45
C MET J 420 -18.52 -17.09 -12.60
N ARG J 421 -17.69 -16.06 -12.82
CA ARG J 421 -17.92 -14.80 -12.12
C ARG J 421 -18.86 -13.88 -12.88
N ILE J 422 -19.07 -14.12 -14.18
CA ILE J 422 -20.12 -13.44 -14.90
C ILE J 422 -21.46 -14.15 -14.70
N ARG J 423 -21.45 -15.48 -14.57
CA ARG J 423 -22.66 -16.25 -14.35
C ARG J 423 -23.26 -15.99 -12.98
N SER J 424 -22.43 -15.69 -11.98
CA SER J 424 -22.92 -15.45 -10.63
C SER J 424 -23.51 -14.07 -10.44
N ASP J 425 -23.41 -13.19 -11.43
CA ASP J 425 -24.03 -11.87 -11.38
C ASP J 425 -25.46 -11.88 -11.91
N MET J 426 -26.01 -13.04 -12.24
CA MET J 426 -27.37 -13.14 -12.72
C MET J 426 -28.39 -13.26 -11.60
N SER J 427 -27.93 -13.36 -10.36
CA SER J 427 -28.76 -13.23 -9.18
C SER J 427 -28.06 -12.24 -8.26
N MET J 428 -28.71 -11.91 -7.15
CA MET J 428 -28.26 -10.78 -6.35
C MET J 428 -27.63 -11.13 -5.01
N MET J 429 -27.99 -12.29 -4.41
CA MET J 429 -27.60 -12.80 -3.08
C MET J 429 -28.34 -12.02 -1.98
N ARG J 430 -29.08 -10.99 -2.37
CA ARG J 430 -29.85 -10.19 -1.42
C ARG J 430 -31.12 -10.94 -1.06
N TRP J 431 -32.00 -11.11 -2.02
CA TRP J 431 -33.22 -11.90 -1.89
C TRP J 431 -32.89 -13.36 -1.72
N LEU K 1 -41.64 32.71 -45.10
CA LEU K 1 -42.31 31.81 -44.17
C LEU K 1 -43.23 30.89 -44.96
N THR K 2 -42.63 30.06 -45.80
CA THR K 2 -43.40 29.10 -46.58
C THR K 2 -43.76 27.90 -45.72
N VAL K 3 -45.05 27.52 -45.74
CA VAL K 3 -45.56 26.40 -44.98
C VAL K 3 -46.25 25.44 -45.94
N SER K 4 -45.86 24.17 -45.90
CA SER K 4 -46.43 23.16 -46.78
C SER K 4 -46.47 21.83 -46.05
N ALA K 5 -47.44 20.98 -46.42
CA ALA K 5 -47.62 19.71 -45.73
C ALA K 5 -48.37 18.73 -46.63
N ARG K 6 -48.19 17.44 -46.33
CA ARG K 6 -48.93 16.36 -46.95
C ARG K 6 -49.54 15.48 -45.87
N ASP K 7 -50.64 14.80 -46.20
CA ASP K 7 -51.37 13.98 -45.24
C ASP K 7 -51.39 12.52 -45.66
N ALA K 8 -51.57 11.64 -44.68
CA ALA K 8 -51.57 10.20 -44.88
C ALA K 8 -52.28 9.56 -43.71
N PRO K 9 -52.76 8.30 -43.87
CA PRO K 9 -53.20 7.51 -42.69
C PRO K 9 -52.07 6.72 -42.04
N THR K 10 -51.26 7.40 -41.25
CA THR K 10 -49.99 6.86 -40.77
C THR K 10 -49.78 7.33 -39.33
N LYS K 11 -49.17 6.46 -38.51
CA LYS K 11 -48.97 6.73 -37.09
C LYS K 11 -47.85 7.72 -36.79
N ILE K 12 -46.92 7.95 -37.71
CA ILE K 12 -45.72 8.74 -37.46
C ILE K 12 -45.74 9.98 -38.34
N SER K 13 -45.41 11.13 -37.75
CA SER K 13 -45.28 12.39 -38.47
C SER K 13 -43.85 12.91 -38.38
N THR K 14 -43.52 13.83 -39.27
CA THR K 14 -42.19 14.44 -39.36
C THR K 14 -42.35 15.92 -39.65
N LEU K 15 -41.58 16.75 -38.95
CA LEU K 15 -41.61 18.20 -39.14
C LEU K 15 -40.20 18.71 -39.32
N ALA K 16 -39.99 19.54 -40.35
CA ALA K 16 -38.65 20.02 -40.70
C ALA K 16 -38.66 21.52 -40.93
N VAL K 17 -37.60 22.19 -40.48
CA VAL K 17 -37.36 23.60 -40.74
C VAL K 17 -36.02 23.72 -41.45
N LYS K 18 -36.04 24.24 -42.67
CA LYS K 18 -34.83 24.35 -43.49
C LYS K 18 -34.42 25.80 -43.62
N VAL K 19 -33.20 26.11 -43.24
CA VAL K 19 -32.65 27.46 -43.25
C VAL K 19 -31.56 27.52 -44.32
N HIS K 20 -31.52 28.63 -45.07
CA HIS K 20 -30.44 28.88 -46.01
C HIS K 20 -29.21 29.38 -45.25
N GLY K 21 -28.57 28.45 -44.55
CA GLY K 21 -27.46 28.78 -43.68
C GLY K 21 -26.34 27.77 -43.71
N GLY K 22 -26.13 27.13 -44.85
CA GLY K 22 -25.08 26.13 -44.97
C GLY K 22 -23.70 26.75 -45.06
N SER K 23 -22.73 25.91 -45.41
CA SER K 23 -21.33 26.32 -45.37
C SER K 23 -20.95 27.27 -46.49
N ARG K 24 -21.78 27.44 -47.51
CA ARG K 24 -21.51 28.39 -48.58
C ARG K 24 -21.87 29.82 -48.18
N TYR K 25 -22.47 30.03 -47.02
CA TYR K 25 -22.80 31.36 -46.53
C TYR K 25 -21.98 31.74 -45.30
N ALA K 26 -20.99 30.94 -44.92
CA ALA K 26 -20.28 31.14 -43.67
C ALA K 26 -19.36 32.34 -43.74
N THR K 27 -19.31 33.08 -42.63
CA THR K 27 -18.46 34.28 -42.56
C THR K 27 -17.01 33.91 -42.27
N LYS K 28 -16.80 32.93 -41.39
CA LYS K 28 -15.49 32.39 -41.10
C LYS K 28 -15.51 30.89 -41.38
N ASP K 29 -14.34 30.28 -41.31
CA ASP K 29 -14.21 28.86 -41.65
C ASP K 29 -14.77 28.00 -40.52
N GLY K 30 -15.83 27.26 -40.81
CA GLY K 30 -16.41 26.36 -39.84
C GLY K 30 -17.37 26.98 -38.87
N VAL K 31 -17.90 28.17 -39.18
CA VAL K 31 -18.83 28.81 -38.25
C VAL K 31 -20.23 28.23 -38.41
N ALA K 32 -20.54 27.61 -39.55
CA ALA K 32 -21.84 26.97 -39.71
C ALA K 32 -21.84 25.59 -39.09
N HIS K 33 -20.67 24.98 -38.91
CA HIS K 33 -20.58 23.70 -38.24
C HIS K 33 -20.75 23.85 -36.74
N LEU K 34 -20.33 25.00 -36.18
CA LEU K 34 -20.45 25.21 -34.75
C LEU K 34 -21.84 25.69 -34.36
N LEU K 35 -22.55 26.34 -35.29
CA LEU K 35 -23.95 26.66 -35.03
C LEU K 35 -24.83 25.42 -35.10
N ASN K 36 -24.46 24.47 -35.95
CA ASN K 36 -25.21 23.23 -36.08
C ASN K 36 -25.07 22.37 -34.83
N ARG K 37 -23.92 22.40 -34.19
CA ARG K 37 -23.71 21.66 -32.95
C ARG K 37 -24.24 22.37 -31.72
N PHE K 38 -24.74 23.60 -31.87
CA PHE K 38 -25.30 24.35 -30.76
C PHE K 38 -26.82 24.23 -30.69
N ASN K 39 -27.45 23.69 -31.73
CA ASN K 39 -28.89 23.49 -31.72
C ASN K 39 -29.27 22.41 -30.72
N PHE K 40 -30.42 22.62 -30.07
CA PHE K 40 -30.98 21.76 -29.01
C PHE K 40 -30.07 21.67 -27.79
N GLN K 41 -29.35 22.75 -27.50
CA GLN K 41 -28.72 22.98 -26.20
C GLN K 41 -29.73 23.73 -25.33
N ASN K 42 -29.26 24.32 -24.23
CA ASN K 42 -30.12 25.07 -23.32
C ASN K 42 -30.74 26.29 -24.00
N THR K 43 -32.02 26.50 -23.76
CA THR K 43 -32.69 27.75 -24.10
C THR K 43 -32.91 28.55 -22.83
N ASN K 44 -33.55 29.70 -22.97
CA ASN K 44 -33.74 30.59 -21.84
C ASN K 44 -34.85 30.13 -20.90
N THR K 45 -35.74 29.23 -21.35
CA THR K 45 -36.83 28.76 -20.53
C THR K 45 -36.77 27.27 -20.21
N ARG K 46 -35.97 26.50 -20.95
CA ARG K 46 -35.93 25.06 -20.78
C ARG K 46 -34.53 24.56 -21.06
N SER K 47 -34.01 23.71 -20.18
CA SER K 47 -32.67 23.16 -20.35
C SER K 47 -32.68 22.01 -21.34
N ALA K 48 -31.48 21.60 -21.77
CA ALA K 48 -31.35 20.52 -22.73
C ALA K 48 -31.68 19.17 -22.10
N LEU K 49 -31.49 19.04 -20.78
CA LEU K 49 -31.87 17.82 -20.10
C LEU K 49 -33.38 17.67 -20.02
N LYS K 50 -34.10 18.77 -19.81
CA LYS K 50 -35.54 18.71 -19.69
C LYS K 50 -36.23 18.49 -21.03
N LEU K 51 -35.59 18.86 -22.13
CA LEU K 51 -36.18 18.63 -23.44
C LEU K 51 -36.08 17.17 -23.84
N VAL K 52 -35.02 16.49 -23.43
CA VAL K 52 -34.84 15.08 -23.75
C VAL K 52 -35.80 14.22 -22.92
N ARG K 53 -35.95 14.55 -21.64
CA ARG K 53 -36.80 13.74 -20.76
C ARG K 53 -38.28 13.91 -21.09
N GLU K 54 -38.68 15.11 -21.52
CA GLU K 54 -40.08 15.35 -21.83
C GLU K 54 -40.49 14.74 -23.16
N SER K 55 -39.56 14.65 -24.12
CA SER K 55 -39.90 14.11 -25.43
C SER K 55 -39.91 12.59 -25.42
N GLU K 56 -39.12 11.96 -24.55
CA GLU K 56 -39.13 10.51 -24.46
C GLU K 56 -40.44 9.99 -23.90
N LEU K 57 -41.09 10.76 -23.01
CA LEU K 57 -42.38 10.37 -22.47
C LEU K 57 -43.53 10.61 -23.44
N LEU K 58 -43.29 11.31 -24.55
CA LEU K 58 -44.26 11.45 -25.61
C LEU K 58 -43.91 10.64 -26.85
N GLY K 59 -42.69 10.13 -26.95
CA GLY K 59 -42.27 9.41 -28.14
C GLY K 59 -41.80 10.31 -29.27
N GLY K 60 -40.75 11.08 -29.05
CA GLY K 60 -40.23 11.95 -30.10
C GLY K 60 -38.75 12.21 -29.91
N THR K 61 -38.09 12.52 -31.03
CA THR K 61 -36.66 12.82 -31.05
C THR K 61 -36.39 14.04 -31.93
N PHE K 62 -35.21 14.63 -31.74
CA PHE K 62 -34.78 15.81 -32.47
C PHE K 62 -33.43 15.55 -33.14
N LYS K 63 -33.14 16.30 -34.19
CA LYS K 63 -31.94 16.09 -35.00
C LYS K 63 -31.64 17.35 -35.79
N SER K 64 -30.34 17.63 -35.97
CA SER K 64 -29.88 18.77 -36.76
C SER K 64 -28.81 18.30 -37.74
N THR K 65 -28.89 18.78 -38.98
CA THR K 65 -28.04 18.30 -40.07
C THR K 65 -27.53 19.48 -40.89
N LEU K 66 -26.25 19.44 -41.25
CA LEU K 66 -25.59 20.49 -42.02
C LEU K 66 -25.10 19.95 -43.36
N ASP K 67 -25.32 20.73 -44.42
CA ASP K 67 -24.66 20.50 -45.70
C ASP K 67 -24.25 21.85 -46.27
N ARG K 68 -23.88 21.89 -47.55
CA ARG K 68 -23.31 23.10 -48.14
C ARG K 68 -24.36 24.16 -48.45
N GLU K 69 -25.64 23.84 -48.37
CA GLU K 69 -26.70 24.79 -48.66
C GLU K 69 -27.61 25.06 -47.47
N TYR K 70 -27.94 24.04 -46.69
CA TYR K 70 -28.97 24.14 -45.68
C TYR K 70 -28.46 23.78 -44.29
N ILE K 71 -29.14 24.33 -43.29
CA ILE K 71 -29.18 23.78 -41.94
C ILE K 71 -30.61 23.31 -41.71
N THR K 72 -30.78 22.03 -41.37
CA THR K 72 -32.10 21.43 -41.23
C THR K 72 -32.31 20.95 -39.80
N LEU K 73 -33.42 21.38 -39.20
CA LEU K 73 -33.85 20.91 -37.88
C LEU K 73 -35.08 20.04 -38.06
N LYS K 74 -35.05 18.85 -37.48
CA LYS K 74 -36.06 17.83 -37.74
C LYS K 74 -36.58 17.24 -36.44
N ALA K 75 -37.88 16.95 -36.41
CA ALA K 75 -38.51 16.23 -35.31
C ALA K 75 -39.35 15.10 -35.86
N THR K 76 -39.21 13.90 -35.28
CA THR K 76 -39.98 12.72 -35.65
C THR K 76 -40.76 12.26 -34.44
N PHE K 77 -42.08 12.12 -34.57
CA PHE K 77 -42.94 11.99 -33.40
C PHE K 77 -44.22 11.24 -33.75
N LEU K 78 -44.97 10.89 -32.71
CA LEU K 78 -46.30 10.29 -32.87
C LEU K 78 -47.31 11.38 -33.19
N LYS K 79 -48.30 11.03 -34.03
CA LYS K 79 -49.00 11.99 -34.87
C LYS K 79 -49.82 13.01 -34.08
N ASP K 80 -50.35 12.64 -32.93
CA ASP K 80 -51.33 13.47 -32.24
C ASP K 80 -50.72 14.50 -31.28
N ASP K 81 -49.41 14.71 -31.33
CA ASP K 81 -48.75 15.67 -30.45
C ASP K 81 -48.13 16.80 -31.25
N LEU K 82 -48.83 17.31 -32.26
CA LEU K 82 -48.27 18.30 -33.16
C LEU K 82 -47.95 19.66 -32.51
N PRO K 83 -48.80 20.28 -31.67
CA PRO K 83 -48.41 21.62 -31.16
C PRO K 83 -47.26 21.63 -30.16
N TYR K 84 -46.87 20.48 -29.59
CA TYR K 84 -45.71 20.47 -28.71
C TYR K 84 -44.42 20.68 -29.49
N TYR K 85 -44.33 20.12 -30.70
CA TYR K 85 -43.09 20.11 -31.45
C TYR K 85 -42.94 21.33 -32.35
N VAL K 86 -44.02 22.03 -32.64
CA VAL K 86 -43.91 23.34 -33.29
C VAL K 86 -43.30 24.35 -32.34
N ASN K 87 -43.70 24.28 -31.07
CA ASN K 87 -43.21 25.24 -30.08
C ASN K 87 -41.78 24.93 -29.67
N ALA K 88 -41.37 23.67 -29.76
CA ALA K 88 -40.01 23.30 -29.36
C ALA K 88 -38.99 23.71 -30.41
N LEU K 89 -39.36 23.60 -31.69
CA LEU K 89 -38.46 24.03 -32.75
C LEU K 89 -38.41 25.55 -32.88
N ALA K 90 -39.45 26.23 -32.41
CA ALA K 90 -39.46 27.70 -32.52
C ALA K 90 -38.65 28.34 -31.39
N ASP K 91 -38.47 27.62 -30.28
CA ASP K 91 -37.66 28.16 -29.19
C ASP K 91 -36.18 28.05 -29.49
N VAL K 92 -35.80 27.11 -30.35
CA VAL K 92 -34.40 26.95 -30.73
C VAL K 92 -33.96 28.12 -31.61
N LEU K 93 -34.83 28.54 -32.54
CA LEU K 93 -34.47 29.62 -33.45
C LEU K 93 -34.51 30.98 -32.77
N TYR K 94 -35.21 31.10 -31.64
CA TYR K 94 -35.50 32.39 -31.05
C TYR K 94 -34.68 32.70 -29.80
N LYS K 95 -34.55 31.76 -28.88
CA LYS K 95 -34.05 32.07 -27.55
C LYS K 95 -33.04 31.03 -27.05
N THR K 96 -32.07 30.70 -27.89
CA THR K 96 -30.96 29.87 -27.43
C THR K 96 -30.06 30.67 -26.49
N ALA K 97 -29.54 30.00 -25.46
CA ALA K 97 -28.86 30.69 -24.37
C ALA K 97 -27.47 31.17 -24.76
N PHE K 98 -26.69 30.35 -25.46
CA PHE K 98 -25.32 30.64 -25.90
C PHE K 98 -24.40 30.95 -24.72
N LYS K 99 -24.21 29.95 -23.87
CA LYS K 99 -23.41 30.08 -22.66
C LYS K 99 -21.96 29.71 -22.92
N PRO K 100 -21.01 30.35 -22.22
CA PRO K 100 -19.60 30.06 -22.48
C PRO K 100 -19.14 28.67 -22.01
N HIS K 101 -19.83 28.07 -21.05
CA HIS K 101 -19.42 26.74 -20.63
C HIS K 101 -20.02 25.64 -21.49
N GLU K 102 -21.07 25.94 -22.26
CA GLU K 102 -21.60 24.96 -23.19
C GLU K 102 -20.70 24.79 -24.40
N LEU K 103 -19.99 25.86 -24.78
CA LEU K 103 -19.03 25.76 -25.88
C LEU K 103 -17.84 24.91 -25.50
N THR K 104 -17.35 25.06 -24.26
CA THR K 104 -16.15 24.35 -23.83
C THR K 104 -16.44 22.87 -23.55
N GLU K 105 -17.57 22.56 -22.92
CA GLU K 105 -17.80 21.23 -22.39
C GLU K 105 -18.55 20.31 -23.34
N SER K 106 -19.39 20.83 -24.23
CA SER K 106 -20.15 19.93 -25.10
C SER K 106 -20.05 20.25 -26.59
N VAL K 107 -19.94 21.51 -26.98
CA VAL K 107 -20.02 21.86 -28.39
C VAL K 107 -18.68 21.65 -29.09
N LEU K 108 -17.61 22.17 -28.52
CA LEU K 108 -16.27 21.97 -29.10
C LEU K 108 -15.76 20.53 -29.04
N PRO K 109 -15.96 19.72 -27.99
CA PRO K 109 -15.55 18.31 -28.11
C PRO K 109 -16.35 17.50 -29.12
N ALA K 110 -17.58 17.90 -29.42
CA ALA K 110 -18.36 17.18 -30.42
C ALA K 110 -17.92 17.52 -31.83
N ALA K 111 -17.25 18.67 -32.01
CA ALA K 111 -16.81 19.06 -33.33
C ALA K 111 -15.43 18.50 -33.66
N ARG K 112 -14.61 18.19 -32.65
CA ARG K 112 -13.35 17.51 -32.90
C ARG K 112 -13.60 16.07 -33.33
N TYR K 113 -14.65 15.45 -32.81
CA TYR K 113 -14.99 14.08 -33.17
C TYR K 113 -15.51 14.00 -34.59
N ASP K 114 -16.25 15.02 -35.03
CA ASP K 114 -16.75 15.06 -36.41
C ASP K 114 -15.61 15.20 -37.40
N TYR K 115 -14.61 16.00 -37.06
CA TYR K 115 -13.50 16.24 -37.96
C TYR K 115 -12.54 15.06 -38.01
N ALA K 116 -12.34 14.40 -36.86
CA ALA K 116 -11.40 13.27 -36.82
C ALA K 116 -11.95 12.03 -37.50
N VAL K 117 -13.27 11.91 -37.58
CA VAL K 117 -13.87 10.79 -38.30
C VAL K 117 -13.74 10.99 -39.81
N ALA K 118 -14.01 12.22 -40.29
CA ALA K 118 -13.98 12.50 -41.70
C ALA K 118 -12.57 12.58 -42.28
N GLU K 119 -11.57 12.84 -41.46
CA GLU K 119 -10.20 12.98 -41.95
C GLU K 119 -9.50 11.65 -42.14
N GLN K 120 -10.15 10.54 -41.82
CA GLN K 120 -9.59 9.22 -42.05
C GLN K 120 -10.08 8.60 -43.36
N CYS K 121 -11.05 9.21 -44.02
CA CYS K 121 -11.57 8.71 -45.29
C CYS K 121 -10.92 9.47 -46.43
N PRO K 122 -10.16 8.81 -47.31
CA PRO K 122 -9.51 9.55 -48.40
C PRO K 122 -10.48 9.98 -49.50
N VAL K 123 -11.65 9.36 -49.61
CA VAL K 123 -12.63 9.76 -50.61
C VAL K 123 -13.26 11.08 -50.21
N LYS K 124 -13.48 11.29 -48.92
CA LYS K 124 -14.04 12.55 -48.44
C LYS K 124 -13.03 13.67 -48.56
N SER K 125 -11.75 13.37 -48.37
CA SER K 125 -10.71 14.38 -48.53
C SER K 125 -10.56 14.81 -49.99
N ALA K 126 -10.77 13.89 -50.93
CA ALA K 126 -10.64 14.22 -52.34
C ALA K 126 -11.84 15.02 -52.83
N GLU K 127 -12.97 14.94 -52.13
CA GLU K 127 -14.15 15.69 -52.53
C GLU K 127 -14.08 17.13 -52.05
N ASP K 128 -13.42 17.36 -50.91
CA ASP K 128 -13.23 18.73 -50.43
C ASP K 128 -12.28 19.50 -51.32
N GLN K 129 -11.30 18.82 -51.91
CA GLN K 129 -10.35 19.48 -52.78
C GLN K 129 -10.97 19.84 -54.12
N LEU K 130 -11.93 19.04 -54.59
CA LEU K 130 -12.57 19.31 -55.86
C LEU K 130 -13.51 20.50 -55.78
N TYR K 131 -14.11 20.72 -54.61
CA TYR K 131 -14.94 21.90 -54.41
C TYR K 131 -14.08 23.15 -54.28
N ALA K 132 -12.90 23.00 -53.69
CA ALA K 132 -12.05 24.16 -53.40
C ALA K 132 -11.31 24.67 -54.62
N ILE K 133 -11.11 23.84 -55.65
CA ILE K 133 -10.43 24.31 -56.84
C ILE K 133 -11.40 24.65 -57.97
N THR K 134 -12.64 24.14 -57.93
CA THR K 134 -13.63 24.50 -58.93
C THR K 134 -14.27 25.85 -58.61
N PHE K 135 -14.70 26.02 -57.37
CA PHE K 135 -15.20 27.27 -56.83
C PHE K 135 -14.22 27.70 -55.75
N ARG K 136 -14.18 28.99 -55.43
CA ARG K 136 -13.16 29.42 -54.47
C ARG K 136 -13.76 29.98 -53.18
N LYS K 137 -14.57 31.04 -53.24
CA LYS K 137 -15.15 31.64 -52.05
C LYS K 137 -16.68 31.54 -52.15
N GLY K 138 -17.14 30.36 -52.52
CA GLY K 138 -18.55 30.09 -52.68
C GLY K 138 -18.86 28.75 -52.07
N LEU K 139 -19.31 27.83 -52.93
CA LEU K 139 -19.45 26.42 -52.59
C LEU K 139 -18.12 25.76 -52.21
N GLY K 140 -16.98 26.38 -52.51
CA GLY K 140 -15.67 25.90 -52.13
C GLY K 140 -15.21 26.19 -50.72
N ASN K 141 -16.09 26.71 -49.86
CA ASN K 141 -15.75 26.90 -48.45
C ASN K 141 -15.58 25.56 -47.76
N PRO K 142 -14.77 25.49 -46.71
CA PRO K 142 -14.68 24.26 -45.92
C PRO K 142 -16.00 23.94 -45.21
N LEU K 143 -16.25 22.65 -45.01
CA LEU K 143 -17.49 22.22 -44.40
C LEU K 143 -17.38 22.13 -42.89
N LEU K 144 -16.31 21.56 -42.37
CA LEU K 144 -16.14 21.33 -40.94
C LEU K 144 -15.13 22.31 -40.35
N TYR K 145 -15.12 22.37 -39.03
CA TYR K 145 -14.25 23.28 -38.27
C TYR K 145 -13.02 22.52 -37.82
N ASP K 146 -11.84 23.00 -38.22
CA ASP K 146 -10.59 22.35 -37.87
C ASP K 146 -9.65 23.22 -37.03
N GLY K 147 -9.94 24.50 -36.85
CA GLY K 147 -9.14 25.35 -36.00
C GLY K 147 -8.12 26.22 -36.70
N VAL K 148 -8.09 26.21 -38.03
CA VAL K 148 -7.15 27.05 -38.78
C VAL K 148 -7.51 28.52 -38.61
N GLU K 149 -8.80 28.84 -38.67
CA GLU K 149 -9.30 30.16 -38.35
C GLU K 149 -9.97 30.10 -36.99
N ARG K 150 -9.76 31.14 -36.17
CA ARG K 150 -10.25 31.15 -34.80
C ARG K 150 -11.68 31.70 -34.77
N VAL K 151 -12.61 30.92 -34.22
CA VAL K 151 -14.01 31.29 -34.12
C VAL K 151 -14.37 31.41 -32.65
N SER K 152 -14.91 32.55 -32.25
CA SER K 152 -15.25 32.83 -30.87
C SER K 152 -16.76 32.72 -30.66
N LEU K 153 -17.19 32.93 -29.41
CA LEU K 153 -18.60 32.78 -29.07
C LEU K 153 -19.44 33.92 -29.63
N GLN K 154 -18.87 35.10 -29.77
CA GLN K 154 -19.58 36.21 -30.39
C GLN K 154 -19.74 36.00 -31.90
N ASP K 155 -18.81 35.24 -32.50
CA ASP K 155 -18.91 34.95 -33.94
C ASP K 155 -20.08 34.02 -34.24
N ILE K 156 -20.33 33.06 -33.36
CA ILE K 156 -21.45 32.14 -33.55
C ILE K 156 -22.77 32.86 -33.33
N LYS K 157 -22.80 33.82 -32.42
CA LYS K 157 -24.03 34.56 -32.14
C LYS K 157 -24.36 35.53 -33.26
N ASP K 158 -23.36 36.07 -33.95
CA ASP K 158 -23.64 36.95 -35.07
C ASP K 158 -24.02 36.18 -36.33
N PHE K 159 -23.59 34.93 -36.45
CA PHE K 159 -24.01 34.12 -37.60
C PHE K 159 -25.46 33.69 -37.46
N ALA K 160 -25.91 33.44 -36.23
CA ALA K 160 -27.29 33.03 -36.03
C ALA K 160 -28.26 34.20 -36.20
N ASP K 161 -27.79 35.43 -35.95
CA ASP K 161 -28.59 36.61 -36.21
C ASP K 161 -28.78 36.88 -37.70
N LYS K 162 -27.90 36.33 -38.53
CA LYS K 162 -27.90 36.57 -39.96
C LYS K 162 -28.79 35.59 -40.72
N VAL K 163 -28.90 34.34 -40.27
CA VAL K 163 -29.58 33.31 -41.05
C VAL K 163 -30.96 32.99 -40.50
N TYR K 164 -31.17 33.17 -39.19
CA TYR K 164 -32.45 32.82 -38.57
C TYR K 164 -33.42 34.00 -38.68
N THR K 165 -33.89 34.22 -39.90
CA THR K 165 -34.82 35.30 -40.18
C THR K 165 -36.02 34.72 -40.94
N LYS K 166 -37.09 35.49 -41.02
CA LYS K 166 -38.34 34.98 -41.55
C LYS K 166 -38.31 34.82 -43.07
N GLU K 167 -37.49 35.60 -43.77
CA GLU K 167 -37.39 35.50 -45.22
C GLU K 167 -36.41 34.42 -45.66
N ASN K 168 -35.82 33.69 -44.72
CA ASN K 168 -34.72 32.79 -45.00
C ASN K 168 -35.04 31.33 -44.70
N LEU K 169 -36.26 31.00 -44.29
CA LEU K 169 -36.56 29.64 -43.87
C LEU K 169 -37.85 29.15 -44.50
N GLU K 170 -38.04 27.83 -44.42
CA GLU K 170 -39.24 27.15 -44.87
C GLU K 170 -39.63 26.11 -43.82
N VAL K 171 -40.93 25.84 -43.73
CA VAL K 171 -41.47 24.81 -42.85
C VAL K 171 -42.21 23.79 -43.69
N SER K 172 -41.83 22.52 -43.56
CA SER K 172 -42.47 21.45 -44.31
C SER K 172 -42.79 20.29 -43.39
N GLY K 173 -43.86 19.57 -43.69
CA GLY K 173 -44.28 18.45 -42.89
C GLY K 173 -44.70 17.22 -43.67
N GLU K 174 -44.30 16.05 -43.18
CA GLU K 174 -44.76 14.77 -43.68
C GLU K 174 -45.80 14.21 -42.71
N ASN K 175 -46.91 13.70 -43.25
CA ASN K 175 -48.04 13.13 -42.48
C ASN K 175 -48.61 14.15 -41.50
N VAL K 176 -48.96 15.33 -42.01
CA VAL K 176 -49.38 16.46 -41.19
C VAL K 176 -50.54 17.15 -41.92
N VAL K 177 -51.61 17.45 -41.18
CA VAL K 177 -52.71 18.23 -41.74
C VAL K 177 -52.25 19.66 -41.94
N GLU K 178 -52.45 20.20 -43.16
CA GLU K 178 -51.87 21.49 -43.51
C GLU K 178 -52.63 22.64 -42.88
N ALA K 179 -53.93 22.48 -42.64
CA ALA K 179 -54.71 23.56 -42.05
C ALA K 179 -54.34 23.78 -40.59
N ASP K 180 -53.98 22.71 -39.89
CA ASP K 180 -53.57 22.82 -38.49
C ASP K 180 -52.15 23.35 -38.37
N LEU K 181 -51.30 23.08 -39.37
CA LEU K 181 -49.91 23.51 -39.30
C LEU K 181 -49.77 25.00 -39.51
N LYS K 182 -50.59 25.59 -40.39
CA LYS K 182 -50.53 27.02 -40.62
C LYS K 182 -51.06 27.81 -39.43
N ARG K 183 -51.97 27.20 -38.66
CA ARG K 183 -52.52 27.87 -37.49
C ARG K 183 -51.54 27.86 -36.32
N PHE K 184 -50.82 26.76 -36.15
CA PHE K 184 -49.89 26.65 -35.02
C PHE K 184 -48.62 27.46 -35.26
N VAL K 185 -48.22 27.63 -36.52
CA VAL K 185 -47.03 28.43 -36.83
C VAL K 185 -47.31 29.91 -36.59
N ASP K 186 -48.51 30.38 -36.97
CA ASP K 186 -48.86 31.79 -36.82
C ASP K 186 -49.06 32.20 -35.37
N GLU K 187 -49.29 31.25 -34.46
CA GLU K 187 -49.46 31.55 -33.05
C GLU K 187 -48.21 31.25 -32.24
N SER K 188 -47.04 31.23 -32.87
CA SER K 188 -45.82 30.78 -32.25
C SER K 188 -44.77 31.89 -32.27
N LEU K 189 -43.61 31.58 -31.71
CA LEU K 189 -42.47 32.49 -31.74
C LEU K 189 -41.81 32.55 -33.11
N LEU K 190 -42.19 31.66 -34.03
CA LEU K 190 -41.69 31.66 -35.39
C LEU K 190 -42.22 32.84 -36.20
N SER K 191 -43.30 33.47 -35.76
CA SER K 191 -43.88 34.63 -36.44
C SER K 191 -43.43 35.94 -35.83
N THR K 192 -42.65 35.91 -34.75
CA THR K 192 -42.07 37.12 -34.18
C THR K 192 -40.57 37.18 -34.39
N LEU K 193 -40.03 36.39 -35.30
CA LEU K 193 -38.65 36.53 -35.72
C LEU K 193 -38.47 37.83 -36.49
N PRO K 194 -37.26 38.39 -36.52
CA PRO K 194 -37.01 39.54 -37.39
C PRO K 194 -37.05 39.15 -38.86
N ALA K 195 -37.80 39.92 -39.64
CA ALA K 195 -37.95 39.66 -41.06
C ALA K 195 -36.77 40.30 -41.79
N GLY K 196 -35.73 39.51 -42.04
CA GLY K 196 -34.56 40.03 -42.71
C GLY K 196 -34.68 39.94 -44.21
N LYS K 197 -33.75 39.24 -44.85
CA LYS K 197 -33.81 39.01 -46.28
C LYS K 197 -33.22 37.64 -46.56
N SER K 198 -33.53 37.12 -47.75
CA SER K 198 -33.01 35.83 -48.15
C SER K 198 -31.61 35.97 -48.72
N LEU K 199 -30.78 34.97 -48.44
CA LEU K 199 -29.39 34.97 -48.88
C LEU K 199 -29.19 34.32 -50.23
N VAL K 200 -30.25 33.83 -50.86
CA VAL K 200 -30.13 33.15 -52.14
C VAL K 200 -29.95 34.18 -53.25
N SER K 201 -28.92 34.00 -54.06
CA SER K 201 -28.69 34.81 -55.25
C SER K 201 -29.08 34.01 -56.49
N LYS K 202 -29.73 34.68 -57.44
CA LYS K 202 -30.22 34.00 -58.62
C LYS K 202 -29.19 33.86 -59.73
N SER K 203 -27.99 34.39 -59.53
CA SER K 203 -26.94 34.29 -60.54
C SER K 203 -26.27 32.92 -60.47
N GLU K 204 -25.69 32.53 -61.60
CA GLU K 204 -24.93 31.28 -61.56
C GLU K 204 -23.48 31.55 -61.15
N PRO K 205 -22.88 30.66 -60.36
CA PRO K 205 -21.56 30.98 -59.78
C PRO K 205 -20.44 30.92 -60.80
N LYS K 206 -19.34 31.57 -60.46
CA LYS K 206 -18.14 31.56 -61.27
C LYS K 206 -17.35 30.29 -60.99
N PHE K 207 -16.81 29.68 -62.04
CA PHE K 207 -16.12 28.41 -61.92
C PHE K 207 -14.80 28.48 -62.65
N PHE K 208 -13.98 27.45 -62.47
CA PHE K 208 -12.64 27.38 -63.02
C PHE K 208 -12.39 25.98 -63.57
N LEU K 209 -11.65 25.91 -64.66
CA LEU K 209 -11.42 24.66 -65.37
C LEU K 209 -9.94 24.42 -65.58
N GLY K 210 -9.52 23.17 -65.48
CA GLY K 210 -8.15 22.78 -65.71
C GLY K 210 -7.22 22.86 -64.52
N GLU K 211 -7.74 22.77 -63.30
CA GLU K 211 -6.93 22.89 -62.10
C GLU K 211 -6.51 21.52 -61.58
N GLU K 212 -5.62 21.53 -60.59
CA GLU K 212 -5.01 20.31 -60.11
C GLU K 212 -4.52 20.51 -58.68
N ASN K 213 -4.51 19.42 -57.91
CA ASN K 213 -4.00 19.43 -56.55
C ASN K 213 -3.58 18.02 -56.16
N ARG K 214 -2.58 17.93 -55.27
CA ARG K 214 -2.03 16.66 -54.81
C ARG K 214 -1.80 16.70 -53.31
N VAL K 215 -2.09 15.58 -52.63
CA VAL K 215 -2.00 15.48 -51.18
C VAL K 215 -1.41 14.13 -50.81
N ARG K 216 -0.38 14.12 -49.96
CA ARG K 216 0.20 12.89 -49.45
C ARG K 216 -0.63 12.34 -48.29
N PHE K 217 -0.74 11.02 -48.22
CA PHE K 217 -1.65 10.37 -47.29
C PHE K 217 -1.21 8.93 -47.07
N ILE K 218 -1.33 8.46 -45.83
CA ILE K 218 -1.00 7.09 -45.47
C ILE K 218 -2.28 6.26 -45.48
N GLY K 219 -2.39 5.35 -46.44
CA GLY K 219 -3.58 4.53 -46.55
C GLY K 219 -3.87 4.09 -47.98
N ASP K 220 -5.09 4.35 -48.45
CA ASP K 220 -5.46 4.04 -49.81
C ASP K 220 -5.16 5.22 -50.74
N SER K 221 -5.21 4.95 -52.05
CA SER K 221 -4.99 5.96 -53.06
C SER K 221 -6.28 6.24 -53.81
N VAL K 222 -6.57 7.52 -54.02
CA VAL K 222 -7.79 7.97 -54.68
C VAL K 222 -7.40 8.91 -55.82
N ALA K 223 -8.00 8.70 -56.99
CA ALA K 223 -7.90 9.63 -58.11
C ALA K 223 -9.31 10.06 -58.50
N ALA K 224 -9.52 11.37 -58.63
CA ALA K 224 -10.87 11.91 -58.79
C ALA K 224 -10.88 13.03 -59.81
N ILE K 225 -11.97 13.12 -60.58
CA ILE K 225 -12.17 14.21 -61.53
C ILE K 225 -13.49 14.90 -61.21
N GLY K 226 -13.63 16.14 -61.67
CA GLY K 226 -14.81 16.94 -61.37
C GLY K 226 -15.17 17.96 -62.43
N ILE K 227 -16.44 18.02 -62.82
CA ILE K 227 -16.90 18.92 -63.88
C ILE K 227 -18.01 19.82 -63.35
N PRO K 228 -17.94 21.14 -63.55
CA PRO K 228 -19.05 22.01 -63.18
C PRO K 228 -20.15 22.02 -64.23
N VAL K 229 -21.40 22.01 -63.77
CA VAL K 229 -22.58 21.89 -64.63
C VAL K 229 -23.46 23.11 -64.43
N ASN K 230 -24.04 23.62 -65.50
CA ASN K 230 -25.02 24.70 -65.43
C ASN K 230 -26.43 24.12 -65.41
N LYS K 231 -27.42 25.02 -65.34
CA LYS K 231 -28.80 24.58 -65.12
C LYS K 231 -29.44 23.95 -66.36
N ALA K 232 -28.97 24.28 -67.56
CA ALA K 232 -29.53 23.73 -68.79
C ALA K 232 -28.86 22.43 -69.21
N SER K 233 -28.03 21.85 -68.33
CA SER K 233 -27.37 20.59 -68.64
C SER K 233 -27.48 19.57 -67.52
N LEU K 234 -28.36 19.77 -66.54
CA LEU K 234 -28.43 18.87 -65.39
C LEU K 234 -29.03 17.52 -65.76
N ALA K 235 -29.86 17.49 -66.81
CA ALA K 235 -30.49 16.24 -67.20
C ALA K 235 -29.49 15.31 -67.88
N GLN K 236 -28.56 15.87 -68.65
CA GLN K 236 -27.58 15.06 -69.37
C GLN K 236 -26.57 14.44 -68.40
N TYR K 237 -26.18 15.18 -67.37
CA TYR K 237 -25.17 14.67 -66.44
C TYR K 237 -25.80 13.74 -65.40
N GLU K 238 -27.12 13.77 -65.26
CA GLU K 238 -27.79 12.82 -64.38
C GLU K 238 -27.88 11.44 -65.02
N VAL K 239 -28.06 11.40 -66.33
CA VAL K 239 -28.07 10.12 -67.05
C VAL K 239 -26.69 9.50 -67.06
N LEU K 240 -25.64 10.33 -67.17
CA LEU K 240 -24.28 9.82 -67.24
C LEU K 240 -23.83 9.23 -65.91
N ALA K 241 -24.28 9.80 -64.80
CA ALA K 241 -23.88 9.27 -63.49
C ALA K 241 -24.54 7.94 -63.20
N ASN K 242 -25.76 7.73 -63.69
CA ASN K 242 -26.42 6.45 -63.51
C ASN K 242 -25.95 5.42 -64.51
N TYR K 243 -25.53 5.85 -65.71
CA TYR K 243 -25.02 4.93 -66.71
C TYR K 243 -23.68 4.34 -66.30
N LEU K 244 -22.81 5.13 -65.65
CA LEU K 244 -21.46 4.69 -65.35
C LEU K 244 -21.39 3.73 -64.19
N THR K 245 -22.43 3.64 -63.38
CA THR K 245 -22.45 2.72 -62.24
C THR K 245 -23.40 1.55 -62.42
N SER K 246 -24.11 1.47 -63.55
CA SER K 246 -25.00 0.37 -63.83
C SER K 246 -24.28 -0.71 -64.62
N ALA K 247 -25.00 -1.80 -64.90
CA ALA K 247 -24.45 -2.91 -65.66
C ALA K 247 -24.47 -2.67 -67.17
N LEU K 248 -24.94 -1.51 -67.62
CA LEU K 248 -24.93 -1.19 -69.04
C LEU K 248 -23.56 -0.71 -69.52
N SER K 249 -22.67 -0.34 -68.61
CA SER K 249 -21.36 0.19 -68.95
C SER K 249 -20.27 -0.83 -68.66
N GLU K 250 -19.26 -0.88 -69.52
CA GLU K 250 -18.12 -1.74 -69.31
C GLU K 250 -17.08 -1.12 -68.38
N LEU K 251 -17.21 0.17 -68.07
CA LEU K 251 -16.32 0.85 -67.14
C LEU K 251 -16.80 0.76 -65.70
N SER K 252 -17.85 -0.02 -65.43
CA SER K 252 -18.47 -0.02 -64.11
C SER K 252 -17.64 -0.75 -63.08
N GLY K 253 -16.79 -1.70 -63.51
CA GLY K 253 -15.95 -2.41 -62.56
C GLY K 253 -14.74 -1.64 -62.11
N LEU K 254 -14.35 -0.58 -62.84
CA LEU K 254 -13.20 0.23 -62.49
C LEU K 254 -13.57 1.43 -61.63
N ILE K 255 -14.78 1.91 -61.72
CA ILE K 255 -15.23 3.11 -61.03
C ILE K 255 -15.68 2.76 -59.63
N SER K 256 -15.18 3.49 -58.64
CA SER K 256 -15.63 3.27 -57.26
C SER K 256 -17.01 3.86 -57.03
N SER K 257 -17.23 5.11 -57.43
CA SER K 257 -18.51 5.80 -57.27
C SER K 257 -18.55 7.00 -58.20
N ALA K 258 -19.77 7.44 -58.50
CA ALA K 258 -20.00 8.60 -59.36
C ALA K 258 -21.37 9.17 -59.06
N LYS K 259 -21.46 10.50 -58.96
CA LYS K 259 -22.73 11.13 -58.60
C LYS K 259 -22.75 12.56 -59.15
N LEU K 260 -23.88 13.22 -58.94
CA LEU K 260 -24.06 14.62 -59.33
C LEU K 260 -24.77 15.33 -58.19
N ASP K 261 -24.12 16.34 -57.62
CA ASP K 261 -24.70 17.13 -56.54
C ASP K 261 -25.45 18.32 -57.13
N LYS K 262 -26.73 18.45 -56.78
CA LYS K 262 -27.60 19.42 -57.42
C LYS K 262 -27.88 20.59 -56.49
N PHE K 263 -27.87 21.79 -57.06
CA PHE K 263 -28.26 23.02 -56.39
C PHE K 263 -29.24 23.75 -57.28
N THR K 264 -29.75 24.88 -56.79
CA THR K 264 -30.72 25.65 -57.56
C THR K 264 -30.09 26.53 -58.63
N ASP K 265 -28.78 26.44 -58.81
CA ASP K 265 -28.08 27.32 -59.77
C ASP K 265 -27.09 26.53 -60.62
N GLY K 266 -27.00 25.22 -60.45
CA GLY K 266 -26.02 24.44 -61.17
C GLY K 266 -25.71 23.15 -60.42
N GLY K 267 -24.55 22.58 -60.72
CA GLY K 267 -24.18 21.35 -60.06
C GLY K 267 -22.73 21.00 -60.30
N LEU K 268 -22.30 19.93 -59.63
CA LEU K 268 -20.95 19.40 -59.76
C LEU K 268 -21.01 17.90 -59.96
N PHE K 269 -20.46 17.42 -61.07
CA PHE K 269 -20.32 16.00 -61.34
C PHE K 269 -18.99 15.51 -60.78
N THR K 270 -19.00 14.38 -60.08
CA THR K 270 -17.79 13.80 -59.51
C THR K 270 -17.67 12.33 -59.86
N LEU K 271 -16.44 11.82 -59.84
CA LEU K 271 -16.12 10.44 -60.16
C LEU K 271 -14.88 10.05 -59.37
N PHE K 272 -14.86 8.83 -58.83
CA PHE K 272 -13.80 8.40 -57.92
C PHE K 272 -13.29 7.02 -58.29
N VAL K 273 -11.97 6.83 -58.15
CA VAL K 273 -11.31 5.54 -58.32
C VAL K 273 -10.46 5.30 -57.08
N ARG K 274 -10.64 4.14 -56.45
CA ARG K 274 -10.01 3.88 -55.16
C ARG K 274 -9.54 2.43 -55.09
N ASP K 275 -8.31 2.24 -54.60
CA ASP K 275 -7.71 0.93 -54.41
C ASP K 275 -6.53 1.11 -53.45
N GLN K 276 -6.04 -0.02 -52.91
CA GLN K 276 -4.87 0.04 -52.04
C GLN K 276 -3.57 0.10 -52.82
N ASP K 277 -3.57 -0.32 -54.08
CA ASP K 277 -2.39 -0.35 -54.92
C ASP K 277 -2.45 0.81 -55.90
N SER K 278 -1.40 1.64 -55.92
CA SER K 278 -1.39 2.82 -56.77
C SER K 278 -1.11 2.49 -58.24
N ALA K 279 -0.67 1.26 -58.53
CA ALA K 279 -0.51 0.88 -59.93
C ALA K 279 -1.84 0.46 -60.53
N VAL K 280 -2.79 0.07 -59.67
CA VAL K 280 -4.15 -0.23 -60.14
C VAL K 280 -4.94 1.04 -60.35
N VAL K 281 -4.73 2.04 -59.48
CA VAL K 281 -5.43 3.31 -59.59
C VAL K 281 -4.98 4.06 -60.83
N SER K 282 -3.70 3.96 -61.18
CA SER K 282 -3.17 4.74 -62.29
C SER K 282 -3.58 4.15 -63.64
N SER K 283 -3.68 2.83 -63.74
CA SER K 283 -4.09 2.23 -65.00
C SER K 283 -5.60 2.29 -65.18
N ASN K 284 -6.34 2.47 -64.09
CA ASN K 284 -7.80 2.55 -64.19
C ASN K 284 -8.24 3.94 -64.63
N ILE K 285 -7.67 4.98 -64.02
CA ILE K 285 -8.09 6.35 -64.32
C ILE K 285 -7.64 6.78 -65.72
N LYS K 286 -6.64 6.11 -66.28
CA LYS K 286 -6.22 6.41 -67.65
C LYS K 286 -7.21 5.83 -68.65
N LYS K 287 -7.88 4.74 -68.28
CA LYS K 287 -8.81 4.10 -69.19
C LYS K 287 -10.17 4.78 -69.16
N ILE K 288 -10.54 5.35 -68.01
CA ILE K 288 -11.82 6.06 -67.89
C ILE K 288 -11.80 7.32 -68.74
N VAL K 289 -10.71 8.08 -68.64
CA VAL K 289 -10.61 9.37 -69.32
C VAL K 289 -10.47 9.18 -70.83
N ALA K 290 -9.75 8.16 -71.26
CA ALA K 290 -9.55 7.93 -72.69
C ALA K 290 -10.84 7.46 -73.37
N ASP K 291 -11.72 6.78 -72.63
CA ASP K 291 -12.97 6.30 -73.22
C ASP K 291 -14.03 7.38 -73.24
N LEU K 292 -14.05 8.27 -72.25
CA LEU K 292 -15.03 9.35 -72.24
C LEU K 292 -14.71 10.44 -73.26
N LYS K 293 -13.47 10.51 -73.74
CA LYS K 293 -13.07 11.53 -74.68
C LYS K 293 -13.39 11.18 -76.12
N LYS K 294 -13.80 9.95 -76.41
CA LYS K 294 -14.22 9.61 -77.76
C LYS K 294 -15.73 9.44 -77.91
N GLY K 295 -16.49 9.59 -76.84
CA GLY K 295 -17.92 9.67 -76.95
C GLY K 295 -18.63 8.44 -76.41
N LYS K 296 -19.84 8.65 -75.91
CA LYS K 296 -20.69 7.59 -75.41
C LYS K 296 -22.13 7.87 -75.79
N ASP K 297 -22.90 6.82 -76.02
CA ASP K 297 -24.33 6.93 -76.31
C ASP K 297 -25.11 6.68 -75.02
N LEU K 298 -25.92 7.65 -74.62
CA LEU K 298 -26.58 7.61 -73.32
C LEU K 298 -28.05 7.20 -73.39
N SER K 299 -28.63 7.13 -74.59
CA SER K 299 -30.05 6.83 -74.73
C SER K 299 -30.51 5.44 -74.25
N PRO K 300 -29.71 4.36 -74.19
CA PRO K 300 -30.20 3.15 -73.51
C PRO K 300 -30.38 3.28 -72.00
N ALA K 301 -29.98 4.37 -71.35
CA ALA K 301 -30.09 4.48 -69.90
C ALA K 301 -31.10 5.53 -69.46
N ILE K 302 -32.05 5.90 -70.31
CA ILE K 302 -33.01 6.94 -69.95
C ILE K 302 -34.08 6.40 -69.01
N ASN K 303 -34.62 5.21 -69.30
CA ASN K 303 -35.67 4.65 -68.48
C ASN K 303 -35.15 4.16 -67.14
N TYR K 304 -33.88 3.76 -67.09
CA TYR K 304 -33.27 3.36 -65.83
C TYR K 304 -33.01 4.58 -64.95
N THR K 305 -32.80 5.74 -65.56
CA THR K 305 -32.56 6.96 -64.80
C THR K 305 -33.86 7.48 -64.19
N LYS K 306 -34.98 7.26 -64.86
CA LYS K 306 -36.28 7.74 -64.36
C LYS K 306 -36.69 6.98 -63.10
N LEU K 307 -36.34 5.70 -63.02
CA LEU K 307 -36.64 4.93 -61.82
C LEU K 307 -35.73 5.34 -60.67
N LYS K 308 -34.45 5.55 -60.96
CA LYS K 308 -33.50 5.93 -59.91
C LYS K 308 -33.74 7.34 -59.41
N ASN K 309 -34.31 8.20 -60.27
CA ASN K 309 -34.63 9.56 -59.85
C ASN K 309 -35.85 9.56 -58.93
N ALA K 310 -36.84 8.72 -59.22
CA ALA K 310 -38.06 8.70 -58.42
C ALA K 310 -37.84 8.04 -57.06
N VAL K 311 -36.83 7.17 -56.97
CA VAL K 311 -36.52 6.54 -55.67
C VAL K 311 -35.86 7.54 -54.75
N GLN K 312 -34.88 8.28 -55.24
CA GLN K 312 -34.17 9.24 -54.40
C GLN K 312 -35.01 10.49 -54.13
N ASN K 313 -36.08 10.72 -54.89
CA ASN K 313 -36.91 11.91 -54.69
C ASN K 313 -38.06 11.69 -53.73
N GLU K 314 -38.03 10.63 -52.92
CA GLU K 314 -39.09 10.42 -51.95
C GLU K 314 -38.83 11.15 -50.64
N SER K 315 -37.62 11.70 -50.44
CA SER K 315 -37.35 12.61 -49.32
C SER K 315 -36.64 13.84 -49.89
N VAL K 316 -37.40 14.75 -50.48
CA VAL K 316 -36.86 15.97 -51.08
C VAL K 316 -38.04 16.90 -51.34
N SER K 317 -37.75 18.20 -51.52
CA SER K 317 -38.76 19.16 -51.94
C SER K 317 -38.90 19.26 -53.46
N SER K 318 -38.47 18.24 -54.20
CA SER K 318 -38.67 17.99 -55.64
C SER K 318 -38.12 19.06 -56.58
N PRO K 319 -36.80 19.18 -56.77
CA PRO K 319 -36.31 19.96 -57.91
C PRO K 319 -36.40 19.16 -59.20
N ILE K 320 -37.38 19.50 -60.05
CA ILE K 320 -37.68 18.69 -61.22
C ILE K 320 -36.65 18.95 -62.33
N GLU K 321 -35.69 18.05 -62.45
CA GLU K 321 -34.67 18.09 -63.49
C GLU K 321 -35.04 17.14 -64.63
N LEU K 322 -36.33 16.93 -64.81
CA LEU K 322 -36.84 15.94 -65.74
C LEU K 322 -36.79 16.47 -67.18
N ASN K 323 -37.55 15.83 -68.06
CA ASN K 323 -37.33 15.80 -69.50
C ASN K 323 -35.93 15.27 -69.80
N PHE K 324 -35.75 14.00 -69.45
CA PHE K 324 -34.60 13.21 -69.87
C PHE K 324 -34.69 12.75 -71.31
N ASP K 325 -35.77 13.10 -72.03
CA ASP K 325 -36.03 12.53 -73.35
C ASP K 325 -35.17 13.13 -74.44
N ALA K 326 -34.56 14.29 -74.21
CA ALA K 326 -33.68 14.92 -75.19
C ALA K 326 -32.21 14.69 -74.89
N VAL K 327 -31.86 13.55 -74.31
CA VAL K 327 -30.47 13.24 -73.97
C VAL K 327 -30.00 12.12 -74.88
N LYS K 328 -29.01 12.41 -75.73
CA LYS K 328 -28.46 11.37 -76.60
C LYS K 328 -26.97 11.12 -76.39
N ASP K 329 -26.13 12.14 -76.46
CA ASP K 329 -24.69 11.97 -76.57
C ASP K 329 -23.95 12.66 -75.44
N PHE K 330 -22.66 12.32 -75.31
CA PHE K 330 -21.77 12.97 -74.36
C PHE K 330 -20.34 12.84 -74.86
N LYS K 331 -19.56 13.91 -74.67
CA LYS K 331 -18.14 13.90 -74.98
C LYS K 331 -17.41 14.74 -73.95
N LEU K 332 -16.33 14.19 -73.40
CA LEU K 332 -15.61 14.84 -72.31
C LEU K 332 -14.76 16.00 -72.82
N GLY K 333 -14.86 17.14 -72.16
CA GLY K 333 -14.06 18.30 -72.50
C GLY K 333 -12.97 18.60 -71.50
N LYS K 334 -13.07 19.70 -70.78
CA LYS K 334 -12.12 20.08 -69.75
C LYS K 334 -12.67 19.74 -68.36
N PHE K 335 -11.75 19.53 -67.42
CA PHE K 335 -12.12 19.03 -66.10
C PHE K 335 -11.00 19.36 -65.12
N ASN K 336 -11.31 19.19 -63.84
CA ASN K 336 -10.34 19.33 -62.75
C ASN K 336 -9.97 17.94 -62.24
N TYR K 337 -8.87 17.87 -61.50
CA TYR K 337 -8.29 16.58 -61.13
C TYR K 337 -7.58 16.68 -59.79
N VAL K 338 -7.74 15.66 -58.96
CA VAL K 338 -7.18 15.62 -57.61
C VAL K 338 -6.64 14.21 -57.35
N ALA K 339 -5.41 14.12 -56.85
CA ALA K 339 -4.80 12.85 -56.45
C ALA K 339 -4.49 12.88 -54.97
N VAL K 340 -4.89 11.84 -54.24
CA VAL K 340 -4.69 11.72 -52.80
C VAL K 340 -4.09 10.37 -52.50
N GLY K 341 -2.94 10.36 -51.81
CA GLY K 341 -2.33 9.12 -51.36
C GLY K 341 -0.86 8.99 -51.67
N ASP K 342 -0.48 7.93 -52.38
CA ASP K 342 0.90 7.71 -52.81
C ASP K 342 1.13 8.46 -54.11
N VAL K 343 1.33 9.77 -53.98
CA VAL K 343 1.27 10.68 -55.12
C VAL K 343 2.50 10.62 -56.02
N SER K 344 3.54 9.91 -55.62
CA SER K 344 4.69 9.73 -56.51
C SER K 344 4.42 8.72 -57.60
N ASN K 345 3.42 7.85 -57.44
CA ASN K 345 3.11 6.81 -58.40
C ASN K 345 1.74 7.01 -59.04
N LEU K 346 1.17 8.21 -58.93
CA LEU K 346 -0.10 8.57 -59.53
C LEU K 346 0.13 9.59 -60.64
N PRO K 347 -0.64 9.54 -61.72
CA PRO K 347 -0.34 10.38 -62.88
C PRO K 347 -0.69 11.84 -62.67
N TYR K 348 -0.26 12.66 -63.63
CA TYR K 348 -0.49 14.09 -63.65
C TYR K 348 -1.57 14.42 -64.67
N LEU K 349 -1.99 15.68 -64.68
CA LEU K 349 -3.12 16.09 -65.51
C LEU K 349 -2.79 16.07 -66.99
N ASP K 350 -1.56 16.41 -67.36
CA ASP K 350 -1.17 16.41 -68.76
C ASP K 350 -0.80 15.02 -69.28
N GLU K 351 -0.81 14.00 -68.43
CA GLU K 351 -0.65 12.63 -68.87
C GLU K 351 -1.98 11.93 -69.11
N LEU K 352 -3.09 12.51 -68.66
CA LEU K 352 -4.41 11.97 -68.91
C LEU K 352 -4.94 12.48 -70.24
N MET L 1 -16.54 2.83 -10.24
CA MET L 1 -16.09 1.48 -9.91
C MET L 1 -16.85 0.93 -8.71
N ALA L 2 -16.59 -0.34 -8.40
CA ALA L 2 -17.26 -0.99 -7.28
C ALA L 2 -16.73 -0.47 -5.95
N PHE L 3 -17.54 -0.63 -4.91
CA PHE L 3 -17.18 -0.11 -3.59
C PHE L 3 -16.01 -0.87 -2.98
N ARG L 4 -15.85 -2.15 -3.33
CA ARG L 4 -14.72 -2.92 -2.85
C ARG L 4 -13.39 -2.51 -3.49
N LYS L 5 -13.43 -1.70 -4.55
CA LYS L 5 -12.21 -1.20 -5.17
C LYS L 5 -11.88 0.24 -4.81
N SER L 6 -12.85 1.01 -4.33
CA SER L 6 -12.62 2.42 -4.04
C SER L 6 -12.42 2.72 -2.56
N ASN L 7 -12.96 1.89 -1.67
CA ASN L 7 -12.74 2.08 -0.24
C ASN L 7 -11.30 1.75 0.12
N VAL L 8 -10.77 2.48 1.10
CA VAL L 8 -9.35 2.37 1.45
C VAL L 8 -9.04 1.04 2.12
N TYR L 9 -9.97 0.53 2.94
CA TYR L 9 -9.72 -0.71 3.66
C TYR L 9 -10.18 -1.93 2.88
N LEU L 10 -11.25 -1.81 2.10
CA LEU L 10 -11.74 -2.93 1.31
C LEU L 10 -10.88 -3.18 0.06
N SER L 11 -10.08 -2.20 -0.36
CA SER L 11 -9.20 -2.41 -1.52
C SER L 11 -8.06 -3.35 -1.18
N LEU L 12 -7.61 -3.35 0.07
CA LEU L 12 -6.57 -4.29 0.48
C LEU L 12 -7.10 -5.72 0.53
N VAL L 13 -8.37 -5.89 0.88
CA VAL L 13 -8.97 -7.22 0.89
C VAL L 13 -9.23 -7.68 -0.54
N ASN L 14 -9.65 -6.76 -1.41
CA ASN L 14 -9.95 -7.10 -2.80
C ASN L 14 -8.69 -7.45 -3.57
N SER L 15 -7.58 -6.77 -3.28
CA SER L 15 -6.35 -6.99 -4.03
C SER L 15 -5.58 -8.21 -3.56
N TYR L 16 -5.98 -8.84 -2.46
CA TYR L 16 -5.25 -9.98 -1.93
C TYR L 16 -6.01 -11.29 -1.99
N ILE L 17 -7.31 -11.31 -1.69
CA ILE L 17 -8.05 -12.57 -1.62
C ILE L 17 -9.26 -12.62 -2.54
N ILE L 18 -9.49 -11.62 -3.38
CA ILE L 18 -10.65 -11.66 -4.25
C ILE L 18 -10.24 -11.60 -5.72
N ASP L 19 -9.53 -10.54 -6.11
CA ASP L 19 -9.20 -10.29 -7.50
C ASP L 19 -7.75 -10.60 -7.85
N SER L 20 -7.04 -11.28 -6.96
CA SER L 20 -5.61 -11.55 -7.14
C SER L 20 -5.39 -12.55 -8.27
N PRO L 21 -4.59 -12.22 -9.29
CA PRO L 21 -4.39 -13.13 -10.43
C PRO L 21 -3.45 -14.28 -10.07
N GLN L 22 -3.93 -15.50 -10.22
CA GLN L 22 -3.20 -16.70 -9.85
C GLN L 22 -2.87 -17.53 -11.08
N PRO L 23 -1.75 -18.26 -11.08
CA PRO L 23 -1.48 -19.19 -12.18
C PRO L 23 -2.47 -20.33 -12.19
N SER L 24 -2.83 -20.79 -13.39
CA SER L 24 -3.92 -21.75 -13.53
C SER L 24 -3.54 -23.14 -13.07
N SER L 25 -2.25 -23.48 -13.07
CA SER L 25 -1.82 -24.86 -12.96
C SER L 25 -1.16 -25.19 -11.62
N ILE L 26 -1.36 -24.37 -10.59
CA ILE L 26 -0.78 -24.68 -9.29
C ILE L 26 -1.56 -25.81 -8.63
N ASN L 27 -0.85 -26.70 -7.94
CA ASN L 27 -1.45 -27.89 -7.35
C ASN L 27 -1.67 -27.69 -5.84
N TYR L 28 -1.99 -28.79 -5.15
CA TYR L 28 -2.33 -28.74 -3.73
C TYR L 28 -1.15 -28.46 -2.81
N TRP L 29 0.08 -28.46 -3.32
CA TRP L 29 1.23 -28.03 -2.52
C TRP L 29 1.22 -26.53 -2.27
N TRP L 30 0.50 -25.77 -3.07
CA TRP L 30 0.36 -24.32 -2.91
C TRP L 30 -0.72 -23.94 -1.91
N ASN L 31 -1.23 -24.89 -1.18
CA ASN L 31 -2.28 -24.65 -0.17
C ASN L 31 -1.70 -24.65 1.24
N MET L 32 -0.39 -24.81 1.41
CA MET L 32 0.20 -24.90 2.74
C MET L 32 0.37 -23.54 3.40
N GLY L 33 0.48 -22.47 2.62
CA GLY L 33 0.63 -21.15 3.22
C GLY L 33 -0.68 -20.64 3.81
N SER L 34 -1.81 -21.11 3.28
CA SER L 34 -3.10 -20.76 3.84
C SER L 34 -3.35 -21.50 5.15
N LEU L 35 -2.82 -22.73 5.27
CA LEU L 35 -2.98 -23.49 6.50
C LEU L 35 -2.12 -22.93 7.62
N LEU L 36 -1.01 -22.26 7.29
CA LEU L 36 -0.14 -21.72 8.32
C LEU L 36 -0.75 -20.48 8.96
N GLY L 37 -1.60 -19.76 8.22
CA GLY L 37 -2.28 -18.62 8.81
C GLY L 37 -3.41 -19.06 9.72
N LEU L 38 -4.00 -20.22 9.46
CA LEU L 38 -5.01 -20.77 10.35
C LEU L 38 -4.37 -21.32 11.63
N CYS L 39 -3.17 -21.88 11.51
CA CYS L 39 -2.46 -22.41 12.67
C CYS L 39 -2.07 -21.31 13.64
N LEU L 40 -1.70 -20.13 13.11
CA LEU L 40 -1.27 -19.03 13.97
C LEU L 40 -2.46 -18.42 14.71
N VAL L 41 -3.65 -18.49 14.12
CA VAL L 41 -4.85 -17.96 14.77
C VAL L 41 -5.29 -18.89 15.91
N ILE L 42 -5.17 -20.19 15.71
CA ILE L 42 -5.55 -21.18 16.73
C ILE L 42 -4.63 -21.07 17.95
N GLN L 43 -3.34 -20.82 17.71
CA GLN L 43 -2.39 -20.74 18.82
C GLN L 43 -2.57 -19.46 19.63
N ILE L 44 -2.94 -18.37 18.98
CA ILE L 44 -3.09 -17.11 19.71
C ILE L 44 -4.40 -17.11 20.52
N VAL L 45 -5.45 -17.70 19.96
CA VAL L 45 -6.76 -17.67 20.61
C VAL L 45 -6.81 -18.65 21.79
N THR L 46 -6.27 -19.86 21.60
CA THR L 46 -6.29 -20.84 22.69
C THR L 46 -5.30 -20.47 23.79
N GLY L 47 -4.30 -19.66 23.48
CA GLY L 47 -3.32 -19.29 24.49
C GLY L 47 -3.76 -18.13 25.35
N ILE L 48 -4.58 -17.23 24.80
CA ILE L 48 -5.09 -16.10 25.56
C ILE L 48 -6.13 -16.56 26.58
N PHE L 49 -6.97 -17.52 26.19
CA PHE L 49 -7.98 -18.04 27.10
C PHE L 49 -7.38 -18.92 28.18
N MET L 50 -6.23 -19.55 27.91
CA MET L 50 -5.55 -20.31 28.95
C MET L 50 -4.76 -19.42 29.89
N ALA L 51 -4.35 -18.24 29.43
CA ALA L 51 -3.55 -17.33 30.23
C ALA L 51 -4.35 -16.62 31.32
N MET L 52 -5.68 -16.72 31.30
CA MET L 52 -6.50 -16.18 32.36
C MET L 52 -6.52 -17.05 33.61
N HIS L 53 -5.95 -18.26 33.54
CA HIS L 53 -5.95 -19.19 34.66
C HIS L 53 -4.56 -19.65 35.05
N TYR L 54 -3.51 -19.04 34.51
CA TYR L 54 -2.14 -19.53 34.67
C TYR L 54 -1.36 -18.66 35.65
N SER L 55 -0.54 -19.31 36.48
CA SER L 55 0.36 -18.65 37.41
C SER L 55 1.79 -19.05 37.09
N SER L 56 2.69 -18.09 36.99
CA SER L 56 4.04 -18.33 36.50
C SER L 56 5.10 -18.41 37.60
N ASN L 57 4.70 -18.49 38.87
CA ASN L 57 5.68 -18.68 39.94
C ASN L 57 6.22 -20.10 39.91
N ILE L 58 7.39 -20.28 40.53
CA ILE L 58 8.09 -21.56 40.45
C ILE L 58 7.39 -22.63 41.28
N GLU L 59 6.64 -22.25 42.31
CA GLU L 59 5.89 -23.24 43.08
C GLU L 59 4.43 -23.27 42.72
N LEU L 60 3.99 -22.51 41.71
CA LEU L 60 2.60 -22.51 41.30
C LEU L 60 2.40 -22.86 39.84
N ALA L 61 3.46 -23.06 39.06
CA ALA L 61 3.33 -23.21 37.62
C ALA L 61 2.80 -24.59 37.23
N PHE L 62 3.31 -25.65 37.83
CA PHE L 62 2.88 -27.00 37.50
C PHE L 62 1.44 -27.25 37.96
N SER L 63 1.07 -26.71 39.12
CA SER L 63 -0.26 -26.97 39.66
C SER L 63 -1.34 -26.13 39.00
N SER L 64 -0.97 -25.04 38.31
CA SER L 64 -1.98 -24.27 37.61
C SER L 64 -2.31 -24.86 36.24
N VAL L 65 -1.39 -25.63 35.66
CA VAL L 65 -1.71 -26.39 34.46
C VAL L 65 -2.61 -27.57 34.81
N GLU L 66 -2.42 -28.15 35.99
CA GLU L 66 -3.33 -29.20 36.46
C GLU L 66 -4.69 -28.62 36.85
N HIS L 67 -4.72 -27.35 37.25
CA HIS L 67 -5.98 -26.70 37.57
C HIS L 67 -6.80 -26.43 36.31
N ILE L 68 -6.12 -26.16 35.20
CA ILE L 68 -6.80 -25.96 33.92
C ILE L 68 -7.41 -27.28 33.43
N MET L 69 -6.70 -28.39 33.64
CA MET L 69 -7.15 -29.68 33.14
C MET L 69 -8.31 -30.25 33.94
N ARG L 70 -8.49 -29.83 35.18
CA ARG L 70 -9.48 -30.42 36.07
C ARG L 70 -10.66 -29.51 36.41
N ASP L 71 -10.41 -28.21 36.63
CA ASP L 71 -11.43 -27.32 37.19
C ASP L 71 -12.08 -26.42 36.15
N VAL L 72 -11.33 -25.96 35.16
CA VAL L 72 -11.87 -25.07 34.14
C VAL L 72 -12.79 -25.85 33.21
N HIS L 73 -13.97 -25.29 32.92
CA HIS L 73 -14.91 -25.92 32.01
C HIS L 73 -14.34 -25.94 30.60
N ASN L 74 -14.29 -27.13 30.01
CA ASN L 74 -13.65 -27.42 28.72
C ASN L 74 -12.17 -27.02 28.71
N GLY L 75 -11.50 -27.11 29.87
CA GLY L 75 -10.12 -26.71 29.95
C GLY L 75 -9.16 -27.73 29.38
N TYR L 76 -9.55 -29.01 29.39
CA TYR L 76 -8.75 -30.03 28.74
C TYR L 76 -8.80 -29.89 27.21
N ILE L 77 -9.88 -29.30 26.68
CA ILE L 77 -9.94 -29.05 25.24
C ILE L 77 -9.00 -27.91 24.87
N LEU L 78 -8.87 -26.90 25.75
CA LEU L 78 -7.98 -25.77 25.47
C LEU L 78 -6.52 -26.19 25.46
N ARG L 79 -6.13 -27.08 26.37
CA ARG L 79 -4.71 -27.45 26.46
C ARG L 79 -4.32 -28.43 25.36
N TYR L 80 -5.16 -29.43 25.10
CA TYR L 80 -4.83 -30.44 24.09
C TYR L 80 -4.83 -29.86 22.69
N LEU L 81 -5.69 -28.88 22.43
CA LEU L 81 -5.66 -28.18 21.15
C LEU L 81 -4.42 -27.32 21.03
N HIS L 82 -3.91 -26.85 22.16
CA HIS L 82 -2.74 -25.99 22.15
C HIS L 82 -1.45 -26.79 22.04
N ALA L 83 -1.38 -27.93 22.73
CA ALA L 83 -0.17 -28.74 22.70
C ALA L 83 -0.03 -29.54 21.41
N ASN L 84 -1.14 -30.04 20.87
CA ASN L 84 -1.09 -30.75 19.60
C ASN L 84 -1.09 -29.81 18.41
N GLY L 85 -1.63 -28.60 18.58
CA GLY L 85 -1.59 -27.61 17.53
C GLY L 85 -0.22 -27.05 17.25
N ALA L 86 0.70 -27.17 18.20
CA ALA L 86 2.07 -26.75 17.96
C ALA L 86 2.83 -27.77 17.11
N SER L 87 2.50 -29.05 17.24
CA SER L 87 3.13 -30.05 16.38
C SER L 87 2.59 -30.00 14.96
N PHE L 88 1.33 -29.59 14.81
CA PHE L 88 0.76 -29.44 13.48
C PHE L 88 1.25 -28.17 12.80
N PHE L 89 1.66 -27.17 13.59
CA PHE L 89 2.23 -25.95 13.04
C PHE L 89 3.60 -26.20 12.45
N PHE L 90 4.35 -27.13 13.03
CA PHE L 90 5.70 -27.41 12.53
C PHE L 90 5.70 -28.39 11.37
N MET L 91 4.68 -29.25 11.28
CA MET L 91 4.62 -30.22 10.19
C MET L 91 4.23 -29.55 8.88
N VAL L 92 3.33 -28.56 8.94
CA VAL L 92 2.94 -27.83 7.75
C VAL L 92 4.05 -26.86 7.33
N MET L 93 4.83 -26.36 8.28
CA MET L 93 5.93 -25.46 7.93
C MET L 93 7.09 -26.21 7.28
N PHE L 94 7.31 -27.46 7.67
CA PHE L 94 8.33 -28.28 7.00
C PHE L 94 7.92 -28.60 5.56
N MET L 95 6.62 -28.81 5.33
CA MET L 95 6.14 -29.10 3.99
C MET L 95 6.12 -27.85 3.12
N HIS L 96 5.93 -26.69 3.75
CA HIS L 96 5.93 -25.42 3.02
C HIS L 96 7.33 -25.05 2.56
N MET L 97 8.34 -25.32 3.40
CA MET L 97 9.73 -25.02 3.03
C MET L 97 10.26 -26.00 2.00
N ALA L 98 9.81 -27.25 2.05
CA ALA L 98 10.29 -28.25 1.10
C ALA L 98 9.66 -28.08 -0.27
N LYS L 99 8.49 -27.45 -0.34
CA LYS L 99 7.90 -27.09 -1.63
C LYS L 99 8.75 -26.03 -2.33
N GLY L 100 9.30 -25.09 -1.56
CA GLY L 100 10.14 -24.07 -2.16
C GLY L 100 11.50 -24.58 -2.60
N LEU L 101 11.98 -25.64 -1.95
CA LEU L 101 13.23 -26.27 -2.37
C LEU L 101 13.05 -27.01 -3.68
N TYR L 102 11.91 -27.69 -3.85
CA TYR L 102 11.70 -28.52 -5.03
C TYR L 102 11.40 -27.69 -6.28
N TYR L 103 10.65 -26.59 -6.13
CA TYR L 103 10.19 -25.84 -7.27
C TYR L 103 11.01 -24.59 -7.54
N GLY L 104 12.10 -24.38 -6.80
CA GLY L 104 12.97 -23.25 -7.05
C GLY L 104 12.39 -21.91 -6.67
N SER L 105 11.58 -21.86 -5.60
CA SER L 105 10.90 -20.64 -5.21
C SER L 105 11.84 -19.61 -4.59
N TYR L 106 13.03 -20.03 -4.17
CA TYR L 106 14.02 -19.14 -3.58
C TYR L 106 14.69 -18.23 -4.60
N ARG L 107 14.59 -18.57 -5.88
CA ARG L 107 15.36 -17.91 -6.92
C ARG L 107 14.85 -16.50 -7.18
N SER L 108 15.67 -15.73 -7.89
CA SER L 108 15.31 -14.38 -8.28
C SER L 108 14.13 -14.42 -9.25
N PRO L 109 13.15 -13.51 -9.11
CA PRO L 109 13.07 -12.30 -8.29
C PRO L 109 12.46 -12.44 -6.90
N ARG L 110 12.48 -13.63 -6.30
CA ARG L 110 11.81 -13.88 -5.03
C ARG L 110 12.81 -14.18 -3.92
N VAL L 111 13.92 -13.45 -3.89
CA VAL L 111 14.95 -13.66 -2.88
C VAL L 111 14.58 -13.01 -1.56
N THR L 112 13.97 -11.82 -1.62
CA THR L 112 13.52 -11.13 -0.42
C THR L 112 12.38 -11.88 0.27
N LEU L 113 11.56 -12.58 -0.52
CA LEU L 113 10.49 -13.40 0.03
C LEU L 113 11.05 -14.62 0.75
N TRP L 114 12.18 -15.14 0.28
CA TRP L 114 12.80 -16.28 0.92
C TRP L 114 13.52 -15.88 2.20
N ASN L 115 14.11 -14.69 2.23
CA ASN L 115 14.88 -14.26 3.38
C ASN L 115 14.01 -13.90 4.58
N VAL L 116 12.81 -13.37 4.33
CA VAL L 116 11.89 -13.05 5.42
C VAL L 116 11.31 -14.33 6.01
N GLY L 117 11.16 -15.38 5.20
CA GLY L 117 10.66 -16.64 5.71
C GLY L 117 11.65 -17.37 6.60
N VAL L 118 12.94 -17.10 6.43
CA VAL L 118 13.95 -17.70 7.30
C VAL L 118 13.89 -17.06 8.68
N ILE L 119 13.58 -15.76 8.75
CA ILE L 119 13.44 -15.07 10.03
C ILE L 119 12.22 -15.58 10.79
N ILE L 120 11.14 -15.90 10.07
CA ILE L 120 9.93 -16.45 10.69
C ILE L 120 10.19 -17.81 11.31
N PHE L 121 11.06 -18.60 10.67
CA PHE L 121 11.35 -19.95 11.16
C PHE L 121 12.16 -19.92 12.44
N ILE L 122 13.05 -18.93 12.60
CA ILE L 122 13.86 -18.82 13.79
C ILE L 122 13.02 -18.35 14.98
N LEU L 123 12.08 -17.44 14.72
CA LEU L 123 11.23 -16.93 15.78
C LEU L 123 10.20 -17.95 16.25
N THR L 124 9.89 -18.94 15.42
CA THR L 124 8.93 -19.96 15.79
C THR L 124 9.58 -21.03 16.66
N ILE L 125 10.85 -21.33 16.40
CA ILE L 125 11.61 -22.26 17.23
C ILE L 125 11.81 -21.67 18.63
N ALA L 126 12.03 -20.36 18.71
CA ALA L 126 12.22 -19.71 20.00
C ALA L 126 10.92 -19.65 20.80
N THR L 127 9.79 -19.51 20.11
CA THR L 127 8.50 -19.44 20.78
C THR L 127 8.13 -20.77 21.42
N ALA L 128 8.37 -21.87 20.72
CA ALA L 128 7.99 -23.19 21.25
C ALA L 128 8.90 -23.61 22.39
N PHE L 129 10.13 -23.09 22.43
CA PHE L 129 11.03 -23.38 23.54
C PHE L 129 10.57 -22.66 24.81
N LEU L 130 10.12 -21.42 24.67
CA LEU L 130 9.76 -20.61 25.83
C LEU L 130 8.47 -21.10 26.48
N GLY L 131 7.54 -21.62 25.67
CA GLY L 131 6.29 -22.09 26.22
C GLY L 131 6.39 -23.46 26.84
N TYR L 132 7.35 -24.25 26.37
CA TYR L 132 7.56 -25.58 26.93
C TYR L 132 8.16 -25.50 28.33
N CYS L 133 8.96 -24.47 28.60
CA CYS L 133 9.52 -24.27 29.93
C CYS L 133 8.52 -23.73 30.93
N CYS L 134 7.36 -23.25 30.48
CA CYS L 134 6.34 -22.69 31.36
C CYS L 134 5.49 -23.75 32.04
N VAL L 135 5.55 -25.00 31.58
CA VAL L 135 4.87 -26.09 32.26
C VAL L 135 5.59 -26.42 33.57
N TYR L 136 6.92 -26.31 33.56
CA TYR L 136 7.84 -26.71 34.63
C TYR L 136 7.61 -28.16 35.06
N GLY L 137 7.65 -29.06 34.09
CA GLY L 137 7.77 -30.48 34.35
C GLY L 137 9.22 -30.86 34.53
N GLN L 138 9.46 -32.17 34.55
CA GLN L 138 10.82 -32.64 34.69
C GLN L 138 11.59 -32.51 33.38
N MET L 139 10.90 -32.58 32.25
CA MET L 139 11.55 -32.32 30.96
C MET L 139 11.76 -30.83 30.71
N SER L 140 10.97 -29.98 31.37
CA SER L 140 11.09 -28.54 31.14
C SER L 140 12.29 -27.96 31.86
N HIS L 141 12.62 -28.50 33.03
CA HIS L 141 13.73 -27.97 33.81
C HIS L 141 15.07 -28.35 33.20
N TRP L 142 15.21 -29.59 32.76
CA TRP L 142 16.49 -30.06 32.26
C TRP L 142 16.70 -29.72 30.80
N GLY L 143 15.64 -29.38 30.07
CA GLY L 143 15.80 -28.86 28.73
C GLY L 143 16.21 -27.40 28.71
N ALA L 144 15.78 -26.63 29.72
CA ALA L 144 16.22 -25.24 29.83
C ALA L 144 17.63 -25.16 30.39
N THR L 145 18.05 -26.17 31.16
CA THR L 145 19.39 -26.18 31.73
C THR L 145 20.44 -26.48 30.65
N VAL L 146 20.10 -27.35 29.71
CA VAL L 146 21.05 -27.74 28.66
C VAL L 146 21.25 -26.61 27.67
N ILE L 147 20.18 -25.91 27.30
CA ILE L 147 20.25 -24.89 26.27
C ILE L 147 20.92 -23.62 26.79
N THR L 148 20.62 -23.22 28.03
CA THR L 148 21.18 -21.98 28.56
C THR L 148 22.64 -22.11 28.93
N ASN L 149 23.11 -23.32 29.25
CA ASN L 149 24.54 -23.52 29.51
C ASN L 149 25.39 -23.53 28.26
N LEU L 150 24.78 -23.51 27.06
CA LEU L 150 25.56 -23.48 25.84
C LEU L 150 26.23 -22.13 25.62
N PHE L 151 25.66 -21.06 26.16
CA PHE L 151 26.17 -19.72 25.96
C PHE L 151 27.31 -19.35 26.91
N SER L 152 27.74 -20.27 27.77
CA SER L 152 28.89 -20.03 28.63
C SER L 152 30.21 -20.34 27.95
N ALA L 153 30.18 -20.79 26.70
CA ALA L 153 31.38 -21.10 25.95
C ALA L 153 31.84 -19.96 25.05
N ILE L 154 31.06 -18.89 24.94
CA ILE L 154 31.45 -17.72 24.16
C ILE L 154 32.60 -17.02 24.88
N PRO L 155 33.69 -16.67 24.20
CA PRO L 155 34.87 -16.15 24.90
C PRO L 155 34.67 -14.73 25.43
N PHE L 156 35.04 -14.55 26.70
CA PHE L 156 35.08 -13.32 27.49
C PHE L 156 33.72 -12.77 27.89
N VAL L 157 32.63 -13.30 27.32
CA VAL L 157 31.29 -12.85 27.68
C VAL L 157 30.39 -14.05 27.88
N GLY L 158 30.98 -15.19 28.24
CA GLY L 158 30.19 -16.38 28.46
C GLY L 158 29.42 -16.34 29.76
N ASN L 159 30.10 -16.04 30.86
CA ASN L 159 29.49 -16.08 32.17
C ASN L 159 28.61 -14.86 32.46
N ASP L 160 28.67 -13.83 31.62
CA ASP L 160 27.82 -12.66 31.81
C ASP L 160 26.50 -12.77 31.07
N ILE L 161 26.48 -13.49 29.95
CA ILE L 161 25.23 -13.68 29.23
C ILE L 161 24.34 -14.69 29.95
N VAL L 162 24.94 -15.74 30.51
CA VAL L 162 24.16 -16.81 31.11
C VAL L 162 23.57 -16.38 32.47
N SER L 163 24.27 -15.51 33.19
CA SER L 163 23.73 -15.02 34.45
C SER L 163 22.65 -13.98 34.23
N TRP L 164 22.74 -13.23 33.13
CA TRP L 164 21.70 -12.29 32.76
C TRP L 164 20.49 -12.99 32.16
N LEU L 165 20.67 -14.19 31.62
CA LEU L 165 19.57 -14.96 31.06
C LEU L 165 18.83 -15.74 32.14
N TRP L 166 19.49 -16.02 33.25
CA TRP L 166 18.88 -16.72 34.38
C TRP L 166 18.22 -15.78 35.38
N GLY L 167 18.76 -14.58 35.55
CA GLY L 167 18.36 -13.74 36.66
C GLY L 167 18.88 -14.20 38.00
N GLY L 168 19.91 -15.03 38.01
CA GLY L 168 20.43 -15.62 39.22
C GLY L 168 21.58 -16.57 38.95
N PHE L 169 21.62 -17.69 39.65
CA PHE L 169 22.72 -18.63 39.54
C PHE L 169 22.33 -19.95 38.88
N SER L 170 21.06 -20.17 38.63
CA SER L 170 20.57 -21.39 37.97
C SER L 170 19.21 -21.07 37.40
N VAL L 171 18.55 -22.10 36.87
CA VAL L 171 17.15 -21.98 36.44
C VAL L 171 16.28 -21.96 37.69
N SER L 172 15.63 -20.82 37.94
CA SER L 172 14.98 -20.56 39.21
C SER L 172 13.66 -19.85 38.94
N ASN L 173 13.10 -19.24 39.99
CA ASN L 173 11.89 -18.42 39.86
C ASN L 173 12.02 -17.23 38.91
N PRO L 174 13.12 -16.45 38.85
CA PRO L 174 13.15 -15.37 37.84
C PRO L 174 13.25 -15.86 36.42
N THR L 175 13.71 -17.10 36.19
CA THR L 175 13.84 -17.61 34.84
C THR L 175 12.47 -17.93 34.24
N ILE L 176 11.57 -18.48 35.05
CA ILE L 176 10.26 -18.90 34.55
C ILE L 176 9.34 -17.70 34.40
N GLN L 177 9.45 -16.72 35.29
CA GLN L 177 8.60 -15.55 35.22
C GLN L 177 8.94 -14.66 34.03
N ARG L 178 10.20 -14.65 33.59
CA ARG L 178 10.57 -13.89 32.41
C ARG L 178 10.40 -14.68 31.12
N PHE L 179 10.35 -16.01 31.20
CA PHE L 179 10.11 -16.82 30.02
C PHE L 179 8.65 -16.77 29.60
N PHE L 180 7.74 -16.56 30.56
CA PHE L 180 6.33 -16.47 30.22
C PHE L 180 5.99 -15.11 29.62
N ALA L 181 6.63 -14.04 30.08
CA ALA L 181 6.37 -12.72 29.52
C ALA L 181 6.92 -12.58 28.12
N LEU L 182 8.02 -13.27 27.81
CA LEU L 182 8.56 -13.27 26.47
C LEU L 182 7.80 -14.19 25.54
N HIS L 183 7.10 -15.17 26.10
CA HIS L 183 6.28 -16.06 25.31
C HIS L 183 4.99 -15.42 24.86
N TYR L 184 4.49 -14.44 25.59
CA TYR L 184 3.30 -13.71 25.20
C TYR L 184 3.59 -12.76 24.03
N LEU L 185 4.83 -12.32 23.86
CA LEU L 185 5.17 -11.20 22.98
C LEU L 185 5.61 -11.63 21.58
N VAL L 186 6.43 -12.66 21.49
CA VAL L 186 7.02 -13.13 20.21
C VAL L 186 5.98 -13.62 19.20
N PRO L 187 4.84 -14.24 19.58
CA PRO L 187 3.77 -14.45 18.57
C PRO L 187 3.21 -13.19 17.92
N PHE L 188 3.29 -12.02 18.57
CA PHE L 188 2.88 -10.79 17.93
C PHE L 188 3.96 -10.20 17.03
N ILE L 189 5.21 -10.59 17.22
CA ILE L 189 6.27 -10.21 16.30
C ILE L 189 6.24 -11.10 15.06
N ILE L 190 5.82 -12.36 15.22
CA ILE L 190 5.64 -13.26 14.08
C ILE L 190 4.50 -12.78 13.20
N ALA L 191 3.44 -12.24 13.81
CA ALA L 191 2.31 -11.73 13.04
C ALA L 191 2.66 -10.48 12.24
N ALA L 192 3.64 -9.70 12.71
CA ALA L 192 4.09 -8.54 11.95
C ALA L 192 5.03 -8.93 10.81
N MET L 193 5.77 -10.02 10.96
CA MET L 193 6.62 -10.51 9.88
C MET L 193 5.84 -11.27 8.82
N VAL L 194 4.65 -11.76 9.15
CA VAL L 194 3.80 -12.42 8.16
C VAL L 194 3.21 -11.38 7.22
N ILE L 195 2.94 -10.18 7.71
CA ILE L 195 2.44 -9.10 6.87
C ILE L 195 3.53 -8.62 5.91
N MET L 196 4.76 -8.50 6.39
CA MET L 196 5.90 -8.19 5.52
C MET L 196 6.20 -9.32 4.55
N HIS L 197 5.82 -10.55 4.88
CA HIS L 197 5.97 -11.67 3.98
C HIS L 197 4.98 -11.59 2.81
N LEU L 198 3.76 -11.14 3.09
CA LEU L 198 2.74 -11.06 2.06
C LEU L 198 2.91 -9.84 1.18
N MET L 199 3.62 -8.81 1.65
CA MET L 199 3.88 -7.65 0.82
C MET L 199 4.90 -7.94 -0.25
N ALA L 200 5.88 -8.80 0.05
CA ALA L 200 6.88 -9.18 -0.94
C ALA L 200 6.32 -10.18 -1.94
N LEU L 201 5.29 -10.95 -1.55
CA LEU L 201 4.64 -11.87 -2.47
C LEU L 201 3.80 -11.14 -3.49
N HIS L 202 3.26 -9.97 -3.13
CA HIS L 202 2.28 -9.30 -3.97
C HIS L 202 2.90 -8.66 -5.20
N ILE L 203 4.18 -8.30 -5.16
CA ILE L 203 4.76 -7.57 -6.27
C ILE L 203 5.15 -8.47 -7.43
N HIS L 204 5.37 -9.77 -7.20
CA HIS L 204 5.72 -10.68 -8.27
C HIS L 204 4.76 -11.84 -8.45
N GLY L 205 3.93 -12.14 -7.46
CA GLY L 205 3.02 -13.26 -7.55
C GLY L 205 3.66 -14.59 -7.21
N SER L 206 2.91 -15.64 -7.47
CA SER L 206 3.35 -17.00 -7.19
C SER L 206 4.05 -17.60 -8.40
N SER L 207 4.79 -18.68 -8.15
CA SER L 207 5.35 -19.51 -9.20
C SER L 207 4.35 -20.61 -9.55
N ASN L 208 4.75 -21.50 -10.45
CA ASN L 208 3.90 -22.59 -10.91
C ASN L 208 4.78 -23.83 -11.03
N PRO L 209 4.19 -25.03 -11.02
CA PRO L 209 5.02 -26.25 -11.07
C PRO L 209 5.75 -26.51 -12.38
N LEU L 210 5.58 -25.70 -13.42
CA LEU L 210 6.36 -25.88 -14.64
C LEU L 210 7.63 -25.04 -14.65
N GLY L 211 7.72 -24.01 -13.81
CA GLY L 211 8.91 -23.18 -13.73
C GLY L 211 9.01 -22.11 -14.78
N ILE L 212 7.97 -21.91 -15.59
CA ILE L 212 7.99 -20.93 -16.67
C ILE L 212 7.02 -19.83 -16.33
N THR L 213 6.87 -18.85 -17.22
CA THR L 213 6.06 -17.67 -16.92
C THR L 213 4.59 -18.01 -16.85
N GLY L 214 3.87 -17.29 -16.00
CA GLY L 214 2.45 -17.47 -15.82
C GLY L 214 1.60 -16.30 -16.25
N ASN L 215 2.16 -15.32 -16.94
CA ASN L 215 1.45 -14.11 -17.34
C ASN L 215 0.54 -14.32 -18.55
N LEU L 216 0.47 -15.52 -19.10
CA LEU L 216 -0.34 -15.81 -20.27
C LEU L 216 -1.69 -16.41 -19.94
N ASP L 217 -1.90 -16.90 -18.72
CA ASP L 217 -3.11 -17.62 -18.37
C ASP L 217 -3.31 -17.50 -16.86
N ARG L 218 -4.20 -16.60 -16.44
CA ARG L 218 -4.49 -16.35 -15.04
C ARG L 218 -5.97 -16.49 -14.77
N ILE L 219 -6.32 -16.87 -13.55
CA ILE L 219 -7.69 -16.88 -13.07
C ILE L 219 -7.74 -16.17 -11.73
N PRO L 220 -8.83 -15.52 -11.36
CA PRO L 220 -8.87 -14.79 -10.08
C PRO L 220 -8.98 -15.73 -8.89
N MET L 221 -8.74 -15.15 -7.71
CA MET L 221 -8.69 -15.94 -6.49
C MET L 221 -10.07 -16.39 -6.04
N HIS L 222 -11.08 -15.53 -6.15
CA HIS L 222 -12.39 -15.83 -5.59
C HIS L 222 -13.15 -16.81 -6.46
N SER L 223 -13.66 -17.87 -5.82
CA SER L 223 -14.47 -19.01 -6.24
C SER L 223 -13.68 -20.11 -6.93
N TYR L 224 -12.37 -19.99 -7.08
CA TYR L 224 -11.58 -21.15 -7.47
C TYR L 224 -10.66 -21.61 -6.36
N PHE L 225 -9.85 -20.70 -5.85
CA PHE L 225 -8.91 -21.04 -4.80
C PHE L 225 -9.44 -20.70 -3.43
N ILE L 226 -10.61 -20.06 -3.35
CA ILE L 226 -11.31 -19.96 -2.08
C ILE L 226 -11.94 -21.31 -1.72
N PHE L 227 -12.53 -21.98 -2.72
CA PHE L 227 -13.16 -23.27 -2.51
C PHE L 227 -12.19 -24.43 -2.63
N LYS L 228 -11.02 -24.23 -3.23
CA LYS L 228 -9.95 -25.21 -3.13
C LYS L 228 -9.21 -25.12 -1.81
N ASP L 229 -9.21 -23.95 -1.16
CA ASP L 229 -8.66 -23.82 0.18
C ASP L 229 -9.53 -24.51 1.21
N LEU L 230 -10.84 -24.61 0.96
CA LEU L 230 -11.75 -25.20 1.93
C LEU L 230 -11.56 -26.71 2.05
N VAL L 231 -11.02 -27.34 1.01
CA VAL L 231 -10.84 -28.80 1.03
C VAL L 231 -9.74 -29.17 2.01
N THR L 232 -8.64 -28.43 2.01
CA THR L 232 -7.54 -28.76 2.90
C THR L 232 -7.75 -28.19 4.31
N VAL L 233 -8.66 -27.23 4.47
CA VAL L 233 -8.98 -26.73 5.81
C VAL L 233 -9.81 -27.75 6.58
N PHE L 234 -10.74 -28.42 5.90
CA PHE L 234 -11.58 -29.40 6.57
C PHE L 234 -10.84 -30.71 6.81
N LEU L 235 -9.82 -31.01 5.99
CA LEU L 235 -9.01 -32.19 6.23
C LEU L 235 -8.02 -31.93 7.36
N PHE L 236 -7.58 -30.69 7.51
CA PHE L 236 -6.67 -30.33 8.60
C PHE L 236 -7.38 -30.41 9.95
N MET L 237 -8.62 -29.94 10.01
CA MET L 237 -9.37 -29.94 11.28
C MET L 237 -9.78 -31.35 11.67
N LEU L 238 -9.95 -32.24 10.69
CA LEU L 238 -10.40 -33.59 10.98
C LEU L 238 -9.27 -34.45 11.55
N ILE L 239 -8.06 -34.29 11.02
CA ILE L 239 -6.92 -35.04 11.55
C ILE L 239 -6.50 -34.47 12.89
N LEU L 240 -6.65 -33.16 13.11
CA LEU L 240 -6.31 -32.56 14.38
C LEU L 240 -7.30 -32.95 15.47
N ALA L 241 -8.58 -33.13 15.11
CA ALA L 241 -9.58 -33.52 16.09
C ALA L 241 -9.43 -34.98 16.50
N LEU L 242 -8.85 -35.80 15.61
CA LEU L 242 -8.60 -37.19 15.97
C LEU L 242 -7.45 -37.33 16.96
N PHE L 243 -6.54 -36.35 16.97
CA PHE L 243 -5.46 -36.37 17.95
C PHE L 243 -5.89 -35.73 19.26
N VAL L 244 -6.73 -34.70 19.21
CA VAL L 244 -7.12 -34.00 20.43
C VAL L 244 -8.09 -34.83 21.27
N PHE L 245 -8.99 -35.57 20.64
CA PHE L 245 -10.04 -36.27 21.37
C PHE L 245 -9.78 -37.76 21.57
N TYR L 246 -8.94 -38.39 20.74
CA TYR L 246 -8.78 -39.83 20.80
C TYR L 246 -7.37 -40.28 21.15
N SER L 247 -6.36 -39.45 20.99
CA SER L 247 -5.01 -39.81 21.38
C SER L 247 -4.23 -38.58 21.81
N PRO L 248 -4.56 -37.94 22.93
CA PRO L 248 -4.03 -36.61 23.21
C PRO L 248 -2.62 -36.56 23.76
N ASN L 249 -1.98 -37.70 24.03
CA ASN L 249 -0.65 -37.69 24.65
C ASN L 249 0.36 -38.50 23.86
N THR L 250 0.12 -38.72 22.58
CA THR L 250 1.05 -39.51 21.76
C THR L 250 2.30 -38.72 21.41
N LEU L 251 2.16 -37.42 21.15
CA LEU L 251 3.27 -36.58 20.71
C LEU L 251 3.97 -35.87 21.87
N GLY L 252 3.95 -36.46 23.06
CA GLY L 252 4.60 -35.87 24.22
C GLY L 252 5.44 -36.90 24.96
N HIS L 253 6.08 -36.43 26.04
CA HIS L 253 6.90 -37.26 26.89
C HIS L 253 6.22 -37.49 28.24
N PRO L 254 6.26 -38.72 28.77
CA PRO L 254 5.63 -38.96 30.08
C PRO L 254 6.33 -38.30 31.25
N ASP L 255 7.61 -37.97 31.12
CA ASP L 255 8.35 -37.33 32.20
C ASP L 255 7.94 -35.89 32.44
N ASN L 256 7.13 -35.30 31.58
CA ASN L 256 6.70 -33.93 31.78
C ASN L 256 5.45 -33.86 32.65
N TYR L 257 4.96 -35.00 33.13
CA TYR L 257 3.91 -35.07 34.15
C TYR L 257 4.49 -35.32 35.54
N ILE L 258 5.80 -35.20 35.69
CA ILE L 258 6.47 -35.19 36.98
C ILE L 258 6.90 -33.75 37.25
N PRO L 259 6.65 -33.20 38.44
CA PRO L 259 7.08 -31.82 38.71
C PRO L 259 8.59 -31.69 38.73
N GLY L 260 9.06 -30.52 38.30
CA GLY L 260 10.49 -30.34 38.05
C GLY L 260 11.29 -30.32 39.33
N ASN L 261 12.45 -30.97 39.29
CA ASN L 261 13.28 -31.18 40.46
C ASN L 261 14.75 -30.92 40.10
N PRO L 262 15.39 -29.93 40.71
CA PRO L 262 16.80 -29.66 40.39
C PRO L 262 17.78 -30.64 40.99
N LEU L 263 17.33 -31.61 41.78
CA LEU L 263 18.23 -32.54 42.46
C LEU L 263 18.10 -33.98 41.96
N VAL L 264 17.26 -34.26 40.98
CA VAL L 264 17.10 -35.60 40.41
C VAL L 264 17.23 -35.50 38.90
N THR L 265 18.13 -36.29 38.32
CA THR L 265 18.38 -36.29 36.89
C THR L 265 17.55 -37.39 36.22
N PRO L 266 16.84 -37.09 35.14
CA PRO L 266 16.13 -38.15 34.41
C PRO L 266 17.08 -39.08 33.68
N ALA L 267 16.56 -40.24 33.28
CA ALA L 267 17.38 -41.25 32.62
C ALA L 267 17.69 -40.87 31.19
N SER L 268 16.75 -40.24 30.50
CA SER L 268 16.98 -39.76 29.14
C SER L 268 16.41 -38.36 29.01
N ILE L 269 17.17 -37.48 28.36
CA ILE L 269 16.75 -36.11 28.12
C ILE L 269 16.59 -35.95 26.60
N VAL L 270 15.35 -35.90 26.13
CA VAL L 270 15.08 -35.83 24.70
C VAL L 270 14.08 -34.72 24.40
N PRO L 271 14.27 -33.96 23.34
CA PRO L 271 13.30 -32.92 22.97
C PRO L 271 12.06 -33.49 22.30
N GLU L 272 11.19 -32.59 21.87
CA GLU L 272 10.06 -32.95 21.01
C GLU L 272 10.57 -33.35 19.62
N TRP L 273 9.68 -33.95 18.83
CA TRP L 273 10.11 -34.58 17.58
C TRP L 273 10.59 -33.56 16.56
N TYR L 274 10.10 -32.33 16.60
CA TYR L 274 10.46 -31.34 15.60
C TYR L 274 11.77 -30.62 15.92
N LEU L 275 12.35 -30.85 17.10
CA LEU L 275 13.66 -30.30 17.43
C LEU L 275 14.74 -31.37 17.45
N LEU L 276 14.39 -32.63 17.24
CA LEU L 276 15.33 -33.76 17.22
C LEU L 276 16.40 -33.74 16.12
N PRO L 277 16.15 -33.29 14.87
CA PRO L 277 17.28 -33.23 13.92
C PRO L 277 18.32 -32.18 14.24
N PHE L 278 17.92 -31.06 14.85
CA PHE L 278 18.88 -30.04 15.24
C PHE L 278 19.59 -30.37 16.54
N TYR L 279 19.04 -31.30 17.33
CA TYR L 279 19.72 -31.76 18.53
C TYR L 279 20.80 -32.79 18.22
N ALA L 280 20.68 -33.49 17.10
CA ALA L 280 21.70 -34.47 16.73
C ALA L 280 22.89 -33.80 16.05
N ILE L 281 22.68 -32.63 15.44
CA ILE L 281 23.78 -31.86 14.87
C ILE L 281 24.64 -31.27 15.98
N LEU L 282 24.01 -30.85 17.08
CA LEU L 282 24.71 -30.25 18.20
C LEU L 282 25.58 -31.27 18.93
N ARG L 283 25.11 -32.50 19.08
CA ARG L 283 25.83 -33.53 19.81
C ARG L 283 26.91 -34.22 18.99
N SER L 284 27.08 -33.86 17.72
CA SER L 284 28.06 -34.52 16.87
C SER L 284 29.41 -33.81 16.87
N ILE L 285 29.46 -32.57 17.30
CA ILE L 285 30.72 -31.82 17.42
C ILE L 285 31.23 -31.99 18.84
N PRO L 286 32.46 -32.50 19.03
CA PRO L 286 32.94 -32.71 20.40
C PRO L 286 33.31 -31.44 21.14
N ASP L 287 33.70 -30.39 20.43
CA ASP L 287 34.00 -29.11 21.06
C ASP L 287 32.69 -28.43 21.47
N LYS L 288 32.75 -27.67 22.57
CA LYS L 288 31.55 -27.06 23.13
C LYS L 288 31.16 -25.75 22.45
N LEU L 289 32.13 -24.93 22.05
CA LEU L 289 31.79 -23.69 21.35
C LEU L 289 31.48 -23.95 19.88
N LEU L 290 32.14 -24.94 19.27
CA LEU L 290 31.89 -25.23 17.86
C LEU L 290 30.55 -25.93 17.66
N GLY L 291 29.98 -26.53 18.70
CA GLY L 291 28.68 -27.16 18.58
C GLY L 291 27.55 -26.15 18.53
N VAL L 292 27.69 -25.02 19.22
CA VAL L 292 26.65 -24.01 19.24
C VAL L 292 26.62 -23.24 17.93
N ILE L 293 27.79 -22.99 17.35
CA ILE L 293 27.88 -22.31 16.06
C ILE L 293 27.30 -23.18 14.95
N THR L 294 27.58 -24.49 15.01
CA THR L 294 27.13 -25.41 13.97
C THR L 294 25.63 -25.63 14.02
N MET L 295 25.03 -25.58 15.21
CA MET L 295 23.58 -25.76 15.32
C MET L 295 22.83 -24.55 14.79
N PHE L 296 23.39 -23.35 14.95
CA PHE L 296 22.75 -22.15 14.41
C PHE L 296 23.08 -21.97 12.93
N ALA L 297 24.19 -22.54 12.46
CA ALA L 297 24.52 -22.47 11.04
C ALA L 297 23.70 -23.45 10.21
N ALA L 298 23.02 -24.40 10.86
CA ALA L 298 22.14 -25.31 10.14
C ALA L 298 20.86 -24.63 9.68
N ILE L 299 20.51 -23.49 10.27
CA ILE L 299 19.38 -22.70 9.81
C ILE L 299 19.82 -21.62 8.84
N LEU L 300 20.96 -20.98 9.10
CA LEU L 300 21.43 -19.89 8.26
C LEU L 300 22.05 -20.34 6.94
N VAL L 301 22.21 -21.65 6.72
CA VAL L 301 22.72 -22.14 5.45
C VAL L 301 21.66 -22.12 4.36
N LEU L 302 20.40 -21.90 4.71
CA LEU L 302 19.36 -21.74 3.70
C LEU L 302 19.48 -20.41 2.96
N LEU L 303 20.22 -19.44 3.49
CA LEU L 303 20.40 -18.16 2.84
C LEU L 303 21.40 -18.20 1.70
N VAL L 304 22.28 -19.20 1.65
CA VAL L 304 23.29 -19.27 0.58
C VAL L 304 22.76 -19.92 -0.68
N LEU L 305 21.55 -20.46 -0.63
CA LEU L 305 20.94 -21.21 -1.72
C LEU L 305 20.58 -20.43 -2.99
N PRO L 306 20.23 -19.13 -2.96
CA PRO L 306 20.14 -18.40 -4.23
C PRO L 306 21.45 -18.27 -5.01
N PHE L 307 22.60 -18.45 -4.36
CA PHE L 307 23.87 -18.23 -5.02
C PHE L 307 24.55 -19.52 -5.47
N THR L 308 24.22 -20.66 -4.88
CA THR L 308 24.87 -21.91 -5.27
C THR L 308 24.07 -22.70 -6.31
N ASP L 309 22.88 -22.26 -6.68
CA ASP L 309 22.13 -22.89 -7.75
C ASP L 309 22.58 -22.29 -9.07
N ARG L 310 23.22 -23.10 -9.92
CA ARG L 310 23.84 -22.62 -11.15
C ARG L 310 23.04 -23.01 -12.39
N SER L 311 21.76 -23.31 -12.23
CA SER L 311 20.96 -23.80 -13.34
C SER L 311 20.25 -22.65 -14.04
N VAL L 312 19.97 -22.84 -15.34
CA VAL L 312 19.22 -21.86 -16.11
C VAL L 312 17.73 -22.15 -16.14
N VAL L 313 17.30 -23.27 -15.56
CA VAL L 313 15.91 -23.67 -15.48
C VAL L 313 15.50 -23.69 -14.02
N ARG L 314 14.32 -23.14 -13.72
CA ARG L 314 13.82 -23.05 -12.36
C ARG L 314 12.98 -24.28 -12.02
N GLY L 315 13.38 -25.01 -10.97
CA GLY L 315 12.61 -26.13 -10.46
C GLY L 315 13.22 -27.47 -10.81
N ASN L 316 12.63 -28.52 -10.22
CA ASN L 316 13.12 -29.89 -10.37
C ASN L 316 12.23 -30.76 -11.25
N THR L 317 11.29 -30.17 -11.98
CA THR L 317 10.28 -30.95 -12.69
C THR L 317 10.88 -31.74 -13.86
N PHE L 318 11.85 -31.16 -14.56
CA PHE L 318 12.43 -31.80 -15.74
C PHE L 318 13.88 -32.21 -15.54
N LYS L 319 14.32 -32.36 -14.30
CA LYS L 319 15.70 -32.68 -13.98
C LYS L 319 15.79 -34.02 -13.28
N VAL L 320 16.54 -34.95 -13.87
CA VAL L 320 16.60 -36.31 -13.35
C VAL L 320 17.51 -36.41 -12.12
N LEU L 321 18.70 -35.84 -12.19
CA LEU L 321 19.66 -35.96 -11.11
C LEU L 321 19.33 -35.05 -9.93
N SER L 322 18.64 -33.93 -10.19
CA SER L 322 18.23 -33.06 -9.09
C SER L 322 17.06 -33.66 -8.32
N LYS L 323 16.27 -34.52 -8.97
CA LYS L 323 15.17 -35.18 -8.29
C LYS L 323 15.67 -36.28 -7.37
N PHE L 324 16.74 -36.97 -7.77
CA PHE L 324 17.28 -38.06 -6.97
C PHE L 324 17.93 -37.55 -5.69
N PHE L 325 18.68 -36.45 -5.81
CA PHE L 325 19.39 -35.92 -4.65
C PHE L 325 18.50 -35.07 -3.75
N PHE L 326 17.30 -34.71 -4.19
CA PHE L 326 16.36 -34.04 -3.30
C PHE L 326 15.83 -35.01 -2.25
N PHE L 327 15.57 -36.25 -2.65
CA PHE L 327 15.02 -37.21 -1.70
C PHE L 327 16.10 -37.86 -0.86
N ILE L 328 17.37 -37.73 -1.25
CA ILE L 328 18.46 -38.08 -0.33
C ILE L 328 18.52 -37.08 0.83
N PHE L 329 18.29 -35.80 0.53
CA PHE L 329 18.29 -34.78 1.57
C PHE L 329 17.09 -34.94 2.50
N VAL L 330 15.99 -35.48 2.00
CA VAL L 330 14.76 -35.59 2.80
C VAL L 330 14.88 -36.72 3.80
N PHE L 331 15.36 -37.89 3.34
CA PHE L 331 15.46 -39.04 4.24
C PHE L 331 16.69 -38.95 5.14
N ASN L 332 17.64 -38.07 4.82
CA ASN L 332 18.74 -37.78 5.73
C ASN L 332 18.26 -36.94 6.91
N PHE L 333 17.22 -36.13 6.69
CA PHE L 333 16.66 -35.30 7.75
C PHE L 333 15.83 -36.14 8.72
N VAL L 334 15.26 -37.25 8.25
CA VAL L 334 14.50 -38.14 9.12
C VAL L 334 15.44 -39.01 9.94
N LEU L 335 16.57 -39.42 9.35
CA LEU L 335 17.57 -40.20 10.10
C LEU L 335 18.24 -39.36 11.17
N LEU L 336 18.39 -38.05 10.95
CA LEU L 336 18.96 -37.19 11.98
C LEU L 336 18.02 -37.03 13.17
N GLY L 337 16.71 -37.12 12.92
CA GLY L 337 15.77 -37.07 14.02
C GLY L 337 15.74 -38.35 14.83
N GLN L 338 15.98 -39.48 14.17
CA GLN L 338 15.99 -40.76 14.87
C GLN L 338 17.28 -40.93 15.68
N ILE L 339 18.39 -40.40 15.19
CA ILE L 339 19.66 -40.46 15.91
C ILE L 339 19.60 -39.58 17.16
N GLY L 340 18.94 -38.43 17.07
CA GLY L 340 18.82 -37.53 18.20
C GLY L 340 17.93 -38.01 19.33
N ALA L 341 17.23 -39.12 19.14
CA ALA L 341 16.40 -39.73 20.17
C ALA L 341 17.02 -41.00 20.75
N CYS L 342 18.25 -41.31 20.39
CA CYS L 342 18.96 -42.48 20.88
C CYS L 342 19.96 -42.07 21.96
N HIS L 343 20.62 -43.06 22.53
CA HIS L 343 21.69 -42.81 23.48
C HIS L 343 23.00 -42.58 22.73
N VAL L 344 23.96 -41.96 23.42
CA VAL L 344 25.28 -41.71 22.86
C VAL L 344 26.05 -43.02 22.94
N GLU L 345 26.01 -43.82 21.88
CA GLU L 345 26.55 -45.17 21.88
C GLU L 345 27.08 -45.52 20.51
N VAL L 346 27.87 -46.58 20.45
CA VAL L 346 28.30 -47.17 19.19
C VAL L 346 27.15 -47.96 18.59
N PRO L 347 26.82 -47.80 17.30
CA PRO L 347 27.44 -46.99 16.25
C PRO L 347 26.71 -45.69 15.95
N TYR L 348 25.92 -45.19 16.90
CA TYR L 348 25.11 -44.01 16.64
C TYR L 348 25.92 -42.73 16.63
N VAL L 349 27.14 -42.76 17.16
CA VAL L 349 27.97 -41.55 17.18
C VAL L 349 28.55 -41.30 15.79
N LEU L 350 29.03 -42.36 15.12
CA LEU L 350 29.56 -42.19 13.78
C LEU L 350 28.46 -41.95 12.76
N MET L 351 27.28 -42.56 12.97
CA MET L 351 26.17 -42.37 12.04
C MET L 351 25.66 -40.93 12.07
N GLY L 352 25.72 -40.28 13.23
CA GLY L 352 25.26 -38.90 13.32
C GLY L 352 26.30 -37.91 12.81
N GLN L 353 27.55 -38.34 12.71
CA GLN L 353 28.60 -37.46 12.21
C GLN L 353 28.63 -37.46 10.68
N ILE L 354 28.39 -38.62 10.06
CA ILE L 354 28.31 -38.69 8.60
C ILE L 354 27.05 -38.01 8.10
N ALA L 355 25.95 -38.12 8.85
CA ALA L 355 24.69 -37.51 8.43
C ALA L 355 24.72 -36.00 8.60
N THR L 356 25.54 -35.48 9.51
CA THR L 356 25.71 -34.04 9.64
C THR L 356 26.53 -33.49 8.48
N PHE L 357 27.44 -34.30 7.93
CA PHE L 357 28.22 -33.88 6.77
C PHE L 357 27.34 -33.80 5.53
N ILE L 358 26.43 -34.76 5.35
CA ILE L 358 25.57 -34.81 4.17
C ILE L 358 24.55 -33.67 4.19
N TYR L 359 24.20 -33.18 5.39
CA TYR L 359 23.30 -32.02 5.49
C TYR L 359 23.94 -30.76 4.92
N PHE L 360 25.19 -30.51 5.27
CA PHE L 360 25.86 -29.29 4.82
C PHE L 360 26.43 -29.43 3.40
N ALA L 361 26.76 -30.64 2.98
CA ALA L 361 27.34 -30.82 1.65
C ALA L 361 26.30 -30.72 0.55
N TYR L 362 25.01 -30.80 0.91
CA TYR L 362 23.96 -30.63 -0.08
C TYR L 362 23.89 -29.18 -0.56
N PHE L 363 23.91 -28.23 0.36
CA PHE L 363 23.78 -26.83 0.01
C PHE L 363 25.04 -26.28 -0.63
N LEU L 364 26.21 -26.82 -0.30
CA LEU L 364 27.47 -26.19 -0.65
C LEU L 364 28.28 -26.94 -1.70
N ILE L 365 28.05 -28.23 -1.90
CA ILE L 365 28.84 -29.01 -2.84
C ILE L 365 27.96 -29.66 -3.89
N ILE L 366 26.89 -30.33 -3.45
CA ILE L 366 26.11 -31.19 -4.35
C ILE L 366 25.29 -30.35 -5.31
N VAL L 367 24.63 -29.30 -4.81
CA VAL L 367 23.78 -28.48 -5.67
C VAL L 367 24.56 -27.69 -6.73
N PRO L 368 25.69 -27.02 -6.43
CA PRO L 368 26.41 -26.36 -7.54
C PRO L 368 27.10 -27.30 -8.52
N VAL L 369 27.43 -28.53 -8.14
CA VAL L 369 28.13 -29.42 -9.05
C VAL L 369 27.14 -30.05 -10.04
N ILE L 370 26.01 -30.54 -9.56
CA ILE L 370 25.09 -31.22 -10.48
C ILE L 370 24.22 -30.24 -11.25
N SER L 371 24.18 -28.97 -10.85
CA SER L 371 23.50 -27.96 -11.68
C SER L 371 24.30 -27.66 -12.93
N THR L 372 25.62 -27.67 -12.82
CA THR L 372 26.48 -27.39 -13.95
C THR L 372 26.50 -28.54 -14.94
N ILE L 373 26.43 -29.78 -14.43
CA ILE L 373 26.44 -30.96 -15.28
C ILE L 373 25.16 -31.04 -16.10
N GLU L 374 24.03 -30.65 -15.51
CA GLU L 374 22.76 -30.70 -16.22
C GLU L 374 22.65 -29.59 -17.25
N ASN L 375 23.38 -28.49 -17.08
CA ASN L 375 23.40 -27.44 -18.09
C ASN L 375 24.10 -27.90 -19.37
N VAL L 376 25.16 -28.69 -19.23
CA VAL L 376 25.91 -29.15 -20.39
C VAL L 376 25.22 -30.32 -21.08
N LEU L 377 24.50 -31.16 -20.33
CA LEU L 377 23.79 -32.29 -20.94
C LEU L 377 22.60 -31.81 -21.76
N PHE L 378 21.96 -30.72 -21.36
CA PHE L 378 20.89 -30.13 -22.16
C PHE L 378 21.43 -29.53 -23.45
N TYR L 379 22.68 -29.06 -23.43
CA TYR L 379 23.28 -28.43 -24.60
C TYR L 379 23.67 -29.46 -25.65
N ILE L 380 24.52 -30.42 -25.28
CA ILE L 380 25.07 -31.36 -26.24
C ILE L 380 24.08 -32.42 -26.68
N GLY L 381 22.93 -32.53 -26.03
CA GLY L 381 21.89 -33.43 -26.49
C GLY L 381 21.04 -32.88 -27.61
N ARG L 382 21.20 -31.61 -27.95
CA ARG L 382 20.47 -30.98 -29.05
C ARG L 382 21.39 -30.46 -30.14
N VAL L 383 22.50 -29.82 -29.77
CA VAL L 383 23.39 -29.23 -30.77
C VAL L 383 24.23 -30.31 -31.43
N ASN L 384 24.28 -30.28 -32.76
CA ASN L 384 25.03 -31.24 -33.56
C ASN L 384 26.28 -30.57 -34.13
N LYS L 385 27.43 -30.85 -33.52
CA LYS L 385 28.70 -30.30 -34.00
C LYS L 385 29.77 -31.39 -34.04
N MET M 1 21.54 -49.57 25.83
CA MET M 1 21.97 -50.13 27.11
C MET M 1 21.57 -51.59 27.22
N THR M 2 21.89 -52.20 28.35
CA THR M 2 21.52 -53.57 28.62
C THR M 2 20.00 -53.65 28.82
N ALA M 3 19.42 -54.83 28.57
CA ALA M 3 17.98 -55.01 28.74
C ALA M 3 17.57 -54.97 30.20
N ALA M 4 18.48 -55.29 31.12
CA ALA M 4 18.17 -55.17 32.54
C ALA M 4 18.08 -53.71 32.96
N GLU M 5 18.87 -52.84 32.35
CA GLU M 5 18.82 -51.42 32.66
C GLU M 5 17.60 -50.74 32.06
N HIS M 6 17.00 -51.33 31.03
CA HIS M 6 15.78 -50.77 30.46
C HIS M 6 14.55 -51.20 31.24
N GLY M 7 14.53 -52.44 31.71
CA GLY M 7 13.35 -53.03 32.28
C GLY M 7 12.65 -53.92 31.27
N LEU M 8 11.91 -54.91 31.77
CA LEU M 8 11.16 -55.80 30.90
C LEU M 8 9.98 -55.05 30.30
N HIS M 9 9.59 -55.46 29.09
CA HIS M 9 8.51 -54.83 28.38
C HIS M 9 7.17 -55.37 28.87
N ALA M 10 6.24 -54.47 29.15
CA ALA M 10 4.95 -54.88 29.69
C ALA M 10 4.02 -55.31 28.55
N PRO M 11 3.33 -56.44 28.69
CA PRO M 11 2.45 -56.91 27.61
C PRO M 11 1.15 -56.11 27.51
N ALA M 12 0.29 -56.47 26.57
CA ALA M 12 -0.94 -55.74 26.30
C ALA M 12 -2.14 -56.55 26.75
N TYR M 13 -2.78 -56.10 27.83
CA TYR M 13 -3.99 -56.71 28.33
C TYR M 13 -5.21 -56.01 27.74
N ALA M 14 -6.37 -56.68 27.84
CA ALA M 14 -7.59 -56.23 27.18
C ALA M 14 -8.44 -55.44 28.17
N TRP M 15 -8.03 -54.20 28.41
CA TRP M 15 -8.79 -53.31 29.28
C TRP M 15 -10.10 -52.92 28.61
N SER M 16 -11.16 -52.81 29.41
CA SER M 16 -12.48 -52.54 28.86
C SER M 16 -12.71 -51.07 28.55
N HIS M 17 -11.73 -50.20 28.79
CA HIS M 17 -11.80 -48.81 28.36
C HIS M 17 -10.90 -48.53 27.17
N ASN M 18 -10.26 -49.56 26.62
CA ASN M 18 -9.53 -49.43 25.36
C ASN M 18 -10.52 -49.48 24.19
N GLY M 19 -10.41 -48.51 23.30
CA GLY M 19 -11.34 -48.40 22.20
C GLY M 19 -11.96 -47.02 22.14
N PRO M 20 -12.32 -46.56 20.95
CA PRO M 20 -12.82 -45.19 20.80
C PRO M 20 -14.25 -44.98 21.30
N PHE M 21 -15.00 -46.04 21.58
CA PHE M 21 -16.39 -45.89 22.00
C PHE M 21 -16.65 -46.44 23.41
N GLU M 22 -15.62 -46.54 24.24
CA GLU M 22 -15.71 -47.24 25.51
C GLU M 22 -15.50 -46.29 26.68
N THR M 23 -16.27 -46.52 27.75
CA THR M 23 -16.13 -45.79 29.00
C THR M 23 -15.43 -46.64 30.04
N PHE M 24 -15.20 -46.05 31.21
CA PHE M 24 -14.72 -46.80 32.36
C PHE M 24 -15.80 -47.74 32.87
N ASP M 25 -15.37 -48.81 33.52
CA ASP M 25 -16.27 -49.68 34.26
C ASP M 25 -16.38 -49.14 35.68
N HIS M 26 -17.52 -48.56 36.02
CA HIS M 26 -17.66 -47.83 37.27
C HIS M 26 -17.84 -48.73 38.48
N ALA M 27 -18.11 -50.02 38.29
CA ALA M 27 -18.11 -50.95 39.40
C ALA M 27 -16.69 -51.36 39.76
N SER M 28 -15.73 -51.14 38.86
CA SER M 28 -14.34 -51.45 39.14
C SER M 28 -13.60 -50.25 39.72
N ILE M 29 -14.12 -49.04 39.50
CA ILE M 29 -13.58 -47.86 40.18
C ILE M 29 -13.98 -47.87 41.64
N ARG M 30 -15.21 -48.30 41.94
CA ARG M 30 -15.68 -48.38 43.31
C ARG M 30 -14.93 -49.46 44.08
N ARG M 31 -14.65 -50.59 43.43
CA ARG M 31 -13.88 -51.64 44.09
C ARG M 31 -12.42 -51.27 44.24
N GLY M 32 -11.92 -50.36 43.40
CA GLY M 32 -10.52 -49.98 43.46
C GLY M 32 -10.22 -48.95 44.51
N TYR M 33 -11.21 -48.16 44.93
CA TYR M 33 -11.01 -47.24 46.04
C TYR M 33 -10.89 -47.99 47.36
N GLN M 34 -11.56 -49.13 47.48
CA GLN M 34 -11.48 -49.91 48.71
C GLN M 34 -10.10 -50.54 48.87
N VAL M 35 -9.46 -50.91 47.76
CA VAL M 35 -8.10 -51.43 47.84
C VAL M 35 -7.12 -50.29 48.08
N TYR M 36 -7.48 -49.06 47.70
CA TYR M 36 -6.62 -47.92 48.00
C TYR M 36 -6.63 -47.61 49.49
N ARG M 37 -7.81 -47.57 50.11
CA ARG M 37 -7.92 -47.13 51.49
C ARG M 37 -7.34 -48.16 52.45
N GLU M 38 -7.47 -49.44 52.13
CA GLU M 38 -7.04 -50.48 53.05
C GLU M 38 -5.61 -50.97 52.81
N VAL M 39 -5.02 -50.67 51.67
CA VAL M 39 -3.69 -51.17 51.36
C VAL M 39 -2.72 -50.04 50.99
N CYS M 40 -3.08 -49.21 50.00
CA CYS M 40 -2.11 -48.27 49.45
C CYS M 40 -1.87 -47.07 50.34
N ALA M 41 -2.90 -46.63 51.08
CA ALA M 41 -2.91 -45.32 51.71
C ALA M 41 -2.03 -45.25 52.96
N ALA M 42 -1.40 -46.35 53.33
CA ALA M 42 -0.45 -46.34 54.44
C ALA M 42 0.80 -45.56 54.10
N CYS M 43 1.16 -45.49 52.81
CA CYS M 43 2.40 -44.82 52.40
C CYS M 43 2.25 -43.89 51.22
N HIS M 44 1.09 -43.81 50.57
CA HIS M 44 0.90 -42.98 49.40
C HIS M 44 -0.16 -41.93 49.62
N SER M 45 0.10 -40.73 49.11
CA SER M 45 -0.86 -39.64 49.12
C SER M 45 -1.56 -39.55 47.77
N LEU M 46 -2.73 -38.94 47.78
CA LEU M 46 -3.53 -38.73 46.58
C LEU M 46 -3.99 -37.28 46.64
N ASP M 47 -3.13 -36.36 46.21
CA ASP M 47 -3.24 -34.96 46.61
C ASP M 47 -4.03 -34.10 45.63
N ARG M 48 -4.23 -34.56 44.42
CA ARG M 48 -4.90 -33.80 43.38
C ARG M 48 -6.40 -34.07 43.33
N VAL M 49 -6.90 -34.96 44.16
CA VAL M 49 -8.27 -35.44 44.10
C VAL M 49 -9.04 -34.87 45.27
N ALA M 50 -10.16 -34.19 44.99
CA ALA M 50 -11.03 -33.67 46.01
C ALA M 50 -12.14 -34.67 46.31
N TRP M 51 -12.80 -34.48 47.46
CA TRP M 51 -13.84 -35.41 47.87
C TRP M 51 -15.06 -35.31 46.99
N ARG M 52 -15.35 -34.10 46.47
CA ARG M 52 -16.57 -33.85 45.73
C ARG M 52 -16.58 -34.50 44.36
N THR M 53 -15.41 -34.85 43.82
CA THR M 53 -15.34 -35.45 42.50
C THR M 53 -15.70 -36.93 42.49
N LEU M 54 -15.83 -37.54 43.67
CA LEU M 54 -16.25 -38.94 43.77
C LEU M 54 -17.75 -39.12 43.73
N VAL M 55 -18.52 -38.06 43.98
CA VAL M 55 -19.97 -38.15 44.03
C VAL M 55 -20.52 -38.28 42.61
N GLY M 56 -21.26 -39.34 42.35
CA GLY M 56 -21.79 -39.61 41.04
C GLY M 56 -20.88 -40.40 40.13
N VAL M 57 -19.71 -40.80 40.62
CA VAL M 57 -18.79 -41.62 39.87
C VAL M 57 -18.65 -43.00 40.50
N SER M 58 -18.41 -43.05 41.81
CA SER M 58 -18.31 -44.34 42.49
C SER M 58 -19.09 -44.42 43.79
N HIS M 59 -19.54 -43.32 44.37
CA HIS M 59 -20.28 -43.33 45.62
C HIS M 59 -21.40 -42.31 45.53
N THR M 60 -22.31 -42.35 46.49
CA THR M 60 -23.39 -41.38 46.58
C THR M 60 -22.96 -40.17 47.39
N ASN M 61 -23.83 -39.16 47.44
CA ASN M 61 -23.53 -37.95 48.20
C ASN M 61 -23.52 -38.22 49.70
N GLU M 62 -24.33 -39.18 50.15
CA GLU M 62 -24.39 -39.47 51.58
C GLU M 62 -23.20 -40.32 52.01
N GLU M 63 -22.61 -41.07 51.09
CA GLU M 63 -21.48 -41.93 51.44
C GLU M 63 -20.19 -41.14 51.56
N VAL M 64 -19.98 -40.16 50.68
CA VAL M 64 -18.73 -39.40 50.66
C VAL M 64 -18.68 -38.45 51.86
N ARG M 65 -19.85 -38.00 52.32
CA ARG M 65 -19.90 -37.13 53.49
C ARG M 65 -19.45 -37.85 54.75
N ASN M 66 -19.71 -39.16 54.83
CA ASN M 66 -19.25 -39.93 55.98
C ASN M 66 -17.79 -40.34 55.86
N MET M 67 -17.27 -40.44 54.64
CA MET M 67 -15.86 -40.76 54.46
C MET M 67 -14.98 -39.55 54.75
N ALA M 68 -15.45 -38.34 54.42
CA ALA M 68 -14.66 -37.15 54.66
C ALA M 68 -14.64 -36.75 56.12
N GLU M 69 -15.68 -37.13 56.88
CA GLU M 69 -15.80 -36.74 58.27
C GLU M 69 -15.02 -37.62 59.23
N GLU M 70 -14.14 -38.48 58.72
CA GLU M 70 -13.27 -39.29 59.58
C GLU M 70 -11.86 -38.72 59.65
N PHE M 71 -11.60 -37.58 59.03
CA PHE M 71 -10.30 -36.93 59.05
C PHE M 71 -10.47 -35.53 59.61
N GLU M 72 -9.36 -34.98 60.08
CA GLU M 72 -9.34 -33.69 60.76
C GLU M 72 -8.54 -32.69 59.96
N TYR M 73 -9.05 -31.47 59.85
CA TYR M 73 -8.44 -30.43 59.03
C TYR M 73 -8.24 -29.18 59.87
N ASP M 74 -7.37 -28.29 59.37
CA ASP M 74 -7.10 -27.03 60.05
C ASP M 74 -8.24 -26.05 59.81
N ASP M 75 -8.64 -25.36 60.87
CA ASP M 75 -9.70 -24.37 60.83
C ASP M 75 -9.11 -22.97 60.94
N GLU M 76 -9.97 -21.96 60.82
CA GLU M 76 -9.59 -20.61 61.14
C GLU M 76 -9.35 -20.48 62.64
N PRO M 77 -8.41 -19.64 63.07
CA PRO M 77 -8.05 -19.58 64.50
C PRO M 77 -9.16 -18.99 65.35
N ASP M 78 -8.98 -19.15 66.66
CA ASP M 78 -9.95 -18.75 67.66
C ASP M 78 -10.03 -17.22 67.77
N GLU M 79 -10.93 -16.74 68.63
CA GLU M 79 -11.01 -15.31 68.90
C GLU M 79 -9.80 -14.83 69.70
N GLN M 80 -9.17 -15.69 70.48
CA GLN M 80 -7.94 -15.36 71.19
C GLN M 80 -6.71 -15.53 70.32
N GLY M 81 -6.85 -16.12 69.13
CA GLY M 81 -5.73 -16.33 68.24
C GLY M 81 -5.10 -17.70 68.30
N ASN M 82 -5.74 -18.66 68.96
CA ASN M 82 -5.26 -20.03 69.12
C ASN M 82 -5.73 -20.90 67.95
N PRO M 83 -4.95 -21.91 67.58
CA PRO M 83 -5.37 -22.78 66.47
C PRO M 83 -6.52 -23.69 66.84
N LYS M 84 -7.14 -24.26 65.80
CA LYS M 84 -8.33 -25.08 65.96
C LYS M 84 -8.34 -26.17 64.90
N LYS M 85 -9.23 -27.15 65.09
CA LYS M 85 -9.40 -28.27 64.18
C LYS M 85 -10.87 -28.44 63.86
N ARG M 86 -11.15 -29.15 62.77
CA ARG M 86 -12.52 -29.38 62.32
C ARG M 86 -12.53 -30.65 61.48
N PRO M 87 -13.69 -31.31 61.38
CA PRO M 87 -13.81 -32.44 60.46
C PRO M 87 -13.88 -32.00 59.01
N GLY M 88 -13.85 -32.97 58.12
CA GLY M 88 -13.76 -32.69 56.70
C GLY M 88 -15.11 -32.47 56.03
N LYS M 89 -15.06 -31.77 54.89
CA LYS M 89 -16.23 -31.49 54.08
C LYS M 89 -15.92 -31.87 52.63
N LEU M 90 -16.89 -31.64 51.75
CA LEU M 90 -16.78 -32.12 50.37
C LEU M 90 -15.79 -31.31 49.54
N SER M 91 -15.46 -30.10 49.94
CA SER M 91 -14.53 -29.27 49.18
C SER M 91 -13.07 -29.50 49.56
N ASP M 92 -12.81 -30.40 50.50
CA ASP M 92 -11.44 -30.71 50.91
C ASP M 92 -10.81 -31.72 49.96
N TYR M 93 -9.50 -31.86 50.08
CA TYR M 93 -8.74 -32.84 49.31
C TYR M 93 -8.42 -34.03 50.19
N ILE M 94 -8.16 -35.17 49.55
CA ILE M 94 -7.90 -36.41 50.29
C ILE M 94 -6.53 -36.32 50.95
N PRO M 95 -6.42 -36.53 52.26
CA PRO M 95 -5.15 -36.29 52.96
C PRO M 95 -4.17 -37.45 52.85
N GLY M 96 -2.89 -37.12 53.05
CA GLY M 96 -1.83 -38.08 52.96
C GLY M 96 -1.33 -38.53 54.32
N PRO M 97 -0.51 -39.58 54.36
CA PRO M 97 -0.10 -40.15 55.65
C PRO M 97 1.06 -39.44 56.33
N TYR M 98 1.82 -38.61 55.63
CA TYR M 98 3.00 -38.02 56.25
C TYR M 98 2.94 -36.50 56.26
N PRO M 99 3.48 -35.86 57.29
CA PRO M 99 3.47 -34.38 57.32
C PRO M 99 4.46 -33.74 56.36
N ASN M 100 5.63 -34.34 56.14
CA ASN M 100 6.58 -33.82 55.18
C ASN M 100 7.38 -34.98 54.60
N GLU M 101 8.32 -34.66 53.71
CA GLU M 101 9.05 -35.71 53.01
C GLU M 101 10.26 -36.21 53.80
N GLN M 102 10.69 -35.49 54.83
CA GLN M 102 11.69 -36.01 55.75
C GLN M 102 11.12 -37.16 56.58
N ALA M 103 9.84 -37.03 56.95
CA ALA M 103 9.19 -38.09 57.73
C ALA M 103 8.81 -39.27 56.85
N ALA M 104 8.67 -39.04 55.54
CA ALA M 104 8.32 -40.12 54.63
C ALA M 104 9.53 -41.02 54.36
N ARG M 105 10.72 -40.42 54.25
CA ARG M 105 11.92 -41.20 54.00
C ARG M 105 12.35 -41.96 55.24
N ALA M 106 12.02 -41.45 56.43
CA ALA M 106 12.44 -42.09 57.66
C ALA M 106 11.66 -43.37 57.92
N ALA M 107 10.44 -43.47 57.39
CA ALA M 107 9.61 -44.65 57.56
C ALA M 107 9.80 -45.66 56.44
N ASN M 108 10.60 -45.35 55.42
CA ASN M 108 10.74 -46.20 54.25
C ASN M 108 12.20 -46.44 53.91
N GLN M 109 13.09 -46.35 54.91
CA GLN M 109 14.52 -46.62 54.80
C GLN M 109 15.20 -45.72 53.76
N GLY M 110 14.82 -44.45 53.74
CA GLY M 110 15.45 -43.47 52.88
C GLY M 110 14.77 -43.25 51.55
N ALA M 111 13.86 -44.13 51.14
CA ALA M 111 13.18 -43.99 49.87
C ALA M 111 11.90 -43.19 50.03
N LEU M 112 11.50 -42.51 48.96
CA LEU M 112 10.32 -41.65 48.98
C LEU M 112 9.26 -42.20 48.05
N PRO M 113 8.13 -42.72 48.55
CA PRO M 113 7.05 -43.16 47.67
C PRO M 113 6.35 -41.97 47.03
N PRO M 114 6.09 -42.03 45.73
CA PRO M 114 5.57 -40.85 45.02
C PRO M 114 4.06 -40.68 45.19
N ASP M 115 3.60 -39.50 44.79
CA ASP M 115 2.17 -39.23 44.72
C ASP M 115 1.55 -39.96 43.54
N LEU M 116 0.39 -40.58 43.77
CA LEU M 116 -0.22 -41.46 42.79
C LEU M 116 -1.34 -40.81 42.00
N SER M 117 -1.44 -39.47 42.00
CA SER M 117 -2.54 -38.82 41.30
C SER M 117 -2.35 -38.80 39.79
N LEU M 118 -1.10 -38.85 39.33
CA LEU M 118 -0.81 -38.77 37.90
C LEU M 118 0.11 -39.90 37.44
N ILE M 119 0.17 -41.01 38.19
CA ILE M 119 1.19 -42.02 37.95
C ILE M 119 0.92 -42.83 36.69
N VAL M 120 -0.30 -42.79 36.15
CA VAL M 120 -0.61 -43.54 34.94
C VAL M 120 -0.10 -42.80 33.71
N LYS M 121 -0.26 -41.48 33.68
CA LYS M 121 0.25 -40.67 32.58
C LYS M 121 1.76 -40.42 32.66
N ALA M 122 2.38 -40.64 33.81
CA ALA M 122 3.78 -40.28 34.03
C ALA M 122 4.73 -41.46 33.87
N ARG M 123 4.24 -42.61 33.40
CA ARG M 123 5.08 -43.77 33.15
C ARG M 123 4.86 -44.25 31.73
N HIS M 124 5.93 -44.67 31.07
CA HIS M 124 5.82 -45.28 29.76
C HIS M 124 5.26 -46.69 29.91
N GLY M 125 4.10 -46.94 29.33
CA GLY M 125 3.42 -48.20 29.48
C GLY M 125 1.97 -48.04 29.90
N GLY M 126 1.70 -47.06 30.75
CA GLY M 126 0.32 -46.73 31.08
C GLY M 126 -0.27 -47.68 32.09
N CYS M 127 -1.47 -48.16 31.82
CA CYS M 127 -2.12 -49.12 32.73
C CYS M 127 -1.43 -50.47 32.70
N ASP M 128 -0.77 -50.82 31.59
CA ASP M 128 -0.14 -52.13 31.48
C ASP M 128 1.11 -52.22 32.33
N TYR M 129 1.76 -51.08 32.59
CA TYR M 129 2.97 -51.09 33.40
C TYR M 129 2.65 -51.25 34.88
N ILE M 130 1.58 -50.60 35.35
CA ILE M 130 1.22 -50.65 36.77
C ILE M 130 0.70 -52.04 37.14
N PHE M 131 -0.02 -52.68 36.23
CA PHE M 131 -0.53 -54.02 36.50
C PHE M 131 0.60 -55.05 36.50
N SER M 132 1.56 -54.88 35.60
CA SER M 132 2.65 -55.86 35.50
C SER M 132 3.62 -55.71 36.66
N LEU M 133 3.71 -54.53 37.26
CA LEU M 133 4.61 -54.32 38.38
C LEU M 133 4.08 -54.99 39.64
N LEU M 134 2.78 -54.85 39.91
CA LEU M 134 2.19 -55.35 41.14
C LEU M 134 2.05 -56.87 41.15
N THR M 135 2.02 -57.51 39.98
CA THR M 135 1.87 -58.96 39.88
C THR M 135 3.14 -59.64 39.39
N GLY M 136 4.26 -58.92 39.33
CA GLY M 136 5.46 -59.46 38.73
C GLY M 136 6.62 -59.64 39.66
N TYR M 137 6.36 -59.71 40.97
CA TYR M 137 7.40 -60.02 41.94
C TYR M 137 7.67 -61.52 41.93
N PRO M 138 8.89 -61.96 41.62
CA PRO M 138 9.19 -63.39 41.68
C PRO M 138 9.41 -63.83 43.12
N ASP M 139 9.33 -65.15 43.33
CA ASP M 139 9.56 -65.68 44.66
C ASP M 139 11.04 -65.66 45.03
N GLU M 140 11.92 -65.66 44.03
CA GLU M 140 13.35 -65.56 44.25
C GLU M 140 13.96 -64.77 43.09
N PRO M 141 15.04 -64.03 43.35
CA PRO M 141 15.75 -63.37 42.24
C PRO M 141 16.50 -64.40 41.40
N PRO M 142 16.82 -64.08 40.15
CA PRO M 142 17.60 -65.01 39.33
C PRO M 142 19.03 -65.13 39.85
N ALA M 143 19.68 -66.22 39.44
CA ALA M 143 20.98 -66.57 39.99
C ALA M 143 22.06 -65.63 39.50
N GLY M 144 22.76 -65.00 40.44
CA GLY M 144 23.85 -64.09 40.15
C GLY M 144 23.60 -62.66 40.55
N VAL M 145 22.34 -62.27 40.74
CA VAL M 145 22.00 -60.90 41.09
C VAL M 145 22.26 -60.68 42.58
N ALA M 146 22.95 -59.60 42.91
CA ALA M 146 23.26 -59.24 44.28
C ALA M 146 22.43 -58.02 44.66
N LEU M 147 21.46 -58.22 45.53
CA LEU M 147 20.58 -57.12 45.94
C LEU M 147 21.14 -56.44 47.18
N PRO M 148 21.08 -55.11 47.25
CA PRO M 148 21.41 -54.42 48.50
C PRO M 148 20.39 -54.74 49.56
N PRO M 149 20.78 -54.71 50.84
CA PRO M 149 19.82 -55.04 51.91
C PRO M 149 18.75 -53.98 52.05
N GLY M 150 17.50 -54.39 51.91
CA GLY M 150 16.39 -53.48 51.84
C GLY M 150 15.81 -53.26 50.47
N SER M 151 16.22 -54.06 49.48
CA SER M 151 15.70 -53.97 48.13
C SER M 151 15.10 -55.31 47.72
N ASN M 152 14.19 -55.25 46.75
CA ASN M 152 13.51 -56.42 46.23
C ASN M 152 13.69 -56.46 44.72
N TYR M 153 13.47 -57.64 44.14
CA TYR M 153 13.64 -57.83 42.71
C TYR M 153 12.29 -57.76 42.00
N ASN M 154 12.25 -56.99 40.92
CA ASN M 154 11.10 -56.91 40.02
C ASN M 154 11.66 -56.63 38.62
N PRO M 155 11.40 -57.50 37.64
CA PRO M 155 12.03 -57.32 36.32
C PRO M 155 11.43 -56.20 35.49
N TYR M 156 10.29 -55.64 35.87
CA TYR M 156 9.68 -54.55 35.12
C TYR M 156 10.18 -53.18 35.56
N PHE M 157 10.90 -53.11 36.65
CA PHE M 157 11.49 -51.87 37.12
C PHE M 157 12.85 -51.67 36.47
N PRO M 158 13.18 -50.47 36.01
CA PRO M 158 14.49 -50.23 35.37
C PRO M 158 15.64 -50.40 36.36
N GLY M 159 16.52 -51.35 36.04
CA GLY M 159 17.57 -51.76 36.94
C GLY M 159 17.27 -53.04 37.70
N GLY M 160 16.00 -53.36 37.91
CA GLY M 160 15.60 -54.58 38.57
C GLY M 160 15.56 -54.52 40.08
N SER M 161 15.84 -53.37 40.68
CA SER M 161 15.94 -53.26 42.13
C SER M 161 15.02 -52.15 42.62
N ILE M 162 13.98 -52.53 43.37
CA ILE M 162 12.95 -51.60 43.79
C ILE M 162 12.88 -51.60 45.32
N ALA M 163 12.49 -50.46 45.88
CA ALA M 163 12.41 -50.29 47.33
C ALA M 163 11.03 -50.59 47.90
N MET M 164 10.10 -51.09 47.07
CA MET M 164 8.79 -51.52 47.50
C MET M 164 8.71 -53.04 47.49
N ALA M 165 8.28 -53.63 48.60
CA ALA M 165 8.11 -55.07 48.71
C ALA M 165 6.79 -55.50 48.08
N ARG M 166 6.55 -56.80 48.02
CA ARG M 166 5.26 -57.29 47.53
C ARG M 166 4.19 -57.05 48.58
N VAL M 167 3.05 -56.49 48.16
CA VAL M 167 2.04 -56.03 49.10
C VAL M 167 0.75 -56.84 48.94
N LEU M 168 0.45 -57.27 47.72
CA LEU M 168 -0.83 -57.88 47.41
C LEU M 168 -0.79 -59.38 47.63
N PHE M 169 -1.66 -59.89 48.48
CA PHE M 169 -1.81 -61.31 48.75
C PHE M 169 -3.29 -61.65 48.70
N ASP M 170 -3.58 -62.94 48.56
CA ASP M 170 -4.96 -63.37 48.31
C ASP M 170 -5.83 -63.21 49.55
N ASP M 171 -7.03 -62.67 49.33
CA ASP M 171 -8.09 -62.51 50.34
C ASP M 171 -7.67 -61.62 51.50
N MET M 172 -6.95 -60.54 51.21
CA MET M 172 -6.64 -59.54 52.23
C MET M 172 -7.70 -58.46 52.30
N VAL M 173 -8.64 -58.43 51.36
CA VAL M 173 -9.73 -57.47 51.29
C VAL M 173 -11.02 -58.25 51.11
N GLU M 174 -12.05 -57.92 51.87
CA GLU M 174 -13.37 -58.52 51.72
C GLU M 174 -14.24 -57.52 50.95
N TYR M 175 -14.56 -57.85 49.71
CA TYR M 175 -15.32 -56.96 48.84
C TYR M 175 -16.78 -56.91 49.25
N GLU M 176 -17.43 -55.79 48.93
CA GLU M 176 -18.81 -55.57 49.35
C GLU M 176 -19.80 -56.34 48.46
N ASP M 177 -19.57 -56.32 47.15
CA ASP M 177 -20.50 -56.96 46.22
C ASP M 177 -20.31 -58.45 46.10
N GLY M 178 -19.27 -59.03 46.71
CA GLY M 178 -19.09 -60.46 46.73
C GLY M 178 -18.11 -61.00 45.71
N THR M 179 -17.28 -60.17 45.12
CA THR M 179 -16.30 -60.64 44.15
C THR M 179 -15.15 -61.32 44.89
N PRO M 180 -14.65 -62.45 44.38
CA PRO M 180 -13.46 -63.07 45.01
C PRO M 180 -12.22 -62.21 44.81
N ALA M 181 -11.56 -61.89 45.93
CA ALA M 181 -10.45 -60.94 45.93
C ALA M 181 -9.13 -61.69 45.87
N THR M 182 -8.74 -62.08 44.65
CA THR M 182 -7.45 -62.68 44.40
C THR M 182 -6.42 -61.57 44.15
N THR M 183 -5.19 -61.98 43.83
CA THR M 183 -4.13 -61.01 43.58
C THR M 183 -4.36 -60.27 42.27
N SER M 184 -4.76 -60.98 41.23
CA SER M 184 -4.96 -60.37 39.92
C SER M 184 -6.24 -59.54 39.89
N GLN M 185 -7.22 -59.89 40.71
CA GLN M 185 -8.47 -59.13 40.76
C GLN M 185 -8.25 -57.78 41.44
N MET M 186 -7.48 -57.76 42.53
CA MET M 186 -7.24 -56.52 43.24
C MET M 186 -6.28 -55.62 42.50
N ALA M 187 -5.37 -56.19 41.72
CA ALA M 187 -4.43 -55.39 40.95
C ALA M 187 -5.10 -54.75 39.74
N LYS M 188 -6.16 -55.38 39.23
CA LYS M 188 -6.92 -54.81 38.12
C LYS M 188 -7.79 -53.65 38.59
N ASP M 189 -8.23 -53.68 39.84
CA ASP M 189 -9.17 -52.68 40.32
C ASP M 189 -8.47 -51.38 40.70
N VAL M 190 -7.26 -51.45 41.25
CA VAL M 190 -6.53 -50.23 41.57
C VAL M 190 -6.08 -49.51 40.31
N THR M 191 -5.77 -50.25 39.25
CA THR M 191 -5.29 -49.62 38.03
C THR M 191 -6.42 -48.90 37.30
N THR M 192 -7.64 -49.42 37.42
CA THR M 192 -8.78 -48.71 36.85
C THR M 192 -9.14 -47.48 37.66
N PHE M 193 -9.03 -47.57 38.98
CA PHE M 193 -9.28 -46.42 39.85
C PHE M 193 -8.20 -45.36 39.68
N LEU M 194 -6.94 -45.77 39.48
CA LEU M 194 -5.87 -44.79 39.34
C LEU M 194 -5.89 -44.14 37.97
N ASN M 195 -6.44 -44.75 36.94
CA ASN M 195 -6.59 -44.14 35.61
C ASN M 195 -7.70 -43.10 35.66
N TRP M 196 -8.70 -43.31 36.50
CA TRP M 196 -9.71 -42.27 36.65
C TRP M 196 -9.14 -41.06 37.40
N CYS M 197 -8.22 -41.29 38.33
CA CYS M 197 -7.62 -40.19 39.07
C CYS M 197 -6.73 -39.32 38.19
N ALA M 198 -6.11 -39.90 37.16
CA ALA M 198 -5.30 -39.12 36.24
C ALA M 198 -6.14 -38.47 35.14
N GLU M 199 -7.20 -39.13 34.69
CA GLU M 199 -8.04 -38.62 33.60
C GLU M 199 -9.52 -38.69 33.97
N PRO M 200 -10.00 -37.75 34.78
CA PRO M 200 -11.43 -37.76 35.14
C PRO M 200 -12.36 -37.26 34.03
N GLU M 201 -11.84 -36.76 32.92
CA GLU M 201 -12.62 -36.25 31.81
C GLU M 201 -12.89 -37.31 30.73
N HIS M 202 -12.44 -38.54 30.96
CA HIS M 202 -12.24 -39.54 29.91
C HIS M 202 -13.55 -39.97 29.26
N ASP M 203 -14.62 -40.09 30.03
CA ASP M 203 -15.89 -40.53 29.47
C ASP M 203 -16.56 -39.42 28.67
N GLU M 204 -16.39 -38.17 29.10
CA GLU M 204 -17.00 -37.03 28.41
C GLU M 204 -16.22 -36.67 27.16
N ARG M 205 -14.90 -36.87 27.17
CA ARG M 205 -14.05 -36.52 26.02
C ARG M 205 -14.34 -37.42 24.83
N LYS M 206 -14.61 -38.70 25.07
CA LYS M 206 -14.87 -39.63 23.99
C LYS M 206 -16.27 -39.49 23.40
N ARG M 207 -17.18 -38.80 24.08
CA ARG M 207 -18.50 -38.52 23.53
C ARG M 207 -18.53 -37.23 22.73
N LEU M 208 -17.76 -36.23 23.13
CA LEU M 208 -17.64 -35.02 22.31
C LEU M 208 -16.75 -35.26 21.09
N GLY M 209 -15.92 -36.30 21.13
CA GLY M 209 -15.14 -36.63 19.95
C GLY M 209 -15.94 -37.36 18.89
N LEU M 210 -17.04 -37.99 19.29
CA LEU M 210 -17.90 -38.65 18.32
C LEU M 210 -18.73 -37.64 17.54
N LYS M 211 -19.10 -36.53 18.19
CA LYS M 211 -19.86 -35.50 17.48
C LYS M 211 -18.97 -34.70 16.55
N THR M 212 -17.70 -34.51 16.92
CA THR M 212 -16.81 -33.66 16.13
C THR M 212 -16.33 -34.38 14.88
N VAL M 213 -16.12 -35.68 14.95
CA VAL M 213 -15.58 -36.43 13.82
C VAL M 213 -16.65 -36.66 12.76
N ILE M 214 -17.90 -36.84 13.17
CA ILE M 214 -18.99 -37.03 12.22
C ILE M 214 -19.28 -35.74 11.45
N ILE M 215 -19.25 -34.60 12.14
CA ILE M 215 -19.53 -33.32 11.48
C ILE M 215 -18.38 -32.91 10.56
N LEU M 216 -17.13 -33.14 11.00
CA LEU M 216 -15.98 -32.70 10.21
C LEU M 216 -15.72 -33.60 9.02
N SER M 217 -16.14 -34.87 9.08
CA SER M 217 -15.98 -35.73 7.91
C SER M 217 -17.12 -35.59 6.93
N SER M 218 -18.24 -34.99 7.35
CA SER M 218 -19.29 -34.66 6.40
C SER M 218 -18.98 -33.37 5.66
N LEU M 219 -18.34 -32.42 6.35
CA LEU M 219 -17.93 -31.17 5.71
C LEU M 219 -16.79 -31.41 4.73
N TYR M 220 -16.00 -32.45 4.95
CA TYR M 220 -14.88 -32.74 4.05
C TYR M 220 -15.38 -33.35 2.75
N LEU M 221 -16.41 -34.19 2.83
CA LEU M 221 -16.94 -34.81 1.61
C LEU M 221 -17.79 -33.85 0.81
N LEU M 222 -18.46 -32.90 1.48
CA LEU M 222 -19.28 -31.93 0.76
C LEU M 222 -18.42 -30.91 0.04
N SER M 223 -17.22 -30.64 0.55
CA SER M 223 -16.37 -29.62 -0.07
C SER M 223 -15.63 -30.16 -1.28
N ILE M 224 -15.48 -31.48 -1.39
CA ILE M 224 -14.90 -32.07 -2.58
C ILE M 224 -15.89 -31.99 -3.74
N TRP M 225 -17.17 -32.17 -3.45
CA TRP M 225 -18.21 -32.09 -4.48
C TRP M 225 -18.36 -30.67 -5.00
N VAL M 226 -18.33 -29.68 -4.11
CA VAL M 226 -18.54 -28.29 -4.50
C VAL M 226 -17.35 -27.78 -5.31
N LYS M 227 -16.15 -28.23 -4.96
CA LYS M 227 -14.95 -27.82 -5.69
C LYS M 227 -14.95 -28.38 -7.11
N LYS M 228 -15.43 -29.61 -7.29
CA LYS M 228 -15.44 -30.20 -8.62
C LYS M 228 -16.54 -29.62 -9.49
N PHE M 229 -17.57 -29.02 -8.89
CA PHE M 229 -18.60 -28.36 -9.67
C PHE M 229 -18.12 -27.03 -10.20
N LYS M 230 -17.49 -26.22 -9.35
CA LYS M 230 -17.05 -24.88 -9.73
C LYS M 230 -15.83 -24.89 -10.64
N TRP M 231 -15.12 -26.00 -10.73
CA TRP M 231 -13.93 -26.10 -11.57
C TRP M 231 -14.20 -26.80 -12.89
N ALA M 232 -15.47 -27.13 -13.19
CA ALA M 232 -15.77 -27.96 -14.35
C ALA M 232 -15.60 -27.19 -15.66
N GLY M 233 -15.76 -25.87 -15.64
CA GLY M 233 -15.56 -25.09 -16.84
C GLY M 233 -14.10 -24.92 -17.23
N ILE M 234 -13.21 -24.85 -16.24
CA ILE M 234 -11.78 -24.74 -16.51
C ILE M 234 -11.19 -26.06 -16.98
N LYS M 235 -11.65 -27.19 -16.42
CA LYS M 235 -11.03 -28.48 -16.68
C LYS M 235 -11.31 -29.03 -18.07
N THR M 236 -12.38 -28.59 -18.74
CA THR M 236 -12.73 -29.08 -20.06
C THR M 236 -12.58 -28.02 -21.14
N ARG M 237 -11.81 -26.98 -20.85
CA ARG M 237 -11.54 -25.90 -21.81
C ARG M 237 -10.67 -26.40 -22.96
N LYS M 238 -10.91 -25.85 -24.15
CA LYS M 238 -10.23 -26.28 -25.37
C LYS M 238 -9.60 -25.10 -26.08
N PHE M 239 -8.45 -25.32 -26.72
CA PHE M 239 -7.69 -24.28 -27.41
C PHE M 239 -7.35 -24.72 -28.82
N VAL M 240 -7.48 -23.80 -29.77
CA VAL M 240 -7.16 -24.02 -31.18
C VAL M 240 -6.22 -22.91 -31.62
N PHE M 241 -5.21 -23.25 -32.43
CA PHE M 241 -4.25 -22.29 -32.94
C PHE M 241 -4.25 -22.30 -34.46
N ASN M 242 -4.58 -21.16 -35.05
CA ASN M 242 -4.39 -20.92 -36.48
C ASN M 242 -3.33 -19.85 -36.63
N PRO M 243 -2.19 -20.14 -37.26
CA PRO M 243 -1.09 -19.17 -37.31
C PRO M 243 -1.43 -17.98 -38.18
N PRO M 244 -1.17 -16.76 -37.71
CA PRO M 244 -1.58 -15.56 -38.43
C PRO M 244 -0.82 -15.37 -39.73
N LYS M 245 -1.43 -14.62 -40.63
CA LYS M 245 -0.83 -14.37 -41.93
C LYS M 245 0.33 -13.39 -41.79
N PRO M 246 1.36 -13.51 -42.63
CA PRO M 246 2.58 -12.72 -42.43
C PRO M 246 2.52 -11.28 -42.91
N ARG M 247 1.31 -10.73 -43.08
CA ARG M 247 1.13 -9.32 -43.39
C ARG M 247 1.81 -8.43 -42.35
N LYS M 248 1.26 -8.41 -41.14
CA LYS M 248 1.85 -7.86 -39.91
C LYS M 248 2.42 -6.44 -39.99
N LYS N 1 -8.87 -24.81 -39.83
CA LYS N 1 -10.28 -25.07 -39.56
C LYS N 1 -10.96 -23.76 -39.17
N SER N 2 -12.25 -23.65 -39.50
CA SER N 2 -13.00 -22.44 -39.21
C SER N 2 -13.22 -22.27 -37.72
N THR N 3 -13.23 -21.02 -37.25
CA THR N 3 -13.51 -20.75 -35.85
C THR N 3 -14.99 -20.81 -35.52
N TYR N 4 -15.85 -20.99 -36.51
CA TYR N 4 -17.27 -21.20 -36.28
C TYR N 4 -17.61 -22.64 -35.97
N ARG N 5 -16.66 -23.56 -36.12
CA ARG N 5 -16.86 -24.96 -35.76
C ARG N 5 -16.40 -25.17 -34.32
N THR N 6 -17.35 -25.36 -33.43
CA THR N 6 -17.06 -25.62 -32.03
C THR N 6 -16.60 -27.07 -31.85
N PRO N 7 -15.57 -27.32 -31.02
CA PRO N 7 -15.13 -28.71 -30.81
C PRO N 7 -16.11 -29.58 -30.05
N ASN N 8 -15.71 -30.82 -29.82
CA ASN N 8 -16.57 -31.87 -29.30
C ASN N 8 -16.61 -31.81 -27.78
N PHE N 9 -17.80 -31.56 -27.23
CA PHE N 9 -18.02 -31.55 -25.79
C PHE N 9 -18.98 -32.65 -25.35
N ASP N 10 -19.16 -33.68 -26.17
CA ASP N 10 -20.27 -34.63 -25.96
C ASP N 10 -20.04 -35.58 -24.81
N ASP N 11 -18.79 -35.82 -24.41
CA ASP N 11 -18.53 -36.75 -23.34
C ASP N 11 -18.76 -36.16 -21.95
N VAL N 12 -19.02 -34.85 -21.86
CA VAL N 12 -19.28 -34.21 -20.57
C VAL N 12 -20.65 -33.56 -20.50
N LEU N 13 -21.39 -33.51 -21.60
CA LEU N 13 -22.71 -32.90 -21.60
C LEU N 13 -23.76 -33.86 -21.11
N LYS N 14 -24.89 -33.32 -20.67
CA LYS N 14 -25.93 -34.12 -20.06
C LYS N 14 -26.71 -34.91 -21.11
N GLU N 15 -27.62 -35.75 -20.61
CA GLU N 15 -28.51 -36.60 -21.39
C GLU N 15 -29.42 -35.77 -22.28
N ASN N 16 -30.31 -34.99 -21.68
CA ASN N 16 -30.74 -33.71 -22.23
C ASN N 16 -30.51 -32.69 -21.14
N ASN N 17 -30.50 -31.40 -21.50
CA ASN N 17 -29.91 -30.38 -20.63
C ASN N 17 -30.68 -30.22 -19.31
N ASP N 18 -31.95 -29.80 -19.37
CA ASP N 18 -32.93 -29.91 -18.29
C ASP N 18 -32.47 -29.19 -17.02
N ALA N 19 -32.43 -27.85 -17.14
CA ALA N 19 -31.74 -26.91 -16.25
C ALA N 19 -31.88 -27.14 -14.75
N ASP N 20 -33.00 -27.69 -14.30
CA ASP N 20 -33.19 -28.04 -12.89
C ASP N 20 -32.80 -29.50 -12.61
N LYS N 21 -31.57 -29.83 -13.00
CA LYS N 21 -31.00 -31.13 -12.67
C LYS N 21 -29.61 -30.93 -12.06
N GLY N 22 -28.86 -29.98 -12.60
CA GLY N 22 -27.58 -29.63 -12.03
C GLY N 22 -27.71 -28.46 -11.10
N ARG N 23 -28.84 -27.75 -11.23
CA ARG N 23 -29.15 -26.60 -10.35
C ARG N 23 -29.66 -27.12 -9.00
N SER N 24 -30.65 -28.01 -8.99
CA SER N 24 -31.25 -28.50 -7.75
C SER N 24 -30.26 -29.34 -6.96
N TYR N 25 -29.33 -29.98 -7.65
CA TYR N 25 -28.39 -30.87 -6.98
C TYR N 25 -27.20 -30.11 -6.43
N ALA N 26 -26.95 -28.91 -6.94
CA ALA N 26 -25.83 -28.12 -6.45
C ALA N 26 -26.26 -27.17 -5.35
N TYR N 27 -27.52 -26.75 -5.37
CA TYR N 27 -27.99 -25.84 -4.34
C TYR N 27 -28.28 -26.58 -3.04
N PHE N 28 -28.47 -27.89 -3.11
CA PHE N 28 -28.62 -28.69 -1.91
C PHE N 28 -27.29 -28.86 -1.20
N MET N 29 -26.21 -28.99 -1.96
CA MET N 29 -24.91 -29.25 -1.36
C MET N 29 -24.29 -27.99 -0.78
N VAL N 30 -24.56 -26.83 -1.40
CA VAL N 30 -24.08 -25.56 -0.85
C VAL N 30 -24.91 -25.18 0.38
N GLY N 31 -26.19 -25.53 0.39
CA GLY N 31 -27.01 -25.26 1.55
C GLY N 31 -26.70 -26.18 2.72
N ALA N 32 -26.32 -27.43 2.44
CA ALA N 32 -25.96 -28.35 3.51
C ALA N 32 -24.59 -28.01 4.10
N MET N 33 -23.72 -27.43 3.30
CA MET N 33 -22.40 -27.02 3.80
C MET N 33 -22.51 -25.77 4.66
N GLY N 34 -23.48 -24.92 4.38
CA GLY N 34 -23.66 -23.71 5.18
C GLY N 34 -24.41 -23.98 6.47
N LEU N 35 -25.21 -25.04 6.51
CA LEU N 35 -25.95 -25.38 7.72
C LEU N 35 -25.04 -26.04 8.75
N LEU N 36 -24.14 -26.91 8.29
CA LEU N 36 -23.23 -27.58 9.21
C LEU N 36 -22.13 -26.65 9.70
N SER N 37 -21.81 -25.62 8.92
CA SER N 37 -20.76 -24.70 9.32
C SER N 37 -21.25 -23.69 10.34
N SER N 38 -22.52 -23.30 10.26
CA SER N 38 -23.07 -22.39 11.26
C SER N 38 -23.30 -23.09 12.58
N ALA N 39 -23.60 -24.39 12.55
CA ALA N 39 -23.77 -25.15 13.79
C ALA N 39 -22.42 -25.43 14.43
N GLY N 40 -21.38 -25.61 13.62
CA GLY N 40 -20.06 -25.86 14.17
C GLY N 40 -19.39 -24.61 14.69
N ALA N 41 -19.63 -23.47 14.04
CA ALA N 41 -19.06 -22.21 14.52
C ALA N 41 -19.78 -21.73 15.77
N LYS N 42 -21.01 -22.19 15.98
CA LYS N 42 -21.76 -21.83 17.17
C LYS N 42 -21.28 -22.62 18.38
N SER N 43 -20.95 -23.89 18.18
CA SER N 43 -20.45 -24.72 19.27
C SER N 43 -19.03 -24.34 19.65
N THR N 44 -18.27 -23.79 18.71
CA THR N 44 -16.90 -23.39 18.98
C THR N 44 -16.85 -22.12 19.82
N VAL N 45 -17.75 -21.16 19.53
CA VAL N 45 -17.77 -19.92 20.28
C VAL N 45 -18.27 -20.14 21.70
N GLU N 46 -19.25 -21.03 21.87
CA GLU N 46 -19.79 -21.31 23.19
C GLU N 46 -18.85 -22.16 24.03
N THR N 47 -17.89 -22.84 23.40
CA THR N 47 -16.90 -23.60 24.16
C THR N 47 -15.88 -22.68 24.81
N PHE N 48 -15.44 -21.65 24.09
CA PHE N 48 -14.47 -20.71 24.64
C PHE N 48 -15.11 -19.79 25.68
N ILE N 49 -16.39 -19.45 25.50
CA ILE N 49 -17.05 -18.49 26.38
C ILE N 49 -17.36 -19.11 27.74
N SER N 50 -17.74 -20.39 27.76
CA SER N 50 -18.06 -21.06 29.01
C SER N 50 -16.84 -21.41 29.83
N SER N 51 -15.63 -21.26 29.29
CA SER N 51 -14.42 -21.41 30.06
C SER N 51 -14.23 -20.28 31.07
N MET N 52 -14.86 -19.12 30.84
CA MET N 52 -14.74 -17.98 31.71
C MET N 52 -15.79 -17.93 32.80
N THR N 53 -16.61 -18.97 32.92
CA THR N 53 -17.54 -19.08 34.03
C THR N 53 -16.83 -19.63 35.26
N ALA N 54 -17.56 -19.76 36.36
CA ALA N 54 -16.97 -20.17 37.63
C ALA N 54 -16.51 -21.62 37.59
N THR N 55 -15.31 -21.86 38.13
CA THR N 55 -14.73 -23.20 38.08
C THR N 55 -15.36 -24.09 39.14
N ALA N 56 -14.95 -25.36 39.13
CA ALA N 56 -15.58 -26.37 39.98
C ALA N 56 -15.23 -26.16 41.45
N ASP N 57 -14.06 -25.60 41.73
CA ASP N 57 -13.66 -25.36 43.11
C ASP N 57 -14.19 -24.04 43.65
N VAL N 58 -14.67 -23.16 42.78
CA VAL N 58 -15.24 -21.89 43.23
C VAL N 58 -16.69 -22.07 43.65
N LEU N 59 -17.48 -22.78 42.83
CA LEU N 59 -18.88 -23.02 43.18
C LEU N 59 -19.06 -24.16 44.17
N ALA N 60 -17.98 -24.79 44.63
CA ALA N 60 -18.07 -25.72 45.74
C ALA N 60 -18.09 -25.02 47.08
N MET N 61 -17.62 -23.77 47.13
CA MET N 61 -17.65 -22.94 48.33
C MET N 61 -18.81 -21.95 48.31
N ALA N 62 -19.89 -22.27 47.59
CA ALA N 62 -20.99 -21.34 47.43
C ALA N 62 -21.92 -21.31 48.63
N LYS N 63 -22.12 -22.45 49.29
CA LYS N 63 -23.07 -22.55 50.40
C LYS N 63 -22.38 -23.22 51.58
N VAL N 64 -22.36 -22.53 52.73
CA VAL N 64 -21.83 -23.12 53.95
C VAL N 64 -22.97 -23.75 54.73
N GLU N 65 -22.67 -24.82 55.49
CA GLU N 65 -23.67 -25.61 56.19
C GLU N 65 -23.32 -25.63 57.68
N VAL N 66 -24.19 -25.04 58.50
CA VAL N 66 -24.03 -25.03 59.95
C VAL N 66 -25.23 -25.72 60.60
N ASN N 67 -25.04 -26.12 61.85
CA ASN N 67 -26.06 -26.84 62.61
C ASN N 67 -26.84 -25.85 63.49
N LEU N 68 -27.67 -26.39 64.40
CA LEU N 68 -28.54 -25.54 65.22
C LEU N 68 -27.75 -24.80 66.30
N ALA N 69 -27.16 -25.55 67.24
CA ALA N 69 -26.48 -24.98 68.39
C ALA N 69 -25.01 -24.68 68.10
N ALA N 70 -24.59 -24.81 66.84
CA ALA N 70 -23.22 -24.55 66.43
C ALA N 70 -23.03 -23.12 65.93
N ILE N 71 -23.95 -22.23 66.25
CA ILE N 71 -23.83 -20.84 65.80
C ILE N 71 -23.03 -20.05 66.83
N PRO N 72 -22.27 -19.03 66.44
CA PRO N 72 -21.67 -18.18 67.49
C PRO N 72 -22.71 -17.24 68.05
N LEU N 73 -23.15 -17.51 69.28
CA LEU N 73 -24.41 -16.96 69.77
C LEU N 73 -24.29 -15.51 70.26
N GLY N 74 -23.30 -15.19 71.09
CA GLY N 74 -23.26 -13.86 71.68
C GLY N 74 -22.36 -12.90 70.93
N LYS N 75 -22.40 -12.95 69.60
CA LYS N 75 -21.45 -12.24 68.77
C LYS N 75 -22.20 -11.53 67.64
N ASN N 76 -21.43 -10.83 66.80
CA ASN N 76 -21.83 -10.45 65.44
C ASN N 76 -20.69 -10.86 64.51
N VAL N 77 -20.71 -12.11 64.07
CA VAL N 77 -19.62 -12.67 63.29
C VAL N 77 -19.81 -12.25 61.84
N VAL N 78 -18.79 -11.60 61.27
CA VAL N 78 -18.87 -11.15 59.89
C VAL N 78 -18.13 -12.18 59.05
N VAL N 79 -18.86 -13.20 58.61
CA VAL N 79 -18.33 -14.23 57.77
C VAL N 79 -18.18 -13.65 56.37
N LYS N 80 -17.19 -14.14 55.62
CA LYS N 80 -16.98 -13.75 54.23
C LYS N 80 -17.55 -14.84 53.31
N TRP N 81 -18.76 -15.31 53.66
CA TRP N 81 -19.53 -16.23 52.82
C TRP N 81 -19.76 -15.62 51.45
N GLN N 82 -19.34 -16.34 50.40
CA GLN N 82 -19.40 -15.92 49.00
C GLN N 82 -18.71 -14.58 48.75
N GLY N 83 -17.65 -14.30 49.51
CA GLY N 83 -16.98 -13.01 49.42
C GLY N 83 -17.80 -11.85 49.92
N LYS N 84 -18.85 -12.12 50.69
CA LYS N 84 -19.78 -11.09 51.12
C LYS N 84 -19.82 -11.01 52.63
N PRO N 85 -19.76 -9.80 53.20
CA PRO N 85 -19.99 -9.65 54.64
C PRO N 85 -21.44 -9.97 54.99
N VAL N 86 -21.64 -10.63 56.12
CA VAL N 86 -22.96 -11.06 56.57
C VAL N 86 -22.97 -11.04 58.10
N PHE N 87 -24.10 -10.64 58.68
CA PHE N 87 -24.23 -10.39 60.12
C PHE N 87 -25.18 -11.42 60.72
N ILE N 88 -24.73 -12.09 61.81
CA ILE N 88 -25.42 -13.23 62.40
C ILE N 88 -25.59 -12.98 63.90
N ARG N 89 -26.79 -13.26 64.40
CA ARG N 89 -27.10 -13.05 65.81
C ARG N 89 -28.03 -14.14 66.31
N HIS N 90 -27.72 -14.65 67.50
CA HIS N 90 -28.67 -15.46 68.27
C HIS N 90 -29.81 -14.60 68.79
N ARG N 91 -31.03 -14.98 68.43
CA ARG N 91 -32.23 -14.30 68.91
C ARG N 91 -32.80 -15.11 70.07
N THR N 92 -32.78 -14.52 71.24
CA THR N 92 -33.44 -15.07 72.41
C THR N 92 -34.96 -14.87 72.25
N PRO N 93 -35.80 -15.84 72.67
CA PRO N 93 -37.26 -15.66 72.53
C PRO N 93 -37.90 -14.58 73.40
N HIS N 94 -37.13 -13.77 74.12
CA HIS N 94 -37.69 -12.71 74.93
C HIS N 94 -37.88 -11.39 74.18
N GLU N 95 -37.23 -11.17 73.03
CA GLU N 95 -37.40 -9.91 72.32
C GLU N 95 -38.42 -9.99 71.18
N ILE N 96 -39.41 -10.89 71.25
CA ILE N 96 -40.59 -10.71 70.40
C ILE N 96 -41.46 -9.60 70.97
N GLN N 97 -41.44 -9.44 72.31
CA GLN N 97 -42.02 -8.25 72.92
C GLN N 97 -41.24 -6.98 72.52
N GLU N 98 -39.95 -7.13 72.24
CA GLU N 98 -39.06 -5.98 72.20
C GLU N 98 -38.56 -5.59 70.82
N ALA N 99 -38.64 -6.47 69.81
CA ALA N 99 -38.14 -6.08 68.49
C ALA N 99 -39.06 -5.08 67.81
N ASN N 100 -40.37 -5.32 67.88
CA ASN N 100 -41.34 -4.58 67.09
C ASN N 100 -42.10 -3.54 67.87
N SER N 101 -41.55 -3.10 69.00
CA SER N 101 -42.11 -1.94 69.69
C SER N 101 -41.79 -0.68 68.91
N VAL N 102 -40.77 -0.74 68.03
CA VAL N 102 -40.48 0.35 67.12
C VAL N 102 -41.60 0.43 66.08
N ASP N 103 -42.11 1.64 65.87
CA ASP N 103 -43.04 1.88 64.78
C ASP N 103 -42.28 1.99 63.46
N MET N 104 -42.77 1.29 62.45
CA MET N 104 -42.12 1.34 61.14
C MET N 104 -42.62 2.48 60.28
N SER N 105 -43.47 3.36 60.83
CA SER N 105 -43.81 4.61 60.16
C SER N 105 -42.76 5.69 60.40
N ALA N 106 -41.87 5.48 61.36
CA ALA N 106 -40.66 6.29 61.45
C ALA N 106 -39.61 5.85 60.44
N LEU N 107 -39.78 4.68 59.84
CA LEU N 107 -39.04 4.26 58.68
C LEU N 107 -39.70 4.79 57.41
N LYS N 108 -39.05 4.52 56.27
CA LYS N 108 -39.59 4.98 54.99
C LYS N 108 -40.40 3.90 54.28
N ASP N 109 -40.02 2.62 54.42
CA ASP N 109 -40.93 1.59 53.94
C ASP N 109 -41.02 0.47 54.96
N PRO N 110 -42.24 0.08 55.36
CA PRO N 110 -42.40 -0.98 56.37
C PRO N 110 -42.51 -2.37 55.78
N GLN N 111 -42.07 -3.42 56.50
CA GLN N 111 -42.49 -4.74 56.05
C GLN N 111 -43.37 -5.49 57.05
N THR N 112 -42.73 -6.05 58.09
CA THR N 112 -43.25 -6.70 59.31
C THR N 112 -41.95 -7.21 59.95
N ASP N 113 -41.98 -7.83 61.14
CA ASP N 113 -40.94 -8.78 61.50
C ASP N 113 -41.11 -10.11 60.78
N ALA N 114 -42.33 -10.44 60.34
CA ALA N 114 -42.63 -11.78 59.86
C ALA N 114 -42.07 -12.00 58.46
N ASP N 115 -42.30 -11.04 57.55
CA ASP N 115 -41.80 -11.18 56.19
C ASP N 115 -40.28 -11.04 56.14
N ARG N 116 -39.71 -10.22 57.02
CA ARG N 116 -38.25 -10.14 57.12
C ARG N 116 -37.68 -11.39 57.77
N VAL N 117 -37.99 -11.61 59.05
CA VAL N 117 -37.40 -12.69 59.82
C VAL N 117 -38.44 -13.81 59.88
N LYS N 118 -38.22 -14.86 59.10
CA LYS N 118 -39.01 -16.08 59.18
C LYS N 118 -38.45 -17.06 60.19
N ASP N 119 -37.55 -16.62 61.06
CA ASP N 119 -36.90 -17.47 62.03
C ASP N 119 -37.30 -17.06 63.44
N PRO N 120 -37.69 -18.00 64.29
CA PRO N 120 -38.05 -17.65 65.67
C PRO N 120 -36.86 -17.31 66.56
N GLN N 121 -35.77 -18.09 66.50
CA GLN N 121 -34.69 -17.93 67.46
C GLN N 121 -33.32 -17.70 66.82
N TRP N 122 -33.27 -17.44 65.51
CA TRP N 122 -32.01 -17.05 64.88
C TRP N 122 -32.25 -15.81 64.04
N LEU N 123 -31.14 -15.15 63.65
CA LEU N 123 -31.20 -13.86 62.98
C LEU N 123 -29.99 -13.65 62.08
N ILE N 124 -30.24 -13.50 60.77
CA ILE N 124 -29.20 -13.37 59.75
C ILE N 124 -29.62 -12.27 58.78
N MET N 125 -28.68 -11.39 58.42
CA MET N 125 -28.87 -10.48 57.28
C MET N 125 -27.51 -10.09 56.73
N LEU N 126 -27.39 -10.02 55.40
CA LEU N 126 -26.11 -9.71 54.79
C LEU N 126 -25.94 -8.21 54.59
N GLY N 127 -24.70 -7.81 54.32
CA GLY N 127 -24.34 -6.41 54.25
C GLY N 127 -23.65 -5.92 53.00
N ILE N 128 -24.05 -6.40 51.82
CA ILE N 128 -23.63 -5.80 50.55
C ILE N 128 -24.48 -4.54 50.39
N CYS N 129 -24.00 -3.44 50.97
CA CYS N 129 -24.85 -2.27 51.14
C CYS N 129 -24.92 -1.46 49.86
N THR N 130 -26.08 -0.84 49.64
CA THR N 130 -26.27 -0.03 48.43
C THR N 130 -25.64 1.35 48.56
N HIS N 131 -25.21 1.76 49.75
CA HIS N 131 -24.47 3.01 49.89
C HIS N 131 -23.13 2.87 49.18
N LEU N 132 -22.18 2.15 49.78
CA LEU N 132 -20.97 1.70 49.08
C LEU N 132 -20.56 0.31 49.55
N GLY N 133 -21.24 -0.24 50.57
CA GLY N 133 -20.82 -1.49 51.19
C GLY N 133 -20.19 -1.36 52.56
N CYS N 134 -20.86 -0.56 53.40
CA CYS N 134 -20.35 -0.24 54.75
C CYS N 134 -20.38 -1.46 55.68
N VAL N 135 -20.01 -1.26 56.95
CA VAL N 135 -20.06 -2.32 57.95
C VAL N 135 -20.29 -1.66 59.32
N PRO N 136 -21.09 -2.26 60.22
CA PRO N 136 -21.31 -1.66 61.54
C PRO N 136 -20.32 -2.11 62.62
N ILE N 137 -20.48 -1.57 63.84
CA ILE N 137 -19.79 -2.06 65.04
C ILE N 137 -20.84 -2.83 65.84
N GLY N 138 -20.42 -3.84 66.62
CA GLY N 138 -21.30 -4.65 67.47
C GLY N 138 -22.15 -3.92 68.50
N GLU N 139 -22.96 -4.66 69.27
CA GLU N 139 -24.17 -4.11 69.86
C GLU N 139 -23.89 -3.15 71.03
N ALA N 140 -23.56 -1.93 70.65
CA ALA N 140 -23.67 -0.74 71.49
C ALA N 140 -24.55 0.28 70.76
N GLY N 141 -24.77 1.41 71.40
CA GLY N 141 -25.55 2.45 70.75
C GLY N 141 -26.87 2.76 71.43
N ASP N 142 -27.98 2.34 70.82
CA ASP N 142 -29.30 2.82 71.19
C ASP N 142 -30.24 1.77 71.76
N PHE N 143 -30.33 0.58 71.16
CA PHE N 143 -31.36 -0.37 71.54
C PHE N 143 -30.81 -1.78 71.73
N GLY N 144 -29.55 -2.00 71.41
CA GLY N 144 -29.04 -3.33 71.14
C GLY N 144 -28.85 -3.60 69.67
N GLY N 145 -28.93 -2.57 68.83
CA GLY N 145 -28.74 -2.70 67.40
C GLY N 145 -27.28 -2.69 67.01
N TRP N 146 -26.93 -1.90 65.99
CA TRP N 146 -25.54 -1.85 65.53
C TRP N 146 -25.23 -0.44 65.04
N PHE N 147 -24.44 0.30 65.83
CA PHE N 147 -23.94 1.62 65.45
C PHE N 147 -22.70 1.44 64.60
N CYS N 148 -22.76 1.92 63.36
CA CYS N 148 -21.94 2.03 62.17
C CYS N 148 -21.10 3.31 62.19
N PRO N 149 -19.79 3.24 61.90
CA PRO N 149 -18.96 4.45 61.93
C PRO N 149 -18.76 5.15 60.59
N CYS N 150 -19.49 4.75 59.56
CA CYS N 150 -19.21 5.36 58.24
C CYS N 150 -19.87 6.74 58.20
N HIS N 151 -21.20 6.81 58.26
CA HIS N 151 -21.95 8.07 58.24
C HIS N 151 -22.84 8.23 59.47
N GLY N 152 -22.61 7.46 60.52
CA GLY N 152 -23.39 7.63 61.74
C GLY N 152 -24.72 6.90 61.75
N SER N 153 -24.84 5.79 61.03
CA SER N 153 -26.08 5.03 61.03
C SER N 153 -26.16 4.08 62.23
N HIS N 154 -27.37 3.90 62.76
CA HIS N 154 -27.66 2.86 63.74
C HIS N 154 -29.14 2.56 63.67
N TYR N 155 -29.50 1.32 64.01
CA TYR N 155 -30.85 0.81 63.76
C TYR N 155 -31.19 -0.23 64.83
N ASP N 156 -32.28 -0.95 64.60
CA ASP N 156 -32.94 -1.77 65.61
C ASP N 156 -32.17 -3.08 65.83
N ILE N 157 -32.72 -3.96 66.68
CA ILE N 157 -32.06 -5.22 66.96
C ILE N 157 -32.24 -6.20 65.78
N SER N 158 -33.20 -5.92 64.90
CA SER N 158 -33.49 -6.88 63.84
C SER N 158 -32.82 -6.52 62.51
N GLY N 159 -32.61 -5.23 62.25
CA GLY N 159 -31.90 -4.83 61.05
C GLY N 159 -32.62 -3.87 60.10
N ARG N 160 -33.50 -2.98 60.56
CA ARG N 160 -34.21 -2.08 59.65
C ARG N 160 -33.92 -0.62 59.97
N ILE N 161 -33.49 0.13 58.95
CA ILE N 161 -32.81 1.41 59.12
C ILE N 161 -33.82 2.53 59.04
N ARG N 162 -33.79 3.44 60.01
CA ARG N 162 -34.32 4.77 59.76
C ARG N 162 -33.47 5.87 60.40
N LYS N 163 -32.68 5.54 61.42
CA LYS N 163 -31.93 6.54 62.16
C LYS N 163 -30.56 6.73 61.51
N GLY N 164 -30.43 7.79 60.73
CA GLY N 164 -29.33 7.94 59.81
C GLY N 164 -29.82 7.81 58.39
N PRO N 165 -29.08 8.37 57.43
CA PRO N 165 -29.58 8.42 56.04
C PRO N 165 -29.37 7.12 55.26
N ALA N 166 -30.27 6.16 55.47
CA ALA N 166 -30.29 4.94 54.68
C ALA N 166 -31.73 4.46 54.50
N PRO N 167 -32.38 4.75 53.36
CA PRO N 167 -33.83 4.55 53.25
C PRO N 167 -34.27 3.11 53.03
N LEU N 168 -33.48 2.35 52.28
CA LEU N 168 -33.85 0.98 51.93
C LEU N 168 -33.51 0.03 53.07
N ASN N 169 -33.55 -1.27 52.79
CA ASN N 169 -32.92 -2.26 53.65
C ASN N 169 -32.36 -3.40 52.80
N LEU N 170 -31.54 -4.23 53.44
CA LEU N 170 -30.65 -5.13 52.72
C LEU N 170 -31.35 -6.42 52.32
N GLU N 171 -30.71 -7.13 51.40
CA GLU N 171 -31.15 -8.47 51.04
C GLU N 171 -30.87 -9.42 52.21
N ILE N 172 -31.84 -10.27 52.52
CA ILE N 172 -31.62 -11.30 53.53
C ILE N 172 -31.10 -12.53 52.78
N PRO N 173 -30.16 -13.29 53.34
CA PRO N 173 -29.66 -14.47 52.63
C PRO N 173 -30.71 -15.57 52.60
N ALA N 174 -30.72 -16.32 51.50
CA ALA N 174 -31.68 -17.41 51.34
C ALA N 174 -31.21 -18.64 52.10
N TYR N 175 -31.23 -18.58 53.43
CA TYR N 175 -30.93 -19.77 54.22
C TYR N 175 -32.13 -20.70 54.21
N GLU N 176 -31.90 -21.97 54.54
CA GLU N 176 -32.87 -23.01 54.27
C GLU N 176 -32.68 -24.13 55.27
N PHE N 177 -33.79 -24.60 55.83
CA PHE N 177 -33.80 -25.63 56.87
C PHE N 177 -34.29 -26.94 56.28
N ASP N 178 -33.56 -28.02 56.55
CA ASP N 178 -34.01 -29.36 56.19
C ASP N 178 -33.44 -30.38 57.16
N GLY N 179 -34.19 -30.70 58.21
CA GLY N 179 -33.83 -31.81 59.08
C GLY N 179 -32.57 -31.62 59.90
N ASP N 180 -32.65 -30.75 60.91
CA ASP N 180 -31.56 -30.45 61.85
C ASP N 180 -30.34 -29.86 61.14
N LYS N 181 -30.59 -29.06 60.10
CA LYS N 181 -29.55 -28.38 59.34
C LYS N 181 -30.08 -27.01 58.91
N VAL N 182 -29.14 -26.11 58.64
CA VAL N 182 -29.44 -24.85 57.98
C VAL N 182 -28.27 -24.49 57.06
N ILE N 183 -28.58 -24.17 55.81
CA ILE N 183 -27.57 -23.94 54.77
C ILE N 183 -27.68 -22.49 54.36
N VAL N 184 -26.69 -21.69 54.74
CA VAL N 184 -26.64 -20.28 54.36
C VAL N 184 -26.24 -20.19 52.89
N GLY N 185 -27.22 -20.00 52.01
CA GLY N 185 -26.95 -19.95 50.59
C GLY N 185 -28.14 -20.33 49.73
N GLU O 1 -10.90 -71.39 48.24
CA GLU O 1 -11.41 -72.04 47.05
C GLU O 1 -10.80 -71.45 45.79
N VAL O 2 -11.12 -70.18 45.51
CA VAL O 2 -10.61 -69.51 44.32
C VAL O 2 -9.25 -68.90 44.62
N THR O 3 -8.22 -69.40 43.95
CA THR O 3 -6.89 -68.82 44.01
C THR O 3 -6.61 -68.05 42.72
N ASP O 4 -5.38 -67.56 42.60
CA ASP O 4 -5.05 -66.52 41.64
C ASP O 4 -5.10 -67.05 40.21
N GLN O 5 -5.73 -66.28 39.33
CA GLN O 5 -5.94 -66.72 37.95
C GLN O 5 -4.67 -66.61 37.12
N LEU O 6 -3.84 -65.61 37.40
CA LEU O 6 -2.62 -65.42 36.62
C LEU O 6 -1.58 -66.48 36.94
N GLU O 7 -1.54 -66.93 38.20
CA GLU O 7 -0.63 -67.98 38.60
C GLU O 7 -0.99 -69.33 37.99
N ASP O 8 -2.28 -69.58 37.75
CA ASP O 8 -2.67 -70.84 37.12
C ASP O 8 -2.37 -70.86 35.63
N LEU O 9 -2.46 -69.72 34.97
CA LEU O 9 -2.17 -69.66 33.54
C LEU O 9 -0.66 -69.72 33.28
N ARG O 10 0.12 -69.17 34.22
CA ARG O 10 1.58 -69.25 34.10
C ARG O 10 2.07 -70.67 34.33
N GLU O 11 1.36 -71.42 35.18
CA GLU O 11 1.71 -72.81 35.43
C GLU O 11 1.36 -73.68 34.24
N HIS O 12 0.28 -73.35 33.54
CA HIS O 12 -0.18 -74.19 32.44
C HIS O 12 0.72 -74.06 31.22
N PHE O 13 1.10 -72.82 30.87
CA PHE O 13 1.93 -72.60 29.70
C PHE O 13 3.41 -72.89 29.94
N LYS O 14 3.80 -73.14 31.19
CA LYS O 14 5.14 -73.59 31.49
C LYS O 14 5.34 -75.09 31.26
N ASN O 15 4.27 -75.80 30.91
CA ASN O 15 4.31 -77.24 30.68
C ASN O 15 4.06 -77.61 29.24
N THR O 16 4.09 -76.65 28.32
CA THR O 16 3.97 -76.94 26.90
C THR O 16 5.36 -77.32 26.35
N GLU O 17 5.46 -77.45 25.04
CA GLU O 17 6.73 -77.88 24.45
C GLU O 17 7.73 -76.73 24.39
N GLU O 18 7.28 -75.53 24.05
CA GLU O 18 8.15 -74.38 24.06
C GLU O 18 8.51 -73.95 25.49
N GLY O 19 7.60 -74.14 26.44
CA GLY O 19 7.86 -73.72 27.80
C GLY O 19 8.88 -74.58 28.50
N LYS O 20 8.91 -75.87 28.18
CA LYS O 20 9.87 -76.77 28.84
C LYS O 20 11.28 -76.54 28.31
N ALA O 21 11.41 -76.01 27.10
CA ALA O 21 12.73 -75.75 26.53
C ALA O 21 13.35 -74.52 27.15
N LEU O 22 12.55 -73.48 27.41
CA LEU O 22 13.07 -72.25 27.98
C LEU O 22 13.36 -72.40 29.47
N VAL O 23 12.63 -73.29 30.16
CA VAL O 23 12.92 -73.56 31.56
C VAL O 23 14.25 -74.30 31.69
N HIS O 24 14.52 -75.24 30.79
CA HIS O 24 15.73 -76.04 30.84
C HIS O 24 16.97 -75.21 30.54
N HIS O 25 16.83 -74.18 29.71
CA HIS O 25 17.95 -73.30 29.42
C HIS O 25 18.29 -72.43 30.62
N TYR O 26 17.28 -72.04 31.40
CA TYR O 26 17.52 -71.19 32.55
C TYR O 26 18.13 -71.96 33.71
N GLU O 27 17.70 -73.20 33.95
CA GLU O 27 18.24 -73.95 35.07
C GLU O 27 19.61 -74.52 34.78
N GLU O 28 19.98 -74.67 33.50
CA GLU O 28 21.34 -75.06 33.19
C GLU O 28 22.28 -73.86 33.15
N CYS O 29 21.72 -72.65 33.16
CA CYS O 29 22.53 -71.47 33.41
C CYS O 29 22.83 -71.32 34.90
N ALA O 30 21.85 -71.63 35.74
CA ALA O 30 22.00 -71.45 37.18
C ALA O 30 22.93 -72.48 37.80
N GLU O 31 23.18 -73.60 37.13
CA GLU O 31 24.15 -74.56 37.63
C GLU O 31 25.57 -74.05 37.48
N ARG O 32 25.85 -73.35 36.37
CA ARG O 32 27.18 -72.80 36.15
C ARG O 32 27.48 -71.66 37.12
N VAL O 33 26.48 -70.85 37.43
CA VAL O 33 26.67 -69.73 38.36
C VAL O 33 26.83 -70.26 39.78
N LYS O 34 26.16 -71.37 40.11
CA LYS O 34 26.28 -71.95 41.43
C LYS O 34 27.67 -72.51 41.69
N ILE O 35 28.26 -73.20 40.71
CA ILE O 35 29.62 -73.70 40.86
C ILE O 35 30.66 -72.59 40.93
N GLN O 36 30.56 -71.56 40.09
CA GLN O 36 31.61 -70.57 40.02
C GLN O 36 31.61 -69.60 41.20
N GLN O 37 30.53 -69.57 41.99
CA GLN O 37 30.54 -68.71 43.16
C GLN O 37 30.66 -69.48 44.48
N GLN O 38 30.70 -70.81 44.45
CA GLN O 38 30.92 -71.59 45.66
C GLN O 38 32.39 -71.98 45.77
N GLN O 39 33.13 -71.81 44.67
CA GLN O 39 34.58 -72.00 44.59
C GLN O 39 35.24 -70.71 45.07
N PRO O 40 36.60 -70.58 45.09
CA PRO O 40 37.18 -69.28 45.45
C PRO O 40 36.87 -68.18 44.45
N GLY O 41 35.63 -67.69 44.50
CA GLY O 41 35.15 -66.57 43.72
C GLY O 41 34.71 -65.46 44.65
N TYR O 42 35.32 -64.29 44.46
CA TYR O 42 35.30 -63.17 45.40
C TYR O 42 35.10 -61.92 44.57
N ALA O 43 35.55 -60.79 45.10
CA ALA O 43 35.89 -59.63 44.27
C ALA O 43 37.11 -59.83 43.37
N ASP O 44 37.71 -61.03 43.39
CA ASP O 44 38.85 -61.34 42.54
C ASP O 44 38.50 -61.35 41.06
N LEU O 45 37.28 -61.76 40.72
CA LEU O 45 36.88 -61.86 39.33
C LEU O 45 36.51 -60.49 38.75
N GLU O 46 36.79 -60.34 37.46
CA GLU O 46 36.51 -59.08 36.76
C GLU O 46 35.04 -58.96 36.37
N HIS O 47 34.38 -60.09 36.12
CA HIS O 47 32.98 -60.06 35.68
C HIS O 47 32.28 -61.29 36.25
N LYS O 48 31.32 -61.06 37.13
CA LYS O 48 30.47 -62.13 37.64
C LYS O 48 29.31 -62.34 36.68
N GLU O 49 29.05 -63.60 36.33
CA GLU O 49 28.00 -63.94 35.39
C GLU O 49 26.69 -64.23 36.11
N ASP O 50 25.60 -63.65 35.62
CA ASP O 50 24.26 -63.93 36.11
C ASP O 50 23.41 -64.51 34.98
N CYS O 51 22.16 -64.83 35.29
CA CYS O 51 21.25 -65.44 34.34
C CYS O 51 20.01 -64.57 34.13
N VAL O 52 20.22 -63.27 33.93
CA VAL O 52 19.09 -62.37 33.73
C VAL O 52 18.49 -62.55 32.34
N GLU O 53 19.34 -62.75 31.32
CA GLU O 53 18.85 -62.86 29.95
C GLU O 53 18.06 -64.15 29.74
N GLU O 54 18.45 -65.23 30.41
CA GLU O 54 17.69 -66.47 30.31
C GLU O 54 16.38 -66.37 31.08
N PHE O 55 16.36 -65.52 32.11
CA PHE O 55 15.11 -65.24 32.81
C PHE O 55 14.21 -64.34 31.99
N PHE O 56 14.80 -63.40 31.24
CA PHE O 56 14.01 -62.50 30.41
C PHE O 56 13.45 -63.23 29.20
N HIS O 57 14.14 -64.27 28.72
CA HIS O 57 13.66 -65.01 27.56
C HIS O 57 12.46 -65.87 27.92
N LEU O 58 12.47 -66.46 29.12
CA LEU O 58 11.34 -67.26 29.57
C LEU O 58 10.15 -66.40 29.93
N GLN O 59 10.40 -65.21 30.50
CA GLN O 59 9.29 -64.38 30.96
C GLN O 59 8.58 -63.69 29.80
N HIS O 60 9.26 -63.52 28.66
CA HIS O 60 8.63 -62.87 27.51
C HIS O 60 7.70 -63.82 26.79
N TYR O 61 7.99 -65.13 26.82
CA TYR O 61 7.10 -66.10 26.20
C TYR O 61 5.84 -66.28 27.05
N LEU O 62 5.99 -66.25 28.37
CA LEU O 62 4.86 -66.38 29.28
C LEU O 62 3.93 -65.17 29.19
N ASP O 63 4.44 -64.00 28.84
CA ASP O 63 3.57 -62.82 28.77
C ASP O 63 2.82 -62.76 27.46
N THR O 64 3.41 -63.27 26.39
CA THR O 64 2.75 -63.28 25.09
C THR O 64 1.58 -64.25 25.06
N ALA O 65 1.66 -65.34 25.80
CA ALA O 65 0.61 -66.35 25.80
C ALA O 65 -0.49 -66.08 26.83
N THR O 66 -0.21 -65.29 27.86
CA THR O 66 -1.14 -65.10 28.96
C THR O 66 -1.95 -63.82 28.85
N ALA O 67 -1.34 -62.75 28.35
CA ALA O 67 -2.03 -61.46 28.26
C ALA O 67 -3.28 -61.41 27.37
N PRO O 68 -3.41 -62.15 26.26
CA PRO O 68 -4.72 -62.16 25.58
C PRO O 68 -5.82 -62.95 26.29
N ARG O 69 -5.51 -63.70 27.35
CA ARG O 69 -6.49 -64.58 27.95
C ARG O 69 -6.85 -64.26 29.40
N LEU O 70 -6.17 -63.32 30.05
CA LEU O 70 -6.33 -63.18 31.49
C LEU O 70 -7.62 -62.48 31.86
N PHE O 71 -7.98 -61.41 31.16
CA PHE O 71 -9.10 -60.58 31.60
C PHE O 71 -10.46 -61.19 31.30
N ASP O 72 -10.52 -62.33 30.61
CA ASP O 72 -11.77 -63.06 30.47
C ASP O 72 -12.12 -63.85 31.72
N LYS O 73 -11.15 -64.14 32.57
CA LYS O 73 -11.37 -64.87 33.81
C LYS O 73 -11.53 -63.96 35.02
N LEU O 74 -11.35 -62.65 34.86
CA LEU O 74 -11.53 -61.70 35.93
C LEU O 74 -12.87 -61.00 35.79
N LYS O 75 -13.46 -60.67 36.94
CA LYS O 75 -14.76 -60.01 36.94
C LYS O 75 -14.60 -58.50 36.78
N PRO P 1 22.20 -19.50 -12.74
CA PRO P 1 22.79 -18.53 -13.63
C PRO P 1 24.26 -18.77 -13.89
N GLN P 2 24.61 -19.74 -14.73
CA GLN P 2 26.03 -19.95 -15.01
C GLN P 2 26.54 -18.91 -16.00
N SER P 3 26.23 -19.10 -17.29
CA SER P 3 26.32 -18.19 -18.43
C SER P 3 25.94 -19.03 -19.62
N PHE P 4 25.41 -18.45 -20.69
CA PHE P 4 25.25 -19.26 -21.89
C PHE P 4 26.51 -19.28 -22.74
N THR P 5 27.46 -18.39 -22.44
CA THR P 5 28.75 -18.42 -23.10
C THR P 5 29.63 -19.51 -22.51
N SER P 6 29.48 -19.77 -21.21
CA SER P 6 30.27 -20.83 -20.56
C SER P 6 29.73 -22.21 -20.90
N ILE P 7 28.42 -22.34 -21.07
CA ILE P 7 27.81 -23.62 -21.44
C ILE P 7 28.26 -24.03 -22.84
N ALA P 8 28.32 -23.06 -23.75
CA ALA P 8 28.71 -23.35 -25.12
C ALA P 8 30.21 -23.58 -25.24
N ARG P 9 31.00 -23.04 -24.31
CA ARG P 9 32.45 -23.23 -24.35
C ARG P 9 32.82 -24.65 -23.93
N ILE P 10 32.16 -25.18 -22.90
CA ILE P 10 32.40 -26.54 -22.47
C ILE P 10 31.77 -27.54 -23.44
N GLY P 11 30.61 -27.20 -23.99
CA GLY P 11 29.90 -28.13 -24.85
C GLY P 11 30.52 -28.29 -26.22
N ASP P 12 31.19 -27.24 -26.71
CA ASP P 12 31.84 -27.35 -28.02
C ASP P 12 33.15 -28.11 -27.91
N TYR P 13 33.80 -28.07 -26.74
CA TYR P 13 35.01 -28.85 -26.54
C TYR P 13 34.72 -30.34 -26.48
N ILE P 14 33.54 -30.71 -25.98
CA ILE P 14 33.16 -32.12 -25.90
C ILE P 14 32.82 -32.65 -27.29
N LEU P 15 32.07 -31.86 -28.07
CA LEU P 15 31.61 -32.33 -29.37
C LEU P 15 32.71 -32.38 -30.42
N LYS P 16 33.80 -31.64 -30.22
CA LYS P 16 34.92 -31.72 -31.16
C LYS P 16 35.91 -32.81 -30.79
N SER P 17 35.91 -33.27 -29.54
CA SER P 17 36.78 -34.38 -29.18
C SER P 17 36.16 -35.70 -29.63
N PRO P 18 36.93 -36.58 -30.27
CA PRO P 18 36.34 -37.81 -30.82
C PRO P 18 36.04 -38.87 -29.77
N VAL P 19 36.81 -38.88 -28.67
CA VAL P 19 36.60 -39.92 -27.65
C VAL P 19 35.65 -39.42 -26.57
N LEU P 20 35.53 -38.10 -26.40
CA LEU P 20 34.60 -37.58 -25.40
C LEU P 20 33.19 -37.52 -25.97
N SER P 21 33.05 -37.52 -27.30
CA SER P 21 31.73 -37.44 -27.90
C SER P 21 31.03 -38.79 -27.91
N LYS P 22 31.81 -39.87 -27.95
CA LYS P 22 31.20 -41.20 -27.96
C LYS P 22 30.75 -41.60 -26.57
N LEU P 23 31.23 -40.93 -25.54
CA LEU P 23 30.96 -41.31 -24.16
C LEU P 23 29.91 -40.44 -23.49
N CYS P 24 29.81 -39.17 -23.87
CA CYS P 24 28.92 -38.23 -23.20
C CYS P 24 27.60 -37.97 -23.92
N VAL P 25 27.57 -38.13 -25.24
CA VAL P 25 26.38 -37.83 -26.04
C VAL P 25 25.28 -38.89 -25.89
N PRO P 26 25.56 -40.22 -25.85
CA PRO P 26 24.46 -41.15 -25.51
C PRO P 26 23.90 -40.99 -24.11
N VAL P 27 24.69 -40.49 -23.16
CA VAL P 27 24.17 -40.19 -21.83
C VAL P 27 23.25 -38.98 -21.89
N ALA P 28 23.56 -38.01 -22.75
CA ALA P 28 22.74 -36.80 -22.86
C ALA P 28 21.43 -37.08 -23.58
N ASN P 29 21.38 -38.12 -24.41
CA ASN P 29 20.15 -38.44 -25.12
C ASN P 29 19.14 -39.11 -24.19
N GLN P 30 19.61 -39.94 -23.25
CA GLN P 30 18.71 -40.55 -22.30
C GLN P 30 18.29 -39.56 -21.21
N PHE P 31 19.09 -38.53 -20.99
CA PHE P 31 18.74 -37.52 -19.99
C PHE P 31 17.59 -36.65 -20.49
N ILE P 32 17.50 -36.42 -21.79
CA ILE P 32 16.45 -35.59 -22.36
C ILE P 32 15.15 -36.36 -22.48
N ASN P 33 15.22 -37.65 -22.83
CA ASN P 33 14.01 -38.46 -22.93
C ASN P 33 13.40 -38.75 -21.56
N LEU P 34 14.22 -38.79 -20.52
CA LEU P 34 13.69 -38.98 -19.17
C LEU P 34 13.18 -37.67 -18.56
N ALA P 35 13.49 -36.53 -19.18
CA ALA P 35 13.00 -35.25 -18.67
C ALA P 35 11.52 -35.09 -18.92
N GLY P 36 11.07 -35.39 -20.14
CA GLY P 36 9.65 -35.45 -20.45
C GLY P 36 8.99 -34.16 -20.82
N TYR P 37 9.75 -33.12 -21.21
CA TYR P 37 9.13 -31.87 -21.61
C TYR P 37 8.53 -31.96 -23.01
N LYS P 38 9.03 -32.85 -23.86
CA LYS P 38 8.49 -33.02 -25.21
C LYS P 38 7.12 -33.68 -25.21
N LYS P 39 6.78 -34.40 -24.14
CA LYS P 39 5.45 -34.99 -24.00
C LYS P 39 4.39 -33.96 -23.61
N LEU P 40 4.80 -32.78 -23.15
CA LEU P 40 3.88 -31.67 -22.92
C LEU P 40 3.85 -30.71 -24.09
N GLY P 41 4.53 -31.03 -25.18
CA GLY P 41 4.56 -30.18 -26.35
C GLY P 41 5.45 -28.97 -26.23
N LEU P 42 6.60 -29.11 -25.59
CA LEU P 42 7.51 -28.00 -25.36
C LEU P 42 8.88 -28.29 -25.98
N LYS P 43 9.57 -27.23 -26.34
CA LYS P 43 10.99 -27.27 -26.68
C LYS P 43 11.80 -26.81 -25.47
N PHE P 44 13.12 -26.99 -25.55
CA PHE P 44 13.94 -26.64 -24.39
C PHE P 44 14.04 -25.14 -24.20
N ASP P 45 14.03 -24.36 -25.29
CA ASP P 45 14.17 -22.92 -25.16
C ASP P 45 12.93 -22.25 -24.59
N ASP P 46 11.81 -22.97 -24.46
CA ASP P 46 10.66 -22.49 -23.72
C ASP P 46 10.86 -22.57 -22.22
N LEU P 47 11.81 -23.37 -21.76
CA LEU P 47 12.01 -23.67 -20.34
C LEU P 47 12.93 -22.69 -19.64
N ILE P 48 13.63 -21.83 -20.38
CA ILE P 48 14.62 -20.94 -19.78
C ILE P 48 13.91 -19.83 -19.00
N ALA P 49 14.39 -19.58 -17.79
CA ALA P 49 13.80 -18.53 -16.94
C ALA P 49 14.10 -17.16 -17.52
N GLU P 50 13.11 -16.27 -17.48
CA GLU P 50 13.10 -15.07 -18.29
C GLU P 50 13.08 -13.76 -17.54
N GLU P 51 13.19 -13.77 -16.21
CA GLU P 51 13.09 -12.54 -15.42
C GLU P 51 14.48 -11.95 -15.15
N ASN P 52 15.17 -11.63 -16.22
CA ASN P 52 16.54 -11.08 -16.19
C ASN P 52 16.65 -10.16 -17.41
N PRO P 53 17.47 -9.07 -17.43
CA PRO P 53 17.52 -8.19 -18.60
C PRO P 53 18.16 -8.77 -19.86
N ILE P 54 18.97 -9.81 -19.74
CA ILE P 54 19.52 -10.45 -20.94
C ILE P 54 18.42 -11.19 -21.69
N MET P 55 17.56 -11.89 -20.95
CA MET P 55 16.51 -12.68 -21.57
C MET P 55 15.37 -11.81 -22.07
N GLN P 56 15.16 -10.64 -21.47
CA GLN P 56 14.12 -9.74 -21.96
C GLN P 56 14.54 -9.06 -23.26
N THR P 57 15.85 -8.89 -23.47
CA THR P 57 16.35 -8.34 -24.72
C THR P 57 16.17 -9.34 -25.86
N ALA P 58 16.47 -10.61 -25.61
CA ALA P 58 16.40 -11.63 -26.67
C ALA P 58 14.96 -11.94 -27.07
N LEU P 59 13.99 -11.74 -26.18
CA LEU P 59 12.60 -11.99 -26.52
C LEU P 59 11.97 -10.84 -27.30
N ARG P 60 12.52 -9.63 -27.19
CA ARG P 60 12.05 -8.52 -28.01
C ARG P 60 12.49 -8.67 -29.47
N ARG P 61 13.68 -9.21 -29.69
CA ARG P 61 14.27 -9.29 -31.02
C ARG P 61 13.84 -10.52 -31.80
N LEU P 62 13.03 -11.37 -31.21
CA LEU P 62 12.51 -12.56 -31.86
C LEU P 62 11.48 -12.15 -32.93
N PRO P 63 11.49 -12.81 -34.10
CA PRO P 63 10.49 -12.50 -35.13
C PRO P 63 9.08 -12.85 -34.70
N GLU P 64 8.11 -12.21 -35.35
CA GLU P 64 6.75 -12.17 -34.83
C GLU P 64 6.03 -13.50 -35.00
N ASP P 65 6.33 -14.26 -36.05
CA ASP P 65 5.63 -15.51 -36.25
C ASP P 65 6.12 -16.58 -35.28
N GLU P 66 7.35 -16.44 -34.80
CA GLU P 66 7.87 -17.38 -33.82
C GLU P 66 7.45 -17.03 -32.41
N SER P 67 7.11 -15.77 -32.17
CA SER P 67 6.60 -15.38 -30.86
C SER P 67 5.15 -15.83 -30.68
N TYR P 68 4.40 -15.89 -31.77
CA TYR P 68 3.02 -16.37 -31.69
C TYR P 68 2.98 -17.87 -31.45
N ALA P 69 3.92 -18.60 -32.05
CA ALA P 69 3.96 -20.05 -31.88
C ALA P 69 4.46 -20.42 -30.50
N ARG P 70 5.36 -19.62 -29.92
CA ARG P 70 5.89 -19.89 -28.60
C ARG P 70 4.82 -19.66 -27.53
N ALA P 71 3.97 -18.65 -27.72
CA ALA P 71 2.93 -18.34 -26.75
C ALA P 71 1.84 -19.41 -26.75
N TYR P 72 1.62 -20.08 -27.87
CA TYR P 72 0.63 -21.15 -27.91
C TYR P 72 1.13 -22.41 -27.22
N ARG P 73 2.43 -22.70 -27.32
CA ARG P 73 2.97 -23.91 -26.71
C ARG P 73 3.00 -23.78 -25.19
N ILE P 74 3.12 -22.56 -24.67
CA ILE P 74 3.15 -22.35 -23.23
C ILE P 74 1.75 -22.45 -22.65
N ILE P 75 0.76 -21.92 -23.37
CA ILE P 75 -0.63 -21.96 -22.91
C ILE P 75 -1.17 -23.39 -22.96
N ARG P 76 -0.78 -24.15 -23.99
CA ARG P 76 -1.23 -25.54 -24.12
C ARG P 76 -0.62 -26.43 -23.04
N ALA P 77 0.57 -26.06 -22.55
CA ALA P 77 1.21 -26.87 -21.51
C ALA P 77 0.63 -26.59 -20.14
N HIS P 78 0.11 -25.38 -19.91
CA HIS P 78 -0.52 -25.08 -18.64
C HIS P 78 -1.87 -25.76 -18.51
N GLN P 79 -2.58 -25.94 -19.63
CA GLN P 79 -3.88 -26.59 -19.59
C GLN P 79 -3.72 -28.11 -19.46
N THR P 80 -2.67 -28.66 -20.07
CA THR P 80 -2.42 -30.09 -19.99
C THR P 80 -2.03 -30.51 -18.58
N GLU P 81 -1.40 -29.63 -17.81
CA GLU P 81 -0.90 -30.02 -16.50
C GLU P 81 -2.01 -30.03 -15.46
N LEU P 82 -2.94 -29.06 -15.53
CA LEU P 82 -4.00 -28.98 -14.53
C LEU P 82 -5.03 -30.11 -14.68
N THR P 83 -5.09 -30.75 -15.84
CA THR P 83 -5.93 -31.92 -16.02
C THR P 83 -5.20 -33.21 -15.70
N HIS P 84 -3.90 -33.13 -15.36
CA HIS P 84 -3.06 -34.25 -14.94
C HIS P 84 -2.95 -35.33 -16.01
N HIS P 85 -2.86 -34.91 -17.27
CA HIS P 85 -2.71 -35.81 -18.40
C HIS P 85 -1.46 -35.45 -19.18
N LEU P 86 -1.20 -36.21 -20.24
CA LEU P 86 -0.22 -35.86 -21.25
C LEU P 86 -0.93 -35.63 -22.58
N LEU P 87 -0.18 -35.09 -23.54
CA LEU P 87 -0.72 -34.87 -24.86
C LEU P 87 -0.85 -36.21 -25.60
N PRO P 88 -1.67 -36.25 -26.66
CA PRO P 88 -1.63 -37.41 -27.56
C PRO P 88 -0.28 -37.55 -28.22
N ARG P 89 0.06 -38.79 -28.58
CA ARG P 89 1.39 -39.12 -29.07
C ARG P 89 1.71 -38.54 -30.44
N ASN P 90 0.70 -38.12 -31.20
CA ASN P 90 0.95 -37.45 -32.47
C ASN P 90 1.19 -35.95 -32.32
N GLU P 91 1.13 -35.42 -31.11
CA GLU P 91 1.39 -34.01 -30.85
C GLU P 91 2.66 -33.80 -30.03
N TRP P 92 3.44 -34.86 -29.82
CA TRP P 92 4.71 -34.71 -29.11
C TRP P 92 5.73 -34.04 -30.00
N ILE P 93 6.60 -33.24 -29.38
CA ILE P 93 7.69 -32.62 -30.13
C ILE P 93 8.70 -33.69 -30.52
N LYS P 94 9.05 -33.73 -31.80
CA LYS P 94 10.02 -34.68 -32.29
C LYS P 94 11.44 -34.18 -32.04
N ALA P 95 12.40 -35.06 -32.29
CA ALA P 95 13.79 -34.73 -32.00
C ALA P 95 14.37 -33.73 -33.00
N GLN P 96 13.91 -33.75 -34.24
CA GLN P 96 14.39 -32.81 -35.24
C GLN P 96 13.63 -31.49 -35.23
N GLU P 97 12.68 -31.31 -34.31
CA GLU P 97 12.02 -30.03 -34.11
C GLU P 97 12.53 -29.29 -32.88
N ASP P 98 13.23 -29.98 -31.98
CA ASP P 98 13.78 -29.38 -30.77
C ASP P 98 15.10 -28.69 -31.10
N VAL P 99 14.98 -27.53 -31.75
CA VAL P 99 16.13 -26.77 -32.20
C VAL P 99 16.32 -25.56 -31.29
N PRO P 100 17.55 -25.08 -31.11
CA PRO P 100 17.74 -23.85 -30.33
C PRO P 100 17.43 -22.60 -31.13
N TYR P 101 16.16 -22.21 -31.19
CA TYR P 101 15.75 -21.02 -31.94
C TYR P 101 16.12 -19.73 -31.22
N LEU P 102 16.31 -19.75 -29.91
CA LEU P 102 16.52 -18.56 -29.12
C LEU P 102 17.99 -18.34 -28.75
N LEU P 103 18.82 -19.35 -28.88
CA LEU P 103 20.24 -19.29 -28.54
C LEU P 103 21.08 -18.26 -29.32
N PRO P 104 20.90 -18.03 -30.64
CA PRO P 104 21.70 -16.95 -31.27
C PRO P 104 21.34 -15.56 -30.81
N TYR P 105 20.12 -15.32 -30.33
CA TYR P 105 19.77 -14.02 -29.79
C TYR P 105 20.35 -13.83 -28.40
N ILE P 106 20.54 -14.92 -27.66
CA ILE P 106 21.09 -14.85 -26.31
C ILE P 106 22.58 -14.58 -26.36
N LEU P 107 23.28 -15.21 -27.31
CA LEU P 107 24.74 -15.13 -27.35
C LEU P 107 25.22 -13.76 -27.82
N GLU P 108 24.41 -13.04 -28.59
CA GLU P 108 24.82 -11.73 -29.06
C GLU P 108 24.42 -10.63 -28.07
N ALA P 109 23.43 -10.90 -27.21
CA ALA P 109 23.11 -9.94 -26.16
C ALA P 109 24.07 -10.05 -25.00
N GLU P 110 24.70 -11.21 -24.84
CA GLU P 110 25.66 -11.39 -23.76
C GLU P 110 27.04 -10.87 -24.13
N ALA P 111 27.40 -10.95 -25.42
CA ALA P 111 28.69 -10.45 -25.86
C ALA P 111 28.72 -8.93 -25.86
N ALA P 112 27.56 -8.30 -26.02
CA ALA P 112 27.48 -6.84 -25.98
C ALA P 112 27.51 -6.33 -24.54
N ALA P 113 26.98 -7.12 -23.61
CA ALA P 113 26.99 -6.71 -22.21
C ALA P 113 28.37 -6.88 -21.58
N LYS P 114 29.15 -7.84 -22.07
CA LYS P 114 30.51 -8.02 -21.58
C LYS P 114 31.42 -6.93 -22.10
N GLU P 115 31.22 -6.50 -23.35
CA GLU P 115 32.03 -5.44 -23.93
C GLU P 115 31.75 -4.09 -23.28
N LYS P 116 30.54 -3.89 -22.77
CA LYS P 116 30.23 -2.66 -22.07
C LYS P 116 30.85 -2.63 -20.68
N ASP P 117 31.11 -3.80 -20.09
CA ASP P 117 31.74 -3.84 -18.77
C ASP P 117 33.25 -3.64 -18.85
N GLU P 118 33.88 -4.13 -19.91
CA GLU P 118 35.32 -3.94 -20.05
C GLU P 118 35.69 -2.53 -20.46
N LEU P 119 34.76 -1.78 -21.06
CA LEU P 119 35.01 -0.39 -21.42
C LEU P 119 34.69 0.58 -20.30
N ASP P 120 33.81 0.21 -19.37
CA ASP P 120 33.47 1.06 -18.24
C ASP P 120 34.41 0.87 -17.06
N ASN P 121 35.31 -0.10 -17.10
CA ASN P 121 36.27 -0.37 -16.04
C ASN P 121 37.66 -0.52 -16.63
N ILE P 122 38.00 0.32 -17.60
CA ILE P 122 39.24 0.22 -18.34
C ILE P 122 40.29 1.12 -17.71
N GLU P 123 41.56 0.76 -17.87
CA GLU P 123 42.68 1.53 -17.35
C GLU P 123 43.50 2.08 -18.50
N VAL P 124 43.94 3.35 -18.36
CA VAL P 124 44.80 3.93 -19.38
C VAL P 124 46.22 3.37 -19.26
N SER P 125 46.94 3.39 -20.38
CA SER P 125 48.25 2.75 -20.50
C SER P 125 49.26 3.71 -21.10
N LYS P 126 49.35 4.91 -20.52
CA LYS P 126 50.29 5.95 -20.96
C LYS P 126 51.75 5.53 -20.82
N GLY Q 1 0.13 9.10 -4.54
CA GLY Q 1 1.34 8.37 -4.22
C GLY Q 1 2.31 8.29 -5.38
N PRO Q 2 3.57 7.97 -5.09
CA PRO Q 2 4.56 7.82 -6.15
C PRO Q 2 4.61 6.40 -6.65
N PRO Q 3 5.12 6.17 -7.86
CA PRO Q 3 5.34 4.80 -8.33
C PRO Q 3 6.61 4.20 -7.75
N SER Q 4 6.71 2.88 -7.89
CA SER Q 4 7.79 2.11 -7.30
C SER Q 4 8.59 1.42 -8.41
N GLY Q 5 9.47 0.51 -8.00
CA GLY Q 5 10.32 -0.20 -8.93
C GLY Q 5 9.56 -1.12 -9.86
N LYS Q 6 10.22 -1.53 -10.93
CA LYS Q 6 9.61 -2.36 -11.96
C LYS Q 6 9.44 -3.79 -11.48
N THR Q 7 8.41 -4.45 -12.01
CA THR Q 7 8.05 -5.80 -11.63
C THR Q 7 7.97 -6.67 -12.89
N TYR Q 8 7.57 -7.91 -12.70
CA TYR Q 8 7.35 -8.83 -13.80
C TYR Q 8 5.92 -9.31 -13.90
N MET Q 9 5.05 -8.88 -13.00
CA MET Q 9 3.61 -9.12 -13.09
C MET Q 9 2.88 -7.79 -13.12
N GLY Q 10 1.76 -7.75 -13.85
CA GLY Q 10 0.92 -6.57 -13.85
C GLY Q 10 -0.43 -6.82 -13.21
N TRP Q 11 -1.49 -6.30 -13.83
CA TRP Q 11 -2.85 -6.53 -13.36
C TRP Q 11 -3.71 -6.88 -14.57
N TRP Q 12 -5.02 -6.96 -14.37
CA TRP Q 12 -5.95 -7.34 -15.42
C TRP Q 12 -6.01 -6.28 -16.51
N GLY Q 13 -5.62 -6.66 -17.72
CA GLY Q 13 -5.54 -5.76 -18.86
C GLY Q 13 -4.11 -5.45 -19.28
N HIS Q 14 -3.17 -5.44 -18.34
CA HIS Q 14 -1.77 -5.13 -18.61
C HIS Q 14 -0.85 -6.08 -17.84
N MET Q 15 -1.11 -7.39 -17.97
CA MET Q 15 -0.44 -8.39 -17.12
C MET Q 15 1.05 -8.51 -17.43
N GLY Q 16 1.45 -8.33 -18.68
CA GLY Q 16 2.84 -8.23 -19.02
C GLY Q 16 3.46 -9.39 -19.77
N GLY Q 17 2.68 -10.16 -20.52
CA GLY Q 17 3.23 -11.22 -21.33
C GLY Q 17 3.47 -10.75 -22.76
N PRO Q 18 3.73 -11.69 -23.66
CA PRO Q 18 3.81 -11.34 -25.08
C PRO Q 18 2.43 -11.10 -25.67
N LYS Q 19 2.41 -10.52 -26.87
CA LYS Q 19 1.16 -10.29 -27.57
C LYS Q 19 0.62 -11.59 -28.14
N GLN Q 20 -0.69 -11.79 -28.02
CA GLN Q 20 -1.35 -12.99 -28.46
C GLN Q 20 -2.20 -12.73 -29.70
N LYS Q 21 -2.11 -13.63 -30.67
CA LYS Q 21 -2.88 -13.51 -31.90
C LYS Q 21 -2.99 -14.90 -32.52
N GLY Q 22 -4.21 -15.32 -32.82
CA GLY Q 22 -4.45 -16.56 -33.53
C GLY Q 22 -4.96 -17.71 -32.68
N ILE Q 23 -5.09 -17.54 -31.37
CA ILE Q 23 -5.57 -18.60 -30.49
C ILE Q 23 -7.02 -18.32 -30.13
N THR Q 24 -7.86 -19.34 -30.22
CA THR Q 24 -9.27 -19.24 -29.84
C THR Q 24 -9.59 -20.32 -28.81
N SER Q 25 -10.46 -19.99 -27.86
CA SER Q 25 -10.80 -20.92 -26.78
C SER Q 25 -12.31 -21.07 -26.66
N TYR Q 26 -12.72 -22.24 -26.15
CA TYR Q 26 -14.10 -22.64 -26.01
C TYR Q 26 -14.33 -23.24 -24.64
N ALA Q 27 -15.51 -23.00 -24.07
CA ALA Q 27 -15.87 -23.56 -22.78
C ALA Q 27 -17.37 -23.84 -22.75
N VAL Q 28 -17.82 -24.54 -21.72
CA VAL Q 28 -19.20 -24.95 -21.53
C VAL Q 28 -19.53 -24.76 -20.04
N SER Q 29 -20.74 -24.28 -19.75
CA SER Q 29 -21.17 -23.98 -18.39
C SER Q 29 -21.15 -25.22 -17.50
N PRO Q 30 -20.80 -25.07 -16.22
CA PRO Q 30 -20.87 -26.21 -15.29
C PRO Q 30 -22.28 -26.70 -15.01
N TYR Q 31 -23.29 -25.86 -15.21
CA TYR Q 31 -24.67 -26.27 -15.03
C TYR Q 31 -25.17 -27.16 -16.16
N ALA Q 32 -24.44 -27.27 -17.26
CA ALA Q 32 -24.83 -28.07 -18.40
C ALA Q 32 -24.07 -29.39 -18.50
N GLN Q 33 -23.30 -29.74 -17.48
CA GLN Q 33 -22.48 -30.94 -17.50
C GLN Q 33 -22.97 -31.94 -16.46
N LYS Q 34 -22.68 -33.22 -16.72
CA LYS Q 34 -23.09 -34.29 -15.82
C LYS Q 34 -22.14 -34.36 -14.63
N PRO Q 35 -22.65 -34.49 -13.41
CA PRO Q 35 -21.80 -34.29 -12.22
C PRO Q 35 -20.93 -35.50 -11.91
N LEU Q 36 -19.63 -35.25 -11.70
CA LEU Q 36 -18.64 -36.20 -11.21
C LEU Q 36 -18.51 -37.43 -12.12
N GLN Q 37 -18.02 -37.18 -13.33
CA GLN Q 37 -17.73 -38.25 -14.28
C GLN Q 37 -16.25 -38.58 -14.34
N GLY Q 38 -15.52 -38.40 -13.24
CA GLY Q 38 -14.12 -38.79 -13.17
C GLY Q 38 -13.84 -39.47 -11.86
N ILE Q 39 -14.87 -40.10 -11.29
CA ILE Q 39 -14.74 -40.73 -9.99
C ILE Q 39 -14.20 -42.16 -10.12
N PHE Q 40 -14.19 -42.72 -11.34
CA PHE Q 40 -13.81 -44.11 -11.53
C PHE Q 40 -12.52 -44.27 -12.32
N HIS Q 41 -12.48 -43.69 -13.53
CA HIS Q 41 -11.34 -43.95 -14.41
C HIS Q 41 -10.12 -43.11 -14.02
N ASN Q 42 -10.35 -41.92 -13.47
CA ASN Q 42 -9.24 -41.10 -13.01
C ASN Q 42 -8.62 -41.68 -11.75
N ALA Q 43 -9.45 -42.27 -10.88
CA ALA Q 43 -8.95 -42.79 -9.61
C ALA Q 43 -8.19 -44.09 -9.76
N VAL Q 44 -8.40 -44.83 -10.85
CA VAL Q 44 -7.73 -46.12 -11.01
C VAL Q 44 -6.64 -46.05 -12.07
N PHE Q 45 -7.00 -45.61 -13.28
CA PHE Q 45 -6.04 -45.66 -14.38
C PHE Q 45 -5.07 -44.48 -14.34
N ASN Q 46 -5.57 -43.27 -14.11
CA ASN Q 46 -4.72 -42.09 -14.22
C ASN Q 46 -3.79 -41.95 -13.01
N SER Q 47 -4.27 -42.30 -11.82
CA SER Q 47 -3.43 -42.19 -10.63
C SER Q 47 -2.35 -43.26 -10.62
N PHE Q 48 -2.60 -44.39 -11.29
CA PHE Q 48 -1.56 -45.40 -11.46
C PHE Q 48 -0.51 -44.92 -12.45
N ARG Q 49 -0.91 -44.11 -13.43
CA ARG Q 49 0.04 -43.60 -14.40
C ARG Q 49 0.94 -42.53 -13.77
N ARG Q 50 0.42 -41.78 -12.81
CA ARG Q 50 1.22 -40.76 -12.16
C ARG Q 50 2.11 -41.36 -11.07
N PHE Q 51 1.69 -42.49 -10.50
CA PHE Q 51 2.45 -43.10 -9.41
C PHE Q 51 3.74 -43.74 -9.91
N LYS Q 52 3.63 -44.60 -10.93
CA LYS Q 52 4.79 -45.38 -11.35
C LYS Q 52 5.79 -44.59 -12.17
N SER Q 53 5.49 -43.36 -12.54
CA SER Q 53 6.48 -42.53 -13.21
C SER Q 53 7.47 -41.93 -12.23
N GLN Q 54 7.05 -41.73 -10.98
CA GLN Q 54 7.84 -40.98 -10.00
C GLN Q 54 8.23 -41.83 -8.80
N PHE Q 55 8.10 -43.16 -8.86
CA PHE Q 55 8.32 -43.97 -7.68
C PHE Q 55 9.74 -44.48 -7.52
N LEU Q 56 10.58 -44.39 -8.57
CA LEU Q 56 11.98 -44.78 -8.40
C LEU Q 56 12.86 -43.66 -7.90
N TYR Q 57 12.42 -42.41 -8.01
CA TYR Q 57 13.18 -41.31 -7.42
C TYR Q 57 12.98 -41.22 -5.92
N VAL Q 58 11.96 -41.88 -5.39
CA VAL Q 58 11.67 -41.84 -3.97
C VAL Q 58 12.07 -43.12 -3.25
N LEU Q 59 11.88 -44.29 -3.85
CA LEU Q 59 12.07 -45.56 -3.14
C LEU Q 59 13.50 -46.09 -3.21
N ILE Q 60 14.34 -45.59 -4.10
CA ILE Q 60 15.76 -45.96 -4.07
C ILE Q 60 16.49 -45.15 -2.99
N PRO Q 61 16.27 -43.83 -2.80
CA PRO Q 61 16.80 -43.21 -1.58
C PRO Q 61 16.19 -43.70 -0.29
N ALA Q 62 14.93 -44.15 -0.30
CA ALA Q 62 14.30 -44.63 0.92
C ALA Q 62 14.84 -45.99 1.33
N GLY Q 63 15.22 -46.84 0.37
CA GLY Q 63 15.78 -48.13 0.70
C GLY Q 63 17.22 -48.09 1.14
N ILE Q 64 17.95 -47.04 0.75
CA ILE Q 64 19.33 -46.88 1.21
C ILE Q 64 19.35 -46.49 2.68
N TYR Q 65 18.49 -45.55 3.07
CA TYR Q 65 18.51 -45.05 4.44
C TYR Q 65 17.80 -45.99 5.40
N TRP Q 66 17.02 -46.95 4.89
CA TRP Q 66 16.39 -47.91 5.77
C TRP Q 66 17.29 -49.13 6.00
N TYR Q 67 18.10 -49.47 5.00
CA TYR Q 67 19.08 -50.54 5.19
C TYR Q 67 20.18 -50.11 6.15
N TRP Q 68 20.54 -48.81 6.12
CA TRP Q 68 21.61 -48.30 6.98
C TRP Q 68 21.17 -48.27 8.43
N TRP Q 69 19.92 -47.88 8.68
CA TRP Q 69 19.42 -47.82 10.05
C TRP Q 69 19.21 -49.20 10.64
N LYS Q 70 18.88 -50.18 9.80
CA LYS Q 70 18.55 -51.51 10.29
C LYS Q 70 19.80 -52.29 10.70
N ASN Q 71 20.94 -52.05 10.04
CA ASN Q 71 22.17 -52.72 10.43
C ASN Q 71 22.81 -52.04 11.64
N GLY Q 72 22.63 -50.73 11.79
CA GLY Q 72 23.16 -50.07 12.96
C GLY Q 72 22.36 -50.38 14.21
N ASN Q 73 21.07 -50.70 14.04
CA ASN Q 73 20.23 -51.05 15.17
C ASN Q 73 20.49 -52.48 15.62
N GLU Q 74 20.85 -53.35 14.68
CA GLU Q 74 21.10 -54.75 15.03
C GLU Q 74 22.50 -54.96 15.59
N TYR Q 75 23.42 -54.06 15.27
CA TYR Q 75 24.78 -54.15 15.81
C TYR Q 75 24.85 -53.59 17.22
N ASN Q 76 24.02 -52.60 17.54
CA ASN Q 76 23.95 -52.07 18.89
C ASN Q 76 23.30 -53.07 19.83
N GLU Q 77 22.36 -53.88 19.32
CA GLU Q 77 21.74 -54.90 20.15
C GLU Q 77 22.70 -56.05 20.45
N PHE Q 78 23.65 -56.31 19.56
CA PHE Q 78 24.65 -57.34 19.80
C PHE Q 78 25.69 -56.89 20.81
N LEU Q 79 26.02 -55.59 20.83
CA LEU Q 79 27.10 -55.10 21.68
C LEU Q 79 26.71 -55.10 23.15
N TYR Q 80 25.43 -54.98 23.45
CA TYR Q 80 24.96 -54.91 24.83
C TYR Q 80 24.31 -56.21 25.29
N SER Q 81 24.42 -57.28 24.52
CA SER Q 81 23.98 -58.59 24.96
C SER Q 81 25.13 -59.26 25.70
N LYS Q 82 24.96 -60.53 26.05
CA LYS Q 82 26.00 -61.25 26.78
C LYS Q 82 27.12 -61.72 25.86
N ALA Q 83 26.77 -62.11 24.62
CA ALA Q 83 27.76 -62.61 23.69
C ALA Q 83 28.66 -61.52 23.13
N GLY Q 84 28.25 -60.26 23.22
CA GLY Q 84 29.03 -59.18 22.66
C GLY Q 84 29.74 -58.33 23.69
N ARG Q 85 30.31 -58.96 24.72
CA ARG Q 85 30.91 -58.22 25.81
C ARG Q 85 32.39 -57.90 25.60
N GLU Q 86 33.15 -58.77 24.94
CA GLU Q 86 34.54 -58.44 24.64
C GLU Q 86 34.69 -57.60 23.39
N GLU Q 87 33.65 -57.48 22.56
CA GLU Q 87 33.75 -56.48 21.50
C GLU Q 87 33.39 -55.10 22.01
N LEU Q 88 32.58 -55.02 23.07
CA LEU Q 88 32.19 -53.74 23.63
C LEU Q 88 33.36 -53.03 24.31
N GLU Q 89 34.29 -53.79 24.87
CA GLU Q 89 35.42 -53.18 25.56
C GLU Q 89 36.45 -52.59 24.59
N ARG Q 90 36.51 -53.11 23.36
CA ARG Q 90 37.55 -52.66 22.44
C ARG Q 90 37.05 -51.60 21.46
N VAL Q 91 35.75 -51.39 21.37
CA VAL Q 91 35.22 -50.33 20.52
C VAL Q 91 34.87 -49.12 21.38
N ASN Q 92 35.15 -49.22 22.68
CA ASN Q 92 34.96 -48.12 23.60
C ASN Q 92 36.26 -47.48 24.05
N VAL Q 93 37.38 -47.89 23.47
CA VAL Q 93 38.67 -47.29 23.82
C VAL Q 93 39.10 -46.31 22.74
N SER R 1 -33.41 -34.06 -6.83
CA SER R 1 -34.48 -34.65 -7.62
C SER R 1 -35.64 -33.68 -7.74
N SER R 2 -36.86 -34.19 -7.57
CA SER R 2 -38.05 -33.34 -7.52
C SER R 2 -38.46 -33.01 -6.09
N LEU R 3 -37.97 -33.75 -5.10
CA LEU R 3 -38.23 -33.37 -3.71
C LEU R 3 -37.33 -32.20 -3.30
N TYR R 4 -36.20 -32.02 -3.98
CA TYR R 4 -35.56 -30.70 -4.04
C TYR R 4 -35.98 -29.95 -5.29
N LYS R 5 -37.30 -29.95 -5.54
CA LYS R 5 -37.97 -28.85 -6.23
C LYS R 5 -39.27 -28.46 -5.55
N THR R 6 -39.85 -29.31 -4.71
CA THR R 6 -41.09 -28.98 -4.01
C THR R 6 -40.87 -27.93 -2.93
N PHE R 7 -39.78 -28.03 -2.18
CA PHE R 7 -39.55 -27.13 -1.05
C PHE R 7 -38.97 -25.78 -1.44
N PHE R 8 -38.23 -25.71 -2.55
CA PHE R 8 -37.44 -24.51 -2.83
C PHE R 8 -37.69 -23.87 -4.18
N LYS R 9 -37.99 -24.66 -5.22
CA LYS R 9 -38.39 -24.18 -6.55
C LYS R 9 -37.31 -23.30 -7.19
N ARG R 10 -36.20 -23.96 -7.55
CA ARG R 10 -35.09 -23.53 -8.40
C ARG R 10 -34.14 -22.56 -7.68
N ASN R 11 -34.45 -22.11 -6.47
CA ASN R 11 -33.63 -21.14 -5.77
C ASN R 11 -32.63 -21.81 -4.84
N ALA R 12 -31.79 -20.99 -4.23
CA ALA R 12 -30.99 -21.40 -3.07
C ALA R 12 -31.88 -21.49 -1.84
N VAL R 13 -31.28 -21.79 -0.69
CA VAL R 13 -32.14 -22.10 0.46
C VAL R 13 -32.71 -20.83 1.07
N PHE R 14 -31.88 -20.09 1.83
CA PHE R 14 -31.73 -18.65 2.07
C PHE R 14 -30.84 -18.56 3.29
N VAL R 15 -30.42 -17.34 3.64
CA VAL R 15 -29.52 -17.20 4.78
C VAL R 15 -30.26 -17.40 6.11
N GLY R 16 -31.57 -17.14 6.13
CA GLY R 16 -32.32 -17.29 7.37
C GLY R 16 -32.78 -18.71 7.60
N THR R 17 -32.99 -19.47 6.53
CA THR R 17 -33.34 -20.88 6.67
C THR R 17 -32.12 -21.72 7.04
N ILE R 18 -30.91 -21.23 6.74
CA ILE R 18 -29.70 -21.89 7.20
C ILE R 18 -29.56 -21.75 8.71
N PHE R 19 -29.79 -20.54 9.24
CA PHE R 19 -29.65 -20.31 10.67
C PHE R 19 -30.79 -20.93 11.46
N ALA R 20 -31.97 -21.04 10.86
CA ALA R 20 -33.10 -21.64 11.56
C ALA R 20 -32.96 -23.15 11.64
N GLY R 21 -32.49 -23.78 10.57
CA GLY R 21 -32.34 -25.22 10.58
C GLY R 21 -31.11 -25.69 11.33
N ALA R 22 -30.18 -24.77 11.63
CA ALA R 22 -28.96 -25.15 12.32
C ALA R 22 -29.22 -25.36 13.81
N PHE R 23 -30.17 -24.62 14.38
CA PHE R 23 -30.50 -24.80 15.79
C PHE R 23 -31.38 -26.02 16.01
N VAL R 24 -32.25 -26.33 15.05
CA VAL R 24 -33.04 -27.56 15.12
C VAL R 24 -32.13 -28.77 14.97
N PHE R 25 -31.03 -28.62 14.22
CA PHE R 25 -30.10 -29.73 14.03
C PHE R 25 -29.35 -30.06 15.31
N GLN R 26 -29.07 -29.05 16.15
CA GLN R 26 -28.20 -29.26 17.31
C GLN R 26 -28.88 -30.10 18.39
N THR R 27 -30.19 -29.93 18.57
CA THR R 27 -30.86 -30.65 19.66
C THR R 27 -31.18 -32.08 19.27
N VAL R 28 -31.35 -32.35 17.97
CA VAL R 28 -31.65 -33.71 17.52
C VAL R 28 -30.36 -34.52 17.40
N PHE R 29 -29.27 -33.86 17.02
CA PHE R 29 -27.98 -34.55 16.90
C PHE R 29 -27.41 -34.90 18.26
N ASP R 30 -27.63 -34.04 19.26
CA ASP R 30 -27.09 -34.28 20.58
C ASP R 30 -27.84 -35.39 21.29
N THR R 31 -29.13 -35.53 21.01
CA THR R 31 -29.94 -36.54 21.67
C THR R 31 -29.70 -37.92 21.06
N ALA R 32 -29.45 -37.97 19.75
CA ALA R 32 -29.31 -39.24 19.07
C ALA R 32 -27.96 -39.89 19.38
N ILE R 33 -26.95 -39.08 19.68
CA ILE R 33 -25.62 -39.63 19.95
C ILE R 33 -25.50 -40.07 21.41
N THR R 34 -26.12 -39.29 22.32
CA THR R 34 -26.12 -39.67 23.73
C THR R 34 -26.93 -40.95 23.97
N SER R 35 -27.92 -41.22 23.13
CA SER R 35 -28.69 -42.45 23.26
C SER R 35 -27.89 -43.64 22.74
N TRP R 36 -27.15 -43.46 21.65
CA TRP R 36 -26.36 -44.56 21.11
C TRP R 36 -25.15 -44.86 21.97
N TYR R 37 -24.57 -43.82 22.58
CA TYR R 37 -23.35 -43.99 23.37
C TYR R 37 -23.63 -44.71 24.69
N GLU R 38 -24.77 -44.41 25.31
CA GLU R 38 -25.09 -45.02 26.59
C GLU R 38 -25.67 -46.41 26.43
N ASN R 39 -26.24 -46.72 25.26
CA ASN R 39 -26.70 -48.08 25.01
C ASN R 39 -25.56 -49.01 24.65
N HIS R 40 -24.51 -48.47 24.03
CA HIS R 40 -23.32 -49.26 23.70
C HIS R 40 -22.53 -49.63 24.96
N ASN R 41 -22.64 -48.83 26.02
CA ASN R 41 -21.88 -49.04 27.25
C ASN R 41 -22.79 -49.41 28.41
N LYS R 42 -23.81 -50.21 28.17
CA LYS R 42 -24.81 -50.50 29.18
C LYS R 42 -24.30 -51.54 30.17
N GLY R 43 -24.47 -51.26 31.45
CA GLY R 43 -23.96 -52.10 32.51
C GLY R 43 -22.71 -51.56 33.17
N LYS R 44 -22.02 -50.63 32.54
CA LYS R 44 -20.79 -50.05 33.08
C LYS R 44 -20.98 -48.65 33.64
N LEU R 45 -22.08 -47.98 33.34
CA LEU R 45 -22.31 -46.62 33.78
C LEU R 45 -22.66 -46.61 35.26
N TRP R 46 -22.63 -45.41 35.86
CA TRP R 46 -22.91 -45.31 37.29
C TRP R 46 -24.37 -45.52 37.61
N LYS R 47 -25.27 -45.16 36.69
CA LYS R 47 -26.70 -45.35 36.92
C LYS R 47 -27.12 -46.82 36.86
N ASP R 48 -26.26 -47.70 36.31
CA ASP R 48 -26.51 -49.13 36.35
C ASP R 48 -25.92 -49.77 37.60
N VAL R 49 -24.80 -49.26 38.08
CA VAL R 49 -24.18 -49.79 39.30
C VAL R 49 -24.97 -49.33 40.53
N LYS R 50 -25.52 -48.10 40.48
CA LYS R 50 -26.29 -47.57 41.59
C LYS R 50 -27.58 -48.35 41.83
N ALA R 51 -28.16 -48.92 40.77
CA ALA R 51 -29.37 -49.72 40.91
C ALA R 51 -29.07 -51.08 41.53
N ARG R 52 -27.89 -51.64 41.25
CA ARG R 52 -27.57 -52.97 41.74
C ARG R 52 -27.11 -53.00 43.19
N ILE R 53 -26.96 -51.85 43.85
CA ILE R 53 -26.69 -51.84 45.28
C ILE R 53 -28.00 -51.59 46.01
N ALA R 54 -29.09 -51.50 45.26
CA ALA R 54 -30.42 -51.29 45.83
C ALA R 54 -31.43 -52.26 45.23
N LYS S 1 -45.58 15.91 -9.93
CA LYS S 1 -45.44 15.13 -8.71
C LYS S 1 -44.21 14.22 -8.77
N THR S 2 -43.28 14.45 -7.84
CA THR S 2 -42.02 13.73 -7.80
C THR S 2 -41.86 13.04 -6.45
N GLY S 3 -41.03 12.01 -6.43
CA GLY S 3 -40.78 11.24 -5.22
C GLY S 3 -39.83 11.90 -4.25
N LEU S 4 -39.19 11.10 -3.40
CA LEU S 4 -38.33 11.60 -2.34
C LEU S 4 -36.99 10.87 -2.41
N HIS S 5 -35.91 11.56 -2.07
CA HIS S 5 -34.59 10.96 -2.13
C HIS S 5 -33.87 10.92 -0.78
N PHE S 6 -34.26 11.77 0.19
CA PHE S 6 -33.72 11.78 1.57
C PHE S 6 -32.20 11.97 1.63
N GLY S 7 -31.61 12.53 0.58
CA GLY S 7 -30.19 12.31 0.35
C GLY S 7 -29.99 11.18 -0.65
N ARG S 8 -29.75 9.96 -0.16
CA ARG S 8 -29.61 8.80 -1.04
C ARG S 8 -30.52 7.65 -0.67
N LEU S 9 -31.65 7.92 -0.01
CA LEU S 9 -32.69 6.92 0.13
C LEU S 9 -33.65 7.04 -1.07
N SER S 10 -34.80 6.38 -0.95
CA SER S 10 -35.97 6.63 -1.77
C SER S 10 -37.16 6.06 -1.02
N LEU S 11 -38.33 6.67 -1.16
CA LEU S 11 -39.50 6.10 -0.50
C LEU S 11 -39.99 4.86 -1.26
N ARG S 12 -39.71 4.78 -2.57
CA ARG S 12 -39.97 3.53 -3.28
C ARG S 12 -38.79 2.58 -3.29
N SER S 13 -37.67 2.98 -2.68
CA SER S 13 -36.76 1.97 -2.13
C SER S 13 -37.43 1.25 -0.98
N LEU S 14 -38.06 1.99 -0.07
CA LEU S 14 -38.83 1.47 1.05
C LEU S 14 -40.12 0.76 0.65
N THR S 15 -40.42 0.63 -0.65
CA THR S 15 -41.51 -0.25 -1.08
C THR S 15 -41.15 -1.71 -0.82
N ALA S 16 -39.99 -2.14 -1.29
CA ALA S 16 -39.56 -3.53 -1.17
C ALA S 16 -38.29 -3.73 -0.36
N TYR S 17 -37.38 -2.78 -0.23
CA TYR S 17 -36.08 -2.78 0.43
C TYR S 17 -36.20 -2.49 1.92
N ALA S 18 -37.27 -1.99 2.39
CA ALA S 18 -37.49 -1.86 3.83
C ALA S 18 -38.21 -3.05 4.45
N PRO S 19 -39.17 -3.73 3.79
CA PRO S 19 -39.46 -5.09 4.24
C PRO S 19 -38.26 -6.01 4.14
N ASN S 20 -37.40 -5.83 3.13
CA ASN S 20 -36.18 -6.63 3.02
C ASN S 20 -35.14 -6.25 4.07
N LEU S 21 -35.13 -5.00 4.53
CA LEU S 21 -34.16 -4.60 5.55
C LEU S 21 -34.57 -5.16 6.91
N MET S 22 -35.92 -5.56 6.99
CA MET S 22 -36.68 -6.15 8.13
C MET S 22 -36.68 -7.67 7.86
N LEU S 23 -36.52 -8.14 6.60
CA LEU S 23 -36.23 -9.53 6.18
C LEU S 23 -34.72 -9.61 6.42
N TRP S 24 -33.86 -8.63 6.59
CA TRP S 24 -32.50 -8.71 7.13
C TRP S 24 -32.65 -8.75 8.65
N GLY S 25 -33.87 -8.53 9.12
CA GLY S 25 -34.29 -8.87 10.46
C GLY S 25 -35.36 -9.93 10.53
N GLY S 26 -35.71 -10.58 9.40
CA GLY S 26 -36.50 -11.80 9.44
C GLY S 26 -35.68 -13.03 9.07
N ALA S 27 -34.88 -12.89 8.02
CA ALA S 27 -33.72 -13.74 7.79
C ALA S 27 -32.51 -12.97 8.32
N SER S 28 -31.45 -13.71 8.66
CA SER S 28 -30.23 -13.23 9.33
C SER S 28 -30.47 -12.65 10.73
N MET S 29 -31.69 -12.74 11.26
CA MET S 29 -32.01 -12.37 12.63
C MET S 29 -31.58 -13.43 13.64
N LEU S 30 -31.66 -14.71 13.24
CA LEU S 30 -31.53 -15.80 14.18
C LEU S 30 -30.09 -16.00 14.64
N GLY S 31 -29.11 -15.41 13.95
CA GLY S 31 -27.74 -15.42 14.42
C GLY S 31 -27.49 -14.55 15.64
N LEU S 32 -28.51 -13.83 16.09
CA LEU S 32 -28.52 -13.17 17.40
C LEU S 32 -29.08 -14.06 18.50
N PHE S 33 -29.92 -15.04 18.14
CA PHE S 33 -30.60 -15.87 19.13
C PHE S 33 -30.18 -17.33 19.11
N VAL S 34 -29.77 -17.88 17.97
CA VAL S 34 -29.30 -19.26 18.02
C VAL S 34 -27.87 -19.29 18.55
N PHE S 35 -27.06 -18.23 18.26
CA PHE S 35 -25.67 -18.04 18.71
C PHE S 35 -25.55 -17.74 20.21
N THR S 36 -26.69 -17.70 20.88
CA THR S 36 -26.84 -17.58 22.32
C THR S 36 -27.05 -18.93 22.98
N GLU S 37 -27.87 -19.78 22.36
CA GLU S 37 -28.35 -21.03 22.96
C GLU S 37 -27.20 -22.01 23.20
N GLY S 38 -26.95 -22.28 24.47
CA GLY S 38 -25.71 -22.85 24.96
C GLY S 38 -25.43 -22.13 26.26
N TRP S 39 -25.89 -20.88 26.31
CA TRP S 39 -26.14 -20.16 27.56
C TRP S 39 -27.54 -19.58 27.41
N PRO S 40 -28.50 -19.99 28.26
CA PRO S 40 -29.92 -19.80 27.91
C PRO S 40 -30.40 -18.36 28.06
N LYS S 41 -31.19 -17.91 27.09
CA LYS S 41 -31.84 -16.60 27.09
C LYS S 41 -33.29 -16.74 26.62
N PHE S 42 -34.03 -17.68 27.22
CA PHE S 42 -35.42 -17.92 26.81
C PHE S 42 -36.36 -16.77 27.14
N GLN S 43 -36.66 -15.94 26.15
CA GLN S 43 -37.67 -14.89 26.19
C GLN S 43 -37.89 -14.38 24.77
N ASP S 44 -39.07 -13.85 24.50
CA ASP S 44 -39.37 -13.29 23.18
C ASP S 44 -39.12 -11.78 23.18
N THR T 2 43.09 -2.71 -17.92
CA THR T 2 42.50 -4.01 -18.20
C THR T 2 41.30 -4.27 -17.29
N GLY T 3 41.57 -4.76 -16.09
CA GLY T 3 40.51 -5.11 -15.15
C GLY T 3 40.57 -6.57 -14.75
N LEU T 4 40.31 -6.88 -13.49
CA LEU T 4 40.52 -8.23 -12.96
C LEU T 4 39.23 -8.89 -12.50
N HIS T 5 38.51 -8.28 -11.56
CA HIS T 5 37.35 -8.91 -10.92
C HIS T 5 36.29 -7.86 -10.66
N PHE T 6 35.18 -7.95 -11.40
CA PHE T 6 34.05 -7.02 -11.23
C PHE T 6 32.77 -7.83 -11.10
N GLY T 7 32.28 -7.95 -9.87
CA GLY T 7 31.05 -8.61 -9.53
C GLY T 7 30.16 -7.62 -8.81
N ARG T 8 30.07 -6.41 -9.40
CA ARG T 8 29.73 -5.11 -8.80
C ARG T 8 30.57 -4.82 -7.55
N LEU T 9 31.79 -5.35 -7.50
CA LEU T 9 32.84 -4.95 -6.58
C LEU T 9 33.92 -4.27 -7.40
N SER T 10 34.21 -3.02 -7.07
CA SER T 10 35.16 -2.22 -7.85
C SER T 10 36.44 -2.05 -7.03
N LEU T 11 37.42 -2.94 -7.26
CA LEU T 11 38.69 -2.85 -6.54
C LEU T 11 39.54 -1.67 -6.97
N ARG T 12 39.14 -0.96 -8.02
CA ARG T 12 39.52 0.45 -8.17
C ARG T 12 39.21 1.23 -6.91
N SER T 13 37.94 1.18 -6.46
CA SER T 13 37.54 1.94 -5.30
C SER T 13 37.97 1.27 -4.00
N LEU T 14 38.32 -0.02 -4.03
CA LEU T 14 38.84 -0.68 -2.82
C LEU T 14 40.26 -0.24 -2.43
N THR T 15 40.85 0.72 -3.14
CA THR T 15 41.96 1.52 -2.66
C THR T 15 41.52 2.70 -1.81
N ALA T 16 40.25 3.11 -1.93
CA ALA T 16 39.73 4.21 -1.13
C ALA T 16 38.45 3.87 -0.38
N TYR T 17 37.52 3.12 -1.00
CA TYR T 17 36.24 2.82 -0.36
C TYR T 17 36.40 1.73 0.70
N ALA T 18 37.19 0.70 0.40
CA ALA T 18 37.44 -0.33 1.41
C ALA T 18 38.41 0.09 2.52
N PRO T 19 39.44 0.93 2.31
CA PRO T 19 40.05 1.59 3.47
C PRO T 19 39.08 2.48 4.25
N ASN T 20 38.03 3.16 3.55
CA ASN T 20 36.89 3.93 4.01
C ASN T 20 35.79 3.05 4.59
N LEU T 21 35.87 1.66 4.42
CA LEU T 21 34.85 0.77 4.94
C LEU T 21 35.20 0.26 6.33
N MET T 22 36.48 0.28 6.70
CA MET T 22 36.87 0.17 8.09
C MET T 22 37.38 1.49 8.66
N LEU T 23 37.24 2.60 7.91
CA LEU T 23 37.04 3.89 8.55
C LEU T 23 35.58 4.09 8.93
N TRP T 24 34.68 3.46 8.18
CA TRP T 24 33.25 3.46 8.59
C TRP T 24 33.21 2.52 9.79
N GLY T 25 34.11 1.38 9.66
CA GLY T 25 33.95 0.42 10.77
C GLY T 25 34.70 0.93 11.97
N GLY T 26 35.71 1.76 11.72
CA GLY T 26 36.30 2.52 12.83
C GLY T 26 35.42 3.75 13.16
N ALA T 27 34.47 4.15 12.28
CA ALA T 27 33.52 5.26 12.53
C ALA T 27 32.36 4.71 13.37
N SER T 28 32.49 3.46 13.78
CA SER T 28 31.54 2.79 14.65
C SER T 28 32.17 1.64 15.44
N MET T 29 33.50 1.59 15.56
CA MET T 29 34.14 0.69 16.51
C MET T 29 33.83 1.12 17.94
N LEU T 30 33.86 2.43 18.19
CA LEU T 30 33.36 2.94 19.45
C LEU T 30 31.86 2.75 19.58
N GLY T 31 31.12 2.84 18.47
CA GLY T 31 29.69 2.63 18.45
C GLY T 31 29.23 1.23 18.81
N LEU T 32 30.16 0.27 18.84
CA LEU T 32 29.92 -1.06 19.39
C LEU T 32 30.33 -1.17 20.85
N PHE T 33 31.35 -0.42 21.28
CA PHE T 33 31.92 -0.62 22.61
C PHE T 33 31.52 0.43 23.63
N VAL T 34 31.02 1.60 23.22
CA VAL T 34 30.60 2.56 24.23
C VAL T 34 29.24 2.15 24.80
N PHE T 35 28.40 1.46 24.02
CA PHE T 35 27.08 1.03 24.45
C PHE T 35 27.10 -0.14 25.44
N THR T 36 28.27 -0.48 26.00
CA THR T 36 28.46 -1.59 26.91
C THR T 36 28.78 -1.18 28.34
N GLU T 37 29.40 -0.02 28.55
CA GLU T 37 29.88 0.37 29.87
C GLU T 37 28.73 0.79 30.78
N GLY T 38 28.58 0.07 31.89
CA GLY T 38 27.41 0.17 32.76
C GLY T 38 26.93 -1.17 33.24
N TRP T 39 27.56 -2.24 32.77
CA TRP T 39 27.33 -3.67 32.98
C TRP T 39 28.62 -4.26 33.56
N PRO T 40 28.54 -5.40 34.36
CA PRO T 40 29.61 -5.74 35.33
C PRO T 40 31.07 -5.79 34.88
N LYS T 41 31.43 -6.65 33.93
CA LYS T 41 32.84 -6.87 33.61
C LYS T 41 33.39 -5.83 32.65
N PHE T 42 32.50 -5.12 31.94
CA PHE T 42 32.87 -4.36 30.75
C PHE T 42 33.76 -3.16 31.07
N GLN T 43 33.86 -2.77 32.34
CA GLN T 43 34.72 -1.65 32.70
C GLN T 43 36.20 -2.05 32.73
N ASP T 44 36.51 -3.34 32.65
CA ASP T 44 37.91 -3.77 32.64
C ASP T 44 38.63 -3.42 31.36
N THR T 45 37.90 -3.13 30.27
CA THR T 45 38.49 -2.62 29.05
C THR T 45 37.92 -1.27 28.64
N LEU T 46 36.98 -0.72 29.40
CA LEU T 46 36.41 0.59 29.12
C LEU T 46 36.87 1.69 30.07
N TYR T 47 37.31 1.35 31.29
CA TYR T 47 37.98 2.33 32.15
C TYR T 47 39.44 2.47 31.73
N LYS T 48 39.65 3.07 30.57
CA LYS T 48 40.95 3.16 29.91
C LYS T 48 41.54 4.55 29.95
N LYS T 49 40.75 5.57 30.22
CA LYS T 49 41.20 6.94 30.10
C LYS T 49 41.05 7.71 31.41
N ILE T 50 42.02 8.59 31.64
CA ILE T 50 42.12 9.47 32.82
C ILE T 50 40.99 10.51 32.96
N PRO T 51 40.16 10.92 31.86
CA PRO T 51 38.92 11.68 32.14
C PRO T 51 38.04 11.20 33.29
N LEU T 52 37.64 12.16 34.12
CA LEU T 52 37.15 11.98 35.50
C LEU T 52 36.08 10.91 35.70
N1 A1D6P U . -10.42 3.85 38.26
N3 A1D6P U . -14.85 4.58 33.93
C4 A1D6P U . -13.11 4.58 41.43
C5 A1D6P U . -11.75 4.49 41.65
C6 A1D6P U . -10.90 4.25 40.59
C7 A1D6P U . -13.36 4.03 37.67
C8 A1D6P U . -14.26 5.28 35.89
C10 A1D6P U . -15.11 6.25 35.31
C13 A1D6P U . -14.23 1.58 31.85
C15 A1D6P U . -15.61 3.11 30.60
C17 A1D6P U . -15.12 4.54 39.96
C1 A1D6P U . -11.39 4.10 39.31
C11 A1D6P U . -14.90 3.68 32.80
C12 A1D6P U . -14.22 2.47 32.90
C14 A1D6P U . -14.93 1.90 30.70
C16 A1D6P U . -15.60 3.99 31.65
C18 A1D6P U . -9.40 4.66 37.88
C19 A1D6P U . -7.56 4.58 36.19
C2 A1D6P U . -12.77 4.19 39.08
C3 A1D6P U . -13.62 4.42 40.15
C9 A1D6P U . -15.45 5.74 34.04
N2 A1D6P U . -14.15 4.32 35.02
N4 A1D6P U . -8.72 4.05 36.88
N5 A1D6P U . -9.30 2.86 36.66
N6 A1D6P U . -10.32 2.74 37.49
O1 A1D6P U . -13.65 5.30 37.15
O2 A1D6P U . -9.15 5.71 38.32
CL1 A1D6P U . -14.95 0.75 29.33
P CN3 V . 7.09 30.20 17.66
O11 CN3 V . 8.27 29.04 17.49
O12 CN3 V . 7.59 31.49 17.04
O13 CN3 V . 5.68 29.76 16.92
O14 CN3 V . 6.79 30.46 19.11
C1 CN3 V . 9.54 29.15 18.07
C2 CN3 V . 9.54 28.69 19.54
C3 CN3 V . 9.52 27.16 19.67
O31 CN3 V . 9.42 26.80 21.01
O32 CN3 V . 8.85 24.84 21.92
C31 CN3 V . 8.51 25.80 21.32
C32 CN3 V . 7.04 25.92 20.93
C33 CN3 V . 6.25 24.79 21.59
O21 CN3 V . 10.67 29.17 20.22
O22 CN3 V . 9.31 29.64 21.95
C21 CN3 V . 10.41 29.64 21.52
C22 CN3 V . 11.55 30.16 22.40
C23 CN3 V . 11.29 29.69 23.83
C24 CN3 V . 12.49 30.03 24.71
P' CN3 V . 2.09 28.14 20.17
O1' CN3 V . 1.06 26.98 20.72
O2' CN3 V . 1.55 29.50 20.51
O3' CN3 V . 2.23 27.97 18.53
O4' CN3 V . 3.43 27.96 20.83
C1' CN3 V . 1.51 25.67 20.82
C2' CN3 V . 0.58 24.90 21.75
C3' CN3 V . 0.81 23.40 21.55
O41 CN3 V . 2.09 23.09 21.97
O42 CN3 V . 1.23 22.31 23.88
C41 CN3 V . 2.16 22.34 23.16
C42 CN3 V . 3.45 21.58 23.50
C43 CN3 V . 3.17 20.47 24.51
C44 CN3 V . 4.43 19.63 24.71
C45 CN3 V . 4.16 18.46 25.65
C46 CN3 V . 3.65 18.96 27.01
C47 CN3 V . 2.93 17.82 27.73
C48 CN3 V . 2.53 18.29 29.13
C49 CN3 V . 1.74 17.19 29.83
C4A CN3 V . 1.64 17.51 31.33
C4B CN3 V . 0.69 16.52 32.01
O51 CN3 V . 0.85 25.24 23.08
O52 CN3 V . -0.76 26.82 22.99
C51 CN3 V . 0.07 26.28 23.63
C52 CN3 V . 0.30 26.73 25.07
C53 CN3 V . -0.97 26.49 25.88
C54 CN3 V . -1.19 24.99 26.04
C55 CN3 V . -2.46 24.75 26.84
C56 CN3 V . -2.41 23.38 27.48
C57 CN3 V . -3.39 23.32 28.66
C58 CN3 V . -3.17 22.03 29.44
C59 CN3 V . -1.97 22.19 30.36
CA CN3 V . 2.09 29.10 17.73
CB CN3 V . 3.31 29.16 16.85
OA CN3 V . 3.41 27.91 16.23
CC CN3 V . 4.56 29.46 17.70
P 9PE W . 15.72 -5.43 -3.31
N 9PE W . 13.91 -2.75 -7.01
O11 9PE W . 16.42 -5.30 -1.83
O12 9PE W . 16.70 -6.03 -4.28
O13 9PE W . 15.25 -3.96 -3.84
O14 9PE W . 14.51 -6.33 -3.20
C11 9PE W . 14.37 -3.91 -4.93
C12 9PE W . 14.60 -2.63 -5.74
C1 9PE W . 16.97 -6.44 -1.23
C2 9PE W . 16.16 -6.80 0.01
C3 9PE W . 17.03 -7.55 1.01
O31 9PE W . 16.42 -8.76 1.37
O32 9PE W . 17.35 -9.23 3.33
C31 9PE W . 16.36 -8.96 2.74
C32 9PE W . 15.05 -8.82 3.51
C33 9PE W . 15.26 -7.90 4.71
C34 9PE W . 14.21 -8.24 5.77
C35 9PE W . 14.03 -7.05 6.72
C36 9PE W . 13.64 -7.58 8.10
C37 9PE W . 13.27 -6.42 9.02
O21 9PE W . 15.52 -5.68 0.56
O22 9PE W . 17.20 -4.32 1.24
C21 9PE W . 16.18 -4.86 1.50
C22 9PE W . 15.57 -4.62 2.87
C23 9PE W . 16.03 -3.26 3.38
C24 9PE W . 14.88 -2.62 4.16
C25 9PE W . 15.13 -2.77 5.66
C26 9PE W . 13.81 -2.64 6.41
C27 9PE W . 13.30 -1.21 6.28
C28 9PE W . 12.40 -0.87 7.46
C29 9PE W . 11.20 -1.81 7.46
C2A 9PE W . 9.92 -1.00 7.68
C2B 9PE W . 8.72 -1.91 7.39
C2C 9PE W . 7.59 -1.09 6.78
C2D 9PE W . 6.35 -1.98 6.68
C2E 9PE W . 5.86 -2.32 8.08
C2F 9PE W . 4.48 -2.94 8.01
C2G 9PE W . 4.38 -4.08 9.03
C2H 9PE W . 3.54 -3.60 10.20
C2I 9PE W . 2.23 -4.39 10.25
CHA HEM X . -0.18 -0.98 35.46
CHB HEM X . -1.80 1.82 31.84
CHC HEM X . 0.57 -0.91 28.63
CHD HEM X . 1.96 -3.82 32.22
C1A HEM X . -0.77 0.05 34.76
C2A HEM X . -1.44 1.19 35.33
C3A HEM X . -1.88 1.97 34.34
C4A HEM X . -1.53 1.34 33.09
CMA HEM X . -2.64 3.29 34.52
CAA HEM X . -1.58 1.48 36.84
CBA HEM X . -0.28 2.19 37.25
CGA HEM X . -0.20 2.42 38.73
O1A HEM X . -1.00 3.21 39.27
O2A HEM X . 0.70 1.83 39.36
C1B HEM X . -1.28 1.35 30.65
C2B HEM X . -1.47 1.93 29.34
C3B HEM X . -0.79 1.18 28.45
C4B HEM X . -0.18 0.09 29.19
CMB HEM X . -2.30 3.22 29.13
CAB HEM X . -0.62 1.26 26.91
CBB HEM X . -1.42 1.87 26.04
C1C HEM X . 1.07 -2.00 29.31
C2C HEM X . 1.60 -3.23 28.74
C3C HEM X . 1.97 -4.03 29.76
C4C HEM X . 1.70 -3.33 30.98
CMC HEM X . 1.67 -3.49 27.21
CAC HEM X . 2.61 -5.44 29.80
CBC HEM X . 3.26 -6.08 28.83
C1D HEM X . 1.53 -3.32 33.42
C2D HEM X . 1.77 -3.90 34.71
C3D HEM X . 1.21 -3.14 35.64
C4D HEM X . 0.55 -2.03 34.96
CMD HEM X . 2.58 -5.20 34.95
CAD HEM X . 1.30 -3.57 37.14
CBD HEM X . 1.24 -2.49 38.22
CGD HEM X . 2.44 -1.63 38.12
O1D HEM X . 2.33 -0.40 38.28
O2D HEM X . 3.52 -2.20 37.86
NA HEM X . -0.85 0.17 33.39
NB HEM X . -0.49 0.23 30.51
NC HEM X . 1.14 -2.09 30.68
ND HEM X . 0.78 -2.19 33.61
FE HEM X . 0.22 -0.91 32.07
CHA HEM Y . -4.17 13.32 12.73
CHB HEM Y . -1.75 10.01 15.31
CHC HEM Y . -5.60 9.53 18.20
CHD HEM Y . -8.22 12.16 15.09
C1A HEM Y . -3.13 12.54 13.21
C2A HEM Y . -1.73 12.58 12.83
C3A HEM Y . -1.09 11.66 13.55
C4A HEM Y . -2.03 11.01 14.41
CMA HEM Y . 0.42 11.36 13.45
CAA HEM Y . -0.99 13.46 11.79
CBA HEM Y . -1.27 14.96 11.73
CGA HEM Y . -1.36 15.60 13.08
O1A HEM Y . -2.33 16.36 13.31
O2A HEM Y . -0.47 15.35 13.93
C1B HEM Y . -2.58 9.59 16.32
C2B HEM Y . -2.26 8.60 17.31
C3B HEM Y . -3.33 8.45 18.12
C4B HEM Y . -4.35 9.36 17.65
CMB HEM Y . -0.88 7.90 17.32
CAB HEM Y . -3.60 7.56 19.37
CBB HEM Y . -2.76 6.72 19.98
C1C HEM Y . -6.63 10.26 17.64
C2C HEM Y . -7.91 10.55 18.27
C3C HEM Y . -8.64 11.30 17.41
C4C HEM Y . -7.84 11.48 16.21
CMC HEM Y . -8.24 10.06 19.69
CAC HEM Y . -10.07 11.90 17.49
CBC HEM Y . -11.07 11.53 18.28
C1D HEM Y . -7.36 12.73 14.18
C2D HEM Y . -7.69 13.66 13.12
C3D HEM Y . -6.58 13.97 12.47
C4D HEM Y . -5.49 13.26 13.10
CMD HEM Y . -9.11 14.19 12.79
CAD HEM Y . -6.43 14.92 11.27
CBD HEM Y . -6.19 16.34 11.75
CGD HEM Y . -5.79 17.24 10.62
O1D HEM Y . -5.99 18.47 10.74
O2D HEM Y . -5.30 16.73 9.59
NA HEM Y . -3.27 11.58 14.18
NB HEM Y . -3.86 10.02 16.55
NC HEM Y . -6.63 10.84 16.39
ND HEM Y . -6.00 12.51 14.14
FE HEM Y . -4.92 11.24 15.36
P 8PE Z . -5.73 31.02 16.20
N 8PE Z . -2.12 33.13 18.68
O11 8PE Z . -5.92 30.53 17.76
O12 8PE Z . -7.01 31.66 15.71
O13 8PE Z . -4.48 32.10 16.14
O14 8PE Z . -5.41 29.85 15.31
C11 8PE Z . -4.11 32.75 17.32
C12 8PE Z . -2.79 32.18 17.83
C1 8PE Z . -5.26 29.36 18.17
C2 8PE Z . -6.04 28.67 19.27
C3 8PE Z . -6.49 27.32 18.73
O31 8PE Z . -6.69 26.46 19.79
O32 8PE Z . -6.27 24.75 18.40
C31 8PE Z . -6.64 25.10 19.46
C32 8PE Z . -7.09 24.07 20.48
C33 8PE Z . -6.92 24.70 21.85
C34 8PE Z . -7.10 23.62 22.91
C35 8PE Z . -7.52 24.33 24.19
C36 8PE Z . -7.94 23.31 25.23
C37 8PE Z . -6.75 22.42 25.57
C38 8PE Z . -7.30 21.05 25.95
C39 8PE Z . -8.05 21.18 27.27
C3A 8PE Z . -8.91 19.95 27.50
C3B 8PE Z . -10.07 19.95 26.51
C3C 8PE Z . -10.63 18.54 26.47
C3D 8PE Z . -11.80 18.47 25.51
C3E 8PE Z . -11.82 17.08 24.91
C3F 8PE Z . -13.24 16.54 24.95
C3G 8PE Z . -13.19 15.04 24.69
C3H 8PE Z . -14.56 14.44 25.00
C3I 8PE Z . -14.45 12.93 24.93
O21 8PE Z . -5.19 28.45 20.34
O22 8PE Z . -6.05 30.21 21.45
C21 8PE Z . -5.48 29.18 21.51
C22 8PE Z . -5.04 28.62 22.86
C23 8PE Z . -5.39 29.62 23.95
C24 8PE Z . -5.14 28.98 25.32
C25 8PE Z . -6.13 27.83 25.55
C26 8PE Z . -6.49 27.78 27.03
C27 8PE Z . -7.05 26.42 27.39
C28 8PE Z . -6.84 26.19 28.89
C29 8PE Z . -7.19 24.76 29.27
C2A 8PE Z . -6.70 24.49 30.69
C2B 8PE Z . -7.23 23.16 31.21
C2C 8PE Z . -6.42 22.73 32.43
C2D 8PE Z . -7.25 22.95 33.69
C2E 8PE Z . -6.63 22.19 34.87
C1 UQ6 AA . 4.91 11.14 11.94
C1M UQ6 AA . 5.97 11.17 13.05
C2 UQ6 AA . 4.42 12.37 11.49
O2 UQ6 AA . 4.97 13.50 12.10
C3 UQ6 AA . 3.45 12.40 10.49
C4 UQ6 AA . 3.01 11.19 9.95
C5 UQ6 AA . 3.50 9.97 10.41
O5 UQ6 AA . 3.04 8.77 9.86
C6 UQ6 AA . 4.44 9.94 11.42
O3 UQ6 AA . 2.89 13.60 9.94
C3M UQ6 AA . 2.30 14.60 10.75
O4 UQ6 AA . 2.02 11.22 8.93
C4M UQ6 AA . 2.51 11.28 7.61
C7 UQ6 AA . 5.06 8.61 11.96
C8 UQ6 AA . 4.23 7.54 12.68
C9 UQ6 AA . 3.60 7.64 13.87
C10 UQ6 AA . 3.59 8.92 14.72
C11 UQ6 AA . 2.87 6.40 14.42
C12 UQ6 AA . 3.90 5.70 15.37
C13 UQ6 AA . 3.92 4.15 15.22
C14 UQ6 AA . 3.39 3.36 16.22
C15 UQ6 AA . 2.76 4.03 17.45
C16 UQ6 AA . 3.41 1.80 16.08
C17 UQ6 AA . 3.01 1.09 17.42
C18 UQ6 AA . 4.23 0.88 18.35
C19 UQ6 AA . 4.85 -0.32 18.47
C20 UQ6 AA . 4.35 -1.52 17.67
C21 UQ6 AA . 6.07 -0.45 19.43
C22 UQ6 AA . 6.75 -1.87 19.28
C23 UQ6 AA . 7.58 -2.17 20.55
C24 UQ6 AA . 7.85 -3.45 20.92
C25 UQ6 AA . 7.33 -4.64 20.09
C26 UQ6 AA . 8.69 -3.72 22.21
C27 UQ6 AA . 10.02 -4.42 21.84
C28 UQ6 AA . 10.33 -5.49 22.92
C29 UQ6 AA . 11.43 -5.44 23.67
C30 UQ6 AA . 12.43 -4.28 23.49
C31 UQ6 AA . 11.68 -6.53 24.72
C32 UQ6 AA . 13.20 -6.72 24.96
C33 UQ6 AA . 13.49 -8.16 25.47
C34 UQ6 AA . 14.74 -8.59 25.67
C35 UQ6 AA . 15.95 -7.66 25.39
C36 UQ6 AA . 15.00 -10.01 26.17
CHA HEM BA . -2.56 3.70 64.92
CHB HEM BA . 2.04 5.18 64.77
CHC HEM BA . 2.70 3.44 69.23
CHD HEM BA . -1.62 1.29 69.01
C1A HEM BA . -1.39 4.28 64.51
C2A HEM BA . -1.21 5.03 63.27
C3A HEM BA . 0.06 5.44 63.24
C4A HEM BA . 0.73 4.98 64.43
CMA HEM BA . 0.73 6.26 62.11
CAA HEM BA . -2.28 5.26 62.20
CBA HEM BA . -3.05 6.57 62.39
CGA HEM BA . -4.04 6.67 61.27
O1A HEM BA . -4.44 7.81 60.91
O2A HEM BA . -4.41 5.62 60.71
C1B HEM BA . 2.58 4.93 66.01
C2B HEM BA . 3.80 5.49 66.52
C3B HEM BA . 4.00 4.99 67.77
C4B HEM BA . 2.87 4.13 68.07
CMB HEM BA . 4.67 6.43 65.67
CAB HEM BA . 5.09 5.24 68.84
CBB HEM BA . 5.98 6.24 68.88
C1C HEM BA . 1.59 2.70 69.56
C2C HEM BA . 1.38 2.00 70.81
C3C HEM BA . 0.18 1.39 70.75
C4C HEM BA . -0.40 1.71 69.46
CMC HEM BA . 2.44 2.00 71.93
CAC HEM BA . -0.62 0.53 71.76
CBC HEM BA . -0.32 0.23 73.03
C1D HEM BA . -2.27 1.77 67.90
C2D HEM BA . -3.64 1.48 67.52
C3D HEM BA . -3.89 2.15 66.40
C4D HEM BA . -2.71 2.88 66.03
CMD HEM BA . -4.62 0.57 68.27
CAD HEM BA . -5.22 2.15 65.62
CBD HEM BA . -5.99 3.42 66.00
CGD HEM BA . -7.29 3.49 65.26
O1D HEM BA . -7.41 2.87 64.17
O2D HEM BA . -8.22 4.18 65.75
NA HEM BA . -0.19 4.27 65.19
NB HEM BA . 2.03 4.11 66.98
NC HEM BA . 0.49 2.51 68.77
ND HEM BA . -1.74 2.62 66.97
FE HEM BA . 0.14 3.37 66.99
P 6PH CA . 23.01 6.74 34.47
O11 6PH CA . 21.72 7.75 34.49
O12 6PH CA . 23.90 7.03 35.66
O13 6PH CA . 22.52 5.31 34.55
O14 6PH CA . 23.79 6.93 33.20
C1 6PH CA . 21.73 8.85 33.65
C2 6PH CA . 20.31 9.21 33.26
C3 6PH CA . 20.33 10.46 32.38
O31 6PH CA . 20.28 10.10 31.03
O32 6PH CA . 19.63 12.12 30.35
C31 6PH CA . 19.50 10.96 30.25
C32 6PH CA . 18.48 10.39 29.28
C33 6PH CA . 17.78 11.53 28.57
C34 6PH CA . 16.60 10.98 27.78
C35 6PH CA . 17.09 10.29 26.51
C36 6PH CA . 17.73 11.34 25.60
C37 6PH CA . 18.10 10.67 24.26
C38 6PH CA . 16.83 10.28 23.53
C39 6PH CA . 17.05 8.96 22.79
C3A 6PH CA . 16.46 7.82 23.61
C3B 6PH CA . 16.39 6.57 22.73
C3C 6PH CA . 16.59 5.33 23.60
C3D 6PH CA . 16.60 4.08 22.73
O21 6PH CA . 19.73 8.15 32.55
O22 6PH CA . 18.65 6.88 34.04
C21 6PH CA . 18.58 7.62 33.13
C22 6PH CA . 17.22 8.01 32.58
C23 6PH CA . 16.39 6.77 32.28
C24 6PH CA . 15.30 7.16 31.28
C25 6PH CA . 14.31 8.10 31.97
C26 6PH CA . 14.13 9.35 31.12
C27 6PH CA . 12.93 10.15 31.61
C28 6PH CA . 12.40 10.97 30.44
C29 6PH CA . 11.23 10.22 29.82
C2A 6PH CA . 11.59 9.85 28.39
C2B 6PH CA . 11.60 8.33 28.23
C2C 6PH CA . 12.78 7.94 27.35
C2D 6PH CA . 12.35 6.87 26.35
C2E 6PH CA . 12.05 5.57 27.08
C2F 6PH CA . 11.93 4.43 26.06
FE1 FES DA . 29.66 -39.34 34.86
FE2 FES DA . 28.08 -41.67 36.12
S1 FES DA . 29.60 -41.52 34.55
S2 FES DA . 28.01 -39.48 36.30
P 6PH EA . 21.08 15.66 5.87
O11 6PH EA . 21.36 14.43 6.93
O12 6PH EA . 20.62 15.07 4.55
O13 6PH EA . 20.00 16.56 6.41
O14 6PH EA . 22.35 16.45 5.67
C1 6PH EA . 22.21 14.67 8.02
C2 6PH EA . 21.53 14.21 9.29
C3 6PH EA . 21.95 15.10 10.46
O31 6PH EA . 22.93 14.44 11.20
O32 6PH EA . 23.94 15.02 13.11
C31 6PH EA . 22.93 14.71 12.58
C32 6PH EA . 21.63 14.63 13.38
C33 6PH EA . 21.87 15.19 14.78
C34 6PH EA . 20.56 15.21 15.54
C35 6PH EA . 20.46 14.02 16.47
C36 6PH EA . 19.03 13.51 16.49
C37 6PH EA . 18.65 13.12 17.91
C38 6PH EA . 17.59 12.02 17.87
C39 6PH EA . 16.91 11.91 19.23
C3A 6PH EA . 15.73 10.93 19.12
C3B 6PH EA . 14.83 11.08 20.34
C3C 6PH EA . 13.73 10.02 20.29
C3D 6PH EA . 12.79 10.31 19.13
O21 6PH EA . 20.14 14.27 9.11
O22 6PH EA . 19.25 12.45 8.17
C21 6PH EA . 19.53 13.02 9.17
C22 6PH EA . 19.24 12.38 10.52
C23 6PH EA . 17.94 12.93 11.09
C24 6PH EA . 17.76 12.33 12.47
C25 6PH EA . 16.51 12.89 13.14
C26 6PH EA . 15.86 11.77 13.95
C27 6PH EA . 14.67 12.31 14.72
C28 6PH EA . 13.54 11.30 14.65
C29 6PH EA . 12.46 11.68 15.65
C2A 6PH EA . 11.64 12.82 15.06
C2B 6PH EA . 10.19 12.70 15.54
C2C 6PH EA . 9.44 11.63 14.76
C2D 6PH EA . 9.62 11.82 13.24
C2E 6PH EA . 9.56 10.47 12.53
C2F 6PH EA . 10.62 9.51 13.08
P 6PH FA . -20.95 -15.75 -5.11
O11 6PH FA . -20.87 -15.11 -3.60
O12 6PH FA . -22.36 -16.27 -5.37
O13 6PH FA . -20.61 -14.68 -6.11
O14 6PH FA . -19.98 -16.90 -5.24
C1 6PH FA . -21.57 -15.72 -2.56
C2 6PH FA . -20.72 -16.83 -1.96
C3 6PH FA . -19.58 -16.22 -1.15
O31 6PH FA . -19.34 -17.03 -0.04
O32 6PH FA . -17.18 -16.43 -0.12
C31 6PH FA . -17.99 -17.20 0.29
C32 6PH FA . -17.54 -18.38 1.14
C33 6PH FA . -16.34 -17.95 1.98
C34 6PH FA . -15.62 -19.19 2.53
C35 6PH FA . -14.37 -18.77 3.29
C36 6PH FA . -13.28 -19.80 3.06
C37 6PH FA . -12.02 -19.45 3.83
C38 6PH FA . -10.80 -19.70 2.94
C39 6PH FA . -9.79 -20.58 3.66
C3A 6PH FA . -8.57 -19.75 4.07
C3B 6PH FA . -8.45 -19.73 5.61
C3C 6PH FA . -7.26 -18.88 6.00
C3D 6PH FA . -7.37 -18.48 7.48
O21 6PH FA . -21.52 -17.61 -1.13
O22 6PH FA . -21.98 -19.09 -2.75
C21 6PH FA . -21.75 -18.90 -1.61
C22 6PH FA . -21.68 -20.08 -0.64
C23 6PH FA . -22.66 -19.86 0.51
C24 6PH FA . -22.47 -21.00 1.51
C25 6PH FA . -21.07 -20.90 2.11
C26 6PH FA . -20.75 -22.19 2.86
C27 6PH FA . -19.25 -22.26 3.08
C28 6PH FA . -18.92 -21.84 4.51
C29 6PH FA . -17.53 -22.33 4.87
C2A 6PH FA . -17.04 -21.61 6.12
C2B 6PH FA . -15.91 -22.43 6.73
C2C 6PH FA . -15.13 -21.58 7.74
C2D 6PH FA . -13.87 -22.33 8.16
C2E 6PH FA . -12.66 -21.44 7.93
C2F 6PH FA . -12.16 -20.91 9.28
N1 A1D6P GA . 12.74 -28.71 24.48
N3 A1D6P GA . 16.86 -26.18 20.53
C4 A1D6P GA . 15.61 -31.35 26.09
C5 A1D6P GA . 14.28 -31.47 26.42
C6 A1D6P GA . 13.36 -30.60 25.87
C7 A1D6P GA . 15.64 -28.37 23.73
C8 A1D6P GA . 16.39 -28.05 21.53
C10 A1D6P GA . 17.16 -28.33 20.38
C13 A1D6P GA . 16.18 -22.59 21.11
C15 A1D6P GA . 17.44 -22.81 19.07
C17 A1D6P GA . 17.54 -30.26 24.93
C1 A1D6P GA . 13.77 -29.59 25.01
C11 A1D6P GA . 16.86 -24.75 20.33
C12 A1D6P GA . 16.22 -23.96 21.27
C14 A1D6P GA . 16.80 -22.02 20.01
C16 A1D6P GA . 17.46 -24.18 19.22
C18 A1D6P GA . 11.68 -29.08 23.72
C19 A1D6P GA . 9.74 -27.91 22.67
C2 A1D6P GA . 15.13 -29.46 24.69
C3 A1D6P GA . 16.04 -30.35 25.24
C9 A1D6P GA . 17.44 -27.08 19.78
N2 A1D6P GA . 16.24 -26.75 21.55
N4 A1D6P GA . 10.94 -27.97 23.46
N5 A1D6P GA . 11.55 -26.94 24.07
N6 A1D6P GA . 12.62 -27.39 24.69
O1 A1D6P GA . 15.85 -28.94 22.46
O2 A1D6P GA . 11.43 -30.16 23.34
CL1 A1D6P GA . 16.76 -20.25 19.81
C1 UQ6 HA . -4.17 -16.50 1.08
C1M UQ6 HA . -5.06 -17.48 1.86
C2 UQ6 HA . -3.69 -16.87 -0.16
O2 UQ6 HA . -4.01 -18.14 -0.67
C3 UQ6 HA . -2.87 -16.04 -0.91
C4 UQ6 HA . -2.57 -14.77 -0.40
C5 UQ6 HA . -3.07 -14.40 0.86
O5 UQ6 HA . -2.74 -13.14 1.37
C6 UQ6 HA . -3.86 -15.26 1.61
O3 UQ6 HA . -2.49 -16.58 -2.18
C3M UQ6 HA . -1.18 -16.52 -2.72
O4 UQ6 HA . -1.75 -13.82 -1.06
C4M UQ6 HA . -2.30 -13.07 -2.11
C7 UQ6 HA . -4.43 -14.86 3.00
C8 UQ6 HA . -3.39 -14.64 4.12
C9 UQ6 HA . -3.36 -15.42 5.22
C10 UQ6 HA . -4.34 -16.57 5.40
C11 UQ6 HA . -2.31 -15.14 6.34
C12 UQ6 HA . -2.88 -14.01 7.27
C13 UQ6 HA . -2.78 -14.42 8.78
C14 UQ6 HA . -2.41 -13.51 9.74
C15 UQ6 HA . -2.08 -12.06 9.38
C16 UQ6 HA . -2.32 -13.96 11.23
C17 UQ6 HA . -2.65 -12.76 12.20
C18 UQ6 HA . -3.37 -13.30 13.45
C19 UQ6 HA . -4.10 -12.49 14.26
C20 UQ6 HA . -4.20 -11.00 13.96
C21 UQ6 HA . -4.81 -13.10 15.50
C22 UQ6 HA . -5.63 -12.02 16.31
C23 UQ6 HA . -6.44 -12.75 17.40
C24 UQ6 HA . -6.92 -12.12 18.50
C25 UQ6 HA . -6.67 -10.62 18.72
C26 UQ6 HA . -7.72 -12.94 19.56
C27 UQ6 HA . -8.85 -12.10 20.21
C28 UQ6 HA . -9.26 -12.79 21.54
C29 UQ6 HA . -9.97 -12.14 22.47
C30 UQ6 HA . -10.41 -10.67 22.24
C31 UQ6 HA . -10.32 -12.88 23.77
C32 UQ6 HA . -11.05 -11.97 24.79
C33 UQ6 HA . -12.58 -12.22 24.67
C34 UQ6 HA . -13.45 -11.70 25.54
C35 UQ6 HA . -14.95 -11.99 25.35
C36 UQ6 HA . -12.98 -10.80 26.70
P 8PE IA . 5.68 -33.62 -9.77
N 8PE IA . 2.20 -37.11 -8.96
O11 8PE IA . 5.85 -33.87 -8.15
O12 8PE IA . 6.97 -33.94 -10.48
O13 8PE IA . 4.47 -34.62 -10.28
O14 8PE IA . 5.32 -32.18 -10.03
C11 8PE IA . 3.64 -35.19 -9.32
C12 8PE IA . 2.68 -36.19 -9.96
C1 8PE IA . 6.92 -34.65 -7.70
C2 8PE IA . 6.64 -35.12 -6.28
C3 8PE IA . 5.93 -34.01 -5.51
O31 8PE IA . 6.64 -32.82 -5.57
O32 8PE IA . 8.13 -33.37 -4.01
C31 8PE IA . 7.39 -32.55 -4.42
C32 8PE IA . 7.28 -31.21 -3.71
C33 8PE IA . 6.86 -31.40 -2.26
C34 8PE IA . 8.03 -31.64 -1.32
C35 8PE IA . 7.49 -32.25 -0.04
C36 8PE IA . 8.35 -33.43 0.40
C37 8PE IA . 7.80 -33.96 1.71
C38 8PE IA . 8.87 -33.88 2.78
C39 8PE IA . 8.26 -33.38 4.08
C3A 8PE IA . 9.35 -33.33 5.14
C3B 8PE IA . 10.33 -32.22 4.80
C3C 8PE IA . 11.66 -32.51 5.46
C3D 8PE IA . 12.65 -31.44 5.03
C3E 8PE IA . 12.39 -30.17 5.80
C3F 8PE IA . 13.50 -29.17 5.51
C3G 8PE IA . 13.73 -28.29 6.73
C3H 8PE IA . 15.06 -27.57 6.58
C3I 8PE IA . 15.31 -26.74 7.84
O21 8PE IA . 5.82 -36.26 -6.34
O22 8PE IA . 7.09 -37.91 -5.53
C21 8PE IA . 6.12 -37.24 -5.39
C22 8PE IA . 5.22 -37.45 -4.18
C23 8PE IA . 5.90 -36.84 -2.94
C24 8PE IA . 5.85 -37.86 -1.82
C25 8PE IA . 6.93 -37.51 -0.81
C26 8PE IA . 7.01 -38.58 0.27
C27 8PE IA . 8.38 -38.48 0.95
C28 8PE IA . 8.24 -37.69 2.25
C29 8PE IA . 8.08 -38.64 3.44
C2A 8PE IA . 8.35 -37.86 4.72
C2B 8PE IA . 8.18 -38.78 5.93
C2C 8PE IA . 8.44 -37.98 7.20
C2D 8PE IA . 7.78 -38.65 8.40
C2E 8PE IA . 8.51 -39.95 8.74
P 9PE JA . -16.05 5.79 2.15
N 9PE JA . -17.79 9.34 0.40
O11 9PE JA . -15.66 5.37 3.69
O12 9PE JA . -15.64 4.69 1.21
O13 9PE JA . -15.26 7.17 1.73
O14 9PE JA . -17.54 6.00 2.08
C11 9PE JA . -15.99 8.37 1.70
C12 9PE JA . -16.53 8.61 0.30
C1 9PE JA . -16.68 4.96 4.54
C2 9PE JA . -16.05 4.41 5.82
C3 9PE JA . -17.08 4.29 6.95
O31 9PE JA . -16.55 3.62 8.04
O32 9PE JA . -16.35 5.52 9.19
C31 9PE JA . -15.94 4.42 9.01
C32 9PE JA . -14.78 3.88 9.81
C33 9PE JA . -14.93 2.37 9.97
C34 9PE JA . -13.71 1.83 10.71
C35 9PE JA . -13.64 0.31 10.57
C36 9PE JA . -13.02 -0.27 11.84
C37 9PE JA . -12.71 -1.75 11.67
O21 9PE JA . -15.33 3.22 5.56
O22 9PE JA . -16.96 1.76 4.94
C21 9PE JA . -15.94 1.96 5.51
C22 9PE JA . -15.24 0.79 6.19
C23 9PE JA . -15.72 -0.52 5.58
C24 9PE JA . -15.39 -1.64 6.56
C25 9PE JA . -14.04 -2.25 6.23
C26 9PE JA . -13.38 -2.72 7.52
C27 9PE JA . -12.86 -4.15 7.37
C28 9PE JA . -11.89 -4.27 6.19
C29 9PE JA . -10.62 -4.99 6.66
C2A 9PE JA . -9.73 -3.98 7.36
C2B 9PE JA . -8.30 -4.52 7.45
C2C 9PE JA . -7.50 -4.03 6.25
C2D 9PE JA . -6.33 -3.17 6.72
C2E 9PE JA . -5.22 -4.04 7.29
C2F 9PE JA . -4.42 -3.24 8.30
C2G 9PE JA . -3.27 -4.08 8.87
C2H 9PE JA . -3.00 -3.63 10.30
C2I 9PE JA . -1.74 -4.31 10.82
CHA HEM KA . 2.47 -23.55 26.44
CHB HEM KA . 3.76 -23.08 21.78
CHC HEM KA . 1.26 -18.95 21.47
CHD HEM KA . 0.19 -19.32 26.17
C1A HEM KA . 2.98 -23.80 25.18
C2A HEM KA . 3.66 -25.01 24.77
C3A HEM KA . 4.02 -24.89 23.50
C4A HEM KA . 3.59 -23.58 23.04
CMA HEM KA . 4.75 -25.96 22.67
CAA HEM KA . 3.89 -26.25 25.66
CBA HEM KA . 2.62 -27.08 25.56
CGA HEM KA . 2.61 -28.27 26.48
O1A HEM KA . 1.78 -28.28 27.42
O2A HEM KA . 3.43 -29.19 26.29
C1B HEM KA . 3.19 -21.94 21.27
C2B HEM KA . 3.27 -21.46 19.91
C3B HEM KA . 2.55 -20.32 19.83
C4B HEM KA . 2.03 -20.05 21.14
CMB HEM KA . 4.05 -22.23 18.82
CAB HEM KA . 2.28 -19.32 18.66
CBB HEM KA . 3.01 -19.16 17.55
C1C HEM KA . 0.84 -18.63 22.74
C2C HEM KA . 0.31 -17.37 23.20
C3C HEM KA . 0.03 -17.48 24.51
C4C HEM KA . 0.36 -18.83 24.90
CMC HEM KA . 0.14 -16.13 22.27
CAC HEM KA . -0.57 -16.49 25.55
CBC HEM KA . -1.27 -15.37 25.33
C1D HEM KA . 0.69 -20.49 26.66
C2D HEM KA . 0.56 -20.95 28.02
C3D HEM KA . 1.16 -22.13 28.14
C4D HEM KA . 1.74 -22.45 26.84
CMD HEM KA . -0.20 -20.19 29.13
CAD HEM KA . 1.17 -22.84 29.52
CBD HEM KA . 1.29 -24.36 29.57
CGD HEM KA . 0.05 -24.96 28.99
O1D HEM KA . -1.03 -24.41 29.27
O2D HEM KA . 0.15 -25.96 28.25
NA HEM KA . 2.97 -22.95 24.10
NB HEM KA . 2.42 -21.04 21.99
NC HEM KA . 0.86 -19.51 23.82
ND HEM KA . 1.42 -21.42 25.98
FE HEM KA . 1.84 -21.29 23.95
P CN5 LA . -4.59 -8.46 3.80
O11 CN5 LA . -4.60 -9.93 4.46
O12 CN5 LA . -5.34 -8.54 2.51
O13 CN5 LA . -3.03 -8.19 3.55
O14 CN5 LA . -5.02 -7.47 4.85
C1 CN5 LA . -5.69 -10.83 4.13
C2 CN5 LA . -7.00 -10.24 4.58
C3 CN5 LA . -7.72 -11.08 5.60
O31 CN5 LA . -7.35 -12.47 5.38
O32 CN5 LA . -9.50 -13.02 5.15
C31 CN5 LA . -8.34 -13.33 5.19
C32 CN5 LA . -7.82 -14.74 5.06
C33 CN5 LA . -8.89 -15.74 4.77
C34 CN5 LA . -8.99 -16.10 3.30
C35 CN5 LA . -10.39 -16.23 2.78
C36 CN5 LA . -11.46 -15.72 3.73
C37 CN5 LA . -12.36 -14.66 3.13
C38 CN5 LA . -13.03 -15.05 1.84
C39 CN5 LA . -14.08 -14.08 1.38
C3A CN5 LA . -14.52 -14.28 -0.05
C3B CN5 LA . -15.81 -13.60 -0.40
C3C CN5 LA . -15.82 -12.98 -1.76
C3D CN5 LA . -17.15 -12.41 -2.17
C3E CN5 LA . -17.03 -11.25 -3.12
C3F CN5 LA . -18.20 -11.12 -4.06
P' CN5 LA . -0.36 -3.13 4.89
O1' CN5 LA . -0.06 -2.08 3.71
O2' CN5 LA . 0.58 -2.77 6.02
O3' CN5 LA . 0.05 -4.55 4.26
O4' CN5 LA . -1.82 -3.19 5.17
C1' CN5 LA . -0.26 -0.66 3.95
C2' CN5 LA . 0.84 -0.12 4.84
C3' CN5 LA . 0.47 1.11 5.62
O41 CN5 LA . 1.54 1.40 6.55
O42 CN5 LA . 0.57 3.31 7.11
C41 CN5 LA . 1.52 2.60 7.13
C42 CN5 LA . 2.81 2.94 7.80
CA CN5 LA . -0.93 -5.33 3.50
CB CN5 LA . -1.00 -6.79 3.86
OA CN5 LA . -0.65 -7.59 2.72
CC CN5 LA . -2.35 -7.21 4.38
P CN3 MA . -9.30 -33.37 -6.76
O11 CN3 MA . -10.00 -34.07 -5.45
O12 CN3 MA . -9.57 -31.88 -6.72
O13 CN3 MA . -7.69 -33.65 -6.74
O14 CN3 MA . -9.89 -33.94 -8.01
C1 CN3 MA . -9.71 -33.56 -4.19
C2 CN3 MA . -9.14 -34.68 -3.32
C3 CN3 MA . -8.65 -34.09 -2.01
O31 CN3 MA . -7.27 -33.87 -2.09
O32 CN3 MA . -7.46 -32.63 -0.24
C31 CN3 MA . -6.74 -33.16 -1.01
C32 CN3 MA . -5.24 -33.08 -0.80
C33 CN3 MA . -4.71 -34.46 -0.42
O21 CN3 MA . -10.17 -35.58 -3.06
O22 CN3 MA . -8.68 -37.26 -3.09
C21 CN3 MA . -9.82 -36.94 -3.14
C22 CN3 MA . -10.92 -37.98 -3.28
C23 CN3 MA . -10.69 -39.11 -2.27
C24 CN3 MA . -11.41 -38.78 -0.95
P' CN3 MA . -2.26 -32.91 -6.82
O1' CN3 MA . -1.71 -33.03 -5.29
O2' CN3 MA . -2.79 -31.54 -7.04
O3' CN3 MA . -3.45 -34.02 -7.07
O4' CN3 MA . -1.11 -33.17 -7.76
C1' CN3 MA . -1.71 -34.28 -4.66
C2' CN3 MA . -0.64 -34.25 -3.56
C3' CN3 MA . -1.13 -33.39 -2.39
O41 CN3 MA . -0.14 -33.36 -1.41
O42 CN3 MA . -0.66 -31.26 -0.85
C41 CN3 MA . -0.29 -32.31 -0.48
C42 CN3 MA . 0.05 -32.53 0.99
C43 CN3 MA . -1.15 -33.08 1.76
C44 CN3 MA . -2.15 -31.95 2.03
C45 CN3 MA . -3.00 -32.27 3.24
C46 CN3 MA . -2.45 -31.56 4.47
C47 CN3 MA . -3.59 -31.29 5.44
C48 CN3 MA . -3.41 -32.13 6.70
C49 CN3 MA . -2.09 -31.78 7.40
C4A CN3 MA . -1.79 -32.85 8.44
C4B CN3 MA . -0.50 -32.52 9.17
O51 CN3 MA . -0.39 -35.56 -3.14
O52 CN3 MA . 1.38 -35.61 -4.53
C51 CN3 MA . 0.80 -36.12 -3.64
C52 CN3 MA . 1.35 -37.40 -3.03
C53 CN3 MA . 0.37 -37.91 -1.98
C54 CN3 MA . 1.06 -38.12 -0.64
C55 CN3 MA . 1.77 -36.84 -0.19
C56 CN3 MA . 1.78 -36.78 1.34
C57 CN3 MA . 3.13 -36.28 1.83
C58 CN3 MA . 3.01 -35.89 3.30
C59 CN3 MA . 4.30 -36.26 4.04
CA CN3 MA . -4.71 -33.57 -7.51
CB CN3 MA . -5.71 -34.73 -7.48
OA CN3 MA . -5.31 -35.71 -8.39
CC CN3 MA . -7.09 -34.23 -7.86
CHA HEM NA . 4.50 -18.40 -0.15
CHB HEM NA . 2.29 -17.67 4.08
CHC HEM NA . 6.25 -19.21 6.41
CHD HEM NA . 8.67 -19.02 2.19
C1A HEM NA . 3.54 -18.16 0.80
C2A HEM NA . 2.13 -17.98 0.55
C3A HEM NA . 1.51 -17.77 1.71
C4A HEM NA . 2.51 -17.83 2.75
CMA HEM NA . 0.01 -17.52 1.96
CAA HEM NA . 1.51 -18.02 -0.85
CBA HEM NA . 0.75 -19.32 -1.12
CGA HEM NA . 1.70 -20.47 -1.27
O1A HEM NA . 1.51 -21.50 -0.57
O2A HEM NA . 2.65 -20.35 -2.07
C1B HEM NA . 3.16 -18.02 5.08
C2B HEM NA . 2.87 -17.93 6.47
C3B HEM NA . 3.92 -18.35 7.15
C4B HEM NA . 4.97 -18.71 6.21
CMB HEM NA . 1.55 -17.45 7.10
CAB HEM NA . 3.88 -18.35 8.70
CBB HEM NA . 4.63 -19.12 9.45
C1C HEM NA . 7.25 -19.36 5.47
C2C HEM NA . 8.56 -19.96 5.64
C3C HEM NA . 9.21 -19.90 4.45
C4C HEM NA . 8.35 -19.26 3.51
CMC HEM NA . 9.02 -20.56 6.98
CAC HEM NA . 10.62 -20.36 3.99
CBC HEM NA . 11.71 -20.61 4.74
C1D HEM NA . 7.76 -18.83 1.17
C2D HEM NA . 8.04 -18.76 -0.25
C3D HEM NA . 6.88 -18.59 -0.89
C4D HEM NA . 5.84 -18.55 0.10
CMD HEM NA . 9.43 -18.87 -0.91
CAD HEM NA . 6.67 -18.47 -2.41
CBD HEM NA . 6.42 -19.84 -3.02
CGD HEM NA . 5.92 -19.72 -4.43
O1D HEM NA . 6.07 -20.68 -5.20
O2D HEM NA . 5.37 -18.65 -4.79
NA HEM NA . 3.73 -18.07 2.16
NB HEM NA . 4.44 -18.50 4.94
NC HEM NA . 7.16 -18.95 4.15
ND HEM NA . 6.41 -18.70 1.35
FE HEM NA . 5.44 -18.57 3.18
CHA HEM OA . 6.66 -47.03 44.59
CHB HEM OA . 2.03 -48.12 43.72
CHC HEM OA . 1.69 -49.96 48.18
CHD HEM OA . 6.05 -48.14 49.28
C1A HEM OA . 5.46 -47.20 43.95
C2A HEM OA . 5.20 -46.92 42.55
C3A HEM OA . 3.92 -47.21 42.32
C4A HEM OA . 3.33 -47.71 43.54
CMA HEM OA . 3.18 -47.06 40.97
CAA HEM OA . 6.22 -46.33 41.56
CBA HEM OA . 6.91 -47.38 40.71
CGA HEM OA . 7.82 -46.65 39.76
O1A HEM OA . 8.21 -45.50 40.06
O2A HEM OA . 8.18 -47.22 38.70
C1B HEM OA . 1.58 -48.81 44.82
C2B HEM OA . 0.38 -49.60 44.87
C3B HEM OA . 0.28 -50.11 46.12
C4B HEM OA . 1.43 -49.66 46.87
CMB HEM OA . -0.54 -49.74 43.64
CAB HEM OA . -0.74 -51.07 46.79
CBB HEM OA . -1.66 -51.83 46.18
C1C HEM OA . 2.82 -49.61 48.88
C2C HEM OA . 3.11 -49.96 50.24
C3C HEM OA . 4.29 -49.49 50.58
C4C HEM OA . 4.84 -48.80 49.41
CMC HEM OA . 2.18 -50.76 51.18
CAC HEM OA . 4.87 -49.73 51.99
CBC HEM OA . 6.10 -49.42 52.40
C1D HEM OA . 6.61 -47.70 48.10
C2D HEM OA . 7.94 -47.20 47.92
C3D HEM OA . 8.11 -46.90 46.63
C4D HEM OA . 6.89 -47.20 45.94
CMD HEM OA . 9.00 -47.03 49.02
CAD HEM OA . 9.39 -46.32 45.99
CBD HEM OA . 10.15 -47.47 45.33
CGD HEM OA . 11.38 -46.97 44.63
O1D HEM OA . 11.43 -45.77 44.29
O2D HEM OA . 12.31 -47.77 44.41
NA HEM OA . 4.30 -47.69 44.52
NB HEM OA . 2.20 -48.86 46.05
NC HEM OA . 3.91 -48.90 48.40
ND HEM OA . 5.99 -47.70 46.86
FE HEM OA . 4.11 -48.30 46.47
FE1 FES PA . -26.16 4.28 54.61
FE2 FES PA . -24.42 5.13 57.02
S1 FES PA . -26.05 6.08 55.88
S2 FES PA . -24.42 3.42 55.64
#